data_6EU3
#
_entry.id   6EU3
#
_cell.length_a   1.0
_cell.length_b   1.0
_cell.length_c   1.0
_cell.angle_alpha   90.00
_cell.angle_beta   90.00
_cell.angle_gamma   90.00
#
_symmetry.space_group_name_H-M   'P 1'
#
loop_
_entity.id
_entity.type
_entity.pdbx_description
1 polymer 'DNA-directed RNA polymerase III subunit RPC1'
2 polymer 'DNA-directed RNA polymerase III subunit RPC2'
3 polymer 'DNA-directed RNA polymerases I and III subunit RPAC1'
4 polymer 'DNA-directed RNA polymerase III subunit RPC9'
5 polymer 'DNA-directed RNA polymerases I, II, and III subunit RPABC1'
6 polymer 'DNA-directed RNA polymerases I, II, and III subunit RPABC2'
7 polymer 'DNA-directed RNA polymerase III subunit RPC8'
8 polymer 'DNA-directed RNA polymerases I, II, and III subunit RPABC3'
9 polymer 'DNA-directed RNA polymerase III subunit RPC10'
10 polymer 'DNA-directed RNA polymerases I, II, and III subunit RPABC5'
11 polymer 'DNA-directed RNA polymerases I and III subunit RPAC2'
12 polymer 'DNA-directed RNA polymerases I, II, and III subunit RPABC4'
13 polymer 'DNA-directed RNA polymerase III subunit RPC5'
14 polymer 'DNA-directed RNA polymerase III subunit RPC4'
15 polymer 'DNA-directed RNA polymerase III subunit RPC3'
16 polymer 'DNA-directed RNA polymerase III subunit RPC6'
17 polymer 'DNA-directed RNA polymerase III subunit RPC7'
18 non-polymer 'ZINC ION'
19 non-polymer 'MAGNESIUM ION'
#
loop_
_entity_poly.entity_id
_entity_poly.type
_entity_poly.pdbx_seq_one_letter_code
_entity_poly.pdbx_strand_id
1 'polypeptide(L)'
;MKEVVVSETPKRIKGLEFSALSAADIVAQSEVEVSTRDLFDLEKDRAPKANGALDPKMGVSSSSLECATCHGNLASCHGH
FGHLKLALPVFHIGYFKATIQILQGICKNCSAILLSETDKRQFLHELRRPGVDNLRRMGILKKILDQCKKQRRCLHCGAL
NGVVKKAAAGAGSAALKIIHDTFRWVGKKSAPEKDIWVGEWKEVLAHNPELERYVKRCMDDLNPLKTLNLFKQIKSADCE
LLGIDATVPSGRPETYIWRYLPAPPVCIRPSVMMQDSPASNEDDLTVKLTEIVWTSSLIKAGLDKGISINNMMEHWDYLQ
LTVAMYINSDSVNPAMLPGSSNGGGKVKPIRGFCQRLKGKQGRFRGNLSGKRVDFSGRTVISPDPNLSIDEVAVPDRVAK
VLTYPEKVTRYNRHKLQELIVNGPNVHPGANYLLKRNEDARRNLRYGDRMKLAKNLQIGDVVERHLEDGDVVLFNRQPSL
HRLSILSHYAKIRPWRTFRLNECVCTPYNADFDGDEMNLHVPQTEEARAEAINLMGVKNNLLTPKSGEPIIAATQDFITG
SYLISHKDSFYDRATLTQLLSMMSDGIEHFDIPPPAIMKPYYLWTGKQVFSLLIKPNHNSPVVINLDAKNKVFVPPKSKS
LPNEMSQNDGFVIIRGSQILSGVMDKSVLGDGKKHSVFYTILRDYGPQEAANAMNRMAKLCARFLGNRGFSIGINDVTPA
DDLKQKKEELVEIAYHKCDELITLFNKGELETQPGCNEEQTLEAKIGGLLSKVREEVGDVCINELDNWNAPLIMATCGSK
GSTLNVSQMVAVVGQQIISGNRVPDGFQDRSLPHFPKNSKTPQSKGFVRNSFFSGLSPPEFLFHAISGREGLVDTAVKTA
ETGYMSRRLMKSLEDLSCQYDNTVRTSANGIVQFTYGGDGLDPLEMEGNAQPVNFNRSWDHAYNITFNNQDKGLLPYAIM
ETANEILGPLEERLVRYDNSGCLVKREDLNKAEYVDQYDAERDFYHSLREYINGKATALANLRKSRGMLGLLEPPAKELQ
GIDPDETVPDNVKTSVSQLYRISEKSVRKFLEIALFKYRKARLEPGTAIGAIGAQSIGEPGTQMTLKTFHFAGVASMNVT
LGVPRIKEIINASKVISTPIINAVLVNDNDERAARVVKGRVEKTLLSDVAFYVQDVYKDNLSFIQVRIDLGTIDKLQLEL
TIEDIAVAITRASKLKIQASDVNIIGKDRIAINVFPEGYKAKSISTSAKEPSENDVFYRMQQLRRALPDVVVKGLPDISR
AVINIRDDGKRELLVEGYGLRDVMCTDGVIGSRTTTNHVLEVFSVLGIEAARYSIIREINYTMSNHGMSVDPRHIQLLGD
VMTYKGEVLGITRFGLSKMRDSVLQLASFEKTTDHLFDAAFYMKKDAVEGVSECIILGQTMSIGTGSFKVVKGTNISEKD
LVPKRCLFESLSNEAALKAN
;
A
2 'polypeptide(L)'
;MVAATKRRKTHIHKHVKDEAFDDLLKPVYKGKKLTDEINTAQDKWHLLPAFLKVKGLVKQHLDSFNYFVDTDLKKIIKAN
QLILSDVDPEFYLKYVDIRVGKKSSSSTKDYLTPPHECRLRDMTYSAPIYVDIEYTRGRNIIMHKDVEIGRMPIMLRSNK
CILYDADESKMAKLNECPLDPGGYFIVNGTEKVILVQEQLSKNRIIVEADEKKGIVQASVTSSTHERKSKTYVITKNGKI
YLKHNSIAEEIPIAIVLKACGILSDLEIMQLVCGNDSSYQDIFAVNLEESSKLDIYTQQQALEYIGAKVKTMRRQKLTIL
QEGIEAIATTVIAHLTVEALDFREKALYIAMMTRRVVMAMYNPKMIDDRDYVGNKRLELAGQLISLLFEDLFKKFNNDFK
LSIDKVLKKPNRAMEYDALLSINVHSNNITSGLNRAISTGNWSLKRFKMERAGVTHVLSRLSYISALGMMTRISSQFEKS
RKVSGPRALQPSQFGMLCTADTPEGEACGLVKNLALMTHITTDDEEEPIKKLCYVLGVEDITLIDSASLHLNYGVYLNGT
LIGSIRFPTKFVTQFRHLRRTGKVSEFISIYSNSHQMAVHIATDGGRICRPLIIVSDGQSRVKDIHLRKLLDGELDFDDF
LKLGLVEYLDVNEENDSYIALYEKDIVPSMTHLEIEPFTILGAVAGLIPYPHHNQSPRNTYQCAMGKQAIGAIAYNQFKR
IDTLLYLMTYPQQPMVKTKTIELIDYDKLPAGQNATVAVMSYSGYDIEDALVLNKSSIDRGFGRCETRRKTTTVLKRYAN
HTQDIIGGMRVDENGDPIWQHQSLGPDGLGEVGMKVQSGQIYINKSVPTNSADAPNPNNVNVQTQYREAPVIYRGPEPSH
IDQVMMSVSDNDQALIKVLLRQNRRPELGDKFSSRHGQKGVCGIIVKQEDMPFNDQGIVPDIIMNPHGFPSRMTVGKMIE
LISGKAGVLNGTLEYGTCFGGSKLEDMSKILVDQGFNYSGKDMLYSGITGECLQAYIFFGPIYYQKLKHMVLDKMHARAR
GPRAVLTRQPTEGRSRDGGLRLGEMERDCVIAYGASQLLLERLMISSDAFEVDVCDKCGLMGYSGWCTTCKSAENIIKMT
IPYAAKLLFQELLSMNIAPRLRLEDIFQQ
;
B
3 'polypeptide(L)'
;MSNIVGIEYNRVTNTTSTDFPGFSKDAENEWNVEKFKKDFEVNISSLDAREANFDLINIDTSIANAFRRIMISEVPSVAA
EYVYFFNNTSVIQDEVLAHRIGLVPLKVDPDMLTWVDSNLPDDEKFTDENTIVLSLNVKCTRNPDAPKGSTDPKELYNNA
HVYARDLKFEPQGRQSTTFADCPVVPADPDILLAKLRPGQEISLKAHCILGIGGDHAKFSPVSTASYRLLPQINILQPIK
GESARRFQKCFPPGVIGIDEGSDEAYVKDARKDTVSREVLRYEEFADKVKLGRVRNHFIFNVESAGAMTPEEIFFKSVRI
LKNKAEYLKNCPITQ
;
C
4 'polypeptide(L)'
;MKVLEERNAFLSDYEVLKFLTDLEKKHLWDQKSLAALKKSRSKGKQNRPYNHPELQGITRNVVNYLSINKNFINQEDEGE
ERESSGAKDAEKSGISKMSDESFAELMTKLNSFKLFKAEKLQIVNQLPANMVHLYSIVEECDARFDEKTIEEMLEIISGY
A
;
D
5 'polypeptide(L)'
;MDQENERNISRLWRAFRTVKEMVKDRGYFITQEEVELPLEDFKAKYCDSMGRPQRKMMSFQANPTEESISKFPDMGSLWV
EFCDEPSVGVKTMKTFVIHIQEKNFQTGIFVYQNNITPSAMKLVPSIPPATIETFNEAALVVNITHHELVPKHIRLSSDE
KRELLKRYRLKESQLPRIQRADPVALYLGLKRGEVVKIIRKSETSGRYASYRICM
;
E
6 'polypeptide(L)'
;MSDYEEAFNDGNENFEDFDVEHFSDEETYEEKPQFKDGETTDANGKTIVTGGNGPEDFQQHEQIRRKTLKEKAIPKDQRA
TTPYMTKYERARILGTRALQISMNAPVFVDLEGETDPLRIAMKELAEKKIPLVIRRYLPDGSFEDWSVEELIVDL
;
F
7 'polypeptide(L)'
;MFILSKIADLVRIPPDQFHRDTISAITHQLNNKFANKIIPNVGLCITIYDLLTVEEGQLKPGDGSSYINVTFRAVVFKPF
LGEIVTGWISKCTAEGIKVSLLGIFDDIFIPQNMLFEGCYYTPEESAWIWPMDEETKLYFDVNEKIRFRIEREVFVDVKP
KSPKERELEERAQLENEIEGKNEETPQNEKPPAYALLGSCQTDGMGLVSWWE
;
G
8 'polypeptide(L)'
;MSNTLFDDIFQVSEVDPGRYNKVCRIEAASTTQDQCKLTLDINVELFPVAAQDSLTVTIASSLNLEDTPANDSSATRSWR
PPQAGDRSLADDYDYVMYGTAYKFEEVSKDLIAVYYSFGGLLMRLEGNYRNLNNLKQENAYLLIRR
;
H
9 'polypeptide(L)'
;MLSFCPSCNNMLLITSGDSGVYTLACRSCPYEFPIEGIEIYDRKKLPRKEVDDVLGGGWDNVDQTKTQCPNYDTCGGESA
YFFQLQIRSADEPMTTFYKCVNCGHRWKEN
;
I
10 'polypeptide(L)' MIVPVRCFSCGKVVGDKWESYLNLLQEDELDEGTALSRLGLKRYCCRRMILTHVDLIEKFLRYNPLEKRD J
11 'polypeptide(L)'
;MTEDIEQKKTATEVTPQEPKHIQEEEEQDVDMTGDEEQEEEPDREKIKLLTQATSEDGTSASFQIVEEDHTLGNALRYVI
MKNPDVEFCGYSIPHPSENLLNIRIQTYGETTAVDALQKGLKDLMDLCDVVESKFTEKIKSM
;
K
12 'polypeptide(L)' MSREGFQIPTNLDAAAAGTSQARTATLKYICAECSSKLSLSRTDAVRCKDCGHRILLKARTKRLVQFEAR L
13 'polypeptide(L)'
;MSIDNKLFVTEEDEEDRTQDRADVEDESNDIDMIADENGTNSAIANEQEEKSEEVKAEDDTGEEEEDDPVIEEFPLKISG
EEESLHVFQYANRPRLVGRKPAEHPFISAARYKPKSHLWEIDIPLDEQAFYNKDKAESEWNGVNVQTLKGVGVENNGQYA
AFVKDMQVYLVPIERVAQLKPFFKYIDDANVTRKQEDARRNPNPSSQRAQVVTMSVKSVNDPSQNRLTGSLLAHKVADEE
ANIELTWAEGTFEQFKDTIVKEAEDKTLVALEKQEDYIDNLV
;
M
14 'polypeptide(L)'
;MSSNKGNGRLPSLKDSSSNGGGSAKPSLKFKPKAVARKSKEEREAAASKVKLEEESKRGNDKKHFNNKNKRVTGAGGQQR
RMAKYLNNTHVISSGPLAAGNFVSEKGDLRRGFIKSEGSGSSLVQKGLETIDNGAESSENEAEDDDNEGVASKSKKKFNM
GKEFEARNLIEDEDDGESEKSSDVDMDDEEWRSKRIEQLFPVRPVRVRHEDVETVKREIQEALSEKPTREPTPSVKTEPV
GTGLQSYLEERERQVNEKLADLGLEKEFQSVDGKEAAAELELLNADHQHILRKLKKMNNKPERFMVFQLPTRLPAFERPA
VKEEKEDMETQASDPSKKKKNIKKKDTKDALSTRELAGKVGSIRVHKSGKLSVKIGNVVMDIGKGAETTFLQDVIALSIA
DDASSAELLGRVDGKIVVTPQI
;
N
15 'polypeptide(L)'
;MDELLGEALSAENQTGESTVESEKLVTPEDVMTISSLEQRTLNPDLFLYKELVKAHLGERAASVIGMLVALGRLSVRELV
EKIDGMDVDSVKTTLVSLTQLRCVKYLQETAISGKKTTYYYYNEEGIHILLYSGLIIDEIITQMRVNDEEEHKQLVAEIV
QNVISLGSLTVEDYLSSVTSDSMKYTISSLFVQLCEMGYLIQISKLHYTPIEDLWQFLYEKHYKNIPRNSPLSDLKKRSQ
AKMNAKTDFAKIINKPNELSQILTVDPKTSLRIVKPTVSLTINLDRFMKGRRSKQLINLAKTRVGSVTAQVYKIALRLTE
QKSPKIRDPLTQTGLLQDLEEAKSFQDEAELVEEKTPGLTFNAIDLARHLPAELDLRGSLLSRKPSDNKKRSGSNAAASL
PSKKLKTEDGFVIPALPAAVSKSLQESGDTQEEDEEEEDLDADTEDPHSASLINSHLKILASSNFPFLNETKPGVYYVPY
SKLMPVLKSSVYEYVIASTLGPSAMRLSRCIRDNKLVSEKIINSTALMKEKDIRSTLASLIRYNSVEIQEVPRTADRSAS
RAVFLFRCKETHSYNFMRQNLEWNMANLLFKKEKLKQENSTLLKKANRDDVKGRENELLLPSELNQLKMVNERELNVFAR
LSRLLSLWEVFQMA
;
O
16 'polypeptide(L)'
;MSGMIENGLQLSDNAKTLHSQMMSKGIGALFTQQELQKQMGIGSLTDLMSIVQELLDKNLIKLVKQNDELKFQGVLESEA
QKKATMSAEEALVYSYIEASGREGIWSKTIKARTNLHQHVVLKCLKSLESQRYVKSVKSVKFPTRKIYMLYSLQPSVDIT
GGPWFTDGELDIEFINSLLTIVWRFISENTFPNGFKNFENGPKKNVFYAPNVKNYSTTQEILEFITAAQVANVELTPSNI
RSLCEVLVYDDKLEKVTHDCYRVTLESILQMNQGEGEPEAGNKALEDEEEFSIFNYFKMFPASKHDKEVVYFDEWTI
;
P
17 'polypeptide(L)'
;MSSYRGGSRGGGSNYMSNLPFGLGYGDVGKNHITEFPSIPLPINGPITNKERSLAVKYINFGKTVKDGPFYTGSMSLIID
QQENSKSGKRKPNIILDEDDTNDGIERYSDKYLKKRKIGISIDDHPYNLNLFPNELYNVMGINKKKLLAISKFNNADDVF
TGTGLQDENIGLSMLAKLKELAEDVDDASTGDGAAKGSKTGEGEDDDLADDDFEEDEDEEDDDDYNAEKYFNNGDDDDYG
DEEDPNEEAAF
;
Q
#
loop_
_chem_comp.id
_chem_comp.type
_chem_comp.name
_chem_comp.formula
MG non-polymer 'MAGNESIUM ION' 'Mg 2'
ZN non-polymer 'ZINC ION' 'Zn 2'
#
# COMPACT_ATOMS: atom_id res chain seq x y z
N LYS A 2 39.60 -13.17 44.43
CA LYS A 2 39.88 -12.79 43.05
C LYS A 2 38.59 -12.66 42.23
N GLU A 3 38.72 -12.78 40.92
CA GLU A 3 37.60 -12.64 40.01
C GLU A 3 37.04 -14.01 39.64
N VAL A 4 36.12 -14.04 38.68
CA VAL A 4 35.32 -15.21 38.38
C VAL A 4 35.37 -15.45 36.87
N VAL A 5 35.02 -16.67 36.46
CA VAL A 5 34.87 -17.00 35.05
C VAL A 5 33.70 -16.22 34.49
N VAL A 6 33.96 -15.40 33.47
CA VAL A 6 32.92 -14.67 32.76
C VAL A 6 32.65 -15.41 31.46
N SER A 7 31.52 -16.10 31.38
CA SER A 7 31.16 -16.90 30.23
C SER A 7 30.10 -16.20 29.40
N GLU A 8 30.17 -16.39 28.08
CA GLU A 8 29.18 -15.85 27.17
C GLU A 8 28.96 -16.82 26.02
N THR A 9 27.73 -16.85 25.52
CA THR A 9 27.34 -17.71 24.40
C THR A 9 26.61 -16.89 23.35
N PRO A 10 26.89 -17.13 22.06
CA PRO A 10 26.11 -16.47 21.01
C PRO A 10 24.70 -17.01 20.92
N LYS A 11 23.71 -16.21 21.31
CA LYS A 11 22.32 -16.63 21.32
C LYS A 11 21.54 -15.94 20.21
N ARG A 12 20.41 -16.54 19.86
CA ARG A 12 19.55 -16.01 18.81
C ARG A 12 18.09 -16.26 19.18
N ILE A 13 17.21 -15.54 18.49
CA ILE A 13 15.78 -15.60 18.78
C ILE A 13 15.19 -16.83 18.10
N LYS A 14 14.45 -17.65 18.87
CA LYS A 14 13.84 -18.86 18.34
C LYS A 14 12.32 -18.84 18.35
N GLY A 15 11.69 -17.78 18.84
CA GLY A 15 10.24 -17.75 18.84
C GLY A 15 9.72 -16.46 19.43
N LEU A 16 8.39 -16.36 19.46
CA LEU A 16 7.66 -15.22 20.03
C LEU A 16 6.38 -15.76 20.66
N GLU A 17 6.44 -16.02 21.96
CA GLU A 17 5.26 -16.49 22.70
C GLU A 17 4.40 -15.27 23.01
N PHE A 18 3.29 -15.13 22.29
CA PHE A 18 2.39 -14.01 22.50
C PHE A 18 1.45 -14.29 23.66
N SER A 19 1.25 -13.28 24.50
CA SER A 19 0.36 -13.38 25.66
C SER A 19 -0.07 -11.98 26.04
N ALA A 20 -0.98 -11.90 27.01
CA ALA A 20 -1.43 -10.65 27.56
C ALA A 20 -0.88 -10.48 28.97
N LEU A 21 -0.61 -9.24 29.35
CA LEU A 21 -0.07 -8.96 30.67
C LEU A 21 -1.14 -9.09 31.73
N SER A 22 -0.78 -9.68 32.86
CA SER A 22 -1.69 -9.79 33.99
C SER A 22 -1.65 -8.50 34.80
N ALA A 23 -2.36 -8.49 35.93
CA ALA A 23 -2.35 -7.31 36.79
C ALA A 23 -1.04 -7.18 37.54
N ALA A 24 -0.33 -8.29 37.74
CA ALA A 24 0.97 -8.22 38.42
C ALA A 24 2.10 -7.88 37.45
N ASP A 25 1.97 -8.29 36.19
CA ASP A 25 3.03 -8.05 35.21
C ASP A 25 3.10 -6.59 34.78
N ILE A 26 1.99 -5.85 34.88
CA ILE A 26 2.02 -4.43 34.56
C ILE A 26 2.67 -3.65 35.69
N VAL A 27 2.33 -3.98 36.94
CA VAL A 27 2.90 -3.31 38.10
C VAL A 27 4.37 -3.68 38.27
N ALA A 28 4.76 -4.89 37.82
CA ALA A 28 6.13 -5.34 38.02
C ALA A 28 7.11 -4.57 37.13
N GLN A 29 6.84 -4.51 35.83
CA GLN A 29 7.74 -3.79 34.91
C GLN A 29 7.66 -2.28 35.05
N SER A 30 6.65 -1.76 35.73
CA SER A 30 6.48 -0.33 35.89
C SER A 30 7.51 0.23 36.87
N GLU A 31 7.71 1.54 36.78
CA GLU A 31 8.59 2.26 37.70
C GLU A 31 7.81 3.03 38.75
N VAL A 32 6.91 3.93 38.32
CA VAL A 32 6.12 4.75 39.22
C VAL A 32 4.67 4.76 38.75
N GLU A 33 3.78 4.97 39.72
CA GLU A 33 2.37 5.22 39.45
C GLU A 33 2.17 6.70 39.16
N VAL A 34 1.13 7.00 38.36
CA VAL A 34 0.74 8.40 38.16
C VAL A 34 0.16 9.05 39.41
N SER A 35 -0.24 8.25 40.41
CA SER A 35 -0.49 8.67 41.79
C SER A 35 -1.62 9.70 41.91
N THR A 36 -2.62 9.57 41.02
CA THR A 36 -3.81 10.44 40.96
C THR A 36 -3.38 11.89 40.77
N ARG A 37 -2.53 12.12 39.78
CA ARG A 37 -1.96 13.43 39.48
C ARG A 37 -2.00 13.69 37.99
N ASP A 38 -2.40 14.91 37.62
CA ASP A 38 -2.43 15.29 36.21
C ASP A 38 -2.01 16.73 35.93
N LEU A 39 -1.56 17.49 36.94
CA LEU A 39 -1.28 18.90 36.76
C LEU A 39 0.10 19.18 36.18
N PHE A 40 0.95 18.14 36.05
CA PHE A 40 2.32 18.13 35.51
C PHE A 40 3.33 18.88 36.38
N ASP A 41 2.87 19.55 37.44
CA ASP A 41 3.67 20.21 38.48
C ASP A 41 4.64 21.25 37.89
N LEU A 42 4.04 22.29 37.32
CA LEU A 42 4.81 23.43 36.80
C LEU A 42 4.95 24.48 37.90
N GLU A 43 6.04 24.40 38.65
CA GLU A 43 6.40 25.50 39.54
C GLU A 43 7.25 26.51 38.78
N LYS A 44 7.65 27.57 39.46
CA LYS A 44 8.31 28.71 38.80
C LYS A 44 9.83 28.58 38.87
N ASP A 45 10.33 27.46 38.36
CA ASP A 45 11.78 27.26 38.25
C ASP A 45 12.22 27.14 36.80
N ARG A 46 11.71 26.16 36.07
CA ARG A 46 12.00 25.99 34.65
C ARG A 46 10.76 25.58 33.87
N ALA A 47 9.58 25.73 34.47
CA ALA A 47 8.37 24.96 34.17
C ALA A 47 8.69 23.46 34.03
N PRO A 48 9.16 22.81 35.12
CA PRO A 48 9.71 21.46 34.96
C PRO A 48 8.65 20.38 34.94
N LYS A 49 9.09 19.12 34.96
CA LYS A 49 8.21 17.97 35.01
C LYS A 49 8.54 17.17 36.26
N ALA A 50 7.53 16.93 37.10
CA ALA A 50 7.76 16.29 38.38
C ALA A 50 6.86 15.07 38.56
N ASN A 51 6.80 14.56 39.80
CA ASN A 51 6.17 13.28 40.09
C ASN A 51 4.66 13.31 39.82
N GLY A 52 4.14 12.18 39.32
CA GLY A 52 2.75 12.08 38.98
C GLY A 52 2.41 12.39 37.55
N ALA A 53 3.40 12.54 36.69
CA ALA A 53 3.22 12.86 35.28
C ALA A 53 4.37 12.22 34.52
N LEU A 54 4.63 12.70 33.30
CA LEU A 54 5.85 12.29 32.61
C LEU A 54 7.03 12.88 33.36
N ASP A 55 7.66 12.05 34.18
CA ASP A 55 8.68 12.44 35.13
C ASP A 55 10.03 11.86 34.73
N PRO A 56 11.13 12.27 35.39
CA PRO A 56 12.41 11.58 35.15
C PRO A 56 12.44 10.11 35.54
N LYS A 57 11.47 9.61 36.32
CA LYS A 57 11.39 8.17 36.55
C LYS A 57 10.98 7.41 35.28
N MET A 58 10.31 8.08 34.35
CA MET A 58 10.10 7.56 33.01
C MET A 58 11.25 8.04 32.12
N GLY A 59 11.07 7.94 30.80
CA GLY A 59 12.07 8.43 29.87
C GLY A 59 12.17 9.95 29.86
N VAL A 60 13.11 10.44 29.05
CA VAL A 60 13.37 11.88 28.93
C VAL A 60 13.23 12.29 27.48
N SER A 61 12.89 13.56 27.28
CA SER A 61 12.75 14.14 25.93
C SER A 61 13.35 15.55 25.90
N SER A 62 14.52 15.72 26.51
CA SER A 62 15.17 17.01 26.57
C SER A 62 16.67 16.83 26.53
N SER A 63 17.38 17.95 26.34
CA SER A 63 18.84 17.93 26.39
C SER A 63 19.32 17.82 27.82
N SER A 64 18.80 18.65 28.71
CA SER A 64 19.07 18.55 30.14
C SER A 64 18.05 17.59 30.76
N LEU A 65 17.96 17.62 32.10
CA LEU A 65 17.03 16.82 32.90
C LEU A 65 17.22 15.32 32.66
N GLU A 66 18.37 14.83 33.14
CA GLU A 66 18.73 13.42 33.03
C GLU A 66 17.72 12.53 33.75
N CYS A 67 17.70 11.26 33.34
CA CYS A 67 16.68 10.32 33.81
C CYS A 67 16.91 9.93 35.26
N ALA A 68 18.16 9.64 35.63
CA ALA A 68 18.63 9.24 36.97
C ALA A 68 18.06 7.92 37.47
N THR A 69 17.28 7.21 36.65
CA THR A 69 17.08 5.77 36.83
C THR A 69 18.15 5.02 36.05
N CYS A 70 18.24 5.32 34.75
CA CYS A 70 19.45 5.13 33.97
C CYS A 70 20.05 6.50 33.70
N HIS A 71 21.25 6.74 34.24
CA HIS A 71 21.87 8.07 34.20
C HIS A 71 22.37 8.34 32.79
N GLY A 72 21.45 8.78 31.94
CA GLY A 72 21.75 8.97 30.53
C GLY A 72 21.00 10.12 29.92
N ASN A 73 21.46 10.52 28.74
CA ASN A 73 20.89 11.64 27.99
C ASN A 73 19.66 11.18 27.21
N LEU A 74 19.23 12.00 26.25
CA LEU A 74 18.11 11.64 25.38
C LEU A 74 18.46 10.47 24.47
N ALA A 75 19.74 10.27 24.16
CA ALA A 75 20.16 9.22 23.24
C ALA A 75 20.41 7.89 23.92
N SER A 76 20.61 7.86 25.24
CA SER A 76 20.96 6.64 25.95
C SER A 76 19.95 6.30 27.03
N CYS A 77 18.66 6.41 26.72
CA CYS A 77 17.59 5.94 27.58
C CYS A 77 16.69 5.02 26.77
N HIS A 78 16.54 3.78 27.25
CA HIS A 78 15.68 2.83 26.54
C HIS A 78 14.20 3.14 26.75
N GLY A 79 13.84 3.62 27.92
CA GLY A 79 12.45 3.93 28.21
C GLY A 79 11.95 3.13 29.40
N HIS A 80 10.96 3.70 30.09
CA HIS A 80 10.40 3.10 31.29
C HIS A 80 8.89 3.30 31.29
N PHE A 81 8.14 2.25 31.63
CA PHE A 81 6.69 2.29 31.64
C PHE A 81 6.16 2.81 32.97
N GLY A 82 4.87 3.14 33.00
CA GLY A 82 4.25 3.55 34.24
C GLY A 82 2.86 2.99 34.45
N HIS A 83 2.62 2.29 35.55
CA HIS A 83 1.32 1.68 35.72
C HIS A 83 0.29 2.71 36.20
N LEU A 84 -0.95 2.54 35.76
CA LEU A 84 -2.04 3.44 36.08
C LEU A 84 -3.19 2.59 36.61
N LYS A 85 -3.64 2.89 37.82
CA LYS A 85 -4.71 2.12 38.45
C LYS A 85 -6.06 2.74 38.11
N LEU A 86 -6.98 1.93 37.62
CA LEU A 86 -8.33 2.38 37.29
C LEU A 86 -9.31 1.93 38.35
N ALA A 87 -10.13 2.87 38.83
CA ALA A 87 -11.28 2.51 39.64
C ALA A 87 -12.42 2.12 38.73
N LEU A 88 -13.24 1.14 39.18
CA LEU A 88 -14.26 0.45 38.40
C LEU A 88 -13.65 -0.11 37.11
N PRO A 89 -12.96 -1.25 37.20
CA PRO A 89 -12.21 -1.79 36.05
C PRO A 89 -13.07 -2.04 34.83
N VAL A 90 -12.56 -1.61 33.67
CA VAL A 90 -13.40 -1.28 32.53
C VAL A 90 -13.15 -2.27 31.39
N PHE A 91 -14.15 -2.41 30.54
CA PHE A 91 -14.18 -3.30 29.38
C PHE A 91 -13.12 -2.90 28.36
N HIS A 92 -12.66 -3.88 27.59
CA HIS A 92 -11.56 -3.72 26.64
C HIS A 92 -12.12 -3.64 25.22
N ILE A 93 -11.43 -2.89 24.35
CA ILE A 93 -11.92 -2.63 23.00
C ILE A 93 -11.32 -3.60 21.98
N GLY A 94 -10.03 -3.93 22.10
CA GLY A 94 -9.43 -4.85 21.15
C GLY A 94 -9.81 -6.31 21.37
N TYR A 95 -10.18 -6.68 22.59
CA TYR A 95 -10.63 -8.03 22.90
C TYR A 95 -12.15 -8.10 22.97
N PHE A 96 -12.84 -7.35 22.10
CA PHE A 96 -14.30 -7.32 22.11
C PHE A 96 -14.87 -8.63 21.58
N LYS A 97 -14.44 -9.05 20.39
CA LYS A 97 -14.94 -10.29 19.79
C LYS A 97 -14.48 -11.51 20.59
N ALA A 98 -13.30 -11.43 21.22
CA ALA A 98 -12.86 -12.51 22.09
C ALA A 98 -13.73 -12.62 23.33
N THR A 99 -14.16 -11.47 23.88
CA THR A 99 -15.05 -11.49 25.04
C THR A 99 -16.43 -12.02 24.69
N ILE A 100 -16.92 -11.68 23.48
CA ILE A 100 -18.19 -12.25 23.02
C ILE A 100 -18.07 -13.76 22.81
N GLN A 101 -16.97 -14.22 22.21
CA GLN A 101 -16.82 -15.65 21.95
C GLN A 101 -16.59 -16.45 23.23
N ILE A 102 -16.00 -15.84 24.25
CA ILE A 102 -15.84 -16.55 25.51
C ILE A 102 -17.09 -16.44 26.37
N LEU A 103 -17.95 -15.44 26.14
CA LEU A 103 -19.16 -15.30 26.92
C LEU A 103 -20.32 -16.09 26.33
N GLN A 104 -20.29 -16.37 25.02
CA GLN A 104 -21.27 -17.26 24.42
C GLN A 104 -21.09 -18.70 24.89
N GLY A 105 -19.87 -19.08 25.26
CA GLY A 105 -19.58 -20.45 25.62
C GLY A 105 -19.75 -20.78 27.09
N ILE A 106 -20.26 -19.86 27.89
CA ILE A 106 -20.34 -20.06 29.34
C ILE A 106 -21.80 -19.97 29.77
N CYS A 107 -22.14 -20.70 30.84
CA CYS A 107 -23.38 -20.48 31.56
C CYS A 107 -23.19 -19.29 32.49
N LYS A 108 -24.16 -18.38 32.49
CA LYS A 108 -24.00 -17.13 33.22
C LYS A 108 -24.37 -17.25 34.69
N ASN A 109 -24.92 -18.37 35.13
CA ASN A 109 -25.27 -18.53 36.53
C ASN A 109 -24.22 -19.34 37.28
N CYS A 110 -23.81 -20.48 36.72
CA CYS A 110 -22.83 -21.34 37.36
C CYS A 110 -21.40 -20.89 37.08
N SER A 111 -21.19 -20.06 36.05
CA SER A 111 -19.89 -19.69 35.51
C SER A 111 -19.06 -20.93 35.17
N ALA A 112 -19.59 -21.70 34.23
CA ALA A 112 -18.93 -22.90 33.73
C ALA A 112 -19.36 -23.11 32.29
N ILE A 113 -18.63 -23.97 31.59
CA ILE A 113 -18.98 -24.29 30.22
C ILE A 113 -20.22 -25.18 30.22
N LEU A 114 -21.14 -24.89 29.30
CA LEU A 114 -22.43 -25.55 29.27
C LEU A 114 -22.45 -26.74 28.33
N LEU A 115 -21.29 -27.11 27.79
CA LEU A 115 -21.18 -28.29 26.94
C LEU A 115 -21.30 -29.55 27.79
N SER A 116 -21.58 -30.68 27.13
CA SER A 116 -21.72 -31.96 27.82
C SER A 116 -20.32 -32.52 28.13
N GLU A 117 -20.26 -33.80 28.50
CA GLU A 117 -19.00 -34.40 28.93
C GLU A 117 -18.34 -35.27 27.87
N THR A 118 -19.11 -36.04 27.10
CA THR A 118 -18.51 -36.85 26.04
C THR A 118 -18.15 -35.99 24.83
N ASP A 119 -18.96 -34.99 24.53
CA ASP A 119 -18.67 -34.09 23.42
C ASP A 119 -17.48 -33.20 23.74
N LYS A 120 -17.37 -32.77 25.01
CA LYS A 120 -16.14 -32.13 25.49
C LYS A 120 -14.94 -33.04 25.32
N ARG A 121 -15.13 -34.33 25.55
CA ARG A 121 -14.02 -35.27 25.45
C ARG A 121 -13.56 -35.46 24.02
N GLN A 122 -14.50 -35.49 23.06
CA GLN A 122 -14.09 -35.63 21.67
C GLN A 122 -13.50 -34.33 21.14
N PHE A 123 -13.92 -33.16 21.65
CA PHE A 123 -13.25 -31.92 21.25
C PHE A 123 -11.85 -31.82 21.83
N LEU A 124 -11.65 -32.28 23.08
CA LEU A 124 -10.30 -32.32 23.64
C LEU A 124 -9.40 -33.31 22.90
N HIS A 125 -9.97 -34.44 22.45
CA HIS A 125 -9.17 -35.38 21.67
C HIS A 125 -8.88 -34.84 20.26
N GLU A 126 -9.77 -34.00 19.74
CA GLU A 126 -9.55 -33.46 18.41
C GLU A 126 -8.63 -32.23 18.41
N LEU A 127 -8.49 -31.56 19.55
CA LEU A 127 -7.59 -30.40 19.62
C LEU A 127 -6.13 -30.77 19.83
N ARG A 128 -5.83 -31.93 20.40
CA ARG A 128 -4.46 -32.29 20.76
C ARG A 128 -3.76 -33.10 19.68
N ARG A 129 -4.06 -32.86 18.41
CA ARG A 129 -3.35 -33.52 17.33
C ARG A 129 -1.92 -32.98 17.23
N PRO A 130 -0.98 -33.79 16.72
CA PRO A 130 0.40 -33.28 16.56
C PRO A 130 0.52 -32.18 15.52
N GLY A 131 -0.16 -32.31 14.38
CA GLY A 131 -0.14 -31.26 13.39
C GLY A 131 -1.43 -30.47 13.35
N VAL A 132 -1.42 -29.28 13.94
CA VAL A 132 -2.60 -28.41 13.99
C VAL A 132 -2.20 -27.05 13.42
N ASP A 133 -2.83 -26.65 12.33
CA ASP A 133 -2.61 -25.34 11.74
C ASP A 133 -3.53 -24.33 12.42
N ASN A 134 -3.34 -23.05 12.09
CA ASN A 134 -4.24 -22.02 12.59
C ASN A 134 -5.62 -22.15 11.97
N LEU A 135 -5.71 -22.56 10.70
CA LEU A 135 -6.99 -22.76 10.05
C LEU A 135 -7.76 -23.92 10.67
N ARG A 136 -7.06 -25.02 10.97
CA ARG A 136 -7.70 -26.17 11.62
C ARG A 136 -8.14 -25.81 13.03
N ARG A 137 -7.33 -25.04 13.77
CA ARG A 137 -7.68 -24.68 15.13
C ARG A 137 -8.88 -23.73 15.16
N MET A 138 -8.92 -22.75 14.25
CA MET A 138 -10.09 -21.88 14.17
C MET A 138 -11.33 -22.62 13.70
N GLY A 139 -11.16 -23.64 12.83
CA GLY A 139 -12.28 -24.46 12.45
C GLY A 139 -12.85 -25.28 13.59
N ILE A 140 -11.98 -25.87 14.42
CA ILE A 140 -12.46 -26.64 15.57
C ILE A 140 -13.06 -25.73 16.64
N LEU A 141 -12.52 -24.51 16.80
CA LEU A 141 -13.12 -23.59 17.76
C LEU A 141 -14.47 -23.05 17.28
N LYS A 142 -14.66 -22.87 15.97
CA LYS A 142 -16.01 -22.56 15.48
C LYS A 142 -16.93 -23.77 15.63
N LYS A 143 -16.38 -24.97 15.45
CA LYS A 143 -17.15 -26.21 15.59
C LYS A 143 -17.59 -26.46 17.02
N ILE A 144 -16.86 -25.92 18.00
CA ILE A 144 -17.33 -26.03 19.37
C ILE A 144 -18.21 -24.84 19.76
N LEU A 145 -18.00 -23.65 19.15
CA LEU A 145 -18.83 -22.50 19.49
C LEU A 145 -20.26 -22.65 18.97
N ASP A 146 -20.45 -23.17 17.76
CA ASP A 146 -21.82 -23.29 17.26
C ASP A 146 -22.57 -24.40 17.97
N GLN A 147 -21.89 -25.50 18.29
CA GLN A 147 -22.49 -26.57 19.08
C GLN A 147 -22.79 -26.12 20.51
N CYS A 148 -22.02 -25.16 21.03
CA CYS A 148 -22.32 -24.64 22.36
C CYS A 148 -23.45 -23.61 22.32
N LYS A 149 -23.58 -22.87 21.22
CA LYS A 149 -24.69 -21.92 21.11
C LYS A 149 -26.02 -22.62 20.84
N LYS A 150 -26.01 -23.77 20.18
CA LYS A 150 -27.28 -24.45 19.93
C LYS A 150 -27.76 -25.29 21.10
N GLN A 151 -27.13 -25.19 22.28
CA GLN A 151 -27.63 -25.80 23.50
C GLN A 151 -28.22 -24.72 24.39
N ARG A 152 -29.45 -24.94 24.86
CA ARG A 152 -30.20 -23.91 25.56
C ARG A 152 -30.17 -24.07 27.08
N ARG A 153 -29.75 -25.22 27.60
CA ARG A 153 -29.87 -25.53 29.01
C ARG A 153 -28.53 -26.02 29.54
N CYS A 154 -28.18 -25.61 30.75
CA CYS A 154 -26.89 -25.95 31.33
C CYS A 154 -26.89 -27.37 31.89
N LEU A 155 -25.78 -27.75 32.50
CA LEU A 155 -25.65 -29.06 33.13
C LEU A 155 -25.47 -28.98 34.64
N HIS A 156 -24.55 -28.13 35.11
CA HIS A 156 -24.22 -28.09 36.53
C HIS A 156 -25.22 -27.29 37.35
N CYS A 157 -26.16 -26.59 36.72
CA CYS A 157 -27.18 -25.84 37.43
C CYS A 157 -28.49 -25.92 36.66
N GLY A 158 -29.55 -25.37 37.26
CA GLY A 158 -30.87 -25.39 36.66
C GLY A 158 -31.29 -24.05 36.09
N ALA A 159 -30.39 -23.37 35.38
CA ALA A 159 -30.66 -22.06 34.83
C ALA A 159 -30.75 -22.13 33.31
N LEU A 160 -31.68 -21.37 32.75
CA LEU A 160 -31.81 -21.26 31.30
C LEU A 160 -30.80 -20.25 30.77
N ASN A 161 -30.41 -20.45 29.51
CA ASN A 161 -29.36 -19.66 28.90
C ASN A 161 -29.77 -19.26 27.49
N GLY A 162 -29.66 -17.97 27.18
CA GLY A 162 -30.05 -17.45 25.89
C GLY A 162 -28.90 -17.09 24.98
N VAL A 163 -29.02 -15.98 24.25
CA VAL A 163 -28.03 -15.55 23.27
C VAL A 163 -27.50 -14.20 23.70
N VAL A 164 -26.18 -14.06 23.75
CA VAL A 164 -25.53 -12.82 24.14
C VAL A 164 -24.91 -12.17 22.90
N LYS A 165 -25.13 -10.86 22.73
CA LYS A 165 -24.76 -10.12 21.54
C LYS A 165 -24.33 -8.71 21.96
N LYS A 166 -24.19 -7.84 20.97
CA LYS A 166 -23.94 -6.42 21.14
C LYS A 166 -25.25 -5.66 21.00
N ALA A 167 -25.33 -4.50 21.64
CA ALA A 167 -26.56 -3.70 21.66
C ALA A 167 -26.85 -3.14 20.27
N ALA A 168 -28.00 -3.51 19.72
CA ALA A 168 -28.41 -3.05 18.40
C ALA A 168 -28.85 -1.59 18.45
N ALA A 175 -21.33 3.47 22.75
CA ALA A 175 -21.46 2.06 22.38
C ALA A 175 -20.77 1.15 23.40
N LEU A 176 -20.29 0.00 22.90
CA LEU A 176 -19.57 -1.01 23.68
C LEU A 176 -20.42 -1.55 24.83
N LYS A 177 -21.63 -2.00 24.51
CA LYS A 177 -22.55 -2.58 25.47
C LYS A 177 -22.79 -4.04 25.14
N ILE A 178 -22.80 -4.88 26.17
CA ILE A 178 -23.00 -6.32 26.03
C ILE A 178 -24.42 -6.63 26.49
N ILE A 179 -25.17 -7.39 25.69
CA ILE A 179 -26.60 -7.59 25.90
C ILE A 179 -26.90 -9.08 25.89
N HIS A 180 -27.51 -9.57 26.96
CA HIS A 180 -27.93 -10.97 27.04
C HIS A 180 -29.42 -11.08 26.75
N ASP A 181 -29.82 -12.21 26.16
CA ASP A 181 -31.22 -12.51 25.90
C ASP A 181 -31.50 -13.89 26.49
N THR A 182 -32.08 -13.91 27.68
CA THR A 182 -32.46 -15.19 28.29
C THR A 182 -33.64 -15.80 27.55
N PHE A 183 -34.62 -14.98 27.18
CA PHE A 183 -35.88 -15.44 26.61
C PHE A 183 -35.99 -14.93 25.18
N ARG A 184 -35.99 -15.85 24.21
CA ARG A 184 -36.15 -15.49 22.81
C ARG A 184 -37.52 -15.87 22.25
N TRP A 185 -38.02 -17.05 22.60
CA TRP A 185 -39.32 -17.51 22.13
C TRP A 185 -40.35 -17.47 23.26
N VAL A 186 -41.56 -17.95 22.98
CA VAL A 186 -42.73 -17.76 23.84
C VAL A 186 -43.13 -19.14 24.35
N GLY A 187 -42.14 -20.01 24.55
CA GLY A 187 -42.43 -21.38 24.95
C GLY A 187 -42.97 -21.47 26.38
N LYS A 188 -43.85 -22.44 26.58
CA LYS A 188 -44.60 -22.60 27.82
C LYS A 188 -44.01 -23.65 28.75
N LYS A 189 -42.71 -23.96 28.61
CA LYS A 189 -42.09 -25.03 29.38
C LYS A 189 -41.97 -24.63 30.85
N SER A 190 -42.27 -25.58 31.73
CA SER A 190 -42.35 -25.34 33.18
C SER A 190 -40.94 -25.16 33.74
N ALA A 191 -40.42 -23.93 33.68
CA ALA A 191 -39.18 -23.48 34.24
C ALA A 191 -39.44 -22.67 35.50
N PRO A 192 -38.65 -22.89 36.56
CA PRO A 192 -38.92 -22.19 37.83
C PRO A 192 -38.50 -20.72 37.83
N GLU A 193 -37.92 -20.21 36.75
CA GLU A 193 -37.37 -18.86 36.74
C GLU A 193 -38.33 -17.83 36.17
N LYS A 194 -39.07 -18.16 35.10
CA LYS A 194 -39.89 -17.12 34.48
C LYS A 194 -41.13 -16.82 35.30
N ASP A 195 -41.53 -17.72 36.20
CA ASP A 195 -42.63 -17.41 37.13
C ASP A 195 -42.22 -16.31 38.10
N ILE A 196 -41.03 -16.43 38.69
CA ILE A 196 -40.48 -15.38 39.56
C ILE A 196 -40.23 -14.11 38.76
N TRP A 197 -39.84 -14.26 37.49
CA TRP A 197 -39.62 -13.11 36.60
C TRP A 197 -40.89 -12.30 36.38
N VAL A 198 -41.96 -12.97 35.94
CA VAL A 198 -43.24 -12.30 35.68
C VAL A 198 -43.87 -11.81 36.98
N GLY A 199 -43.67 -12.53 38.09
CA GLY A 199 -44.17 -12.06 39.37
C GLY A 199 -43.48 -10.80 39.85
N GLU A 200 -42.16 -10.73 39.66
CA GLU A 200 -41.41 -9.50 39.94
C GLU A 200 -41.86 -8.35 39.06
N TRP A 201 -42.10 -8.60 37.77
CA TRP A 201 -42.49 -7.51 36.89
C TRP A 201 -43.91 -7.01 37.19
N LYS A 202 -44.84 -7.92 37.50
CA LYS A 202 -46.17 -7.44 37.86
C LYS A 202 -46.19 -6.81 39.25
N GLU A 203 -45.26 -7.18 40.13
CA GLU A 203 -45.15 -6.50 41.41
C GLU A 203 -44.60 -5.08 41.23
N VAL A 204 -43.59 -4.91 40.38
CA VAL A 204 -43.03 -3.56 40.21
C VAL A 204 -43.91 -2.69 39.30
N LEU A 205 -44.83 -3.29 38.55
CA LEU A 205 -45.85 -2.49 37.86
C LEU A 205 -47.08 -2.23 38.71
N ALA A 206 -47.35 -3.07 39.71
CA ALA A 206 -48.45 -2.78 40.62
C ALA A 206 -48.06 -1.80 41.70
N HIS A 207 -46.77 -1.74 42.05
CA HIS A 207 -46.34 -0.81 43.09
C HIS A 207 -46.33 0.62 42.57
N ASN A 208 -45.77 0.84 41.38
CA ASN A 208 -45.74 2.17 40.81
C ASN A 208 -45.82 2.06 39.28
N PRO A 209 -46.95 2.44 38.69
CA PRO A 209 -47.09 2.34 37.22
C PRO A 209 -46.53 3.53 36.46
N GLU A 210 -45.67 4.31 37.08
CA GLU A 210 -45.08 5.47 36.40
C GLU A 210 -43.78 5.14 35.69
N LEU A 211 -43.00 4.20 36.22
CA LEU A 211 -41.66 3.96 35.69
C LEU A 211 -41.67 3.02 34.49
N GLU A 212 -42.13 1.79 34.68
CA GLU A 212 -42.01 0.74 33.66
C GLU A 212 -43.31 0.52 32.90
N ARG A 213 -44.07 1.57 32.63
CA ARG A 213 -45.31 1.47 31.87
C ARG A 213 -45.23 2.38 30.63
N TYR A 214 -44.07 2.35 29.99
CA TYR A 214 -43.91 2.91 28.65
C TYR A 214 -43.44 1.84 27.68
N VAL A 215 -42.34 1.15 27.98
CA VAL A 215 -41.81 0.06 27.16
C VAL A 215 -41.52 -1.13 28.05
N LYS A 216 -41.10 -2.23 27.43
CA LYS A 216 -40.84 -3.49 28.11
C LYS A 216 -40.00 -4.34 27.16
N ARG A 217 -39.24 -5.29 27.74
CA ARG A 217 -38.29 -6.17 27.04
C ARG A 217 -37.23 -5.36 26.29
N CYS A 218 -36.41 -4.66 27.06
CA CYS A 218 -35.30 -3.91 26.44
C CYS A 218 -34.07 -4.80 26.36
N MET A 219 -33.50 -5.16 27.53
CA MET A 219 -32.87 -6.43 27.96
C MET A 219 -32.24 -6.22 29.34
N ASP A 220 -31.70 -7.29 29.91
CA ASP A 220 -30.86 -7.14 31.09
C ASP A 220 -29.48 -6.59 30.70
N ASP A 221 -28.74 -6.12 31.70
CA ASP A 221 -27.48 -5.43 31.47
C ASP A 221 -26.31 -6.34 31.82
N LEU A 222 -25.18 -6.10 31.15
CA LEU A 222 -23.92 -6.79 31.43
C LEU A 222 -22.92 -5.75 31.93
N ASN A 223 -22.79 -5.66 33.24
CA ASN A 223 -21.78 -4.81 33.84
C ASN A 223 -20.41 -5.43 33.59
N PRO A 224 -19.42 -4.65 33.14
CA PRO A 224 -18.04 -5.17 33.12
C PRO A 224 -17.50 -5.57 34.49
N LEU A 225 -17.99 -4.95 35.57
CA LEU A 225 -17.63 -5.41 36.91
C LEU A 225 -18.32 -6.74 37.23
N LYS A 226 -19.44 -7.04 36.58
CA LYS A 226 -20.10 -8.32 36.78
C LYS A 226 -19.43 -9.42 35.97
N THR A 227 -19.14 -9.15 34.69
CA THR A 227 -18.46 -10.16 33.89
C THR A 227 -16.99 -10.30 34.24
N LEU A 228 -16.40 -9.33 34.97
CA LEU A 228 -15.07 -9.54 35.52
C LEU A 228 -15.07 -10.65 36.56
N ASN A 229 -16.07 -10.67 37.43
CA ASN A 229 -16.18 -11.76 38.41
C ASN A 229 -16.60 -13.06 37.72
N LEU A 230 -17.46 -12.96 36.71
CA LEU A 230 -17.88 -14.14 35.95
C LEU A 230 -16.72 -14.74 35.17
N PHE A 231 -15.72 -13.92 34.81
CA PHE A 231 -14.47 -14.42 34.26
C PHE A 231 -13.46 -14.81 35.33
N LYS A 232 -13.67 -14.38 36.58
CA LYS A 232 -12.85 -14.92 37.66
C LYS A 232 -13.27 -16.33 38.05
N GLN A 233 -14.53 -16.69 37.84
CA GLN A 233 -15.09 -17.88 38.48
C GLN A 233 -15.27 -19.10 37.58
N ILE A 234 -14.46 -19.31 36.54
CA ILE A 234 -14.80 -20.47 35.71
C ILE A 234 -14.10 -21.72 36.21
N LYS A 235 -12.83 -21.85 35.87
CA LYS A 235 -11.98 -23.03 36.01
C LYS A 235 -10.66 -22.65 35.34
N SER A 236 -9.61 -23.38 35.66
CA SER A 236 -8.38 -23.28 34.88
C SER A 236 -8.32 -24.29 33.75
N ALA A 237 -9.22 -25.28 33.73
CA ALA A 237 -9.14 -26.40 32.79
C ALA A 237 -9.98 -26.21 31.54
N ASP A 238 -11.09 -25.46 31.62
CA ASP A 238 -11.96 -25.29 30.48
C ASP A 238 -11.41 -24.33 29.42
N CYS A 239 -10.33 -23.60 29.76
CA CYS A 239 -9.78 -22.56 28.89
C CYS A 239 -9.23 -23.09 27.58
N GLU A 240 -8.87 -24.39 27.53
CA GLU A 240 -8.46 -25.02 26.28
C GLU A 240 -9.58 -24.99 25.24
N LEU A 241 -10.83 -25.05 25.68
CA LEU A 241 -11.94 -24.94 24.75
C LEU A 241 -12.29 -23.50 24.44
N LEU A 242 -11.67 -22.55 25.13
CA LEU A 242 -11.91 -21.13 24.92
C LEU A 242 -10.79 -20.45 24.15
N GLY A 243 -9.72 -21.19 23.82
CA GLY A 243 -8.58 -20.65 23.11
C GLY A 243 -7.41 -20.28 24.00
N ILE A 244 -7.66 -20.04 25.28
CA ILE A 244 -6.60 -19.66 26.23
C ILE A 244 -5.78 -20.91 26.56
N ASP A 245 -4.46 -20.74 26.68
CA ASP A 245 -3.56 -21.85 26.92
C ASP A 245 -3.01 -21.76 28.33
N ALA A 246 -3.90 -21.53 29.30
CA ALA A 246 -3.52 -21.18 30.66
C ALA A 246 -2.94 -22.35 31.46
N THR A 247 -1.78 -22.84 31.03
CA THR A 247 -0.89 -23.60 31.90
C THR A 247 0.24 -22.72 32.43
N VAL A 248 0.43 -21.55 31.84
CA VAL A 248 1.31 -20.50 32.34
C VAL A 248 0.43 -19.53 33.11
N PRO A 249 0.87 -19.00 34.26
CA PRO A 249 0.03 -18.03 34.96
C PRO A 249 -0.06 -16.68 34.26
N SER A 250 0.91 -16.33 33.41
CA SER A 250 0.89 -15.05 32.70
C SER A 250 -0.11 -15.13 31.55
N GLY A 251 -1.38 -15.05 31.90
CA GLY A 251 -2.47 -15.04 30.94
C GLY A 251 -3.59 -16.00 31.32
N ARG A 252 -4.77 -15.45 31.53
CA ARG A 252 -5.95 -16.12 32.07
C ARG A 252 -7.17 -15.37 31.55
N PRO A 253 -8.36 -16.00 31.53
CA PRO A 253 -9.51 -15.36 30.86
C PRO A 253 -10.08 -14.12 31.53
N GLU A 254 -9.54 -13.62 32.64
CA GLU A 254 -9.94 -12.31 33.13
C GLU A 254 -8.80 -11.29 33.06
N THR A 255 -7.67 -11.66 32.47
CA THR A 255 -6.56 -10.72 32.30
C THR A 255 -6.77 -9.79 31.10
N TYR A 256 -7.86 -9.95 30.35
CA TYR A 256 -8.10 -9.12 29.19
C TYR A 256 -8.91 -7.87 29.52
N ILE A 257 -9.60 -7.85 30.65
CA ILE A 257 -10.30 -6.67 31.12
C ILE A 257 -9.27 -5.66 31.64
N TRP A 258 -9.48 -4.38 31.35
CA TRP A 258 -8.60 -3.33 31.87
C TRP A 258 -8.73 -3.23 33.39
N ARG A 259 -7.69 -3.57 34.10
CA ARG A 259 -7.57 -3.27 35.52
C ARG A 259 -6.42 -2.34 35.83
N TYR A 260 -5.30 -2.52 35.14
CA TYR A 260 -4.16 -1.60 35.19
C TYR A 260 -3.77 -1.24 33.77
N LEU A 261 -3.42 0.01 33.55
CA LEU A 261 -3.06 0.48 32.22
C LEU A 261 -1.58 0.83 32.20
N PRO A 262 -0.76 0.20 31.35
CA PRO A 262 0.62 0.65 31.21
C PRO A 262 0.70 1.92 30.37
N ALA A 263 1.41 2.91 30.88
CA ALA A 263 1.65 4.18 30.23
C ALA A 263 3.00 4.14 29.55
N PRO A 264 3.05 4.52 28.28
CA PRO A 264 4.29 4.37 27.49
C PRO A 264 5.37 5.31 27.98
N PRO A 265 6.63 5.03 27.67
CA PRO A 265 7.72 5.93 28.04
C PRO A 265 7.66 7.24 27.24
N VAL A 266 8.47 8.19 27.70
CA VAL A 266 8.55 9.49 27.04
C VAL A 266 9.33 9.38 25.73
N CYS A 267 10.13 8.33 25.55
CA CYS A 267 10.76 8.06 24.26
C CYS A 267 9.72 7.69 23.21
N ILE A 268 8.63 7.03 23.61
CA ILE A 268 7.55 6.70 22.67
C ILE A 268 6.74 7.95 22.33
N ARG A 269 6.65 8.89 23.27
CA ARG A 269 5.87 10.13 23.09
C ARG A 269 6.79 11.33 23.22
N PRO A 270 7.61 11.62 22.22
CA PRO A 270 8.59 12.70 22.37
C PRO A 270 7.97 14.07 22.19
N SER A 271 8.62 15.07 22.78
CA SER A 271 8.25 16.46 22.52
C SER A 271 8.64 16.82 21.10
N VAL A 272 7.67 17.30 20.32
CA VAL A 272 7.92 17.63 18.92
C VAL A 272 8.81 18.87 18.84
N MET A 273 9.56 18.98 17.74
CA MET A 273 10.52 20.06 17.58
C MET A 273 9.92 21.28 16.87
N MET A 274 8.72 21.67 17.29
CA MET A 274 8.18 23.00 17.00
C MET A 274 8.38 23.91 18.21
N GLN A 275 9.60 23.95 18.73
CA GLN A 275 9.93 24.54 20.02
C GLN A 275 11.32 25.14 19.92
N ASP A 276 11.96 25.30 21.09
CA ASP A 276 12.96 26.27 21.60
C ASP A 276 12.27 27.50 22.17
N SER A 277 10.94 27.45 22.24
CA SER A 277 10.15 28.41 22.99
C SER A 277 9.75 27.82 24.33
N PRO A 278 9.66 28.64 25.38
CA PRO A 278 9.23 28.14 26.69
C PRO A 278 7.76 27.71 26.69
N ALA A 279 7.41 26.92 27.71
CA ALA A 279 6.10 26.28 27.87
C ALA A 279 5.76 25.43 26.65
N SER A 280 6.56 24.38 26.49
CA SER A 280 6.56 23.55 25.29
C SER A 280 5.29 22.71 25.20
N ASN A 281 5.08 22.14 24.01
CA ASN A 281 3.91 21.34 23.70
C ASN A 281 4.29 19.87 23.65
N GLU A 282 3.36 19.02 24.07
CA GLU A 282 3.55 17.57 24.07
C GLU A 282 2.65 16.93 23.02
N ASP A 283 2.63 15.60 22.99
CA ASP A 283 1.83 14.86 22.04
C ASP A 283 0.39 14.77 22.54
N ASP A 284 -0.45 14.04 21.81
CA ASP A 284 -1.85 13.90 22.19
C ASP A 284 -2.10 12.78 23.18
N LEU A 285 -1.26 11.74 23.18
CA LEU A 285 -1.47 10.61 24.08
C LEU A 285 -1.25 10.98 25.54
N THR A 286 -0.33 11.92 25.79
CA THR A 286 -0.15 12.44 27.15
C THR A 286 -1.41 13.17 27.62
N VAL A 287 -2.05 13.91 26.71
CA VAL A 287 -3.30 14.60 27.03
C VAL A 287 -4.43 13.59 27.26
N LYS A 288 -4.44 12.50 26.48
CA LYS A 288 -5.47 11.48 26.64
C LYS A 288 -5.34 10.75 27.96
N LEU A 289 -4.12 10.36 28.36
CA LEU A 289 -3.99 9.71 29.65
C LEU A 289 -4.11 10.70 30.81
N THR A 290 -3.83 11.99 30.58
CA THR A 290 -4.16 13.02 31.55
C THR A 290 -5.67 13.07 31.81
N GLU A 291 -6.46 13.02 30.73
CA GLU A 291 -7.91 13.02 30.87
C GLU A 291 -8.40 11.71 31.51
N ILE A 292 -7.68 10.61 31.27
CA ILE A 292 -7.99 9.34 31.93
C ILE A 292 -7.77 9.43 33.43
N VAL A 293 -6.64 10.05 33.84
CA VAL A 293 -6.35 10.25 35.27
C VAL A 293 -7.40 11.15 35.91
N TRP A 294 -7.86 12.17 35.19
CA TRP A 294 -8.89 13.06 35.73
C TRP A 294 -10.24 12.36 35.85
N THR A 295 -10.66 11.63 34.82
CA THR A 295 -11.95 10.94 34.88
C THR A 295 -11.92 9.70 35.76
N SER A 296 -10.75 9.23 36.18
CA SER A 296 -10.67 8.24 37.24
C SER A 296 -10.63 8.88 38.62
N SER A 297 -10.08 10.09 38.72
CA SER A 297 -10.12 10.84 39.97
C SER A 297 -11.55 11.20 40.33
N LEU A 298 -12.37 11.52 39.33
CA LEU A 298 -13.78 11.82 39.60
C LEU A 298 -14.53 10.58 40.07
N ILE A 299 -14.17 9.41 39.54
CA ILE A 299 -14.81 8.16 39.97
C ILE A 299 -14.36 7.81 41.39
N LYS A 300 -13.09 8.03 41.72
CA LYS A 300 -12.64 7.81 43.10
C LYS A 300 -13.28 8.79 44.07
N ALA A 301 -13.54 10.03 43.63
CA ALA A 301 -14.25 10.98 44.48
C ALA A 301 -15.71 10.58 44.66
N GLY A 302 -16.32 10.01 43.62
CA GLY A 302 -17.67 9.47 43.76
C GLY A 302 -17.73 8.20 44.57
N LEU A 303 -16.63 7.48 44.69
CA LEU A 303 -16.56 6.33 45.59
C LEU A 303 -16.24 6.70 47.02
N ASP A 304 -15.61 7.86 47.25
CA ASP A 304 -15.36 8.31 48.62
C ASP A 304 -16.65 8.68 49.32
N LYS A 305 -17.39 9.63 48.78
CA LYS A 305 -18.71 10.00 49.29
C LYS A 305 -19.75 9.77 48.21
N GLY A 306 -20.97 9.44 48.63
CA GLY A 306 -22.03 9.14 47.68
C GLY A 306 -22.52 10.40 47.00
N ILE A 307 -22.76 10.32 45.69
CA ILE A 307 -23.22 11.49 44.95
C ILE A 307 -24.65 11.25 44.51
N SER A 308 -25.26 12.23 43.84
CA SER A 308 -26.70 12.30 43.65
C SER A 308 -27.27 11.28 42.67
N ILE A 309 -26.83 11.31 41.42
CA ILE A 309 -27.63 10.78 40.32
C ILE A 309 -26.73 9.89 39.44
N ASN A 310 -27.24 9.45 38.27
CA ASN A 310 -26.61 8.45 37.39
C ASN A 310 -25.33 8.90 36.69
N ASN A 311 -24.78 10.06 37.11
CA ASN A 311 -23.51 10.55 36.58
C ASN A 311 -22.35 9.62 36.83
N MET A 312 -22.42 8.74 37.86
CA MET A 312 -21.42 7.70 38.03
C MET A 312 -21.37 6.76 36.83
N MET A 313 -22.55 6.25 36.43
CA MET A 313 -22.61 5.34 35.29
C MET A 313 -22.30 6.04 33.98
N GLU A 314 -22.77 7.28 33.81
CA GLU A 314 -22.49 8.01 32.58
C GLU A 314 -21.00 8.39 32.48
N HIS A 315 -20.39 8.76 33.61
CA HIS A 315 -18.99 9.13 33.63
C HIS A 315 -18.11 7.90 33.42
N TRP A 316 -18.54 6.75 33.93
CA TRP A 316 -17.79 5.52 33.71
C TRP A 316 -17.93 5.01 32.29
N ASP A 317 -19.08 5.25 31.64
CA ASP A 317 -19.20 4.93 30.23
C ASP A 317 -18.37 5.89 29.37
N TYR A 318 -18.23 7.14 29.81
CA TYR A 318 -17.32 8.05 29.13
C TYR A 318 -15.87 7.63 29.32
N LEU A 319 -15.53 7.08 30.49
CA LEU A 319 -14.21 6.49 30.71
C LEU A 319 -13.99 5.29 29.78
N GLN A 320 -15.04 4.48 29.57
CA GLN A 320 -14.95 3.35 28.65
C GLN A 320 -14.71 3.81 27.22
N LEU A 321 -15.43 4.85 26.79
CA LEU A 321 -15.23 5.39 25.44
C LEU A 321 -13.86 6.05 25.31
N THR A 322 -13.36 6.68 26.38
CA THR A 322 -12.04 7.31 26.33
C THR A 322 -10.93 6.27 26.23
N VAL A 323 -11.00 5.20 27.03
CA VAL A 323 -9.97 4.17 26.97
C VAL A 323 -10.12 3.34 25.70
N ALA A 324 -11.30 3.33 25.07
CA ALA A 324 -11.41 2.73 23.74
C ALA A 324 -10.78 3.62 22.68
N MET A 325 -10.91 4.94 22.84
CA MET A 325 -10.31 5.89 21.90
C MET A 325 -8.80 6.00 22.09
N TYR A 326 -8.27 5.56 23.24
CA TYR A 326 -6.85 5.75 23.55
C TYR A 326 -5.93 4.93 22.65
N ILE A 327 -6.36 3.72 22.27
CA ILE A 327 -5.51 2.89 21.40
C ILE A 327 -6.06 2.78 19.99
N ASN A 328 -7.15 3.48 19.69
CA ASN A 328 -7.78 3.41 18.37
C ASN A 328 -7.71 4.77 17.70
N SER A 329 -7.71 4.75 16.37
CA SER A 329 -7.64 5.98 15.58
C SER A 329 -8.99 6.69 15.54
N GLY A 366 -0.73 1.83 4.16
CA GLY A 366 0.25 2.14 5.20
C GLY A 366 1.50 1.29 5.11
N ASN A 367 1.76 0.76 3.92
CA ASN A 367 2.89 -0.12 3.65
C ASN A 367 3.99 0.60 2.89
N LEU A 368 4.28 1.85 3.28
CA LEU A 368 5.15 2.74 2.54
C LEU A 368 6.64 2.41 2.72
N SER A 369 7.50 3.36 2.33
CA SER A 369 8.93 3.10 2.16
C SER A 369 9.62 2.72 3.47
N GLY A 370 9.62 3.63 4.45
CA GLY A 370 10.11 3.25 5.76
C GLY A 370 11.57 3.55 6.07
N LYS A 371 12.44 2.55 5.87
CA LYS A 371 13.80 2.56 6.40
C LYS A 371 14.65 3.67 5.84
N ARG A 372 15.62 4.11 6.64
CA ARG A 372 16.57 5.15 6.27
C ARG A 372 17.97 4.54 6.36
N VAL A 373 18.68 4.50 5.24
CA VAL A 373 19.90 3.70 5.10
C VAL A 373 21.08 4.64 4.94
N ASP A 374 22.14 4.40 5.74
CA ASP A 374 23.36 5.19 5.64
C ASP A 374 24.12 4.86 4.36
N PHE A 375 25.02 5.78 3.99
CA PHE A 375 25.96 5.65 2.88
C PHE A 375 25.25 5.45 1.54
N SER A 376 24.49 6.47 1.15
CA SER A 376 23.70 6.43 -0.08
C SER A 376 23.69 7.81 -0.73
N GLY A 377 23.37 7.82 -2.02
CA GLY A 377 23.24 9.06 -2.77
C GLY A 377 22.15 8.95 -3.81
N ARG A 378 21.73 10.11 -4.32
CA ARG A 378 20.69 10.17 -5.34
C ARG A 378 21.05 11.29 -6.31
N THR A 379 21.33 10.92 -7.57
CA THR A 379 21.79 11.90 -8.56
C THR A 379 21.16 11.53 -9.90
N VAL A 380 21.10 12.51 -10.82
CA VAL A 380 20.56 12.29 -12.15
C VAL A 380 21.51 11.41 -12.96
N ILE A 381 21.05 10.91 -14.10
CA ILE A 381 21.80 9.98 -14.92
C ILE A 381 22.05 10.58 -16.29
N SER A 382 23.07 10.04 -16.97
CA SER A 382 23.57 10.60 -18.21
C SER A 382 24.04 9.47 -19.11
N PRO A 383 24.09 9.69 -20.42
CA PRO A 383 24.58 8.64 -21.33
C PRO A 383 26.10 8.53 -21.38
N ASP A 384 26.59 7.27 -21.42
CA ASP A 384 28.02 6.98 -21.61
C ASP A 384 28.26 5.57 -22.13
N PRO A 385 28.35 5.36 -23.45
CA PRO A 385 28.78 4.06 -23.98
C PRO A 385 30.28 3.87 -24.08
N ASN A 386 31.10 4.80 -23.59
CA ASN A 386 32.53 4.55 -23.46
C ASN A 386 32.87 3.80 -22.18
N LEU A 387 31.86 3.35 -21.44
CA LEU A 387 32.00 2.68 -20.16
C LEU A 387 31.54 1.24 -20.31
N SER A 388 32.13 0.35 -19.52
CA SER A 388 31.75 -1.06 -19.61
C SER A 388 30.37 -1.28 -18.99
N ILE A 389 29.77 -2.42 -19.32
CA ILE A 389 28.39 -2.67 -18.90
C ILE A 389 28.30 -3.01 -17.42
N ASP A 390 29.40 -3.40 -16.78
CA ASP A 390 29.41 -3.69 -15.35
C ASP A 390 29.91 -2.51 -14.53
N GLU A 391 29.93 -1.31 -15.11
CA GLU A 391 30.49 -0.14 -14.45
C GLU A 391 29.52 1.02 -14.52
N VAL A 392 29.47 1.80 -13.44
CA VAL A 392 28.77 3.08 -13.37
C VAL A 392 29.78 4.11 -12.91
N ALA A 393 29.95 5.17 -13.69
CA ALA A 393 30.90 6.22 -13.36
C ALA A 393 30.35 7.10 -12.25
N VAL A 394 31.13 7.25 -11.19
CA VAL A 394 30.75 8.00 -9.99
C VAL A 394 31.58 9.28 -9.97
N PRO A 395 30.98 10.45 -9.80
CA PRO A 395 31.76 11.68 -9.74
C PRO A 395 32.54 11.79 -8.44
N ASP A 396 33.60 12.60 -8.49
CA ASP A 396 34.51 12.75 -7.36
C ASP A 396 33.97 13.65 -6.26
N ARG A 397 32.77 14.20 -6.41
CA ARG A 397 32.17 15.01 -5.35
C ARG A 397 31.34 14.16 -4.40
N VAL A 398 30.73 13.07 -4.89
CA VAL A 398 30.05 12.13 -4.01
C VAL A 398 30.92 10.93 -3.67
N ALA A 399 32.01 10.70 -4.40
CA ALA A 399 32.99 9.69 -3.99
C ALA A 399 34.08 10.32 -3.13
N LYS A 400 33.65 11.11 -2.16
CA LYS A 400 34.51 11.69 -1.14
C LYS A 400 33.86 11.66 0.23
N VAL A 401 32.53 11.61 0.30
CA VAL A 401 31.81 11.46 1.56
C VAL A 401 31.27 10.04 1.74
N LEU A 402 31.07 9.28 0.66
CA LEU A 402 30.68 7.89 0.74
C LEU A 402 31.93 7.04 0.93
N THR A 403 32.22 6.67 2.17
CA THR A 403 33.44 5.98 2.50
C THR A 403 33.24 4.46 2.47
N TYR A 404 34.35 3.74 2.57
CA TYR A 404 34.33 2.30 2.72
C TYR A 404 35.26 1.97 3.88
N PRO A 405 34.81 1.22 4.87
CA PRO A 405 35.69 0.82 5.98
C PRO A 405 36.60 -0.32 5.57
N GLU A 406 37.90 -0.08 5.65
CA GLU A 406 38.91 -1.09 5.33
C GLU A 406 39.75 -1.35 6.56
N LYS A 407 39.82 -2.62 6.97
CA LYS A 407 40.75 -3.04 8.00
C LYS A 407 42.14 -3.18 7.40
N VAL A 408 43.13 -2.67 8.10
CA VAL A 408 44.51 -2.80 7.66
C VAL A 408 44.99 -4.22 7.96
N THR A 409 45.83 -4.75 7.07
CA THR A 409 46.35 -6.11 7.23
C THR A 409 47.76 -6.12 6.65
N ARG A 410 48.30 -7.33 6.43
CA ARG A 410 49.63 -7.46 5.86
C ARG A 410 49.69 -7.00 4.41
N TYR A 411 48.56 -7.00 3.70
CA TYR A 411 48.55 -6.78 2.25
C TYR A 411 48.03 -5.42 1.86
N ASN A 412 47.83 -4.51 2.82
CA ASN A 412 47.38 -3.16 2.49
C ASN A 412 48.07 -2.08 3.31
N ARG A 413 49.14 -2.41 4.04
CA ARG A 413 49.82 -1.40 4.85
C ARG A 413 50.57 -0.41 3.99
N HIS A 414 51.07 -0.84 2.82
CA HIS A 414 51.79 0.06 1.93
C HIS A 414 50.87 1.09 1.29
N LYS A 415 49.61 0.73 1.06
CA LYS A 415 48.68 1.65 0.39
C LYS A 415 47.99 2.58 1.39
N LEU A 416 47.58 2.06 2.55
CA LEU A 416 46.81 2.84 3.50
C LEU A 416 47.62 3.93 4.18
N GLN A 417 48.95 3.78 4.25
CA GLN A 417 49.78 4.88 4.78
C GLN A 417 49.73 6.09 3.88
N GLU A 418 49.97 5.90 2.57
CA GLU A 418 49.84 6.97 1.60
C GLU A 418 48.41 7.49 1.52
N LEU A 419 47.44 6.60 1.74
CA LEU A 419 46.03 6.98 1.71
C LEU A 419 45.68 7.90 2.88
N ILE A 420 46.27 7.66 4.06
CA ILE A 420 46.06 8.56 5.19
C ILE A 420 46.82 9.86 5.00
N VAL A 421 48.02 9.79 4.41
CA VAL A 421 48.86 10.99 4.22
C VAL A 421 48.22 11.94 3.20
N ASN A 422 47.55 11.39 2.17
CA ASN A 422 46.92 12.25 1.15
C ASN A 422 45.76 13.07 1.72
N GLY A 423 45.06 12.56 2.73
CA GLY A 423 44.09 13.36 3.45
C GLY A 423 42.70 13.31 2.85
N PRO A 424 41.76 14.06 3.43
CA PRO A 424 40.36 13.96 3.01
C PRO A 424 40.01 14.79 1.79
N ASN A 425 40.82 15.77 1.41
CA ASN A 425 40.52 16.64 0.27
C ASN A 425 41.08 16.11 -1.04
N VAL A 426 42.31 15.58 -1.02
CA VAL A 426 42.82 14.83 -2.16
C VAL A 426 42.04 13.53 -2.26
N HIS A 427 41.60 13.19 -3.48
CA HIS A 427 40.62 12.11 -3.65
C HIS A 427 41.13 10.71 -3.30
N PRO A 428 42.38 10.29 -3.67
CA PRO A 428 42.78 8.99 -3.09
C PRO A 428 43.22 9.14 -1.63
N GLY A 429 42.23 9.23 -0.74
CA GLY A 429 42.47 9.54 0.65
C GLY A 429 41.48 8.86 1.56
N ALA A 430 41.28 9.45 2.74
CA ALA A 430 40.39 8.88 3.74
C ALA A 430 39.85 10.01 4.61
N ASN A 431 38.69 9.78 5.21
CA ASN A 431 38.01 10.77 6.02
C ASN A 431 38.10 10.52 7.51
N TYR A 432 38.05 9.27 7.94
CA TYR A 432 38.04 8.93 9.37
C TYR A 432 39.06 7.83 9.64
N LEU A 433 39.19 7.47 10.91
CA LEU A 433 40.08 6.40 11.34
C LEU A 433 39.56 5.84 12.65
N LEU A 434 39.64 4.53 12.81
CA LEU A 434 39.20 3.85 14.01
C LEU A 434 40.35 3.03 14.56
N LYS A 435 40.70 3.26 15.82
CA LYS A 435 41.82 2.58 16.43
C LYS A 435 41.46 1.14 16.79
N ARG A 436 42.50 0.35 17.11
CA ARG A 436 42.30 -1.06 17.42
C ARG A 436 41.71 -1.24 18.81
N ASN A 437 42.22 -0.50 19.79
CA ASN A 437 41.69 -0.55 21.14
C ASN A 437 40.57 0.45 21.39
N GLU A 438 40.04 1.07 20.32
CA GLU A 438 38.92 2.00 20.31
C GLU A 438 39.22 3.21 21.22
N ASP A 439 40.21 3.99 20.77
CA ASP A 439 40.45 5.29 21.37
C ASP A 439 39.26 6.23 21.13
N ALA A 440 39.02 6.54 19.86
CA ALA A 440 37.84 7.29 19.41
C ALA A 440 37.67 6.99 17.92
N ARG A 441 36.83 7.78 17.25
CA ARG A 441 36.75 7.78 15.79
C ARG A 441 37.53 8.99 15.32
N ARG A 442 38.82 8.80 15.07
CA ARG A 442 39.72 9.89 14.76
C ARG A 442 39.49 10.36 13.33
N ASN A 443 38.99 11.59 13.18
CA ASN A 443 38.84 12.16 11.86
C ASN A 443 40.15 12.78 11.39
N LEU A 444 40.37 12.72 10.07
CA LEU A 444 41.60 13.22 9.48
C LEU A 444 41.47 14.67 9.02
N ARG A 445 40.97 15.52 9.89
CA ARG A 445 40.78 16.91 9.49
C ARG A 445 41.35 17.89 10.50
N TYR A 446 41.25 17.60 11.80
CA TYR A 446 41.67 18.53 12.85
C TYR A 446 42.95 18.00 13.47
N GLY A 447 44.08 18.42 12.91
CA GLY A 447 45.37 18.00 13.42
C GLY A 447 45.66 16.54 13.08
N ASP A 448 46.65 16.00 13.78
CA ASP A 448 47.10 14.60 13.69
C ASP A 448 47.53 14.26 12.27
N ARG A 449 48.64 14.87 11.87
CA ARG A 449 49.18 14.79 10.51
C ARG A 449 49.91 13.46 10.27
N MET A 450 50.75 13.43 9.24
CA MET A 450 51.38 12.22 8.68
C MET A 450 52.11 11.30 9.66
N LYS A 451 52.39 11.76 10.88
CA LYS A 451 52.86 10.86 11.92
C LYS A 451 51.79 9.84 12.33
N LEU A 452 50.51 10.18 12.14
CA LEU A 452 49.43 9.25 12.47
C LEU A 452 49.41 8.05 11.52
N ALA A 453 49.85 8.24 10.28
CA ALA A 453 49.98 7.15 9.33
C ALA A 453 51.21 6.28 9.57
N LYS A 454 52.10 6.70 10.46
CA LYS A 454 53.35 5.98 10.68
C LYS A 454 53.20 4.82 11.66
N ASN A 455 52.27 4.92 12.61
CA ASN A 455 52.10 3.83 13.58
C ASN A 455 51.29 2.70 12.95
N LEU A 456 50.00 2.95 12.70
CA LEU A 456 49.07 2.10 11.95
C LEU A 456 49.07 0.64 12.45
N GLN A 457 48.55 0.48 13.68
CA GLN A 457 48.44 -0.86 14.27
C GLN A 457 47.53 -1.75 13.44
N ILE A 458 47.77 -3.06 13.52
CA ILE A 458 47.26 -4.02 12.55
C ILE A 458 45.75 -4.26 12.63
N GLY A 459 45.09 -3.78 13.69
CA GLY A 459 43.66 -3.88 13.78
C GLY A 459 42.91 -2.60 13.48
N ASP A 460 43.59 -1.59 12.97
CA ASP A 460 42.95 -0.29 12.73
C ASP A 460 42.03 -0.35 11.52
N VAL A 461 40.95 0.42 11.59
CA VAL A 461 39.95 0.47 10.53
C VAL A 461 39.90 1.89 10.00
N VAL A 462 40.30 2.08 8.75
CA VAL A 462 40.21 3.38 8.13
C VAL A 462 38.92 3.43 7.31
N GLU A 463 38.52 4.64 6.92
CA GLU A 463 37.35 4.81 6.08
C GLU A 463 37.80 5.54 4.82
N ARG A 464 38.19 4.76 3.82
CA ARG A 464 38.75 5.32 2.61
C ARG A 464 37.66 5.86 1.70
N HIS A 465 38.08 6.66 0.72
CA HIS A 465 37.17 7.16 -0.29
C HIS A 465 36.74 6.04 -1.24
N LEU A 466 35.65 6.28 -1.94
CA LEU A 466 35.20 5.38 -2.99
C LEU A 466 36.16 5.48 -4.17
N GLU A 467 36.80 4.38 -4.52
CA GLU A 467 37.82 4.40 -5.55
C GLU A 467 37.38 3.57 -6.76
N ASP A 468 38.30 3.45 -7.72
CA ASP A 468 38.05 2.69 -8.93
C ASP A 468 38.03 1.19 -8.60
N GLY A 469 37.00 0.50 -9.10
CA GLY A 469 36.90 -0.93 -8.91
C GLY A 469 36.11 -1.38 -7.71
N ASP A 470 35.49 -0.45 -6.98
CA ASP A 470 34.77 -0.81 -5.76
C ASP A 470 33.34 -1.22 -6.10
N VAL A 471 32.88 -2.28 -5.44
CA VAL A 471 31.55 -2.82 -5.69
C VAL A 471 30.50 -1.88 -5.12
N VAL A 472 29.54 -1.51 -5.95
CA VAL A 472 28.51 -0.54 -5.59
C VAL A 472 27.20 -0.97 -6.24
N LEU A 473 26.10 -0.84 -5.51
CA LEU A 473 24.80 -1.24 -6.03
C LEU A 473 23.98 0.00 -6.38
N PHE A 474 23.12 -0.15 -7.37
CA PHE A 474 22.60 0.98 -8.12
C PHE A 474 21.14 0.72 -8.46
N ASN A 475 20.29 1.70 -8.21
CA ASN A 475 18.86 1.47 -8.06
C ASN A 475 18.06 2.59 -8.72
N ARG A 476 16.85 2.25 -9.15
CA ARG A 476 15.85 3.23 -9.56
C ARG A 476 14.58 3.02 -8.72
N GLN A 477 14.04 4.12 -8.18
CA GLN A 477 13.04 4.14 -7.12
C GLN A 477 11.72 3.44 -7.48
N PRO A 478 11.15 3.57 -8.71
CA PRO A 478 10.05 2.61 -8.99
C PRO A 478 10.58 1.22 -9.37
N SER A 479 10.89 0.43 -8.34
CA SER A 479 11.44 -0.90 -8.53
C SER A 479 10.31 -1.87 -8.83
N LEU A 480 10.25 -2.38 -10.06
CA LEU A 480 9.21 -3.31 -10.47
C LEU A 480 9.63 -4.75 -10.23
N HIS A 481 10.76 -5.15 -10.79
CA HIS A 481 11.23 -6.54 -10.67
C HIS A 481 12.70 -6.57 -10.26
N ARG A 482 13.32 -7.77 -10.29
CA ARG A 482 14.64 -7.92 -9.72
C ARG A 482 15.76 -7.36 -10.59
N LEU A 483 15.47 -6.95 -11.83
CA LEU A 483 16.45 -6.24 -12.65
C LEU A 483 16.39 -4.73 -12.45
N SER A 484 15.76 -4.27 -11.37
CA SER A 484 15.76 -2.84 -11.04
C SER A 484 16.85 -2.46 -10.04
N ILE A 485 17.44 -3.44 -9.36
CA ILE A 485 18.56 -3.21 -8.46
C ILE A 485 19.70 -4.11 -8.93
N LEU A 486 20.64 -3.57 -9.68
CA LEU A 486 21.84 -4.29 -10.07
C LEU A 486 23.01 -3.80 -9.23
N SER A 487 24.20 -4.30 -9.53
CA SER A 487 25.41 -3.91 -8.83
C SER A 487 26.54 -3.74 -9.83
N HIS A 488 27.31 -2.68 -9.67
CA HIS A 488 28.28 -2.25 -10.66
C HIS A 488 29.67 -2.12 -10.03
N TYR A 489 30.64 -1.75 -10.87
CA TYR A 489 31.93 -1.28 -10.42
C TYR A 489 31.96 0.24 -10.52
N ALA A 490 32.77 0.86 -9.68
CA ALA A 490 32.85 2.31 -9.67
C ALA A 490 33.96 2.80 -10.60
N LYS A 491 33.87 4.07 -10.98
CA LYS A 491 34.91 4.72 -11.79
C LYS A 491 34.80 6.22 -11.53
N ILE A 492 35.91 6.84 -11.18
CA ILE A 492 35.89 8.21 -10.68
C ILE A 492 36.11 9.18 -11.84
N ARG A 493 35.20 10.15 -11.97
CA ARG A 493 35.12 10.99 -13.17
C ARG A 493 34.89 12.47 -12.84
N PRO A 494 34.95 13.36 -13.83
CA PRO A 494 34.30 14.69 -13.75
C PRO A 494 32.78 14.65 -13.78
N TRP A 495 32.16 15.75 -14.24
CA TRP A 495 30.91 16.39 -13.82
C TRP A 495 29.82 15.54 -13.18
N ARG A 496 29.15 16.15 -12.19
CA ARG A 496 28.43 15.52 -11.10
C ARG A 496 27.16 14.76 -11.48
N THR A 497 27.29 13.68 -12.23
CA THR A 497 26.12 12.89 -12.61
C THR A 497 26.47 11.41 -12.65
N PHE A 498 25.48 10.57 -12.35
CA PHE A 498 25.65 9.12 -12.34
C PHE A 498 25.43 8.59 -13.75
N ARG A 499 26.44 8.77 -14.59
CA ARG A 499 26.34 8.32 -15.97
C ARG A 499 26.61 6.82 -16.07
N LEU A 500 25.97 6.18 -17.05
CA LEU A 500 26.04 4.73 -17.19
C LEU A 500 25.81 4.39 -18.66
N ASN A 501 26.02 3.11 -18.98
CA ASN A 501 25.90 2.63 -20.34
C ASN A 501 24.41 2.49 -20.71
N GLU A 502 24.14 2.32 -22.00
CA GLU A 502 22.77 2.22 -22.48
C GLU A 502 22.35 0.81 -22.83
N CYS A 503 23.28 -0.15 -22.82
CA CYS A 503 22.86 -1.54 -22.87
C CYS A 503 22.26 -1.98 -21.54
N VAL A 504 22.57 -1.27 -20.46
CA VAL A 504 22.11 -1.63 -19.13
C VAL A 504 20.95 -0.74 -18.65
N CYS A 505 20.51 0.22 -19.45
CA CYS A 505 19.44 1.12 -19.02
C CYS A 505 18.05 0.56 -19.30
N THR A 506 17.94 -0.43 -20.17
CA THR A 506 16.69 -1.13 -20.45
C THR A 506 16.13 -1.91 -19.25
N PRO A 507 16.92 -2.66 -18.44
CA PRO A 507 16.30 -3.26 -17.24
C PRO A 507 15.91 -2.26 -16.16
N TYR A 508 16.52 -1.08 -16.10
CA TYR A 508 16.07 -0.06 -15.17
C TYR A 508 14.84 0.68 -15.66
N ASN A 509 14.44 0.48 -16.92
CA ASN A 509 13.44 1.27 -17.63
C ASN A 509 13.79 2.76 -17.59
N ALA A 510 14.95 3.07 -18.17
CA ALA A 510 15.48 4.43 -18.19
C ALA A 510 15.20 5.08 -19.54
N ASP A 511 14.65 6.29 -19.49
CA ASP A 511 14.22 7.06 -20.66
C ASP A 511 14.70 8.51 -20.50
N PHE A 512 16.01 8.67 -20.35
CA PHE A 512 16.71 9.49 -19.36
C PHE A 512 16.01 10.76 -18.89
N ASP A 513 15.79 11.73 -19.80
CA ASP A 513 15.03 12.99 -19.69
C ASP A 513 15.07 13.69 -18.32
N GLY A 514 16.19 13.63 -17.63
CA GLY A 514 16.29 14.18 -16.30
C GLY A 514 15.77 13.31 -15.18
N ASP A 515 15.98 11.99 -15.24
CA ASP A 515 15.55 11.12 -14.16
C ASP A 515 16.70 10.88 -13.17
N GLU A 516 16.34 10.64 -11.92
CA GLU A 516 17.29 10.44 -10.84
C GLU A 516 17.37 8.96 -10.49
N MET A 517 18.51 8.55 -9.96
CA MET A 517 18.71 7.19 -9.49
C MET A 517 19.50 7.19 -8.18
N ASN A 518 19.30 6.12 -7.41
CA ASN A 518 19.89 5.92 -6.10
C ASN A 518 21.13 5.04 -6.20
N LEU A 519 22.02 5.20 -5.22
CA LEU A 519 23.30 4.52 -5.21
C LEU A 519 23.66 4.18 -3.77
N HIS A 520 23.96 2.90 -3.51
CA HIS A 520 24.29 2.42 -2.18
C HIS A 520 25.62 1.68 -2.23
N VAL A 521 26.44 1.86 -1.20
CA VAL A 521 27.70 1.13 -1.05
C VAL A 521 27.57 0.18 0.12
N PRO A 522 27.90 -1.10 -0.03
CA PRO A 522 27.94 -2.01 1.11
C PRO A 522 29.13 -1.72 2.01
N GLN A 523 28.93 -1.93 3.31
CA GLN A 523 29.89 -1.51 4.33
C GLN A 523 30.58 -2.68 5.02
N THR A 524 30.54 -3.87 4.43
CA THR A 524 31.20 -5.03 5.02
C THR A 524 31.78 -5.90 3.91
N GLU A 525 32.63 -6.85 4.31
CA GLU A 525 33.33 -7.70 3.36
C GLU A 525 32.50 -8.87 2.86
N GLU A 526 31.34 -9.13 3.46
CA GLU A 526 30.53 -10.28 3.10
C GLU A 526 29.34 -9.92 2.21
N ALA A 527 28.72 -8.77 2.46
CA ALA A 527 27.68 -8.28 1.56
C ALA A 527 28.25 -7.69 0.28
N ARG A 528 29.52 -7.30 0.29
CA ARG A 528 30.17 -6.81 -0.93
C ARG A 528 30.43 -7.96 -1.89
N ALA A 529 30.65 -9.17 -1.37
CA ALA A 529 30.88 -10.33 -2.21
C ALA A 529 29.59 -10.89 -2.81
N GLU A 530 28.45 -10.61 -2.20
CA GLU A 530 27.18 -11.08 -2.74
C GLU A 530 26.58 -10.13 -3.76
N ALA A 531 26.96 -8.86 -3.75
CA ALA A 531 26.48 -7.95 -4.78
C ALA A 531 27.14 -8.23 -6.13
N ILE A 532 28.39 -8.69 -6.12
CA ILE A 532 29.14 -8.81 -7.37
C ILE A 532 29.08 -10.23 -7.95
N ASN A 533 28.63 -11.22 -7.18
CA ASN A 533 28.65 -12.61 -7.63
C ASN A 533 27.29 -13.09 -8.14
N LEU A 534 26.26 -13.03 -7.29
CA LEU A 534 24.94 -13.49 -7.68
C LEU A 534 23.96 -12.34 -7.90
N MET A 535 24.46 -11.11 -7.96
CA MET A 535 23.63 -9.93 -8.11
C MET A 535 24.18 -8.96 -9.14
N GLY A 536 25.42 -9.12 -9.58
CA GLY A 536 26.04 -8.21 -10.52
C GLY A 536 25.43 -8.29 -11.92
N VAL A 537 25.93 -7.39 -12.78
CA VAL A 537 25.34 -7.21 -14.10
C VAL A 537 25.71 -8.35 -15.04
N LYS A 538 26.97 -8.81 -14.98
CA LYS A 538 27.42 -9.88 -15.86
C LYS A 538 26.78 -11.22 -15.54
N ASN A 539 26.27 -11.40 -14.33
CA ASN A 539 25.60 -12.64 -13.95
C ASN A 539 24.07 -12.54 -14.06
N ASN A 540 23.56 -11.46 -14.64
CA ASN A 540 22.12 -11.24 -14.77
C ASN A 540 21.77 -10.78 -16.18
N LEU A 541 22.28 -11.50 -17.18
CA LEU A 541 22.00 -11.14 -18.57
C LEU A 541 20.63 -11.60 -19.04
N LEU A 542 19.87 -12.31 -18.22
CA LEU A 542 18.54 -12.79 -18.61
C LEU A 542 17.51 -12.26 -17.62
N THR A 543 16.33 -11.95 -18.12
CA THR A 543 15.25 -11.77 -17.14
C THR A 543 14.72 -13.15 -16.72
N PRO A 544 14.39 -13.33 -15.44
CA PRO A 544 13.86 -14.62 -14.99
C PRO A 544 12.39 -14.82 -15.32
N LYS A 545 11.72 -13.84 -15.91
CA LYS A 545 10.29 -13.97 -16.22
C LYS A 545 10.06 -14.96 -17.35
N SER A 546 10.93 -14.95 -18.37
CA SER A 546 10.79 -15.86 -19.50
C SER A 546 12.09 -16.51 -19.93
N GLY A 547 13.24 -16.09 -19.42
CA GLY A 547 14.52 -16.58 -19.87
C GLY A 547 15.10 -15.84 -21.04
N GLU A 548 14.35 -14.92 -21.65
CA GLU A 548 14.85 -14.11 -22.74
C GLU A 548 15.87 -13.09 -22.23
N PRO A 549 16.79 -12.64 -23.08
CA PRO A 549 17.70 -11.56 -22.66
C PRO A 549 16.99 -10.22 -22.61
N ILE A 550 17.05 -9.57 -21.45
CA ILE A 550 16.44 -8.26 -21.26
C ILE A 550 17.48 -7.13 -21.33
N ILE A 551 18.75 -7.42 -21.07
CA ILE A 551 19.79 -6.41 -20.98
C ILE A 551 20.77 -6.69 -22.12
N ALA A 552 20.62 -5.93 -23.21
CA ALA A 552 21.35 -6.18 -24.44
C ALA A 552 21.42 -4.87 -25.21
N ALA A 553 21.72 -4.96 -26.50
CA ALA A 553 21.90 -3.77 -27.34
C ALA A 553 20.62 -2.96 -27.46
N THR A 554 20.78 -1.67 -27.69
CA THR A 554 19.65 -0.74 -27.66
C THR A 554 19.56 0.07 -28.94
N GLN A 555 18.75 1.12 -28.90
CA GLN A 555 18.28 1.98 -29.99
C GLN A 555 19.31 2.37 -31.03
N ASP A 556 20.29 3.21 -30.68
CA ASP A 556 21.24 3.67 -31.68
C ASP A 556 22.30 2.62 -31.99
N PHE A 557 22.34 1.54 -31.21
CA PHE A 557 23.23 0.43 -31.49
C PHE A 557 22.59 -0.55 -32.47
N ILE A 558 21.31 -0.37 -32.78
CA ILE A 558 20.67 -1.20 -33.81
C ILE A 558 20.82 -0.57 -35.18
N THR A 559 20.48 0.72 -35.31
CA THR A 559 20.62 1.42 -36.57
C THR A 559 22.08 1.68 -36.95
N GLY A 560 23.00 1.60 -36.00
CA GLY A 560 24.41 1.60 -36.34
C GLY A 560 24.92 0.26 -36.79
N SER A 561 24.13 -0.79 -36.57
CA SER A 561 24.47 -2.12 -37.04
C SER A 561 23.76 -2.50 -38.32
N TYR A 562 22.62 -1.87 -38.61
CA TYR A 562 21.95 -2.08 -39.88
C TYR A 562 22.67 -1.39 -41.02
N LEU A 563 23.38 -0.29 -40.73
CA LEU A 563 24.05 0.46 -41.79
C LEU A 563 25.42 -0.13 -42.14
N ILE A 564 26.08 -0.78 -41.17
CA ILE A 564 27.33 -1.47 -41.48
C ILE A 564 27.05 -2.75 -42.28
N SER A 565 26.14 -3.57 -41.78
CA SER A 565 25.83 -4.86 -42.39
C SER A 565 24.84 -4.76 -43.54
N HIS A 566 24.53 -3.55 -44.02
CA HIS A 566 23.75 -3.41 -45.24
C HIS A 566 24.58 -3.87 -46.42
N LYS A 567 23.90 -4.34 -47.47
CA LYS A 567 24.60 -4.96 -48.59
C LYS A 567 25.33 -3.94 -49.46
N ASP A 568 24.95 -2.67 -49.39
CA ASP A 568 25.61 -1.61 -50.15
C ASP A 568 26.79 -0.98 -49.41
N SER A 569 27.45 -1.74 -48.52
CA SER A 569 28.58 -1.24 -47.74
C SER A 569 29.81 -2.06 -48.12
N PHE A 570 30.79 -1.40 -48.73
CA PHE A 570 32.05 -2.02 -49.11
C PHE A 570 33.18 -1.13 -48.63
N TYR A 571 34.03 -1.67 -47.77
CA TYR A 571 35.01 -0.86 -47.07
C TYR A 571 36.40 -1.03 -47.69
N ASP A 572 37.39 -0.40 -47.06
CA ASP A 572 38.74 -0.34 -47.58
C ASP A 572 39.66 -0.17 -46.39
N ARG A 573 40.96 -0.40 -46.61
CA ARG A 573 41.92 -0.36 -45.50
C ARG A 573 42.12 1.05 -44.94
N ALA A 574 41.76 2.09 -45.68
CA ALA A 574 41.69 3.42 -45.11
C ALA A 574 40.49 3.60 -44.20
N THR A 575 39.51 2.68 -44.26
CA THR A 575 38.31 2.73 -43.44
C THR A 575 38.16 1.54 -42.52
N LEU A 576 38.42 0.32 -43.02
CA LEU A 576 38.24 -0.90 -42.24
C LEU A 576 39.17 -0.96 -41.04
N THR A 577 40.42 -0.54 -41.22
CA THR A 577 41.38 -0.46 -40.13
C THR A 577 40.91 0.50 -39.05
N GLN A 578 40.35 1.64 -39.45
CA GLN A 578 39.80 2.59 -38.49
C GLN A 578 38.56 2.02 -37.80
N LEU A 579 37.75 1.24 -38.53
CA LEU A 579 36.58 0.59 -37.93
C LEU A 579 36.99 -0.43 -36.88
N LEU A 580 38.07 -1.17 -37.13
CA LEU A 580 38.54 -2.13 -36.14
C LEU A 580 39.24 -1.44 -34.97
N SER A 581 39.80 -0.26 -35.20
CA SER A 581 40.45 0.45 -34.11
C SER A 581 39.46 1.20 -33.22
N MET A 582 38.32 1.63 -33.77
CA MET A 582 37.33 2.34 -32.98
C MET A 582 36.54 1.44 -32.04
N MET A 583 36.47 0.14 -32.31
CA MET A 583 35.68 -0.76 -31.48
C MET A 583 36.45 -1.32 -30.29
N SER A 584 37.78 -1.24 -30.30
CA SER A 584 38.58 -1.80 -29.23
C SER A 584 39.63 -0.81 -28.76
N ASP A 585 39.29 0.50 -28.85
CA ASP A 585 40.01 1.72 -28.46
C ASP A 585 41.52 1.64 -28.58
N GLY A 586 41.99 1.18 -29.74
CA GLY A 586 43.40 0.89 -29.89
C GLY A 586 43.73 -0.57 -29.67
N ILE A 587 44.09 -0.90 -28.43
CA ILE A 587 44.83 -2.11 -28.09
C ILE A 587 44.02 -3.40 -28.20
N GLU A 588 44.15 -4.08 -29.34
CA GLU A 588 43.65 -5.43 -29.61
C GLU A 588 44.28 -5.92 -30.89
N HIS A 589 44.75 -7.16 -30.89
CA HIS A 589 45.38 -7.75 -32.07
C HIS A 589 44.31 -8.36 -32.96
N PHE A 590 44.23 -7.88 -34.20
CA PHE A 590 43.24 -8.33 -35.16
C PHE A 590 43.92 -9.07 -36.30
N ASP A 591 43.24 -10.10 -36.82
CA ASP A 591 43.67 -10.84 -37.99
C ASP A 591 42.75 -10.46 -39.14
N ILE A 592 43.26 -9.67 -40.09
CA ILE A 592 42.48 -9.20 -41.23
C ILE A 592 42.23 -10.36 -42.18
N PRO A 593 40.98 -10.69 -42.47
CA PRO A 593 40.69 -11.77 -43.40
C PRO A 593 40.93 -11.34 -44.83
N PRO A 594 41.12 -12.28 -45.76
CA PRO A 594 41.18 -11.91 -47.16
C PRO A 594 39.84 -11.37 -47.64
N PRO A 595 39.85 -10.39 -48.55
CA PRO A 595 38.64 -9.64 -48.84
C PRO A 595 37.64 -10.41 -49.70
N ALA A 596 36.39 -9.98 -49.62
CA ALA A 596 35.34 -10.59 -50.42
C ALA A 596 35.36 -10.13 -51.87
N ILE A 597 35.99 -8.98 -52.14
CA ILE A 597 36.23 -8.53 -53.51
C ILE A 597 37.73 -8.32 -53.64
N MET A 598 38.27 -8.64 -54.82
CA MET A 598 39.69 -8.76 -55.08
C MET A 598 39.98 -8.03 -56.39
N LYS A 599 40.90 -8.55 -57.21
CA LYS A 599 41.79 -7.97 -58.23
C LYS A 599 41.37 -6.67 -58.93
N PRO A 600 40.07 -6.42 -59.34
CA PRO A 600 39.71 -5.03 -59.68
C PRO A 600 39.94 -4.04 -58.54
N TYR A 601 39.23 -4.20 -57.42
CA TYR A 601 39.35 -3.34 -56.25
C TYR A 601 39.33 -4.22 -55.00
N TYR A 602 40.35 -4.08 -54.16
CA TYR A 602 40.38 -4.82 -52.89
C TYR A 602 39.34 -4.22 -51.94
N LEU A 603 38.18 -4.88 -51.84
CA LEU A 603 37.07 -4.35 -51.06
C LEU A 603 36.60 -5.38 -50.04
N TRP A 604 36.39 -4.92 -48.81
CA TRP A 604 35.86 -5.73 -47.73
C TRP A 604 34.40 -5.36 -47.48
N THR A 605 33.54 -6.37 -47.35
CA THR A 605 32.12 -6.12 -47.14
C THR A 605 31.86 -5.69 -45.70
N GLY A 606 30.62 -5.32 -45.41
CA GLY A 606 30.25 -4.84 -44.10
C GLY A 606 29.92 -5.95 -43.14
N LYS A 607 29.63 -7.15 -43.66
CA LYS A 607 29.39 -8.29 -42.81
C LYS A 607 30.67 -8.95 -42.32
N GLN A 608 31.82 -8.53 -42.84
CA GLN A 608 33.11 -8.97 -42.34
C GLN A 608 33.62 -8.11 -41.19
N VAL A 609 32.86 -7.09 -40.79
CA VAL A 609 33.17 -6.33 -39.58
C VAL A 609 32.55 -6.99 -38.36
N PHE A 610 31.27 -7.37 -38.44
CA PHE A 610 30.64 -8.12 -37.36
C PHE A 610 31.12 -9.55 -37.30
N SER A 611 31.59 -10.11 -38.42
CA SER A 611 32.29 -11.38 -38.38
C SER A 611 33.61 -11.30 -37.64
N LEU A 612 34.18 -10.10 -37.54
CA LEU A 612 35.49 -9.93 -36.94
C LEU A 612 35.40 -9.51 -35.47
N LEU A 613 34.36 -8.78 -35.07
CA LEU A 613 34.25 -8.38 -33.67
C LEU A 613 33.75 -9.50 -32.77
N ILE A 614 33.13 -10.53 -33.34
CA ILE A 614 32.80 -11.72 -32.55
C ILE A 614 34.08 -12.49 -32.23
N LYS A 615 34.91 -12.72 -33.24
CA LYS A 615 36.18 -13.43 -33.08
C LYS A 615 37.29 -12.63 -33.76
N PRO A 616 38.04 -11.83 -33.00
CA PRO A 616 39.11 -11.02 -33.60
C PRO A 616 40.26 -11.83 -34.17
N ASN A 617 40.85 -12.72 -33.37
CA ASN A 617 42.03 -13.46 -33.78
C ASN A 617 41.88 -14.92 -33.37
N HIS A 618 42.95 -15.68 -33.52
CA HIS A 618 42.94 -17.10 -33.18
C HIS A 618 42.97 -17.35 -31.69
N ASN A 619 43.33 -16.35 -30.88
CA ASN A 619 43.44 -16.54 -29.44
C ASN A 619 42.08 -16.59 -28.75
N SER A 620 41.03 -16.07 -29.38
CA SER A 620 39.70 -16.14 -28.79
C SER A 620 39.00 -17.40 -29.29
N PRO A 621 38.37 -18.18 -28.40
CA PRO A 621 37.81 -19.48 -28.80
C PRO A 621 36.38 -19.39 -29.31
N VAL A 622 35.91 -18.19 -29.64
CA VAL A 622 34.49 -17.94 -29.86
C VAL A 622 34.09 -18.49 -31.22
N VAL A 623 33.30 -19.57 -31.21
CA VAL A 623 32.73 -20.15 -32.41
C VAL A 623 31.22 -20.13 -32.26
N ILE A 624 30.54 -19.37 -33.11
CA ILE A 624 29.10 -19.13 -33.02
C ILE A 624 28.43 -19.72 -34.25
N ASN A 625 27.40 -20.54 -34.02
CA ASN A 625 26.81 -21.35 -35.09
C ASN A 625 25.29 -21.32 -35.05
N LEU A 626 24.70 -20.13 -34.96
CA LEU A 626 23.24 -20.04 -34.95
C LEU A 626 22.72 -19.51 -36.29
N ASP A 627 21.43 -19.70 -36.51
CA ASP A 627 20.75 -19.18 -37.70
C ASP A 627 19.27 -19.00 -37.42
N ALA A 628 18.75 -17.79 -37.63
CA ALA A 628 17.34 -17.51 -37.39
C ALA A 628 16.95 -16.27 -38.17
N LYS A 629 15.64 -16.16 -38.44
CA LYS A 629 15.13 -15.04 -39.23
C LYS A 629 15.00 -13.79 -38.36
N ASN A 630 15.16 -12.65 -39.01
CA ASN A 630 15.15 -11.34 -38.36
C ASN A 630 13.74 -10.73 -38.45
N LYS A 631 13.63 -9.42 -38.24
CA LYS A 631 12.39 -8.69 -38.51
C LYS A 631 12.19 -8.53 -40.01
N VAL A 632 11.23 -7.68 -40.39
CA VAL A 632 10.25 -7.88 -41.47
C VAL A 632 10.81 -8.60 -42.69
N PHE A 633 10.17 -9.69 -43.06
CA PHE A 633 10.77 -10.74 -43.86
C PHE A 633 9.89 -11.06 -45.06
N VAL A 634 10.53 -11.36 -46.18
CA VAL A 634 9.86 -11.65 -47.45
C VAL A 634 10.14 -13.10 -47.80
N PRO A 635 9.14 -13.90 -48.14
CA PRO A 635 9.39 -15.26 -48.66
C PRO A 635 10.13 -15.19 -49.99
N PRO A 636 11.12 -16.08 -50.21
CA PRO A 636 12.00 -15.96 -51.39
C PRO A 636 11.29 -16.09 -52.73
N LYS A 637 10.77 -17.28 -53.00
CA LYS A 637 9.95 -17.55 -54.19
C LYS A 637 8.82 -18.51 -53.89
N SER A 638 8.66 -18.95 -52.63
CA SER A 638 7.80 -20.04 -52.13
C SER A 638 8.17 -21.41 -52.68
N LYS A 639 9.26 -21.49 -53.45
CA LYS A 639 9.78 -22.71 -54.02
C LYS A 639 11.23 -22.99 -53.64
N SER A 640 12.03 -21.95 -53.38
CA SER A 640 13.41 -22.12 -52.95
C SER A 640 13.41 -22.64 -51.52
N LEU A 641 13.83 -23.89 -51.35
CA LEU A 641 13.94 -24.50 -50.04
C LEU A 641 14.85 -23.80 -49.02
N PRO A 642 15.98 -23.16 -49.36
CA PRO A 642 16.65 -22.34 -48.34
C PRO A 642 15.87 -21.09 -48.02
N ASN A 643 15.84 -20.76 -46.73
CA ASN A 643 15.04 -19.65 -46.22
C ASN A 643 15.71 -18.30 -46.42
N GLU A 644 16.92 -18.27 -46.98
CA GLU A 644 17.73 -17.06 -47.07
C GLU A 644 17.93 -16.59 -48.51
N MET A 645 17.10 -17.04 -49.44
CA MET A 645 17.06 -16.52 -50.80
C MET A 645 16.06 -15.39 -50.96
N SER A 646 15.80 -14.63 -49.89
CA SER A 646 14.72 -13.65 -49.84
C SER A 646 15.00 -12.44 -50.72
N GLN A 647 13.94 -11.67 -50.98
CA GLN A 647 14.07 -10.43 -51.75
C GLN A 647 14.89 -9.40 -50.99
N ASN A 648 14.64 -9.28 -49.69
CA ASN A 648 15.47 -8.47 -48.81
C ASN A 648 16.65 -9.33 -48.31
N ASP A 649 17.36 -8.83 -47.31
CA ASP A 649 18.46 -9.61 -46.74
C ASP A 649 17.91 -10.77 -45.91
N GLY A 650 17.09 -10.46 -44.92
CA GLY A 650 16.30 -11.45 -44.22
C GLY A 650 17.05 -12.45 -43.37
N PHE A 651 17.00 -13.72 -43.76
CA PHE A 651 17.42 -14.82 -42.91
C PHE A 651 18.94 -14.82 -42.74
N VAL A 652 19.37 -15.02 -41.50
CA VAL A 652 20.74 -14.79 -41.07
C VAL A 652 21.44 -16.13 -40.88
N ILE A 653 22.63 -16.28 -41.46
CA ILE A 653 23.46 -17.47 -41.31
C ILE A 653 24.75 -17.05 -40.63
N ILE A 654 25.07 -17.67 -39.50
CA ILE A 654 26.36 -17.50 -38.84
C ILE A 654 26.95 -18.88 -38.63
N ARG A 655 28.10 -19.14 -39.25
CA ARG A 655 28.78 -20.45 -39.19
C ARG A 655 30.24 -20.23 -38.83
N GLY A 656 30.58 -20.48 -37.56
CA GLY A 656 31.95 -20.34 -37.11
C GLY A 656 32.38 -18.90 -36.94
N SER A 657 31.55 -18.11 -36.27
CA SER A 657 31.75 -16.67 -36.02
C SER A 657 31.92 -15.88 -37.31
N GLN A 658 31.17 -16.28 -38.34
CA GLN A 658 31.20 -15.62 -39.65
C GLN A 658 29.78 -15.43 -40.14
N ILE A 659 29.36 -14.18 -40.28
CA ILE A 659 28.03 -13.88 -40.82
C ILE A 659 28.04 -14.14 -42.32
N LEU A 660 27.17 -15.03 -42.78
CA LEU A 660 27.07 -15.28 -44.21
C LEU A 660 25.98 -14.45 -44.87
N SER A 661 24.94 -14.08 -44.14
CA SER A 661 23.81 -13.34 -44.71
C SER A 661 23.09 -12.60 -43.60
N GLY A 662 22.22 -11.68 -44.01
CA GLY A 662 21.32 -11.00 -43.09
C GLY A 662 21.90 -9.81 -42.35
N VAL A 663 21.04 -8.87 -42.00
CA VAL A 663 21.46 -7.66 -41.28
C VAL A 663 21.34 -7.89 -39.78
N MET A 664 21.98 -7.01 -39.01
CA MET A 664 21.97 -7.09 -37.55
C MET A 664 20.96 -6.09 -36.99
N ASP A 665 19.71 -6.54 -36.92
CA ASP A 665 18.62 -5.75 -36.38
C ASP A 665 18.30 -6.19 -34.96
N LYS A 666 17.14 -5.75 -34.44
CA LYS A 666 16.76 -5.98 -33.05
C LYS A 666 16.59 -7.47 -32.73
N SER A 667 16.10 -8.26 -33.69
CA SER A 667 15.84 -9.67 -33.43
C SER A 667 17.14 -10.47 -33.30
N VAL A 668 18.07 -10.25 -34.22
CA VAL A 668 19.33 -10.99 -34.19
C VAL A 668 20.26 -10.39 -33.15
N LEU A 669 20.34 -9.07 -33.10
CA LEU A 669 21.32 -8.37 -32.27
C LEU A 669 20.58 -7.56 -31.22
N GLY A 670 20.71 -7.97 -29.96
CA GLY A 670 20.12 -7.19 -28.89
C GLY A 670 18.93 -7.82 -28.19
N ASP A 671 18.02 -6.96 -27.72
CA ASP A 671 16.90 -7.39 -26.90
C ASP A 671 15.87 -8.14 -27.74
N GLY A 672 15.32 -9.21 -27.18
CA GLY A 672 14.30 -9.96 -27.89
C GLY A 672 14.20 -11.43 -27.55
N LYS A 673 14.27 -12.27 -28.58
CA LYS A 673 13.93 -13.69 -28.46
C LYS A 673 15.15 -14.49 -28.01
N LYS A 674 15.04 -15.82 -28.08
CA LYS A 674 16.11 -16.72 -27.68
C LYS A 674 17.19 -16.89 -28.73
N HIS A 675 17.04 -16.30 -29.91
CA HIS A 675 18.01 -16.49 -30.99
C HIS A 675 18.90 -15.28 -31.19
N SER A 676 19.29 -14.62 -30.10
CA SER A 676 20.22 -13.51 -30.19
C SER A 676 21.65 -14.01 -30.35
N VAL A 677 22.54 -13.09 -30.67
CA VAL A 677 23.96 -13.45 -30.79
C VAL A 677 24.62 -13.52 -29.42
N PHE A 678 24.33 -12.53 -28.56
CA PHE A 678 24.95 -12.49 -27.25
C PHE A 678 24.39 -13.58 -26.34
N TYR A 679 23.16 -14.02 -26.59
CA TYR A 679 22.62 -15.18 -25.90
C TYR A 679 23.42 -16.44 -26.25
N THR A 680 23.83 -16.57 -27.52
CA THR A 680 24.62 -17.71 -27.93
C THR A 680 26.02 -17.66 -27.35
N ILE A 681 26.62 -16.46 -27.31
CA ILE A 681 27.93 -16.29 -26.67
C ILE A 681 27.83 -16.56 -25.16
N LEU A 682 26.70 -16.20 -24.56
CA LEU A 682 26.49 -16.41 -23.13
C LEU A 682 26.32 -17.89 -22.79
N ARG A 683 25.53 -18.62 -23.57
CA ARG A 683 25.34 -20.04 -23.27
C ARG A 683 26.58 -20.85 -23.63
N ASP A 684 27.31 -20.46 -24.67
CA ASP A 684 28.42 -21.28 -25.13
C ASP A 684 29.75 -20.92 -24.47
N TYR A 685 30.06 -19.63 -24.31
CA TYR A 685 31.39 -19.22 -23.89
C TYR A 685 31.38 -18.27 -22.71
N GLY A 686 30.44 -18.42 -21.78
CA GLY A 686 30.49 -17.68 -20.54
C GLY A 686 29.98 -16.26 -20.65
N PRO A 687 29.84 -15.58 -19.51
CA PRO A 687 29.29 -14.21 -19.51
C PRO A 687 30.29 -13.11 -19.81
N GLN A 688 31.57 -13.37 -19.52
CA GLN A 688 32.59 -12.34 -19.69
C GLN A 688 32.82 -12.04 -21.17
N GLU A 689 32.77 -13.07 -22.01
CA GLU A 689 32.98 -12.86 -23.44
C GLU A 689 31.79 -12.15 -24.07
N ALA A 690 30.57 -12.46 -23.62
CA ALA A 690 29.40 -11.73 -24.08
C ALA A 690 29.46 -10.27 -23.65
N ALA A 691 29.96 -10.02 -22.43
CA ALA A 691 30.15 -8.64 -21.97
C ALA A 691 31.18 -7.90 -22.81
N ASN A 692 32.26 -8.58 -23.18
CA ASN A 692 33.29 -7.98 -24.03
C ASN A 692 32.76 -7.65 -25.42
N ALA A 693 31.94 -8.55 -25.98
CA ALA A 693 31.37 -8.30 -27.31
C ALA A 693 30.34 -7.17 -27.27
N MET A 694 29.55 -7.09 -26.19
CA MET A 694 28.61 -5.98 -26.03
C MET A 694 29.33 -4.64 -25.90
N ASN A 695 30.42 -4.62 -25.12
CA ASN A 695 31.22 -3.40 -25.00
C ASN A 695 31.84 -3.01 -26.33
N ARG A 696 32.32 -4.00 -27.10
CA ARG A 696 32.96 -3.74 -28.37
C ARG A 696 31.98 -3.17 -29.40
N MET A 697 30.77 -3.72 -29.48
CA MET A 697 29.80 -3.15 -30.41
C MET A 697 29.26 -1.81 -29.93
N ALA A 698 29.15 -1.63 -28.61
CA ALA A 698 28.62 -0.38 -28.07
C ALA A 698 29.58 0.78 -28.27
N LYS A 699 30.88 0.52 -28.31
CA LYS A 699 31.82 1.58 -28.63
C LYS A 699 32.30 1.52 -30.07
N LEU A 700 31.79 0.59 -30.88
CA LEU A 700 31.89 0.72 -32.33
C LEU A 700 30.81 1.64 -32.89
N CYS A 701 29.55 1.39 -32.50
CA CYS A 701 28.42 2.07 -33.14
C CYS A 701 28.39 3.56 -32.81
N ALA A 702 28.79 3.92 -31.59
CA ALA A 702 28.80 5.32 -31.16
C ALA A 702 29.83 6.14 -31.92
N ARG A 703 30.95 5.52 -32.30
CA ARG A 703 31.94 6.23 -33.10
C ARG A 703 31.58 6.21 -34.58
N PHE A 704 30.94 5.15 -35.08
CA PHE A 704 30.69 5.06 -36.51
C PHE A 704 29.51 5.92 -36.96
N LEU A 705 28.40 5.88 -36.20
CA LEU A 705 27.18 6.53 -36.67
C LEU A 705 27.27 8.04 -36.66
N GLY A 706 28.13 8.60 -35.80
CA GLY A 706 28.40 10.03 -35.84
C GLY A 706 29.19 10.48 -37.05
N ASN A 707 29.94 9.57 -37.67
CA ASN A 707 30.76 9.90 -38.83
C ASN A 707 30.20 9.36 -40.14
N ARG A 708 29.10 8.61 -40.10
CA ARG A 708 28.42 8.27 -41.35
C ARG A 708 27.38 9.34 -41.68
N GLY A 709 26.43 9.57 -40.78
CA GLY A 709 25.40 10.59 -41.00
C GLY A 709 24.03 9.96 -41.14
N PHE A 710 23.10 10.44 -40.33
CA PHE A 710 21.76 9.87 -40.31
C PHE A 710 20.79 10.94 -39.84
N SER A 711 19.84 11.33 -40.69
CA SER A 711 18.89 12.39 -40.38
C SER A 711 17.54 12.05 -40.99
N ILE A 712 16.50 12.75 -40.54
CA ILE A 712 15.13 12.48 -40.96
C ILE A 712 14.55 13.62 -41.80
N GLY A 713 14.42 14.82 -41.23
CA GLY A 713 13.94 15.98 -41.97
C GLY A 713 12.48 15.90 -42.42
N ILE A 714 12.06 16.96 -43.10
CA ILE A 714 10.70 17.04 -43.66
C ILE A 714 10.61 16.36 -45.01
N ASN A 715 11.74 16.06 -45.64
CA ASN A 715 11.72 15.44 -46.97
C ASN A 715 11.30 13.98 -46.89
N ASP A 716 11.57 13.32 -45.76
CA ASP A 716 11.32 11.89 -45.62
C ASP A 716 9.94 11.59 -45.04
N VAL A 717 9.02 12.57 -45.08
CA VAL A 717 7.67 12.39 -44.56
C VAL A 717 6.60 12.89 -45.53
N THR A 718 7.01 13.54 -46.62
CA THR A 718 6.10 14.14 -47.60
C THR A 718 5.65 13.09 -48.62
N PRO A 719 4.34 12.94 -48.88
CA PRO A 719 3.91 12.07 -49.97
C PRO A 719 4.16 12.70 -51.32
N ALA A 720 4.59 11.88 -52.28
CA ALA A 720 5.04 12.36 -53.58
C ALA A 720 3.94 12.36 -54.64
N ASP A 721 2.80 13.00 -54.31
CA ASP A 721 1.71 13.34 -55.23
C ASP A 721 1.01 12.17 -55.91
N ASP A 722 1.36 10.94 -55.55
CA ASP A 722 0.66 9.74 -55.99
C ASP A 722 -0.19 9.15 -54.87
N LEU A 723 0.34 9.18 -53.64
CA LEU A 723 -0.44 8.84 -52.47
C LEU A 723 -1.58 9.83 -52.26
N LYS A 724 -1.39 11.10 -52.65
CA LYS A 724 -2.47 12.07 -52.61
C LYS A 724 -3.56 11.77 -53.63
N GLN A 725 -3.25 11.02 -54.68
CA GLN A 725 -4.27 10.55 -55.61
C GLN A 725 -4.97 9.30 -55.08
N LYS A 726 -4.20 8.34 -54.56
CA LYS A 726 -4.79 7.11 -54.04
C LYS A 726 -5.61 7.34 -52.77
N LYS A 727 -5.25 8.36 -51.98
CA LYS A 727 -6.01 8.66 -50.77
C LYS A 727 -7.34 9.33 -51.12
N GLU A 728 -7.35 10.18 -52.15
CA GLU A 728 -8.61 10.74 -52.63
C GLU A 728 -9.47 9.68 -53.31
N GLU A 729 -8.84 8.68 -53.94
CA GLU A 729 -9.60 7.63 -54.60
C GLU A 729 -10.21 6.65 -53.60
N LEU A 730 -9.40 6.15 -52.65
CA LEU A 730 -9.82 5.00 -51.86
C LEU A 730 -10.67 5.36 -50.65
N VAL A 731 -10.47 6.56 -50.07
CA VAL A 731 -11.27 6.95 -48.91
C VAL A 731 -12.69 7.28 -49.34
N GLU A 732 -12.86 7.86 -50.53
CA GLU A 732 -14.20 8.20 -51.03
C GLU A 732 -15.00 6.98 -51.46
N ILE A 733 -14.39 5.80 -51.56
CA ILE A 733 -15.12 4.56 -51.82
C ILE A 733 -15.10 3.80 -50.49
N ALA A 734 -15.02 4.55 -49.40
CA ALA A 734 -15.15 3.98 -48.07
C ALA A 734 -16.13 4.81 -47.27
N TYR A 735 -16.25 6.10 -47.61
CA TYR A 735 -17.33 6.91 -47.08
C TYR A 735 -18.65 6.57 -47.75
N HIS A 736 -18.60 6.24 -49.05
CA HIS A 736 -19.82 5.93 -49.78
C HIS A 736 -20.34 4.53 -49.43
N LYS A 737 -19.46 3.61 -49.05
CA LYS A 737 -19.85 2.27 -48.67
C LYS A 737 -20.29 2.16 -47.22
N CYS A 738 -20.31 3.28 -46.48
CA CYS A 738 -20.85 3.29 -45.13
C CYS A 738 -21.94 4.32 -44.92
N ASP A 739 -22.00 5.38 -45.72
CA ASP A 739 -23.14 6.30 -45.68
C ASP A 739 -24.38 5.74 -46.35
N GLU A 740 -24.24 4.67 -47.13
CA GLU A 740 -25.38 3.93 -47.64
C GLU A 740 -26.06 3.09 -46.57
N LEU A 741 -25.38 2.82 -45.46
CA LEU A 741 -26.00 2.17 -44.31
C LEU A 741 -26.71 3.16 -43.40
N ILE A 742 -26.29 4.42 -43.39
CA ILE A 742 -26.95 5.43 -42.57
C ILE A 742 -28.29 5.81 -43.18
N THR A 743 -28.34 5.97 -44.51
CA THR A 743 -29.60 6.25 -45.18
C THR A 743 -30.49 5.01 -45.30
N LEU A 744 -29.95 3.82 -45.02
CA LEU A 744 -30.75 2.61 -44.91
C LEU A 744 -31.23 2.38 -43.49
N PHE A 745 -30.60 3.02 -42.51
CA PHE A 745 -31.00 2.91 -41.11
C PHE A 745 -32.36 3.56 -40.86
N ASN A 746 -32.69 4.61 -41.60
CA ASN A 746 -34.00 5.25 -41.52
C ASN A 746 -34.91 4.91 -42.68
N LYS A 747 -34.55 3.93 -43.49
CA LYS A 747 -35.41 3.39 -44.54
C LYS A 747 -36.03 2.06 -44.08
N GLY A 748 -36.39 1.99 -42.81
CA GLY A 748 -36.93 0.78 -42.25
C GLY A 748 -35.95 0.13 -41.28
N GLU A 749 -35.49 -1.06 -41.61
CA GLU A 749 -34.51 -1.78 -40.81
C GLU A 749 -33.39 -2.29 -41.70
N LEU A 750 -32.37 -2.85 -41.06
CA LEU A 750 -31.25 -3.48 -41.74
C LEU A 750 -31.20 -4.95 -41.36
N GLU A 751 -30.40 -5.72 -42.09
CA GLU A 751 -30.19 -7.12 -41.77
C GLU A 751 -29.30 -7.19 -40.53
N THR A 752 -29.93 -7.27 -39.36
CA THR A 752 -29.19 -7.24 -38.10
C THR A 752 -28.56 -8.61 -37.84
N GLN A 753 -27.27 -8.59 -37.58
CA GLN A 753 -26.56 -9.81 -37.25
C GLN A 753 -26.94 -10.25 -35.83
N PRO A 754 -27.15 -11.55 -35.62
CA PRO A 754 -27.81 -12.02 -34.38
C PRO A 754 -27.00 -11.87 -33.11
N GLY A 755 -25.75 -11.40 -33.16
CA GLY A 755 -24.98 -11.23 -31.95
C GLY A 755 -25.39 -10.07 -31.08
N CYS A 756 -26.14 -9.11 -31.62
CA CYS A 756 -26.48 -7.88 -30.91
C CYS A 756 -27.73 -7.28 -31.55
N ASN A 757 -28.09 -6.08 -31.11
CA ASN A 757 -29.27 -5.38 -31.61
C ASN A 757 -28.94 -4.61 -32.89
N GLU A 758 -29.84 -3.73 -33.32
CA GLU A 758 -29.67 -3.04 -34.59
C GLU A 758 -28.66 -1.90 -34.52
N GLU A 759 -28.35 -1.38 -33.34
CA GLU A 759 -27.42 -0.27 -33.22
C GLU A 759 -25.99 -0.72 -32.98
N GLN A 760 -25.79 -1.83 -32.27
CA GLN A 760 -24.45 -2.34 -32.05
C GLN A 760 -23.89 -3.09 -33.25
N THR A 761 -24.76 -3.49 -34.19
CA THR A 761 -24.29 -4.08 -35.44
C THR A 761 -24.00 -3.03 -36.49
N LEU A 762 -24.40 -1.78 -36.27
CA LEU A 762 -24.02 -0.68 -37.14
C LEU A 762 -22.69 -0.07 -36.71
N GLU A 763 -22.40 -0.09 -35.41
CA GLU A 763 -21.09 0.35 -34.93
C GLU A 763 -19.99 -0.58 -35.37
N ALA A 764 -20.26 -1.89 -35.35
CA ALA A 764 -19.26 -2.90 -35.68
C ALA A 764 -18.88 -2.88 -37.16
N LYS A 765 -19.85 -2.77 -38.06
CA LYS A 765 -19.56 -2.75 -39.49
C LYS A 765 -18.86 -1.47 -39.94
N ILE A 766 -19.32 -0.32 -39.44
CA ILE A 766 -18.67 0.95 -39.76
C ILE A 766 -17.26 0.99 -39.17
N GLY A 767 -17.08 0.45 -37.96
CA GLY A 767 -15.75 0.35 -37.37
C GLY A 767 -14.83 -0.58 -38.13
N GLY A 768 -15.37 -1.69 -38.66
CA GLY A 768 -14.57 -2.59 -39.46
C GLY A 768 -14.14 -1.98 -40.79
N LEU A 769 -15.05 -1.27 -41.45
CA LEU A 769 -14.69 -0.60 -42.70
C LEU A 769 -13.70 0.54 -42.47
N LEU A 770 -13.86 1.31 -41.39
CA LEU A 770 -12.95 2.40 -41.11
C LEU A 770 -11.63 1.94 -40.50
N SER A 771 -11.55 0.70 -40.03
CA SER A 771 -10.26 0.11 -39.70
C SER A 771 -9.61 -0.56 -40.90
N LYS A 772 -10.42 -1.00 -41.87
CA LYS A 772 -9.88 -1.58 -43.10
C LYS A 772 -9.37 -0.51 -44.05
N VAL A 773 -9.88 0.72 -43.94
CA VAL A 773 -9.41 1.76 -44.84
C VAL A 773 -8.02 2.28 -44.44
N ARG A 774 -7.64 2.16 -43.18
CA ARG A 774 -6.35 2.69 -42.74
C ARG A 774 -5.22 1.67 -42.86
N GLU A 775 -5.53 0.40 -43.13
CA GLU A 775 -4.51 -0.62 -43.24
C GLU A 775 -4.07 -0.89 -44.68
N GLU A 776 -4.89 -0.56 -45.67
CA GLU A 776 -4.51 -0.74 -47.07
C GLU A 776 -3.97 0.53 -47.70
N VAL A 777 -4.39 1.71 -47.21
CA VAL A 777 -3.71 2.94 -47.57
C VAL A 777 -2.33 2.98 -46.94
N GLY A 778 -2.19 2.40 -45.74
CA GLY A 778 -0.90 2.27 -45.10
C GLY A 778 0.02 1.25 -45.75
N ASP A 779 -0.48 0.42 -46.66
CA ASP A 779 0.36 -0.49 -47.42
C ASP A 779 0.73 0.04 -48.79
N VAL A 780 -0.10 0.89 -49.40
CA VAL A 780 0.25 1.47 -50.69
C VAL A 780 1.16 2.67 -50.55
N CYS A 781 1.43 3.13 -49.33
CA CYS A 781 2.39 4.20 -49.10
C CYS A 781 3.78 3.65 -48.82
N ILE A 782 3.86 2.55 -48.06
CA ILE A 782 5.15 1.99 -47.68
C ILE A 782 5.82 1.30 -48.86
N ASN A 783 5.03 0.81 -49.83
CA ASN A 783 5.62 0.17 -51.00
C ASN A 783 6.13 1.18 -52.00
N GLU A 784 5.47 2.33 -52.12
CA GLU A 784 5.92 3.42 -52.98
C GLU A 784 6.88 4.36 -52.28
N LEU A 785 7.26 4.06 -51.04
CA LEU A 785 8.14 4.94 -50.28
C LEU A 785 9.59 4.71 -50.70
N ASP A 786 10.31 5.80 -50.93
CA ASP A 786 11.68 5.71 -51.42
C ASP A 786 12.61 5.22 -50.32
N ASN A 787 13.65 4.48 -50.72
CA ASN A 787 14.61 3.93 -49.78
C ASN A 787 15.59 5.00 -49.32
N TRP A 788 16.52 4.60 -48.44
CA TRP A 788 17.53 5.46 -47.81
C TRP A 788 16.91 6.64 -47.08
N ASN A 789 15.74 6.46 -46.49
CA ASN A 789 15.14 7.47 -45.63
C ASN A 789 15.09 6.96 -44.19
N ALA A 790 15.02 7.90 -43.25
CA ALA A 790 15.12 7.53 -41.84
C ALA A 790 13.92 6.77 -41.29
N PRO A 791 12.65 7.24 -41.42
CA PRO A 791 11.58 6.54 -40.69
C PRO A 791 11.19 5.18 -41.24
N LEU A 792 11.67 4.81 -42.43
CA LEU A 792 11.47 3.46 -42.95
C LEU A 792 12.62 2.53 -42.56
N ILE A 793 13.84 3.05 -42.49
CA ILE A 793 14.96 2.25 -42.01
C ILE A 793 14.81 1.96 -40.52
N MET A 794 14.34 2.95 -39.75
CA MET A 794 14.09 2.73 -38.32
C MET A 794 12.93 1.78 -38.06
N ALA A 795 12.06 1.57 -39.05
CA ALA A 795 11.00 0.57 -38.93
C ALA A 795 11.40 -0.79 -39.49
N THR A 796 12.37 -0.82 -40.42
CA THR A 796 12.86 -2.09 -40.94
C THR A 796 13.66 -2.84 -39.87
N CYS A 797 14.59 -2.17 -39.22
CA CYS A 797 15.18 -2.67 -38.00
C CYS A 797 14.28 -2.26 -36.82
N GLY A 798 14.74 -2.55 -35.61
CA GLY A 798 13.90 -2.30 -34.46
C GLY A 798 14.41 -1.24 -33.50
N SER A 799 14.92 -0.13 -34.03
CA SER A 799 15.38 0.96 -33.18
C SER A 799 14.24 1.56 -32.38
N LYS A 800 13.34 2.27 -33.06
CA LYS A 800 12.04 2.69 -32.55
C LYS A 800 11.08 2.85 -33.72
N GLY A 801 9.80 2.94 -33.40
CA GLY A 801 8.79 3.19 -34.42
C GLY A 801 8.32 1.92 -35.08
N SER A 802 7.14 2.02 -35.71
CA SER A 802 6.54 0.93 -36.45
C SER A 802 6.08 1.43 -37.81
N THR A 803 5.51 0.53 -38.60
CA THR A 803 4.96 0.92 -39.89
C THR A 803 3.65 1.67 -39.73
N LEU A 804 2.95 1.45 -38.61
CA LEU A 804 1.73 2.19 -38.31
C LEU A 804 2.03 3.66 -38.08
N ASN A 805 3.18 3.96 -37.44
CA ASN A 805 3.52 5.35 -37.17
C ASN A 805 3.89 6.10 -38.45
N VAL A 806 4.59 5.44 -39.37
CA VAL A 806 4.94 6.14 -40.62
C VAL A 806 3.74 6.21 -41.55
N SER A 807 2.83 5.24 -41.49
CA SER A 807 1.59 5.35 -42.26
C SER A 807 0.65 6.39 -41.66
N GLN A 808 0.80 6.68 -40.37
CA GLN A 808 -0.01 7.70 -39.72
C GLN A 808 0.58 9.09 -39.91
N MET A 809 1.90 9.19 -40.06
CA MET A 809 2.51 10.46 -40.46
C MET A 809 2.19 10.79 -41.92
N VAL A 810 2.45 9.85 -42.82
CA VAL A 810 2.47 10.15 -44.24
C VAL A 810 1.09 10.01 -44.86
N ALA A 811 0.46 8.84 -44.72
CA ALA A 811 -0.75 8.56 -45.49
C ALA A 811 -2.00 9.17 -44.85
N VAL A 812 -2.39 8.67 -43.68
CA VAL A 812 -3.67 9.02 -43.09
C VAL A 812 -3.65 8.65 -41.61
N VAL A 813 -4.23 9.50 -40.78
CA VAL A 813 -4.57 9.16 -39.40
C VAL A 813 -6.01 8.67 -39.42
N GLY A 814 -6.32 7.65 -38.64
CA GLY A 814 -7.66 7.10 -38.76
C GLY A 814 -8.29 6.54 -37.51
N GLN A 815 -9.52 7.01 -37.23
CA GLN A 815 -10.46 6.43 -36.28
C GLN A 815 -9.89 6.39 -34.86
N GLN A 816 -9.78 7.59 -34.29
CA GLN A 816 -9.42 7.74 -32.89
C GLN A 816 -10.52 7.14 -32.02
N ILE A 817 -10.25 5.97 -31.44
CA ILE A 817 -11.23 5.25 -30.63
C ILE A 817 -10.95 5.50 -29.16
N ILE A 818 -12.03 5.58 -28.38
CA ILE A 818 -11.94 5.73 -26.92
C ILE A 818 -12.86 4.72 -26.26
N SER A 819 -12.37 4.12 -25.17
CA SER A 819 -13.09 3.11 -24.38
C SER A 819 -13.54 1.92 -25.23
N GLY A 820 -12.70 1.54 -26.19
CA GLY A 820 -13.01 0.42 -27.09
C GLY A 820 -13.78 0.77 -28.34
N ASN A 821 -14.92 1.45 -28.18
CA ASN A 821 -15.77 1.81 -29.30
C ASN A 821 -15.38 3.20 -29.83
N ARG A 822 -16.24 3.78 -30.67
CA ARG A 822 -16.01 5.12 -31.18
C ARG A 822 -16.43 6.15 -30.14
N VAL A 823 -16.28 7.43 -30.47
CA VAL A 823 -16.52 8.51 -29.50
C VAL A 823 -18.02 8.65 -29.24
N PRO A 824 -18.43 8.91 -28.00
CA PRO A 824 -19.86 9.05 -27.71
C PRO A 824 -20.37 10.46 -27.98
N ASP A 825 -21.63 10.70 -27.62
CA ASP A 825 -22.26 11.99 -27.85
C ASP A 825 -21.93 12.92 -26.69
N GLY A 826 -21.10 13.93 -26.95
CA GLY A 826 -20.78 14.91 -25.93
C GLY A 826 -21.96 15.83 -25.61
N PHE A 827 -22.81 16.09 -26.60
CA PHE A 827 -24.07 16.78 -26.42
C PHE A 827 -25.22 15.78 -26.48
N GLN A 828 -26.43 16.30 -26.41
CA GLN A 828 -27.61 15.49 -26.67
C GLN A 828 -27.71 15.21 -28.16
N ASP A 829 -27.78 13.92 -28.52
CA ASP A 829 -28.01 13.36 -29.85
C ASP A 829 -26.82 13.55 -30.81
N ARG A 830 -25.77 14.26 -30.39
CA ARG A 830 -24.61 14.49 -31.25
C ARG A 830 -23.40 14.77 -30.36
N SER A 831 -22.23 14.86 -31.00
CA SER A 831 -20.97 15.06 -30.29
C SER A 831 -20.52 16.51 -30.32
N LEU A 832 -20.35 17.07 -31.52
CA LEU A 832 -19.96 18.46 -31.69
C LEU A 832 -21.14 19.27 -32.22
N PRO A 833 -21.24 20.56 -31.87
CA PRO A 833 -22.35 21.38 -32.40
C PRO A 833 -22.14 21.85 -33.83
N HIS A 834 -21.06 21.45 -34.48
CA HIS A 834 -20.81 21.78 -35.88
C HIS A 834 -21.41 20.78 -36.84
N PHE A 835 -21.87 19.64 -36.34
CA PHE A 835 -22.50 18.58 -37.09
C PHE A 835 -23.97 18.48 -36.72
N PRO A 836 -24.86 18.09 -37.65
CA PRO A 836 -26.28 18.09 -37.35
C PRO A 836 -26.67 16.99 -36.37
N LYS A 837 -27.94 17.02 -35.96
CA LYS A 837 -28.47 16.01 -35.07
C LYS A 837 -28.67 14.70 -35.82
N ASN A 838 -28.49 13.59 -35.09
CA ASN A 838 -28.49 12.22 -35.62
C ASN A 838 -27.48 12.06 -36.76
N SER A 839 -26.25 12.49 -36.51
CA SER A 839 -25.16 12.38 -37.48
C SER A 839 -24.28 11.20 -37.08
N LYS A 840 -24.20 10.20 -37.96
CA LYS A 840 -23.36 9.03 -37.72
C LYS A 840 -22.37 8.83 -38.86
N THR A 841 -22.01 9.92 -39.54
CA THR A 841 -20.99 9.88 -40.57
C THR A 841 -19.61 9.70 -39.92
N PRO A 842 -18.62 9.22 -40.69
CA PRO A 842 -17.27 9.07 -40.09
C PRO A 842 -16.62 10.37 -39.66
N GLN A 843 -16.77 11.45 -40.43
CA GLN A 843 -16.14 12.71 -40.05
C GLN A 843 -16.81 13.38 -38.86
N SER A 844 -17.98 12.92 -38.44
CA SER A 844 -18.68 13.46 -37.29
C SER A 844 -18.52 12.65 -36.02
N LYS A 845 -18.12 11.39 -36.12
CA LYS A 845 -18.05 10.52 -34.95
C LYS A 845 -16.67 9.87 -34.82
N GLY A 846 -15.62 10.66 -35.02
CA GLY A 846 -14.30 10.28 -34.56
C GLY A 846 -13.32 9.75 -35.59
N PHE A 847 -13.70 9.67 -36.86
CA PHE A 847 -12.77 9.22 -37.90
C PHE A 847 -12.13 10.45 -38.52
N VAL A 848 -10.90 10.74 -38.11
CA VAL A 848 -10.12 11.77 -38.77
C VAL A 848 -9.63 11.26 -40.12
N ARG A 849 -9.26 12.19 -41.00
CA ARG A 849 -8.73 11.78 -42.30
C ARG A 849 -7.49 12.54 -42.73
N ASN A 850 -7.13 13.65 -42.09
CA ASN A 850 -5.89 14.33 -42.41
C ASN A 850 -4.73 13.64 -41.72
N SER A 851 -3.59 13.60 -42.42
CA SER A 851 -2.38 13.06 -41.82
C SER A 851 -1.71 14.13 -40.95
N PHE A 852 -0.59 13.79 -40.32
CA PHE A 852 0.12 14.77 -39.52
C PHE A 852 0.90 15.75 -40.37
N PHE A 853 1.20 15.42 -41.64
CA PHE A 853 1.91 16.36 -42.48
C PHE A 853 1.01 17.49 -42.96
N SER A 854 -0.25 17.19 -43.24
CA SER A 854 -1.15 18.19 -43.81
C SER A 854 -1.81 19.07 -42.76
N GLY A 855 -2.03 18.54 -41.56
CA GLY A 855 -2.64 19.33 -40.50
C GLY A 855 -4.10 19.01 -40.25
N LEU A 856 -4.50 19.00 -38.99
CA LEU A 856 -5.84 18.57 -38.60
C LEU A 856 -6.81 19.74 -38.61
N SER A 857 -8.07 19.44 -38.89
CA SER A 857 -9.16 20.38 -38.71
C SER A 857 -9.54 20.41 -37.23
N PRO A 858 -10.22 21.47 -36.76
CA PRO A 858 -10.57 21.56 -35.32
C PRO A 858 -11.47 20.45 -34.79
N PRO A 859 -12.45 19.90 -35.55
CA PRO A 859 -13.09 18.68 -35.03
C PRO A 859 -12.16 17.48 -35.01
N GLU A 860 -11.29 17.34 -36.02
CA GLU A 860 -10.27 16.29 -35.99
C GLU A 860 -9.28 16.52 -34.85
N PHE A 861 -8.96 17.78 -34.57
CA PHE A 861 -8.07 18.12 -33.46
C PHE A 861 -8.67 17.75 -32.11
N LEU A 862 -9.96 18.03 -31.92
CA LEU A 862 -10.62 17.66 -30.66
C LEU A 862 -10.77 16.16 -30.52
N PHE A 863 -11.09 15.47 -31.63
CA PHE A 863 -11.21 14.01 -31.63
C PHE A 863 -9.88 13.34 -31.32
N HIS A 864 -8.76 13.91 -31.77
CA HIS A 864 -7.47 13.35 -31.41
C HIS A 864 -7.07 13.71 -29.99
N ALA A 865 -7.46 14.90 -29.52
CA ALA A 865 -7.10 15.33 -28.18
C ALA A 865 -7.80 14.52 -27.10
N ILE A 866 -9.04 14.07 -27.35
CA ILE A 866 -9.75 13.23 -26.38
C ILE A 866 -9.04 11.89 -26.19
N SER A 867 -8.67 11.25 -27.30
CA SER A 867 -7.97 9.97 -27.24
C SER A 867 -6.57 10.14 -26.65
N GLY A 868 -5.88 11.23 -26.96
CA GLY A 868 -4.56 11.45 -26.39
C GLY A 868 -4.60 11.73 -24.89
N ARG A 869 -5.64 12.42 -24.43
CA ARG A 869 -5.75 12.68 -22.99
C ARG A 869 -6.20 11.43 -22.24
N GLU A 870 -7.01 10.58 -22.85
CA GLU A 870 -7.36 9.33 -22.17
C GLU A 870 -6.18 8.36 -22.15
N GLY A 871 -5.37 8.34 -23.22
CA GLY A 871 -4.14 7.59 -23.16
C GLY A 871 -3.09 8.19 -22.25
N LEU A 872 -3.20 9.49 -21.96
CA LEU A 872 -2.25 10.17 -21.09
C LEU A 872 -2.65 10.07 -19.62
N VAL A 873 -3.94 9.88 -19.33
CA VAL A 873 -4.40 9.78 -17.95
C VAL A 873 -4.30 8.35 -17.42
N ASP A 874 -4.11 7.36 -18.29
CA ASP A 874 -3.90 5.99 -17.88
C ASP A 874 -2.48 5.72 -17.38
N THR A 875 -1.60 6.72 -17.45
CA THR A 875 -0.26 6.66 -16.90
C THR A 875 -0.17 7.37 -15.55
N ALA A 876 -0.81 8.53 -15.42
CA ALA A 876 -0.80 9.28 -14.18
C ALA A 876 -1.59 8.59 -13.06
N VAL A 877 -2.61 7.81 -13.40
CA VAL A 877 -3.32 7.04 -12.39
C VAL A 877 -2.63 5.68 -12.16
N LYS A 878 -1.78 5.26 -13.09
CA LYS A 878 -1.04 4.01 -12.94
C LYS A 878 0.07 4.12 -11.90
N THR A 879 0.58 5.32 -11.66
CA THR A 879 1.61 5.53 -10.65
C THR A 879 1.09 5.34 -9.23
N ALA A 880 -0.22 5.50 -9.01
CA ALA A 880 -0.79 5.20 -7.71
C ALA A 880 -0.90 3.69 -7.48
N GLU A 881 -0.97 2.91 -8.56
CA GLU A 881 -1.07 1.46 -8.46
C GLU A 881 0.16 0.87 -9.13
N THR A 882 1.33 1.43 -8.84
CA THR A 882 2.55 0.98 -9.47
C THR A 882 3.07 -0.33 -8.87
N GLY A 883 2.67 -0.68 -7.66
CA GLY A 883 3.14 -1.90 -7.05
C GLY A 883 2.13 -2.60 -6.16
N TYR A 884 0.84 -2.28 -6.32
CA TYR A 884 -0.15 -2.80 -5.38
C TYR A 884 -0.44 -4.28 -5.58
N MET A 885 -0.40 -4.76 -6.82
CA MET A 885 -0.70 -6.17 -7.04
C MET A 885 0.50 -7.06 -6.77
N SER A 886 1.70 -6.62 -7.16
CA SER A 886 2.89 -7.44 -6.98
C SER A 886 3.33 -7.52 -5.52
N ARG A 887 2.99 -6.52 -4.71
CA ARG A 887 3.31 -6.58 -3.29
C ARG A 887 2.34 -7.49 -2.54
N ARG A 888 1.08 -7.52 -2.95
CA ARG A 888 0.10 -8.39 -2.31
C ARG A 888 0.30 -9.84 -2.71
N LEU A 889 0.72 -10.08 -3.96
CA LEU A 889 1.07 -11.42 -4.40
C LEU A 889 2.37 -11.91 -3.77
N MET A 890 3.20 -10.99 -3.29
CA MET A 890 4.45 -11.31 -2.62
C MET A 890 4.24 -11.88 -1.22
N LYS A 891 3.02 -11.77 -0.67
CA LYS A 891 2.78 -12.19 0.71
C LYS A 891 2.87 -13.70 0.86
N SER A 892 2.26 -14.46 -0.04
CA SER A 892 2.26 -15.92 0.06
C SER A 892 3.45 -16.55 -0.67
N LEU A 893 3.80 -16.02 -1.83
CA LEU A 893 4.91 -16.54 -2.63
C LEU A 893 6.24 -15.89 -2.22
N GLU A 894 6.57 -16.00 -0.92
CA GLU A 894 7.80 -15.39 -0.44
C GLU A 894 8.76 -16.42 0.14
N ASP A 895 8.33 -17.19 1.13
CA ASP A 895 9.21 -18.16 1.79
C ASP A 895 9.04 -19.55 1.20
N LEU A 896 9.24 -19.64 -0.11
CA LEU A 896 9.24 -20.91 -0.83
C LEU A 896 10.60 -21.08 -1.48
N SER A 897 11.31 -22.14 -1.10
CA SER A 897 12.62 -22.41 -1.65
C SER A 897 12.79 -23.91 -1.87
N CYS A 898 13.62 -24.24 -2.85
CA CYS A 898 13.94 -25.64 -3.12
C CYS A 898 14.96 -26.14 -2.12
N GLN A 899 14.69 -27.30 -1.53
CA GLN A 899 15.59 -27.89 -0.54
C GLN A 899 16.63 -28.72 -1.27
N TYR A 900 17.44 -29.46 -0.50
CA TYR A 900 18.50 -30.29 -1.10
C TYR A 900 18.00 -31.66 -1.53
N ASP A 901 16.70 -31.94 -1.39
CA ASP A 901 16.11 -33.16 -1.93
C ASP A 901 15.22 -32.87 -3.14
N ASN A 902 15.47 -31.74 -3.82
CA ASN A 902 14.74 -31.28 -5.01
C ASN A 902 13.24 -31.12 -4.76
N THR A 903 12.87 -30.70 -3.54
CA THR A 903 11.49 -30.43 -3.18
C THR A 903 11.38 -28.99 -2.71
N VAL A 904 10.37 -28.29 -3.20
CA VAL A 904 10.09 -26.92 -2.78
C VAL A 904 9.07 -26.94 -1.65
N ARG A 905 9.40 -26.29 -0.54
CA ARG A 905 8.60 -26.32 0.67
C ARG A 905 8.41 -24.89 1.18
N THR A 906 7.62 -24.76 2.24
CA THR A 906 7.44 -23.50 2.93
C THR A 906 8.47 -23.37 4.05
N SER A 907 8.30 -22.36 4.90
CA SER A 907 9.25 -22.15 5.99
C SER A 907 9.03 -23.12 7.14
N ALA A 908 7.79 -23.60 7.31
CA ALA A 908 7.46 -24.55 8.36
C ALA A 908 7.54 -26.00 7.88
N ASN A 909 8.33 -26.24 6.82
CA ASN A 909 8.59 -27.56 6.22
C ASN A 909 7.33 -28.25 5.68
N GLY A 910 6.22 -27.53 5.55
CA GLY A 910 5.05 -28.08 4.90
C GLY A 910 5.26 -28.13 3.41
N ILE A 911 5.27 -29.32 2.83
CA ILE A 911 5.68 -29.46 1.44
C ILE A 911 4.53 -29.04 0.53
N VAL A 912 4.85 -28.29 -0.52
CA VAL A 912 3.82 -27.74 -1.39
C VAL A 912 3.87 -28.36 -2.78
N GLN A 913 5.05 -28.81 -3.23
CA GLN A 913 5.20 -29.36 -4.57
C GLN A 913 6.44 -30.24 -4.60
N PHE A 914 6.27 -31.47 -5.08
CA PHE A 914 7.32 -32.48 -4.95
C PHE A 914 8.49 -32.22 -5.89
N THR A 915 8.21 -31.74 -7.10
CA THR A 915 9.25 -31.29 -8.01
C THR A 915 8.74 -30.05 -8.73
N TYR A 916 9.64 -29.12 -8.99
CA TYR A 916 9.24 -27.79 -9.46
C TYR A 916 8.82 -27.84 -10.93
N GLY A 917 7.56 -27.52 -11.17
CA GLY A 917 7.01 -27.55 -12.52
C GLY A 917 6.73 -28.92 -13.08
N GLY A 918 6.80 -29.97 -12.25
CA GLY A 918 6.62 -31.32 -12.71
C GLY A 918 7.87 -31.99 -13.21
N ASP A 919 8.95 -31.24 -13.44
CA ASP A 919 10.19 -31.80 -13.94
C ASP A 919 11.44 -31.28 -13.24
N GLY A 920 11.36 -30.21 -12.45
CA GLY A 920 12.51 -29.73 -11.73
C GLY A 920 13.50 -28.94 -12.55
N LEU A 921 13.05 -28.26 -13.58
CA LEU A 921 13.92 -27.52 -14.49
C LEU A 921 13.90 -26.04 -14.16
N ASP A 922 15.08 -25.43 -14.16
CA ASP A 922 15.23 -24.00 -13.88
C ASP A 922 14.78 -23.21 -15.11
N PRO A 923 13.72 -22.38 -15.00
CA PRO A 923 13.28 -21.61 -16.17
C PRO A 923 14.23 -20.50 -16.58
N LEU A 924 15.21 -20.14 -15.74
CA LEU A 924 16.23 -19.18 -16.15
C LEU A 924 17.26 -19.85 -17.06
N GLU A 925 17.65 -21.09 -16.74
CA GLU A 925 18.63 -21.82 -17.53
C GLU A 925 17.90 -22.79 -18.47
N MET A 926 17.20 -22.20 -19.44
CA MET A 926 16.53 -22.97 -20.49
C MET A 926 16.68 -22.23 -21.80
N GLU A 927 16.17 -22.84 -22.87
CA GLU A 927 16.28 -22.29 -24.21
C GLU A 927 14.93 -22.36 -24.91
N GLY A 928 14.92 -22.18 -26.23
CA GLY A 928 13.68 -21.90 -26.93
C GLY A 928 12.74 -23.10 -26.99
N ASN A 929 11.47 -22.79 -27.28
CA ASN A 929 10.37 -23.75 -27.41
C ASN A 929 10.16 -24.58 -26.14
N ALA A 930 10.42 -23.95 -24.98
CA ALA A 930 10.29 -24.55 -23.64
C ALA A 930 11.09 -25.84 -23.50
N GLN A 931 12.25 -25.89 -24.19
CA GLN A 931 13.16 -27.01 -24.15
C GLN A 931 14.56 -26.49 -23.88
N PRO A 932 15.34 -27.15 -23.01
CA PRO A 932 16.60 -26.56 -22.55
C PRO A 932 17.77 -26.69 -23.50
N VAL A 933 17.65 -27.42 -24.62
CA VAL A 933 18.79 -27.82 -25.42
C VAL A 933 18.77 -27.21 -26.82
N ASN A 934 17.59 -27.13 -27.45
CA ASN A 934 17.39 -26.61 -28.82
C ASN A 934 18.24 -27.40 -29.82
N PHE A 935 17.79 -28.64 -30.05
CA PHE A 935 18.52 -29.69 -30.78
C PHE A 935 19.11 -29.26 -32.12
N ASN A 936 18.45 -28.34 -32.83
CA ASN A 936 18.94 -27.94 -34.16
C ASN A 936 20.22 -27.10 -34.05
N ARG A 937 20.22 -26.11 -33.17
CA ARG A 937 21.40 -25.27 -32.99
C ARG A 937 22.54 -26.06 -32.37
N SER A 938 22.23 -26.99 -31.48
CA SER A 938 23.26 -27.82 -30.88
C SER A 938 23.86 -28.79 -31.90
N TRP A 939 23.03 -29.31 -32.82
CA TRP A 939 23.54 -30.19 -33.86
C TRP A 939 24.40 -29.42 -34.85
N ASP A 940 24.02 -28.18 -35.18
CA ASP A 940 24.85 -27.36 -36.06
C ASP A 940 26.17 -26.98 -35.39
N HIS A 941 26.13 -26.64 -34.10
CA HIS A 941 27.34 -26.27 -33.38
C HIS A 941 28.26 -27.45 -33.16
N ALA A 942 27.71 -28.67 -33.04
CA ALA A 942 28.55 -29.85 -32.96
C ALA A 942 29.06 -30.28 -34.33
N TYR A 943 28.31 -30.02 -35.40
CA TYR A 943 28.76 -30.36 -36.75
C TYR A 943 29.86 -29.41 -37.22
N ASN A 944 29.87 -28.17 -36.76
CA ASN A 944 30.87 -27.22 -37.21
C ASN A 944 32.17 -27.27 -36.42
N ILE A 945 32.11 -27.59 -35.11
CA ILE A 945 33.28 -27.42 -34.27
C ILE A 945 34.30 -28.55 -34.46
N THR A 946 33.88 -29.70 -34.99
CA THR A 946 34.79 -30.83 -35.22
C THR A 946 34.81 -31.24 -36.68
N PHE A 947 34.62 -30.27 -37.58
CA PHE A 947 34.60 -30.55 -39.01
C PHE A 947 36.00 -30.89 -39.52
N ASN A 948 36.06 -31.86 -40.42
CA ASN A 948 37.32 -32.28 -41.03
C ASN A 948 37.00 -32.95 -42.35
N ASN A 949 37.66 -32.50 -43.42
CA ASN A 949 37.45 -33.13 -44.73
C ASN A 949 38.12 -34.50 -44.81
N GLN A 950 39.20 -34.71 -44.08
CA GLN A 950 39.90 -36.00 -44.09
C GLN A 950 39.28 -37.02 -43.14
N ASP A 951 38.24 -36.65 -42.41
CA ASP A 951 37.58 -37.60 -41.52
C ASP A 951 36.72 -38.57 -42.33
N LYS A 952 36.49 -39.75 -41.74
CA LYS A 952 35.75 -40.82 -42.40
C LYS A 952 34.30 -40.44 -42.68
N GLY A 953 33.51 -40.27 -41.62
CA GLY A 953 32.13 -39.82 -41.74
C GLY A 953 31.21 -40.73 -42.52
N LEU A 954 31.49 -42.03 -42.53
CA LEU A 954 30.77 -42.97 -43.39
C LEU A 954 30.07 -44.04 -42.57
N LEU A 955 29.32 -43.62 -41.55
CA LEU A 955 28.59 -44.54 -40.68
C LEU A 955 27.12 -44.53 -41.04
N PRO A 956 26.60 -45.51 -41.80
CA PRO A 956 25.18 -45.49 -42.16
C PRO A 956 24.25 -45.89 -41.03
N TYR A 957 24.63 -46.92 -40.28
CA TYR A 957 23.85 -47.43 -39.17
C TYR A 957 24.56 -47.27 -37.83
N ALA A 958 25.86 -47.00 -37.84
CA ALA A 958 26.64 -46.86 -36.61
C ALA A 958 26.43 -45.53 -35.92
N ILE A 959 25.65 -44.62 -36.50
CA ILE A 959 25.22 -43.42 -35.78
C ILE A 959 24.36 -43.81 -34.59
N MET A 960 23.45 -44.77 -34.78
CA MET A 960 22.67 -45.29 -33.68
C MET A 960 23.49 -46.17 -32.76
N GLU A 961 24.60 -46.73 -33.25
CA GLU A 961 25.45 -47.55 -32.40
C GLU A 961 26.41 -46.70 -31.57
N THR A 962 26.89 -45.58 -32.12
CA THR A 962 27.70 -44.66 -31.32
C THR A 962 26.85 -43.76 -30.45
N ALA A 963 25.52 -43.76 -30.63
CA ALA A 963 24.61 -43.12 -29.71
C ALA A 963 24.22 -44.03 -28.54
N ASN A 964 24.77 -45.25 -28.49
CA ASN A 964 24.55 -46.15 -27.37
C ASN A 964 25.60 -45.95 -26.28
N GLU A 965 25.79 -44.69 -25.89
CA GLU A 965 26.48 -44.32 -24.67
C GLU A 965 25.60 -43.53 -23.74
N ILE A 966 24.49 -42.98 -24.23
CA ILE A 966 23.42 -42.46 -23.38
C ILE A 966 22.27 -43.46 -23.26
N LEU A 967 22.18 -44.43 -24.16
CA LEU A 967 21.10 -45.39 -24.17
C LEU A 967 21.45 -46.65 -23.40
N GLY A 968 22.67 -46.72 -22.89
CA GLY A 968 23.12 -47.82 -22.07
C GLY A 968 23.14 -47.45 -20.60
N PRO A 969 24.31 -47.05 -20.10
CA PRO A 969 24.47 -46.82 -18.64
C PRO A 969 23.67 -45.63 -18.10
N LEU A 970 23.18 -44.72 -18.94
CA LEU A 970 22.42 -43.59 -18.45
C LEU A 970 20.92 -43.86 -18.34
N GLU A 971 20.37 -44.79 -19.13
CA GLU A 971 18.96 -45.12 -19.02
C GLU A 971 18.70 -46.32 -18.11
N GLU A 972 19.72 -47.12 -17.81
CA GLU A 972 19.51 -48.31 -17.00
C GLU A 972 19.64 -48.05 -15.51
N ARG A 973 20.13 -46.89 -15.11
CA ARG A 973 20.15 -46.51 -13.70
C ARG A 973 18.88 -45.81 -13.25
N LEU A 974 17.90 -45.65 -14.15
CA LEU A 974 16.58 -45.13 -13.79
C LEU A 974 15.64 -46.32 -13.59
N VAL A 975 15.75 -46.95 -12.44
CA VAL A 975 14.97 -48.14 -12.12
C VAL A 975 13.61 -47.70 -11.58
N ARG A 976 12.54 -48.29 -12.13
CA ARG A 976 11.18 -47.96 -11.75
C ARG A 976 10.70 -48.94 -10.68
N TYR A 977 10.16 -48.40 -9.59
CA TYR A 977 9.63 -49.20 -8.49
C TYR A 977 8.15 -48.92 -8.32
N ASP A 978 7.41 -49.94 -7.89
CA ASP A 978 5.96 -49.79 -7.78
C ASP A 978 5.49 -49.39 -6.38
N ASN A 979 6.14 -48.36 -5.82
CA ASN A 979 5.76 -47.67 -4.58
C ASN A 979 5.71 -48.53 -3.31
N SER A 980 6.07 -49.81 -3.40
CA SER A 980 5.97 -50.71 -2.27
C SER A 980 7.17 -51.66 -2.24
N GLY A 981 8.36 -51.13 -2.46
CA GLY A 981 9.54 -51.97 -2.38
C GLY A 981 10.17 -52.34 -3.70
N CYS A 982 9.90 -53.56 -4.18
CA CYS A 982 10.66 -54.18 -5.25
C CYS A 982 10.35 -53.54 -6.60
N LEU A 983 10.97 -54.10 -7.65
CA LEU A 983 10.93 -53.53 -8.99
C LEU A 983 9.57 -53.76 -9.65
N VAL A 984 9.37 -53.10 -10.78
CA VAL A 984 8.17 -53.27 -11.59
C VAL A 984 8.41 -54.37 -12.61
N LYS A 985 7.32 -54.85 -13.20
CA LYS A 985 7.43 -55.87 -14.23
C LYS A 985 7.82 -55.24 -15.57
N ARG A 986 8.13 -56.10 -16.54
CA ARG A 986 8.52 -55.63 -17.87
C ARG A 986 7.31 -55.14 -18.65
N GLU A 987 6.13 -55.73 -18.44
CA GLU A 987 4.92 -55.37 -19.16
C GLU A 987 4.12 -54.28 -18.45
N ASP A 988 4.78 -53.40 -17.70
CA ASP A 988 4.10 -52.37 -16.92
C ASP A 988 4.80 -51.02 -17.10
N LEU A 989 5.41 -50.77 -18.26
CA LEU A 989 6.24 -49.59 -18.45
C LEU A 989 5.66 -48.57 -19.43
N ASN A 990 4.70 -48.98 -20.26
CA ASN A 990 4.14 -48.04 -21.25
C ASN A 990 3.25 -47.02 -20.56
N LYS A 991 2.17 -47.48 -19.94
CA LYS A 991 1.35 -46.65 -19.07
C LYS A 991 1.02 -47.45 -17.83
N ALA A 992 0.98 -46.78 -16.68
CA ALA A 992 0.86 -47.50 -15.42
C ALA A 992 0.25 -46.57 -14.38
N GLU A 993 -0.03 -47.14 -13.20
CA GLU A 993 -0.37 -46.40 -12.01
C GLU A 993 0.86 -46.05 -11.19
N TYR A 994 2.05 -46.30 -11.71
CA TYR A 994 3.30 -46.10 -10.98
C TYR A 994 4.21 -45.11 -11.71
N VAL A 995 3.64 -43.99 -12.14
CA VAL A 995 4.43 -42.91 -12.72
C VAL A 995 5.20 -42.23 -11.60
N ASP A 996 6.48 -42.57 -11.46
CA ASP A 996 7.30 -42.03 -10.39
C ASP A 996 8.02 -40.76 -10.88
N GLN A 997 9.02 -40.33 -10.11
CA GLN A 997 9.95 -39.32 -10.59
C GLN A 997 10.95 -39.96 -11.54
N TYR A 998 11.89 -39.14 -12.03
CA TYR A 998 12.81 -39.49 -13.12
C TYR A 998 12.06 -39.95 -14.36
N ASP A 999 10.94 -39.29 -14.65
CA ASP A 999 10.12 -39.59 -15.82
C ASP A 999 10.34 -38.59 -16.94
N ALA A 1000 10.48 -37.31 -16.62
CA ALA A 1000 10.80 -36.31 -17.63
C ALA A 1000 12.22 -36.49 -18.16
N GLU A 1001 13.13 -37.00 -17.33
CA GLU A 1001 14.50 -37.23 -17.79
C GLU A 1001 14.55 -38.36 -18.80
N ARG A 1002 13.87 -39.48 -18.54
CA ARG A 1002 13.83 -40.55 -19.51
C ARG A 1002 12.99 -40.19 -20.73
N ASP A 1003 11.98 -39.31 -20.58
CA ASP A 1003 11.26 -38.82 -21.75
C ASP A 1003 12.15 -37.93 -22.62
N PHE A 1004 13.01 -37.12 -22.00
CA PHE A 1004 14.00 -36.36 -22.74
C PHE A 1004 15.01 -37.26 -23.44
N TYR A 1005 15.39 -38.37 -22.79
CA TYR A 1005 16.26 -39.35 -23.44
C TYR A 1005 15.60 -40.00 -24.65
N HIS A 1006 14.30 -40.31 -24.55
CA HIS A 1006 13.56 -40.82 -25.70
C HIS A 1006 13.47 -39.80 -26.82
N SER A 1007 13.28 -38.52 -26.48
CA SER A 1007 13.21 -37.48 -27.50
C SER A 1007 14.56 -37.29 -28.18
N LEU A 1008 15.65 -37.42 -27.42
CA LEU A 1008 16.99 -37.30 -28.00
C LEU A 1008 17.31 -38.49 -28.89
N ARG A 1009 16.87 -39.69 -28.49
CA ARG A 1009 16.98 -40.87 -29.36
C ARG A 1009 16.18 -40.70 -30.64
N GLU A 1010 14.99 -40.12 -30.53
CA GLU A 1010 14.16 -39.89 -31.72
C GLU A 1010 14.77 -38.83 -32.63
N TYR A 1011 15.46 -37.84 -32.05
CA TYR A 1011 16.10 -36.81 -32.88
C TYR A 1011 17.31 -37.37 -33.61
N ILE A 1012 18.09 -38.23 -32.95
CA ILE A 1012 19.25 -38.84 -33.63
C ILE A 1012 18.78 -39.82 -34.69
N ASN A 1013 17.63 -40.47 -34.48
CA ASN A 1013 17.12 -41.47 -35.41
C ASN A 1013 16.68 -40.84 -36.73
N GLY A 1014 16.27 -39.56 -36.71
CA GLY A 1014 15.85 -38.92 -37.93
C GLY A 1014 16.99 -38.58 -38.88
N LYS A 1015 18.19 -38.35 -38.33
CA LYS A 1015 19.34 -38.02 -39.16
C LYS A 1015 19.86 -39.24 -39.91
N ALA A 1016 19.95 -40.39 -39.22
CA ALA A 1016 20.36 -41.62 -39.88
C ALA A 1016 19.31 -42.10 -40.88
N THR A 1017 18.03 -41.83 -40.61
CA THR A 1017 16.98 -42.16 -41.57
C THR A 1017 17.10 -41.30 -42.82
N ALA A 1018 17.45 -40.02 -42.66
CA ALA A 1018 17.65 -39.15 -43.82
C ALA A 1018 18.90 -39.54 -44.60
N LEU A 1019 19.96 -39.96 -43.90
CA LEU A 1019 21.16 -40.41 -44.59
C LEU A 1019 20.93 -41.74 -45.31
N ALA A 1020 20.04 -42.59 -44.79
CA ALA A 1020 19.70 -43.82 -45.47
C ALA A 1020 18.76 -43.58 -46.65
N ASN A 1021 17.87 -42.59 -46.54
CA ASN A 1021 16.97 -42.29 -47.64
C ASN A 1021 17.69 -41.59 -48.79
N LEU A 1022 18.70 -40.78 -48.48
CA LEU A 1022 19.50 -40.18 -49.54
C LEU A 1022 20.43 -41.20 -50.17
N ARG A 1023 20.88 -42.20 -49.40
CA ARG A 1023 21.76 -43.23 -49.94
C ARG A 1023 20.99 -44.24 -50.78
N LYS A 1024 19.72 -44.46 -50.48
CA LYS A 1024 18.93 -45.44 -51.21
C LYS A 1024 18.61 -44.98 -52.63
N SER A 1025 18.46 -43.67 -52.84
CA SER A 1025 18.09 -43.15 -54.15
C SER A 1025 19.28 -42.99 -55.10
N ARG A 1026 20.51 -43.04 -54.58
CA ARG A 1026 21.67 -42.90 -55.46
C ARG A 1026 21.93 -44.15 -56.28
N GLY A 1027 21.38 -45.29 -55.89
CA GLY A 1027 21.61 -46.54 -56.60
C GLY A 1027 22.03 -47.65 -55.67
N MET A 1028 22.83 -47.32 -54.67
CA MET A 1028 23.20 -48.28 -53.63
C MET A 1028 22.10 -48.34 -52.58
N LEU A 1029 22.25 -49.25 -51.62
CA LEU A 1029 21.22 -49.52 -50.64
C LEU A 1029 21.53 -48.82 -49.32
N GLY A 1030 20.50 -48.23 -48.71
CA GLY A 1030 20.66 -47.58 -47.42
C GLY A 1030 20.58 -48.59 -46.29
N LEU A 1031 21.51 -48.46 -45.35
CA LEU A 1031 21.65 -49.42 -44.26
C LEU A 1031 20.92 -48.92 -43.02
N LEU A 1032 19.59 -48.85 -43.14
CA LEU A 1032 18.74 -48.60 -41.98
C LEU A 1032 18.24 -49.93 -41.42
N GLU A 1033 19.21 -50.82 -41.12
CA GLU A 1033 18.99 -52.18 -40.67
C GLU A 1033 20.32 -52.73 -40.16
N PRO A 1034 20.35 -53.38 -39.00
CA PRO A 1034 21.60 -53.98 -38.51
C PRO A 1034 22.03 -55.15 -39.38
N PRO A 1035 23.24 -55.12 -39.94
CA PRO A 1035 23.64 -56.12 -40.94
C PRO A 1035 23.91 -57.51 -40.36
N ALA A 1036 24.37 -58.41 -41.22
CA ALA A 1036 24.51 -59.82 -40.87
C ALA A 1036 25.71 -60.04 -39.94
N LYS A 1037 25.79 -61.26 -39.43
CA LYS A 1037 26.80 -61.67 -38.46
C LYS A 1037 27.88 -62.56 -39.07
N GLU A 1038 27.67 -63.03 -40.31
CA GLU A 1038 28.49 -64.10 -40.88
C GLU A 1038 29.94 -63.67 -41.13
N LEU A 1039 30.19 -62.38 -41.30
CA LEU A 1039 31.57 -61.91 -41.48
C LEU A 1039 31.65 -60.46 -41.02
N GLN A 1040 32.41 -60.22 -39.96
CA GLN A 1040 32.66 -58.86 -39.50
C GLN A 1040 33.70 -58.20 -40.41
N GLY A 1041 33.50 -56.90 -40.65
CA GLY A 1041 34.32 -56.20 -41.62
C GLY A 1041 33.77 -56.37 -43.02
N ILE A 1042 32.51 -55.97 -43.22
CA ILE A 1042 31.84 -56.18 -44.50
C ILE A 1042 32.38 -55.23 -45.56
N ASP A 1043 32.40 -53.92 -45.24
CA ASP A 1043 32.76 -52.80 -46.10
C ASP A 1043 31.94 -52.85 -47.40
N PRO A 1044 30.65 -52.50 -47.35
CA PRO A 1044 29.79 -52.67 -48.55
C PRO A 1044 30.03 -51.64 -49.64
N ASP A 1045 30.92 -50.66 -49.44
CA ASP A 1045 31.20 -49.65 -50.45
C ASP A 1045 32.39 -50.07 -51.32
N GLU A 1046 32.23 -51.22 -51.96
CA GLU A 1046 33.27 -51.76 -52.83
C GLU A 1046 32.72 -52.06 -54.22
N THR A 1047 31.46 -52.52 -54.28
CA THR A 1047 30.82 -52.80 -55.55
C THR A 1047 30.26 -51.55 -56.21
N VAL A 1048 30.26 -50.41 -55.53
CA VAL A 1048 29.70 -49.17 -56.06
C VAL A 1048 30.79 -48.42 -56.83
N PRO A 1049 30.44 -47.66 -57.86
CA PRO A 1049 31.47 -46.89 -58.58
C PRO A 1049 31.89 -45.66 -57.79
N ASP A 1050 32.88 -44.95 -58.32
CA ASP A 1050 33.50 -43.84 -57.62
C ASP A 1050 32.59 -42.61 -57.61
N ASN A 1051 31.94 -42.31 -58.73
CA ASN A 1051 31.15 -41.08 -58.85
C ASN A 1051 29.87 -41.13 -58.00
N VAL A 1052 29.34 -42.33 -57.74
CA VAL A 1052 28.19 -42.44 -56.87
C VAL A 1052 28.63 -42.42 -55.41
N LYS A 1053 29.81 -42.95 -55.11
CA LYS A 1053 30.28 -43.01 -53.73
C LYS A 1053 30.70 -41.64 -53.22
N THR A 1054 31.30 -40.82 -54.07
CA THR A 1054 31.76 -39.49 -53.65
C THR A 1054 30.64 -38.46 -53.64
N SER A 1055 29.47 -38.77 -54.20
CA SER A 1055 28.35 -37.85 -54.19
C SER A 1055 27.57 -37.89 -52.88
N VAL A 1056 27.78 -38.91 -52.05
CA VAL A 1056 27.09 -39.02 -50.77
C VAL A 1056 27.93 -38.40 -49.65
N SER A 1057 29.26 -38.56 -49.72
CA SER A 1057 30.15 -37.96 -48.74
C SER A 1057 30.18 -36.44 -48.86
N GLN A 1058 29.90 -35.91 -50.04
CA GLN A 1058 29.86 -34.47 -50.24
C GLN A 1058 28.62 -33.86 -49.61
N LEU A 1059 27.50 -34.58 -49.63
CA LEU A 1059 26.19 -34.02 -49.34
C LEU A 1059 25.77 -34.26 -47.89
N TYR A 1060 25.69 -35.52 -47.48
CA TYR A 1060 25.38 -35.90 -46.10
C TYR A 1060 26.55 -36.72 -45.56
N ARG A 1061 27.34 -36.12 -44.67
CA ARG A 1061 28.45 -36.81 -44.04
C ARG A 1061 28.38 -36.59 -42.54
N ILE A 1062 28.01 -37.63 -41.80
CA ILE A 1062 27.92 -37.58 -40.35
C ILE A 1062 29.08 -38.39 -39.78
N SER A 1063 29.92 -37.75 -38.98
CA SER A 1063 31.09 -38.38 -38.41
C SER A 1063 30.81 -38.86 -36.99
N GLU A 1064 31.77 -39.62 -36.45
CA GLU A 1064 31.62 -40.15 -35.10
C GLU A 1064 31.84 -39.06 -34.05
N LYS A 1065 32.81 -38.17 -34.29
CA LYS A 1065 33.08 -37.09 -33.36
C LYS A 1065 31.94 -36.09 -33.32
N SER A 1066 31.18 -35.95 -34.41
CA SER A 1066 30.01 -35.09 -34.43
C SER A 1066 28.93 -35.60 -33.47
N VAL A 1067 28.67 -36.91 -33.47
CA VAL A 1067 27.66 -37.47 -32.58
C VAL A 1067 28.15 -37.47 -31.14
N ARG A 1068 29.44 -37.81 -30.94
CA ARG A 1068 29.98 -37.82 -29.59
C ARG A 1068 30.15 -36.42 -29.02
N LYS A 1069 30.17 -35.39 -29.86
CA LYS A 1069 30.15 -34.02 -29.39
C LYS A 1069 28.72 -33.52 -29.16
N PHE A 1070 27.78 -33.93 -30.00
CA PHE A 1070 26.39 -33.53 -29.85
C PHE A 1070 25.79 -34.11 -28.56
N LEU A 1071 26.13 -35.37 -28.24
CA LEU A 1071 25.63 -35.95 -27.00
C LEU A 1071 26.22 -35.26 -25.78
N GLU A 1072 27.50 -34.87 -25.87
CA GLU A 1072 28.15 -34.15 -24.77
C GLU A 1072 27.51 -32.78 -24.56
N ILE A 1073 27.24 -32.06 -25.65
CA ILE A 1073 26.62 -30.74 -25.55
C ILE A 1073 25.19 -30.85 -25.02
N ALA A 1074 24.44 -31.88 -25.46
CA ALA A 1074 23.07 -32.06 -24.99
C ALA A 1074 23.01 -32.42 -23.51
N LEU A 1075 23.89 -33.32 -23.06
CA LEU A 1075 23.90 -33.69 -21.64
C LEU A 1075 24.44 -32.56 -20.77
N PHE A 1076 25.37 -31.74 -21.29
CA PHE A 1076 25.86 -30.61 -20.53
C PHE A 1076 24.80 -29.52 -20.40
N LYS A 1077 24.04 -29.28 -21.47
CA LYS A 1077 22.98 -28.28 -21.40
C LYS A 1077 21.75 -28.77 -20.65
N TYR A 1078 21.57 -30.08 -20.51
CA TYR A 1078 20.48 -30.58 -19.68
C TYR A 1078 20.88 -30.68 -18.22
N ARG A 1079 22.16 -30.94 -17.93
CA ARG A 1079 22.58 -31.10 -16.55
C ARG A 1079 22.67 -29.77 -15.81
N LYS A 1080 23.05 -28.71 -16.53
CA LYS A 1080 23.09 -27.38 -15.95
C LYS A 1080 21.71 -26.73 -15.86
N ALA A 1081 20.71 -27.30 -16.51
CA ALA A 1081 19.39 -26.70 -16.61
C ALA A 1081 18.49 -27.02 -15.42
N ARG A 1082 18.91 -27.90 -14.53
CA ARG A 1082 18.09 -28.25 -13.38
C ARG A 1082 18.04 -27.09 -12.39
N LEU A 1083 16.97 -27.06 -11.59
CA LEU A 1083 16.76 -26.00 -10.62
C LEU A 1083 17.71 -26.21 -9.45
N GLU A 1084 18.51 -25.20 -9.14
CA GLU A 1084 19.55 -25.35 -8.11
C GLU A 1084 18.93 -25.25 -6.72
N PRO A 1085 19.46 -26.01 -5.75
CA PRO A 1085 18.93 -25.93 -4.38
C PRO A 1085 19.25 -24.60 -3.73
N GLY A 1086 18.34 -24.15 -2.85
CA GLY A 1086 18.46 -22.86 -2.23
C GLY A 1086 17.92 -21.71 -3.05
N THR A 1087 17.36 -21.98 -4.23
CA THR A 1087 16.78 -20.94 -5.07
C THR A 1087 15.51 -20.40 -4.41
N ALA A 1088 15.28 -19.10 -4.57
CA ALA A 1088 14.14 -18.41 -3.98
C ALA A 1088 12.97 -18.32 -4.93
N ILE A 1089 12.71 -19.42 -5.66
CA ILE A 1089 11.83 -19.46 -6.83
C ILE A 1089 10.38 -19.11 -6.51
N GLY A 1090 9.98 -19.12 -5.24
CA GLY A 1090 8.70 -18.54 -4.88
C GLY A 1090 8.67 -17.04 -5.04
N ALA A 1091 9.77 -16.37 -4.66
CA ALA A 1091 9.85 -14.92 -4.80
C ALA A 1091 10.04 -14.51 -6.25
N ILE A 1092 10.63 -15.38 -7.07
CA ILE A 1092 10.81 -15.09 -8.49
C ILE A 1092 9.49 -15.19 -9.23
N GLY A 1093 8.67 -16.18 -8.87
CA GLY A 1093 7.38 -16.35 -9.52
C GLY A 1093 6.35 -15.29 -9.15
N ALA A 1094 6.56 -14.59 -8.04
CA ALA A 1094 5.66 -13.49 -7.69
C ALA A 1094 5.99 -12.22 -8.46
N GLN A 1095 7.27 -11.99 -8.74
CA GLN A 1095 7.67 -10.82 -9.51
C GLN A 1095 7.51 -11.01 -11.01
N SER A 1096 7.42 -12.26 -11.48
CA SER A 1096 7.24 -12.50 -12.89
C SER A 1096 5.79 -12.30 -13.35
N ILE A 1097 4.86 -12.20 -12.42
CA ILE A 1097 3.45 -12.01 -12.74
C ILE A 1097 3.01 -10.58 -12.51
N GLY A 1098 3.40 -9.99 -11.37
CA GLY A 1098 2.99 -8.64 -11.04
C GLY A 1098 3.65 -7.55 -11.86
N GLU A 1099 4.80 -7.83 -12.46
CA GLU A 1099 5.52 -6.84 -13.27
C GLU A 1099 4.92 -6.67 -14.67
N PRO A 1100 4.45 -7.71 -15.37
CA PRO A 1100 3.60 -7.45 -16.54
C PRO A 1100 2.24 -6.88 -16.20
N GLY A 1101 1.79 -6.96 -14.94
CA GLY A 1101 0.53 -6.36 -14.56
C GLY A 1101 0.50 -4.85 -14.54
N THR A 1102 1.66 -4.21 -14.48
CA THR A 1102 1.76 -2.77 -14.36
C THR A 1102 1.88 -2.05 -15.70
N GLN A 1103 1.44 -2.69 -16.79
CA GLN A 1103 1.47 -2.05 -18.10
C GLN A 1103 0.17 -2.30 -18.87
N MET A 1104 -0.93 -2.52 -18.14
CA MET A 1104 -2.25 -2.73 -18.73
C MET A 1104 -2.84 -1.41 -19.20
N THR A 1105 -2.82 -1.19 -20.51
CA THR A 1105 -3.77 -0.26 -21.11
C THR A 1105 -5.10 -0.98 -21.32
N LEU A 1106 -6.10 -0.22 -21.80
CA LEU A 1106 -7.50 -0.65 -21.74
C LEU A 1106 -7.78 -1.91 -22.56
N LYS A 1107 -7.75 -1.78 -23.89
CA LYS A 1107 -7.82 -2.88 -24.87
C LYS A 1107 -8.98 -3.86 -24.60
N THR A 1108 -10.19 -3.35 -24.77
CA THR A 1108 -11.37 -4.19 -24.59
C THR A 1108 -11.45 -5.24 -25.70
N PHE A 1109 -11.42 -6.50 -25.30
CA PHE A 1109 -11.55 -7.64 -26.22
C PHE A 1109 -12.89 -8.34 -25.95
N HIS A 1110 -13.10 -9.46 -26.65
CA HIS A 1110 -14.36 -10.20 -26.55
C HIS A 1110 -14.12 -11.64 -26.95
N PHE A 1111 -14.74 -12.56 -26.22
CA PHE A 1111 -14.80 -13.97 -26.60
C PHE A 1111 -16.11 -14.26 -27.33
N ALA A 1112 -16.39 -13.47 -28.36
CA ALA A 1112 -17.69 -13.50 -29.01
C ALA A 1112 -17.53 -13.00 -30.44
N GLY A 1113 -18.66 -12.71 -31.08
CA GLY A 1113 -18.67 -12.28 -32.47
C GLY A 1113 -18.62 -10.78 -32.64
N VAL A 1114 -19.70 -10.19 -33.13
CA VAL A 1114 -19.73 -8.74 -33.38
C VAL A 1114 -20.21 -8.07 -32.10
N ALA A 1115 -19.27 -7.90 -31.17
CA ALA A 1115 -19.44 -7.18 -29.89
C ALA A 1115 -20.60 -7.74 -29.06
N SER A 1116 -20.73 -9.07 -29.03
CA SER A 1116 -21.84 -9.68 -28.32
C SER A 1116 -21.64 -9.65 -26.81
N MET A 1117 -20.40 -9.82 -26.34
CA MET A 1117 -20.09 -9.81 -24.92
C MET A 1117 -18.93 -8.87 -24.66
N ASN A 1118 -18.88 -8.36 -23.43
CA ASN A 1118 -17.76 -7.57 -22.94
C ASN A 1118 -17.13 -8.35 -21.78
N VAL A 1119 -15.95 -8.90 -22.02
CA VAL A 1119 -15.27 -9.76 -21.04
C VAL A 1119 -14.12 -8.97 -20.42
N THR A 1120 -13.83 -9.28 -19.16
CA THR A 1120 -12.70 -8.67 -18.47
C THR A 1120 -11.45 -9.49 -18.76
N LEU A 1121 -10.35 -8.80 -19.11
CA LEU A 1121 -9.12 -9.49 -19.47
C LEU A 1121 -7.87 -8.92 -18.79
N GLY A 1122 -7.84 -7.63 -18.45
CA GLY A 1122 -6.64 -6.99 -17.96
C GLY A 1122 -6.34 -7.26 -16.50
N VAL A 1123 -5.73 -6.28 -15.85
CA VAL A 1123 -5.37 -6.35 -14.43
C VAL A 1123 -6.57 -6.45 -13.47
N PRO A 1124 -7.83 -6.03 -13.77
CA PRO A 1124 -8.91 -6.46 -12.86
C PRO A 1124 -9.27 -7.93 -12.97
N ARG A 1125 -8.98 -8.58 -14.10
CA ARG A 1125 -9.26 -10.01 -14.21
C ARG A 1125 -8.29 -10.84 -13.37
N ILE A 1126 -7.04 -10.38 -13.24
CA ILE A 1126 -6.06 -11.11 -12.45
C ILE A 1126 -6.39 -10.98 -10.96
N LYS A 1127 -6.82 -9.79 -10.53
CA LYS A 1127 -7.28 -9.62 -9.15
C LYS A 1127 -8.59 -10.34 -8.89
N GLU A 1128 -9.38 -10.57 -9.94
CA GLU A 1128 -10.61 -11.36 -9.83
C GLU A 1128 -10.33 -12.82 -9.54
N ILE A 1129 -9.14 -13.30 -9.90
CA ILE A 1129 -8.74 -14.67 -9.67
C ILE A 1129 -7.92 -14.82 -8.40
N ILE A 1130 -7.01 -13.87 -8.14
CA ILE A 1130 -6.12 -13.96 -6.98
C ILE A 1130 -6.89 -13.74 -5.67
N ASN A 1131 -7.87 -12.83 -5.67
CA ASN A 1131 -8.64 -12.59 -4.47
C ASN A 1131 -9.56 -13.74 -4.11
N ALA A 1132 -9.86 -14.62 -5.08
CA ALA A 1132 -10.79 -15.76 -4.93
C ALA A 1132 -12.16 -15.30 -4.43
N SER A 1133 -12.74 -14.36 -5.16
CA SER A 1133 -13.99 -13.74 -4.75
C SER A 1133 -15.16 -14.71 -4.90
N LYS A 1134 -16.21 -14.46 -4.11
CA LYS A 1134 -17.37 -15.34 -4.09
C LYS A 1134 -18.19 -15.16 -5.37
N VAL A 1135 -18.60 -13.94 -5.66
CA VAL A 1135 -19.24 -13.61 -6.93
C VAL A 1135 -18.24 -12.83 -7.78
N ILE A 1136 -18.30 -13.05 -9.09
CA ILE A 1136 -17.38 -12.43 -10.03
C ILE A 1136 -18.16 -11.62 -11.04
N SER A 1137 -17.44 -10.84 -11.84
CA SER A 1137 -18.04 -10.01 -12.88
C SER A 1137 -17.91 -10.71 -14.23
N THR A 1138 -19.03 -10.84 -14.93
CA THR A 1138 -19.21 -11.46 -16.25
C THR A 1138 -18.64 -12.88 -16.30
N PRO A 1139 -19.32 -13.88 -15.73
CA PRO A 1139 -18.90 -15.27 -15.96
C PRO A 1139 -19.56 -15.83 -17.22
N ILE A 1140 -18.88 -16.79 -17.84
CA ILE A 1140 -19.44 -17.55 -18.94
C ILE A 1140 -19.21 -19.03 -18.69
N ILE A 1141 -20.00 -19.86 -19.37
CA ILE A 1141 -19.86 -21.31 -19.33
C ILE A 1141 -19.81 -21.80 -20.76
N ASN A 1142 -18.75 -22.53 -21.11
CA ASN A 1142 -18.57 -23.03 -22.47
C ASN A 1142 -19.12 -24.45 -22.55
N ALA A 1143 -20.40 -24.55 -22.88
CA ALA A 1143 -21.05 -25.83 -23.10
C ALA A 1143 -21.01 -26.18 -24.58
N VAL A 1144 -20.89 -27.47 -24.88
CA VAL A 1144 -20.77 -27.94 -26.24
C VAL A 1144 -21.96 -28.82 -26.59
N LEU A 1145 -22.08 -29.15 -27.88
CA LEU A 1145 -23.20 -29.89 -28.42
C LEU A 1145 -22.74 -31.27 -28.87
N VAL A 1146 -23.66 -32.01 -29.48
CA VAL A 1146 -23.39 -33.37 -29.96
C VAL A 1146 -23.41 -33.43 -31.49
N ASN A 1147 -24.50 -32.99 -32.10
CA ASN A 1147 -24.69 -33.06 -33.54
C ASN A 1147 -24.50 -31.70 -34.18
N ASP A 1148 -24.75 -31.65 -35.50
CA ASP A 1148 -24.50 -30.44 -36.29
C ASP A 1148 -25.71 -30.22 -37.20
N ASN A 1149 -26.55 -29.26 -36.84
CA ASN A 1149 -27.72 -28.90 -37.64
C ASN A 1149 -28.18 -27.49 -37.29
N ASP A 1150 -28.99 -26.93 -38.18
CA ASP A 1150 -29.78 -25.74 -37.89
C ASP A 1150 -31.22 -26.08 -37.53
N GLU A 1151 -31.51 -27.37 -37.37
CA GLU A 1151 -32.84 -27.89 -37.07
C GLU A 1151 -33.17 -27.81 -35.59
N ARG A 1152 -34.16 -28.60 -35.18
CA ARG A 1152 -34.65 -28.78 -33.82
C ARG A 1152 -33.57 -28.79 -32.73
N ALA A 1153 -32.57 -29.69 -32.88
CA ALA A 1153 -31.69 -30.07 -31.78
C ALA A 1153 -30.84 -28.91 -31.29
N ALA A 1154 -30.09 -28.27 -32.20
CA ALA A 1154 -29.29 -27.12 -31.85
C ALA A 1154 -30.12 -25.89 -31.45
N ARG A 1155 -31.43 -25.91 -31.69
CA ARG A 1155 -32.32 -24.87 -31.21
C ARG A 1155 -33.15 -25.31 -30.02
N VAL A 1156 -33.08 -26.58 -29.61
CA VAL A 1156 -33.82 -27.01 -28.42
C VAL A 1156 -32.91 -27.10 -27.20
N VAL A 1157 -31.59 -27.17 -27.40
CA VAL A 1157 -30.67 -27.06 -26.27
C VAL A 1157 -30.68 -25.65 -25.72
N LYS A 1158 -30.89 -24.66 -26.58
CA LYS A 1158 -30.94 -23.26 -26.16
C LYS A 1158 -32.13 -22.99 -25.27
N GLY A 1159 -33.35 -23.30 -25.76
CA GLY A 1159 -34.59 -22.93 -25.08
C GLY A 1159 -34.85 -23.66 -23.77
N ARG A 1160 -34.06 -24.66 -23.43
CA ARG A 1160 -34.16 -25.34 -22.15
C ARG A 1160 -33.41 -24.58 -21.05
N VAL A 1161 -32.66 -23.54 -21.40
CA VAL A 1161 -31.74 -22.89 -20.48
C VAL A 1161 -32.29 -21.56 -19.94
N GLU A 1162 -32.68 -20.64 -20.84
CA GLU A 1162 -33.08 -19.31 -20.40
C GLU A 1162 -34.45 -19.35 -19.71
N LYS A 1163 -34.75 -18.27 -18.99
CA LYS A 1163 -35.87 -18.28 -18.05
C LYS A 1163 -36.87 -17.15 -18.34
N THR A 1164 -37.88 -17.02 -17.45
CA THR A 1164 -39.00 -16.04 -17.47
C THR A 1164 -39.58 -15.80 -18.86
N LEU A 1165 -40.04 -16.89 -19.48
CA LEU A 1165 -40.73 -16.82 -20.76
C LEU A 1165 -42.22 -16.54 -20.62
N LEU A 1166 -42.69 -16.21 -19.41
CA LEU A 1166 -44.11 -15.97 -19.20
C LEU A 1166 -44.57 -14.64 -19.77
N SER A 1167 -43.66 -13.69 -19.97
CA SER A 1167 -43.99 -12.38 -20.53
C SER A 1167 -44.07 -12.38 -22.05
N ASP A 1168 -44.04 -13.55 -22.68
CA ASP A 1168 -44.17 -13.66 -24.13
C ASP A 1168 -45.26 -14.62 -24.55
N VAL A 1169 -45.75 -15.47 -23.64
CA VAL A 1169 -46.67 -16.55 -23.94
C VAL A 1169 -48.07 -16.27 -23.41
N ALA A 1170 -48.28 -15.12 -22.76
CA ALA A 1170 -49.48 -14.87 -21.98
C ALA A 1170 -50.47 -13.89 -22.61
N PHE A 1171 -49.97 -12.82 -23.24
CA PHE A 1171 -50.69 -11.76 -23.98
C PHE A 1171 -51.51 -10.82 -23.10
N TYR A 1172 -51.73 -11.18 -21.84
CA TYR A 1172 -52.39 -10.39 -20.80
C TYR A 1172 -52.37 -11.21 -19.51
N VAL A 1173 -52.50 -10.50 -18.39
CA VAL A 1173 -52.80 -11.10 -17.09
C VAL A 1173 -53.94 -10.28 -16.50
N GLN A 1174 -55.14 -10.84 -16.51
CA GLN A 1174 -56.32 -10.13 -16.05
C GLN A 1174 -56.89 -10.82 -14.82
N ASP A 1175 -57.59 -10.03 -14.00
CA ASP A 1175 -58.24 -10.51 -12.79
C ASP A 1175 -59.71 -10.10 -12.83
N VAL A 1176 -60.60 -11.08 -12.89
CA VAL A 1176 -62.02 -10.82 -12.89
C VAL A 1176 -62.62 -11.33 -11.58
N TYR A 1177 -63.76 -10.76 -11.22
CA TYR A 1177 -64.46 -11.07 -9.99
C TYR A 1177 -65.85 -11.61 -10.34
N LYS A 1178 -66.12 -12.86 -10.00
CA LYS A 1178 -67.46 -13.41 -10.16
C LYS A 1178 -68.04 -13.62 -8.77
N ASP A 1179 -68.51 -12.52 -8.18
CA ASP A 1179 -69.55 -12.41 -7.14
C ASP A 1179 -69.29 -13.14 -5.82
N ASN A 1180 -68.40 -14.12 -5.80
CA ASN A 1180 -67.85 -14.68 -4.58
C ASN A 1180 -66.40 -15.11 -4.79
N LEU A 1181 -65.97 -15.27 -6.04
CA LEU A 1181 -64.63 -15.77 -6.28
C LEU A 1181 -63.92 -14.88 -7.31
N SER A 1182 -62.64 -15.22 -7.57
CA SER A 1182 -61.77 -14.40 -8.39
C SER A 1182 -60.98 -15.29 -9.35
N PHE A 1183 -60.83 -14.83 -10.58
CA PHE A 1183 -60.02 -15.50 -11.59
C PHE A 1183 -58.85 -14.61 -11.99
N ILE A 1184 -57.66 -15.22 -12.07
CA ILE A 1184 -56.42 -14.55 -12.45
C ILE A 1184 -55.94 -15.26 -13.70
N GLN A 1185 -56.88 -15.64 -14.56
CA GLN A 1185 -56.65 -16.54 -15.69
C GLN A 1185 -55.65 -15.97 -16.70
N VAL A 1186 -54.89 -16.88 -17.31
CA VAL A 1186 -53.81 -16.55 -18.23
C VAL A 1186 -54.05 -17.30 -19.54
N ARG A 1187 -53.93 -16.59 -20.67
CA ARG A 1187 -54.17 -17.17 -22.00
C ARG A 1187 -52.85 -17.61 -22.60
N ILE A 1188 -52.58 -18.91 -22.55
CA ILE A 1188 -51.37 -19.49 -23.13
C ILE A 1188 -51.70 -20.01 -24.52
N ASP A 1189 -50.96 -19.54 -25.53
CA ASP A 1189 -51.18 -19.95 -26.90
C ASP A 1189 -50.38 -21.21 -27.23
N LEU A 1190 -50.31 -21.56 -28.51
CA LEU A 1190 -49.46 -22.63 -28.98
C LEU A 1190 -48.50 -22.20 -30.08
N GLY A 1191 -48.60 -20.96 -30.58
CA GLY A 1191 -47.70 -20.50 -31.62
C GLY A 1191 -46.35 -20.06 -31.10
N THR A 1192 -46.28 -19.69 -29.82
CA THR A 1192 -45.00 -19.34 -29.20
C THR A 1192 -44.12 -20.58 -29.06
N ILE A 1193 -44.72 -21.71 -28.71
CA ILE A 1193 -43.98 -22.97 -28.62
C ILE A 1193 -43.58 -23.46 -30.02
N ASP A 1194 -44.36 -23.06 -31.04
CA ASP A 1194 -44.04 -23.45 -32.41
C ASP A 1194 -42.79 -22.74 -32.91
N LYS A 1195 -42.63 -21.45 -32.60
CA LYS A 1195 -41.50 -20.69 -33.12
C LYS A 1195 -40.20 -21.06 -32.40
N LEU A 1196 -40.14 -20.82 -31.10
CA LEU A 1196 -39.02 -21.29 -30.28
C LEU A 1196 -39.42 -22.58 -29.60
N GLN A 1197 -38.58 -23.61 -29.76
CA GLN A 1197 -38.95 -24.99 -29.46
C GLN A 1197 -38.68 -25.30 -27.99
N LEU A 1198 -39.75 -25.56 -27.24
CA LEU A 1198 -39.64 -25.99 -25.85
C LEU A 1198 -40.57 -27.16 -25.59
N GLU A 1199 -40.16 -28.05 -24.69
CA GLU A 1199 -41.01 -29.17 -24.27
C GLU A 1199 -41.75 -28.77 -23.00
N LEU A 1200 -42.91 -28.12 -23.19
CA LEU A 1200 -43.79 -27.81 -22.08
C LEU A 1200 -45.24 -27.91 -22.53
N THR A 1201 -46.06 -28.52 -21.69
CA THR A 1201 -47.49 -28.67 -21.89
C THR A 1201 -48.18 -27.71 -20.90
N ILE A 1202 -49.51 -27.60 -20.98
CA ILE A 1202 -50.22 -26.74 -20.05
C ILE A 1202 -50.21 -27.34 -18.65
N GLU A 1203 -50.07 -28.66 -18.52
CA GLU A 1203 -49.88 -29.28 -17.22
C GLU A 1203 -48.50 -28.96 -16.66
N ASP A 1204 -47.49 -28.87 -17.54
CA ASP A 1204 -46.15 -28.46 -17.11
C ASP A 1204 -46.15 -27.01 -16.65
N ILE A 1205 -46.97 -26.16 -17.29
CA ILE A 1205 -47.12 -24.78 -16.82
C ILE A 1205 -47.84 -24.74 -15.48
N ALA A 1206 -48.79 -25.66 -15.27
CA ALA A 1206 -49.46 -25.75 -13.97
C ALA A 1206 -48.50 -26.17 -12.87
N VAL A 1207 -47.60 -27.11 -13.18
CA VAL A 1207 -46.57 -27.54 -12.22
C VAL A 1207 -45.59 -26.40 -11.96
N ALA A 1208 -45.26 -25.62 -12.99
CA ALA A 1208 -44.34 -24.50 -12.84
C ALA A 1208 -44.94 -23.35 -12.03
N ILE A 1209 -46.24 -23.11 -12.13
CA ILE A 1209 -46.91 -22.13 -11.28
C ILE A 1209 -47.14 -22.69 -9.87
N THR A 1210 -47.23 -24.01 -9.73
CA THR A 1210 -47.41 -24.63 -8.43
C THR A 1210 -46.19 -24.42 -7.53
N ARG A 1211 -44.99 -24.44 -8.12
CA ARG A 1211 -43.75 -24.14 -7.40
C ARG A 1211 -43.11 -22.86 -7.94
N ALA A 1212 -43.95 -21.86 -8.22
CA ALA A 1212 -43.49 -20.61 -8.85
C ALA A 1212 -42.57 -19.82 -7.92
N SER A 1213 -43.11 -19.38 -6.79
CA SER A 1213 -42.31 -18.75 -5.75
C SER A 1213 -41.96 -19.81 -4.71
N LYS A 1214 -41.30 -19.39 -3.64
CA LYS A 1214 -40.99 -20.32 -2.57
C LYS A 1214 -42.11 -20.34 -1.53
N LEU A 1215 -42.34 -19.22 -0.86
CA LEU A 1215 -43.48 -19.07 0.04
C LEU A 1215 -43.99 -17.63 -0.08
N LYS A 1216 -44.92 -17.38 -0.99
CA LYS A 1216 -45.63 -16.10 -1.00
C LYS A 1216 -47.13 -16.30 -0.78
N ILE A 1217 -47.84 -16.91 -1.72
CA ILE A 1217 -49.24 -17.27 -1.55
C ILE A 1217 -49.43 -18.70 -2.02
N GLN A 1218 -48.56 -19.14 -2.94
CA GLN A 1218 -48.87 -20.24 -3.85
C GLN A 1218 -48.79 -21.61 -3.19
N ALA A 1219 -49.86 -22.01 -2.51
CA ALA A 1219 -49.97 -23.38 -2.00
C ALA A 1219 -51.22 -24.09 -2.50
N SER A 1220 -52.38 -23.44 -2.41
CA SER A 1220 -53.68 -24.10 -2.46
C SER A 1220 -54.05 -24.76 -3.80
N ASP A 1221 -54.30 -23.97 -4.84
CA ASP A 1221 -55.05 -24.47 -5.98
C ASP A 1221 -54.58 -23.83 -7.28
N VAL A 1222 -54.51 -24.66 -8.32
CA VAL A 1222 -54.46 -24.23 -9.72
C VAL A 1222 -55.45 -25.10 -10.48
N ASN A 1223 -55.80 -24.64 -11.69
CA ASN A 1223 -56.75 -25.35 -12.52
C ASN A 1223 -56.25 -25.44 -13.96
N ILE A 1224 -56.74 -26.44 -14.68
CA ILE A 1224 -56.46 -26.63 -16.10
C ILE A 1224 -57.79 -26.85 -16.80
N ILE A 1225 -58.09 -26.01 -17.80
CA ILE A 1225 -59.29 -26.17 -18.62
C ILE A 1225 -58.83 -26.49 -20.03
N GLY A 1226 -59.81 -26.65 -20.95
CA GLY A 1226 -59.49 -27.12 -22.29
C GLY A 1226 -58.67 -26.13 -23.10
N LYS A 1227 -59.10 -24.88 -23.15
CA LYS A 1227 -58.36 -23.87 -23.91
C LYS A 1227 -57.33 -23.12 -23.06
N ASP A 1228 -56.54 -23.88 -22.29
CA ASP A 1228 -55.23 -23.49 -21.76
C ASP A 1228 -55.28 -22.23 -20.88
N ARG A 1229 -55.97 -22.34 -19.74
CA ARG A 1229 -56.04 -21.23 -18.78
C ARG A 1229 -55.79 -21.76 -17.38
N ILE A 1230 -55.09 -20.96 -16.57
CA ILE A 1230 -54.83 -21.27 -15.17
C ILE A 1230 -55.36 -20.09 -14.35
N ALA A 1231 -56.43 -20.33 -13.60
CA ALA A 1231 -56.99 -19.34 -12.71
C ALA A 1231 -56.63 -19.69 -11.27
N ILE A 1232 -56.20 -18.69 -10.51
CA ILE A 1232 -55.77 -18.87 -9.12
C ILE A 1232 -56.97 -18.53 -8.24
N ASN A 1233 -57.66 -19.56 -7.76
CA ASN A 1233 -58.77 -19.35 -6.85
C ASN A 1233 -58.24 -18.98 -5.48
N VAL A 1234 -58.73 -17.86 -4.93
CA VAL A 1234 -58.19 -17.29 -3.71
C VAL A 1234 -59.26 -17.24 -2.64
N PHE A 1235 -58.82 -17.22 -1.38
CA PHE A 1235 -59.70 -17.17 -0.23
C PHE A 1235 -59.01 -16.37 0.86
N PRO A 1236 -59.75 -15.56 1.63
CA PRO A 1236 -59.18 -14.77 2.73
C PRO A 1236 -58.62 -15.62 3.86
N SER A 1252 -56.03 -2.77 7.37
CA SER A 1252 -56.15 -4.15 7.81
C SER A 1252 -57.33 -4.85 7.12
N GLU A 1253 -58.43 -4.13 6.99
CA GLU A 1253 -59.63 -4.70 6.36
C GLU A 1253 -59.51 -4.66 4.85
N ASN A 1254 -60.27 -5.56 4.20
CA ASN A 1254 -60.35 -5.73 2.75
C ASN A 1254 -58.97 -6.03 2.15
N ASP A 1255 -58.40 -7.16 2.57
CA ASP A 1255 -57.08 -7.58 2.14
C ASP A 1255 -57.13 -8.43 0.87
N VAL A 1256 -58.29 -8.49 0.20
CA VAL A 1256 -58.38 -9.24 -1.05
C VAL A 1256 -57.72 -8.47 -2.18
N PHE A 1257 -58.08 -7.18 -2.33
CA PHE A 1257 -57.56 -6.38 -3.43
C PHE A 1257 -56.08 -6.09 -3.28
N TYR A 1258 -55.58 -6.05 -2.03
CA TYR A 1258 -54.14 -5.88 -1.80
C TYR A 1258 -53.36 -7.09 -2.29
N ARG A 1259 -53.86 -8.30 -1.98
CA ARG A 1259 -53.24 -9.52 -2.49
C ARG A 1259 -53.37 -9.62 -4.00
N MET A 1260 -54.46 -9.09 -4.56
CA MET A 1260 -54.60 -9.07 -6.02
C MET A 1260 -53.55 -8.15 -6.66
N GLN A 1261 -53.29 -6.99 -6.05
CA GLN A 1261 -52.28 -6.09 -6.57
C GLN A 1261 -50.87 -6.68 -6.47
N GLN A 1262 -50.53 -7.25 -5.31
CA GLN A 1262 -49.20 -7.84 -5.14
C GLN A 1262 -49.01 -9.08 -6.03
N LEU A 1263 -50.07 -9.87 -6.21
CA LEU A 1263 -49.95 -11.07 -7.04
C LEU A 1263 -49.98 -10.73 -8.52
N ARG A 1264 -50.59 -9.60 -8.90
CA ARG A 1264 -50.49 -9.15 -10.28
C ARG A 1264 -49.09 -8.59 -10.56
N ARG A 1265 -48.50 -7.91 -9.58
CA ARG A 1265 -47.19 -7.30 -9.79
C ARG A 1265 -46.03 -8.24 -9.48
N ALA A 1266 -46.30 -9.46 -9.02
CA ALA A 1266 -45.26 -10.46 -8.82
C ALA A 1266 -45.36 -11.62 -9.80
N LEU A 1267 -46.34 -11.63 -10.69
CA LEU A 1267 -46.57 -12.71 -11.65
C LEU A 1267 -45.77 -12.66 -12.96
N PRO A 1268 -45.62 -11.55 -13.70
CA PRO A 1268 -44.95 -11.66 -15.00
C PRO A 1268 -43.43 -11.86 -14.94
N ASP A 1269 -42.81 -11.79 -13.76
CA ASP A 1269 -41.40 -12.11 -13.61
C ASP A 1269 -41.21 -13.49 -12.95
N VAL A 1270 -42.06 -14.43 -13.32
CA VAL A 1270 -42.01 -15.80 -12.83
C VAL A 1270 -41.49 -16.70 -13.93
N VAL A 1271 -40.50 -17.53 -13.61
CA VAL A 1271 -39.92 -18.46 -14.58
C VAL A 1271 -40.93 -19.56 -14.91
N VAL A 1272 -40.79 -20.15 -16.10
CA VAL A 1272 -41.68 -21.22 -16.55
C VAL A 1272 -40.85 -22.47 -16.82
N LYS A 1273 -39.94 -22.37 -17.78
CA LYS A 1273 -39.05 -23.47 -18.14
C LYS A 1273 -37.66 -22.90 -18.39
N GLY A 1274 -36.68 -23.45 -17.69
CA GLY A 1274 -35.31 -22.97 -17.81
C GLY A 1274 -34.60 -22.92 -16.48
N LEU A 1275 -33.44 -22.26 -16.44
CA LEU A 1275 -32.68 -22.20 -15.20
C LEU A 1275 -32.50 -20.75 -14.75
N PRO A 1276 -32.61 -20.47 -13.45
CA PRO A 1276 -32.76 -19.08 -13.00
C PRO A 1276 -31.50 -18.24 -13.04
N ASP A 1277 -30.33 -18.84 -12.83
CA ASP A 1277 -29.10 -18.08 -12.67
C ASP A 1277 -28.44 -17.72 -13.99
N ILE A 1278 -28.95 -18.21 -15.12
CA ILE A 1278 -28.38 -17.92 -16.43
C ILE A 1278 -29.06 -16.69 -17.00
N SER A 1279 -28.25 -15.70 -17.40
CA SER A 1279 -28.78 -14.49 -18.02
C SER A 1279 -29.34 -14.79 -19.41
N ARG A 1280 -28.51 -15.30 -20.31
CA ARG A 1280 -28.89 -15.49 -21.69
C ARG A 1280 -28.02 -16.59 -22.30
N ALA A 1281 -28.20 -16.84 -23.59
CA ALA A 1281 -27.49 -17.93 -24.25
C ALA A 1281 -27.28 -17.59 -25.71
N VAL A 1282 -26.05 -17.77 -26.19
CA VAL A 1282 -25.68 -17.50 -27.57
C VAL A 1282 -25.05 -18.76 -28.15
N ILE A 1283 -25.60 -19.24 -29.26
CA ILE A 1283 -24.99 -20.32 -30.03
C ILE A 1283 -24.12 -19.68 -31.12
N ASN A 1284 -22.96 -20.28 -31.38
CA ASN A 1284 -21.95 -19.64 -32.21
C ASN A 1284 -21.23 -20.70 -33.05
N ILE A 1285 -20.73 -20.24 -34.19
CA ILE A 1285 -19.96 -21.06 -35.12
C ILE A 1285 -18.48 -20.70 -34.93
N ARG A 1286 -17.63 -21.72 -34.81
CA ARG A 1286 -16.19 -21.52 -34.68
C ARG A 1286 -15.58 -21.29 -36.06
N ASP A 1287 -14.24 -21.38 -36.13
CA ASP A 1287 -13.54 -21.23 -37.40
C ASP A 1287 -13.87 -22.34 -38.38
N ASP A 1288 -14.18 -23.53 -37.88
CA ASP A 1288 -14.68 -24.61 -38.70
C ASP A 1288 -16.21 -24.60 -38.69
N GLY A 1289 -16.82 -25.61 -39.31
CA GLY A 1289 -18.26 -25.69 -39.36
C GLY A 1289 -18.86 -26.46 -38.19
N LYS A 1290 -18.68 -25.93 -36.98
CA LYS A 1290 -19.23 -26.54 -35.78
C LYS A 1290 -20.19 -25.57 -35.11
N ARG A 1291 -20.95 -26.08 -34.14
CA ARG A 1291 -21.95 -25.30 -33.40
C ARG A 1291 -21.70 -25.51 -31.91
N GLU A 1292 -21.41 -24.41 -31.20
CA GLU A 1292 -21.22 -24.49 -29.75
C GLU A 1292 -21.93 -23.33 -29.09
N LEU A 1293 -22.63 -23.60 -27.99
CA LEU A 1293 -23.36 -22.56 -27.28
C LEU A 1293 -22.53 -22.02 -26.12
N LEU A 1294 -23.05 -20.97 -25.50
CA LEU A 1294 -22.43 -20.35 -24.34
C LEU A 1294 -23.49 -19.60 -23.54
N VAL A 1295 -23.46 -19.78 -22.23
CA VAL A 1295 -24.38 -19.08 -21.33
C VAL A 1295 -23.56 -18.21 -20.40
N GLU A 1296 -24.24 -17.47 -19.51
CA GLU A 1296 -23.58 -16.55 -18.58
C GLU A 1296 -24.13 -16.75 -17.17
N GLY A 1297 -24.20 -17.99 -16.72
CA GLY A 1297 -24.78 -18.29 -15.44
C GLY A 1297 -23.81 -18.69 -14.35
N TYR A 1298 -24.29 -19.49 -13.39
CA TYR A 1298 -23.48 -19.90 -12.25
C TYR A 1298 -23.64 -21.36 -11.86
N GLY A 1299 -24.39 -22.15 -12.61
CA GLY A 1299 -24.69 -23.52 -12.19
C GLY A 1299 -23.58 -24.55 -12.36
N LEU A 1300 -23.24 -24.86 -13.62
CA LEU A 1300 -22.23 -25.83 -14.09
C LEU A 1300 -22.64 -27.28 -13.80
N ARG A 1301 -23.73 -27.50 -13.08
CA ARG A 1301 -24.29 -28.83 -12.87
C ARG A 1301 -25.63 -28.99 -13.56
N ASP A 1302 -26.49 -27.97 -13.46
CA ASP A 1302 -27.74 -27.95 -14.22
C ASP A 1302 -27.49 -27.81 -15.71
N VAL A 1303 -26.43 -27.09 -16.10
CA VAL A 1303 -26.06 -26.98 -17.50
C VAL A 1303 -25.44 -28.28 -17.98
N MET A 1304 -24.66 -28.94 -17.11
CA MET A 1304 -24.01 -30.19 -17.48
C MET A 1304 -25.01 -31.35 -17.52
N CYS A 1305 -26.08 -31.26 -16.72
CA CYS A 1305 -27.18 -32.24 -16.75
C CYS A 1305 -28.29 -31.64 -17.61
N THR A 1306 -28.14 -31.76 -18.92
CA THR A 1306 -29.09 -31.21 -19.89
C THR A 1306 -29.17 -32.15 -21.07
N ASP A 1307 -30.40 -32.48 -21.48
CA ASP A 1307 -30.62 -33.35 -22.63
C ASP A 1307 -30.21 -32.60 -23.90
N GLY A 1308 -29.05 -32.95 -24.44
CA GLY A 1308 -28.56 -32.31 -25.65
C GLY A 1308 -27.09 -31.99 -25.62
N VAL A 1309 -26.55 -31.68 -24.44
CA VAL A 1309 -25.13 -31.42 -24.28
C VAL A 1309 -24.44 -32.71 -23.87
N ILE A 1310 -23.13 -32.76 -24.08
CA ILE A 1310 -22.29 -33.83 -23.54
C ILE A 1310 -21.57 -33.28 -22.33
N GLY A 1311 -21.60 -34.04 -21.23
CA GLY A 1311 -21.00 -33.61 -19.99
C GLY A 1311 -19.54 -33.91 -19.84
N SER A 1312 -18.87 -34.31 -20.93
CA SER A 1312 -17.46 -34.64 -20.85
C SER A 1312 -16.61 -33.38 -20.69
N ARG A 1313 -16.63 -32.50 -21.69
CA ARG A 1313 -15.77 -31.34 -21.70
C ARG A 1313 -16.59 -30.05 -21.62
N THR A 1314 -16.23 -29.19 -20.69
CA THR A 1314 -16.83 -27.87 -20.51
C THR A 1314 -15.84 -27.02 -19.72
N THR A 1315 -16.03 -25.70 -19.78
CA THR A 1315 -15.10 -24.78 -19.14
C THR A 1315 -15.85 -23.52 -18.75
N THR A 1316 -15.76 -23.14 -17.47
CA THR A 1316 -16.28 -21.87 -17.01
C THR A 1316 -15.15 -21.04 -16.41
N ASN A 1317 -15.42 -19.74 -16.24
CA ASN A 1317 -14.39 -18.85 -15.73
C ASN A 1317 -14.30 -18.89 -14.22
N HIS A 1318 -15.42 -19.11 -13.54
CA HIS A 1318 -15.47 -19.02 -12.08
C HIS A 1318 -14.78 -20.23 -11.47
N VAL A 1319 -13.73 -19.97 -10.69
CA VAL A 1319 -12.90 -21.04 -10.14
C VAL A 1319 -13.63 -21.74 -9.01
N LEU A 1320 -14.33 -20.98 -8.17
CA LEU A 1320 -15.11 -21.57 -7.08
C LEU A 1320 -16.29 -22.39 -7.60
N GLU A 1321 -16.81 -22.04 -8.77
CA GLU A 1321 -17.84 -22.86 -9.42
C GLU A 1321 -17.28 -24.21 -9.85
N VAL A 1322 -16.00 -24.25 -10.24
CA VAL A 1322 -15.36 -25.52 -10.55
C VAL A 1322 -15.08 -26.29 -9.27
N PHE A 1323 -14.67 -25.58 -8.20
CA PHE A 1323 -14.35 -26.22 -6.92
C PHE A 1323 -15.59 -26.81 -6.26
N SER A 1324 -16.76 -26.20 -6.46
CA SER A 1324 -17.98 -26.74 -5.87
C SER A 1324 -18.44 -28.01 -6.58
N VAL A 1325 -18.16 -28.12 -7.88
CA VAL A 1325 -18.65 -29.25 -8.66
C VAL A 1325 -17.60 -30.34 -8.81
N LEU A 1326 -16.36 -29.96 -9.13
CA LEU A 1326 -15.33 -30.94 -9.50
C LEU A 1326 -14.43 -31.32 -8.33
N GLY A 1327 -13.73 -30.36 -7.73
CA GLY A 1327 -12.91 -30.67 -6.58
C GLY A 1327 -11.67 -29.79 -6.51
N ILE A 1328 -10.71 -30.23 -5.70
CA ILE A 1328 -9.47 -29.47 -5.52
C ILE A 1328 -8.60 -29.55 -6.77
N GLU A 1329 -8.34 -30.78 -7.24
CA GLU A 1329 -7.32 -30.99 -8.26
C GLU A 1329 -7.77 -30.49 -9.63
N ALA A 1330 -9.08 -30.46 -9.88
CA ALA A 1330 -9.59 -29.85 -11.09
C ALA A 1330 -9.76 -28.34 -10.96
N ALA A 1331 -9.42 -27.76 -9.81
CA ALA A 1331 -9.46 -26.32 -9.64
C ALA A 1331 -8.09 -25.67 -9.80
N ARG A 1332 -7.00 -26.44 -9.70
CA ARG A 1332 -5.69 -25.92 -10.05
C ARG A 1332 -5.39 -26.08 -11.53
N TYR A 1333 -5.86 -27.16 -12.15
CA TYR A 1333 -5.69 -27.33 -13.58
C TYR A 1333 -6.60 -26.38 -14.37
N SER A 1334 -7.61 -25.80 -13.71
CA SER A 1334 -8.38 -24.72 -14.31
C SER A 1334 -7.67 -23.38 -14.16
N ILE A 1335 -7.03 -23.14 -13.01
CA ILE A 1335 -6.43 -21.83 -12.78
C ILE A 1335 -5.12 -21.68 -13.55
N ILE A 1336 -4.41 -22.77 -13.84
CA ILE A 1336 -3.16 -22.65 -14.57
C ILE A 1336 -3.40 -22.36 -16.05
N ARG A 1337 -4.60 -22.64 -16.56
CA ARG A 1337 -4.98 -22.21 -17.89
C ARG A 1337 -5.80 -20.93 -17.90
N GLU A 1338 -6.41 -20.56 -16.77
CA GLU A 1338 -7.15 -19.30 -16.73
C GLU A 1338 -6.19 -18.12 -16.58
N ILE A 1339 -5.10 -18.30 -15.83
CA ILE A 1339 -4.04 -17.29 -15.83
C ILE A 1339 -3.31 -17.28 -17.17
N ASN A 1340 -3.19 -18.45 -17.81
CA ASN A 1340 -2.54 -18.54 -19.11
C ASN A 1340 -3.38 -17.90 -20.22
N TYR A 1341 -4.69 -17.77 -20.02
CA TYR A 1341 -5.55 -17.22 -21.05
C TYR A 1341 -5.54 -15.69 -21.02
N THR A 1342 -5.46 -15.09 -19.83
CA THR A 1342 -5.45 -13.64 -19.71
C THR A 1342 -4.09 -13.03 -19.99
N MET A 1343 -3.06 -13.84 -20.25
CA MET A 1343 -1.74 -13.35 -20.61
C MET A 1343 -1.40 -13.58 -22.07
N SER A 1344 -1.75 -14.74 -22.62
CA SER A 1344 -1.44 -15.06 -24.02
C SER A 1344 -2.26 -14.26 -25.02
N ASN A 1345 -3.32 -13.59 -24.57
CA ASN A 1345 -4.11 -12.70 -25.42
C ASN A 1345 -3.52 -11.29 -25.46
N HIS A 1346 -2.35 -11.10 -24.83
CA HIS A 1346 -1.61 -9.85 -24.89
C HIS A 1346 -0.17 -10.02 -25.33
N GLY A 1347 0.42 -11.21 -25.14
CA GLY A 1347 1.83 -11.45 -25.36
C GLY A 1347 2.41 -12.12 -24.13
N MET A 1348 3.52 -11.56 -23.61
CA MET A 1348 4.04 -11.72 -22.24
C MET A 1348 4.07 -13.19 -21.75
N SER A 1349 4.95 -13.96 -22.38
CA SER A 1349 5.16 -15.35 -21.99
C SER A 1349 5.83 -15.42 -20.60
N VAL A 1350 5.19 -16.11 -19.66
CA VAL A 1350 5.67 -16.19 -18.28
C VAL A 1350 5.91 -17.66 -17.96
N ASP A 1351 6.43 -18.42 -18.96
CA ASP A 1351 7.10 -19.74 -18.91
C ASP A 1351 6.49 -20.72 -17.91
N PRO A 1352 5.32 -21.31 -18.24
CA PRO A 1352 4.25 -21.57 -17.24
C PRO A 1352 4.54 -22.30 -15.93
N ARG A 1353 5.79 -22.70 -15.66
CA ARG A 1353 6.16 -23.21 -14.34
C ARG A 1353 5.90 -22.20 -13.24
N HIS A 1354 6.04 -20.91 -13.52
CA HIS A 1354 5.65 -19.87 -12.56
C HIS A 1354 4.16 -19.89 -12.29
N ILE A 1355 3.36 -20.13 -13.34
CA ILE A 1355 1.91 -20.17 -13.19
C ILE A 1355 1.50 -21.41 -12.42
N GLN A 1356 2.21 -22.52 -12.63
CA GLN A 1356 1.94 -23.74 -11.88
C GLN A 1356 2.38 -23.62 -10.44
N LEU A 1357 3.38 -22.77 -10.16
CA LEU A 1357 3.71 -22.49 -8.77
C LEU A 1357 2.67 -21.59 -8.12
N LEU A 1358 2.10 -20.64 -8.88
CA LEU A 1358 1.02 -19.82 -8.36
C LEU A 1358 -0.24 -20.65 -8.14
N GLY A 1359 -0.57 -21.54 -9.07
CA GLY A 1359 -1.75 -22.37 -8.93
C GLY A 1359 -1.64 -23.51 -7.95
N ASP A 1360 -0.53 -23.61 -7.22
CA ASP A 1360 -0.35 -24.65 -6.23
C ASP A 1360 -0.30 -24.12 -4.81
N VAL A 1361 0.04 -22.83 -4.62
CA VAL A 1361 0.02 -22.25 -3.28
C VAL A 1361 -1.35 -21.79 -2.86
N MET A 1362 -2.29 -21.69 -3.78
CA MET A 1362 -3.64 -21.28 -3.46
C MET A 1362 -4.53 -22.45 -3.04
N THR A 1363 -4.14 -23.67 -3.39
CA THR A 1363 -5.01 -24.83 -3.24
C THR A 1363 -4.33 -26.02 -2.56
N TYR A 1364 -3.20 -25.82 -1.87
CA TYR A 1364 -2.54 -26.95 -1.23
C TYR A 1364 -3.02 -27.19 0.19
N LYS A 1365 -3.99 -26.41 0.67
CA LYS A 1365 -4.58 -26.61 1.99
C LYS A 1365 -5.90 -27.36 1.93
N GLY A 1366 -6.29 -27.85 0.76
CA GLY A 1366 -7.54 -28.57 0.62
C GLY A 1366 -8.72 -27.73 0.18
N GLU A 1367 -8.54 -26.43 -0.01
CA GLU A 1367 -9.61 -25.58 -0.49
C GLU A 1367 -9.00 -24.37 -1.17
N VAL A 1368 -9.73 -23.83 -2.15
CA VAL A 1368 -9.26 -22.68 -2.92
C VAL A 1368 -9.55 -21.43 -2.11
N LEU A 1369 -8.53 -20.90 -1.44
CA LEU A 1369 -8.63 -19.62 -0.76
C LEU A 1369 -7.47 -18.76 -1.22
N GLY A 1370 -7.77 -17.54 -1.61
CA GLY A 1370 -6.85 -16.69 -2.33
C GLY A 1370 -6.09 -15.73 -1.44
N ILE A 1371 -5.80 -14.55 -2.01
CA ILE A 1371 -4.95 -13.55 -1.37
C ILE A 1371 -5.82 -12.32 -1.15
N THR A 1372 -6.36 -12.18 0.06
CA THR A 1372 -7.25 -11.08 0.40
C THR A 1372 -7.15 -10.82 1.90
N ARG A 1373 -8.10 -10.06 2.45
CA ARG A 1373 -8.11 -9.77 3.88
C ARG A 1373 -8.35 -11.03 4.70
N PHE A 1374 -9.23 -11.92 4.23
CA PHE A 1374 -9.49 -13.19 4.89
C PHE A 1374 -8.62 -14.32 4.35
N GLY A 1375 -7.76 -14.05 3.37
CA GLY A 1375 -7.05 -15.10 2.66
C GLY A 1375 -5.64 -15.36 3.10
N LEU A 1376 -5.04 -14.43 3.84
CA LEU A 1376 -3.67 -14.59 4.33
C LEU A 1376 -3.59 -15.37 5.63
N SER A 1377 -4.69 -16.00 6.06
CA SER A 1377 -4.67 -16.89 7.21
C SER A 1377 -4.56 -18.36 6.80
N LYS A 1378 -3.86 -18.64 5.69
CA LYS A 1378 -3.75 -20.01 5.20
C LYS A 1378 -2.85 -20.87 6.09
N MET A 1379 -1.57 -20.52 6.18
CA MET A 1379 -0.60 -21.29 6.96
C MET A 1379 0.28 -20.41 7.83
N ARG A 1380 0.45 -19.14 7.49
CA ARG A 1380 1.38 -18.26 8.17
C ARG A 1380 0.87 -17.92 9.57
N ASP A 1381 1.54 -18.46 10.59
CA ASP A 1381 1.36 -18.02 11.96
C ASP A 1381 2.16 -16.77 12.28
N SER A 1382 2.87 -16.21 11.30
CA SER A 1382 3.72 -15.05 11.49
C SER A 1382 2.85 -13.83 11.76
N VAL A 1383 2.83 -13.38 13.01
CA VAL A 1383 1.98 -12.27 13.39
C VAL A 1383 2.58 -10.95 12.91
N LEU A 1384 3.93 -10.86 12.91
CA LEU A 1384 4.59 -9.65 12.45
C LEU A 1384 4.48 -9.47 10.95
N GLN A 1385 4.45 -10.59 10.20
CA GLN A 1385 4.24 -10.50 8.75
C GLN A 1385 2.80 -10.12 8.43
N LEU A 1386 1.85 -10.68 9.16
CA LEU A 1386 0.44 -10.36 8.93
C LEU A 1386 0.02 -9.03 9.54
N ALA A 1387 0.92 -8.36 10.29
CA ALA A 1387 0.69 -7.00 10.73
C ALA A 1387 1.09 -5.97 9.67
N SER A 1388 1.62 -6.42 8.52
CA SER A 1388 2.01 -5.54 7.42
C SER A 1388 0.94 -5.46 6.34
N PHE A 1389 -0.34 -5.55 6.73
CA PHE A 1389 -1.46 -5.52 5.81
C PHE A 1389 -2.48 -4.53 6.35
N GLU A 1390 -3.34 -4.04 5.45
CA GLU A 1390 -4.37 -3.06 5.80
C GLU A 1390 -5.40 -3.67 6.75
N LYS A 1391 -6.13 -2.78 7.44
CA LYS A 1391 -7.08 -3.11 8.52
C LYS A 1391 -6.38 -3.92 9.63
N THR A 1392 -5.50 -3.20 10.33
CA THR A 1392 -4.71 -3.74 11.43
C THR A 1392 -5.58 -3.71 12.69
N THR A 1393 -4.97 -3.89 13.87
CA THR A 1393 -5.59 -3.83 15.20
C THR A 1393 -6.66 -4.92 15.39
N ASP A 1394 -6.57 -6.00 14.61
CA ASP A 1394 -7.42 -7.16 14.80
C ASP A 1394 -6.68 -8.49 14.70
N HIS A 1395 -5.46 -8.51 14.16
CA HIS A 1395 -4.68 -9.74 14.09
C HIS A 1395 -3.65 -9.84 15.20
N LEU A 1396 -3.33 -8.73 15.87
CA LEU A 1396 -2.47 -8.80 17.03
C LEU A 1396 -3.20 -9.36 18.25
N PHE A 1397 -4.51 -9.09 18.33
CA PHE A 1397 -5.25 -9.38 19.56
C PHE A 1397 -5.75 -10.81 19.62
N ASP A 1398 -6.09 -11.44 18.50
CA ASP A 1398 -6.36 -12.87 18.55
C ASP A 1398 -5.07 -13.69 18.65
N ALA A 1399 -3.95 -13.12 18.20
CA ALA A 1399 -2.67 -13.78 18.45
C ALA A 1399 -2.30 -13.71 19.93
N ALA A 1400 -2.58 -12.58 20.58
CA ALA A 1400 -2.36 -12.49 22.01
C ALA A 1400 -3.42 -13.23 22.82
N PHE A 1401 -4.60 -13.46 22.25
CA PHE A 1401 -5.69 -14.14 22.94
C PHE A 1401 -5.58 -15.66 22.83
N TYR A 1402 -5.42 -16.18 21.60
CA TYR A 1402 -5.31 -17.61 21.40
C TYR A 1402 -3.91 -18.15 21.67
N MET A 1403 -2.96 -17.27 22.01
CA MET A 1403 -1.61 -17.61 22.49
C MET A 1403 -0.84 -18.44 21.48
N LYS A 1404 -0.53 -17.80 20.35
CA LYS A 1404 0.17 -18.45 19.26
C LYS A 1404 1.63 -18.72 19.64
N LYS A 1405 2.17 -19.81 19.10
CA LYS A 1405 3.55 -20.19 19.41
C LYS A 1405 4.54 -19.29 18.66
N ASP A 1406 4.37 -19.19 17.34
CA ASP A 1406 5.10 -18.27 16.44
C ASP A 1406 6.62 -18.52 16.50
N ALA A 1407 7.00 -19.70 16.01
CA ALA A 1407 8.41 -19.99 15.80
C ALA A 1407 8.91 -19.19 14.60
N VAL A 1408 9.93 -18.36 14.82
CA VAL A 1408 10.46 -17.50 13.76
C VAL A 1408 11.24 -18.33 12.74
N GLU A 1409 10.66 -18.48 11.55
CA GLU A 1409 11.29 -19.19 10.45
C GLU A 1409 11.21 -18.48 9.11
N GLY A 1410 10.23 -17.60 8.89
CA GLY A 1410 10.08 -16.96 7.61
C GLY A 1410 10.99 -15.76 7.45
N VAL A 1411 11.12 -15.31 6.20
CA VAL A 1411 12.04 -14.22 5.89
C VAL A 1411 11.51 -12.87 6.39
N SER A 1412 10.19 -12.70 6.43
CA SER A 1412 9.63 -11.42 6.82
C SER A 1412 9.70 -11.15 8.32
N GLU A 1413 9.81 -12.18 9.14
CA GLU A 1413 10.03 -11.99 10.57
C GLU A 1413 11.46 -12.30 10.98
N CYS A 1414 12.36 -12.48 10.01
CA CYS A 1414 13.79 -12.45 10.27
C CYS A 1414 14.44 -11.13 9.89
N ILE A 1415 13.80 -10.35 9.02
CA ILE A 1415 14.29 -9.00 8.74
C ILE A 1415 13.82 -8.00 9.78
N ILE A 1416 12.77 -8.33 10.55
CA ILE A 1416 12.36 -7.47 11.65
C ILE A 1416 13.23 -7.71 12.87
N LEU A 1417 13.47 -8.98 13.19
CA LEU A 1417 14.33 -9.35 14.31
C LEU A 1417 15.81 -9.24 13.96
N GLY A 1418 16.15 -9.08 12.69
CA GLY A 1418 17.54 -8.98 12.30
C GLY A 1418 18.27 -10.29 12.17
N GLN A 1419 17.55 -11.40 12.03
CA GLN A 1419 18.17 -12.69 11.81
C GLN A 1419 18.47 -12.90 10.33
N THR A 1420 19.23 -13.94 10.04
CA THR A 1420 19.48 -14.32 8.66
C THR A 1420 18.35 -15.21 8.16
N MET A 1421 17.95 -15.00 6.91
CA MET A 1421 16.85 -15.76 6.36
C MET A 1421 17.28 -17.18 6.04
N SER A 1422 16.31 -18.09 6.01
CA SER A 1422 16.58 -19.50 5.80
C SER A 1422 16.64 -19.90 4.33
N ILE A 1423 16.38 -18.97 3.42
CA ILE A 1423 16.40 -19.25 2.00
C ILE A 1423 17.57 -18.49 1.37
N GLY A 1424 17.81 -18.76 0.09
CA GLY A 1424 18.84 -18.07 -0.65
C GLY A 1424 20.24 -18.47 -0.25
N THR A 1425 20.98 -17.55 0.36
CA THR A 1425 22.36 -17.78 0.74
C THR A 1425 22.48 -18.44 2.10
N GLY A 1426 21.60 -18.11 3.04
CA GLY A 1426 21.65 -18.72 4.36
C GLY A 1426 20.84 -20.00 4.48
N SER A 1427 20.92 -20.86 3.46
CA SER A 1427 20.27 -22.16 3.47
C SER A 1427 21.23 -23.27 3.87
N PHE A 1428 22.45 -22.92 4.26
CA PHE A 1428 23.46 -23.90 4.65
C PHE A 1428 24.37 -23.24 5.68
N LYS A 1429 25.43 -23.94 6.05
CA LYS A 1429 26.49 -23.35 6.87
C LYS A 1429 27.84 -23.77 6.32
N VAL A 1430 28.83 -22.91 6.50
CA VAL A 1430 30.22 -23.26 6.26
C VAL A 1430 30.92 -23.37 7.61
N VAL A 1431 31.61 -24.49 7.82
CA VAL A 1431 32.37 -24.70 9.04
C VAL A 1431 33.79 -25.06 8.64
N LYS A 1432 34.74 -24.76 9.52
CA LYS A 1432 36.16 -24.89 9.20
C LYS A 1432 36.72 -26.18 9.81
N GLY A 1433 37.42 -26.96 9.00
CA GLY A 1433 38.01 -28.19 9.49
C GLY A 1433 39.21 -27.90 10.36
N THR A 1434 39.27 -28.55 11.53
CA THR A 1434 40.38 -28.36 12.44
C THR A 1434 41.65 -29.06 12.00
N ASN A 1435 41.51 -30.05 11.10
CA ASN A 1435 42.63 -30.85 10.56
C ASN A 1435 43.43 -31.53 11.66
N ILE A 1436 42.72 -32.07 12.65
CA ILE A 1436 43.34 -32.73 13.78
C ILE A 1436 43.04 -34.23 13.69
N SER A 1437 43.91 -35.02 14.30
CA SER A 1437 43.81 -36.48 14.28
C SER A 1437 43.54 -36.99 15.69
N GLU A 1438 43.39 -38.31 15.80
CA GLU A 1438 43.18 -38.95 17.08
C GLU A 1438 44.47 -39.20 17.85
N LYS A 1439 45.63 -38.97 17.21
CA LYS A 1439 46.91 -39.17 17.89
C LYS A 1439 47.20 -38.05 18.88
N ASP A 1440 46.81 -36.82 18.54
CA ASP A 1440 46.98 -35.70 19.47
C ASP A 1440 45.93 -35.71 20.57
N LEU A 1441 44.77 -36.32 20.32
CA LEU A 1441 43.69 -36.38 21.30
C LEU A 1441 43.76 -37.70 22.06
N VAL A 1442 44.83 -37.85 22.83
CA VAL A 1442 45.02 -39.04 23.66
C VAL A 1442 45.06 -38.65 25.13
N PRO A 1443 44.49 -39.45 26.02
CA PRO A 1443 44.62 -39.17 27.46
C PRO A 1443 46.00 -39.52 27.98
N LYS A 1444 46.94 -38.58 27.90
CA LYS A 1444 48.30 -38.81 28.36
C LYS A 1444 48.33 -39.09 29.86
N ARG A 1445 49.20 -40.02 30.25
CA ARG A 1445 49.12 -40.64 31.57
C ARG A 1445 50.44 -41.32 31.88
N CYS A 1446 51.00 -41.04 33.05
CA CYS A 1446 52.22 -41.69 33.52
C CYS A 1446 52.19 -41.76 35.05
N LEU A 1447 51.94 -42.98 35.56
CA LEU A 1447 52.01 -43.31 36.99
C LEU A 1447 51.02 -42.50 37.83
N PHE A 1448 49.84 -42.22 37.28
CA PHE A 1448 48.80 -41.53 38.03
C PHE A 1448 48.04 -42.49 38.94
N GLU A 1449 47.33 -43.45 38.34
CA GLU A 1449 46.54 -44.42 39.07
C GLU A 1449 47.08 -45.83 38.87
N SER A 1450 48.40 -45.94 38.63
CA SER A 1450 49.02 -47.23 38.41
C SER A 1450 49.08 -48.07 39.68
N LEU A 1451 49.07 -47.43 40.84
CA LEU A 1451 49.07 -48.17 42.10
C LEU A 1451 48.06 -47.65 43.12
N SER A 1452 47.52 -46.44 42.95
CA SER A 1452 46.53 -45.91 43.88
C SER A 1452 45.21 -46.68 43.84
N ASN A 1453 44.93 -47.36 42.73
CA ASN A 1453 43.84 -48.33 42.70
C ASN A 1453 44.27 -49.70 43.18
N GLU A 1454 45.58 -49.99 43.14
CA GLU A 1454 46.10 -51.28 43.58
C GLU A 1454 46.15 -51.38 45.10
N ALA A 1455 46.58 -50.31 45.77
CA ALA A 1455 46.69 -50.31 47.23
C ALA A 1455 45.41 -49.81 47.89
N ALA A 1456 44.28 -50.39 47.48
CA ALA A 1456 42.99 -50.12 48.11
C ALA A 1456 42.08 -51.33 48.16
N LEU A 1457 42.54 -52.49 47.68
CA LEU A 1457 41.70 -53.69 47.61
C LEU A 1457 42.34 -54.89 48.31
N LYS A 1458 43.46 -54.70 49.00
CA LYS A 1458 44.17 -55.81 49.63
C LYS A 1458 43.46 -56.18 50.93
N ALA A 1459 42.65 -57.24 50.86
CA ALA A 1459 41.97 -57.87 52.01
C ALA A 1459 41.05 -56.89 52.74
N ASN A 1460 40.37 -56.03 51.98
CA ASN A 1460 39.40 -55.10 52.56
C ASN A 1460 38.31 -54.72 51.57
N ASP B 36 -4.80 47.71 -48.76
CA ASP B 36 -5.10 47.36 -50.14
C ASP B 36 -6.59 47.08 -50.33
N GLU B 37 -7.06 45.98 -49.75
CA GLU B 37 -8.46 45.62 -49.81
C GLU B 37 -8.81 44.80 -48.57
N ILE B 38 -9.87 45.19 -47.88
CA ILE B 38 -10.29 44.52 -46.66
C ILE B 38 -11.06 43.27 -47.03
N ASN B 39 -10.58 42.12 -46.54
CA ASN B 39 -11.22 40.85 -46.81
C ASN B 39 -12.27 40.61 -45.73
N THR B 40 -12.80 39.40 -45.66
CA THR B 40 -13.80 39.02 -44.66
C THR B 40 -13.33 37.88 -43.78
N ALA B 41 -12.71 36.85 -44.37
CA ALA B 41 -12.18 35.73 -43.61
C ALA B 41 -10.85 36.03 -42.95
N GLN B 42 -10.23 37.18 -43.27
CA GLN B 42 -8.95 37.56 -42.68
C GLN B 42 -9.07 38.68 -41.65
N ASP B 43 -9.96 39.65 -41.88
CA ASP B 43 -10.17 40.72 -40.92
C ASP B 43 -11.10 40.31 -39.79
N LYS B 44 -11.70 39.12 -39.88
CA LYS B 44 -12.51 38.58 -38.79
C LYS B 44 -11.65 38.26 -37.57
N TRP B 45 -10.37 37.91 -37.81
CA TRP B 45 -9.36 37.73 -36.76
C TRP B 45 -9.29 38.92 -35.81
N HIS B 46 -9.42 40.14 -36.35
CA HIS B 46 -9.37 41.37 -35.59
C HIS B 46 -10.54 41.55 -34.62
N LEU B 47 -11.52 40.63 -34.59
CA LEU B 47 -12.50 40.67 -33.52
C LEU B 47 -11.89 40.28 -32.19
N LEU B 48 -10.84 39.46 -32.20
CA LEU B 48 -10.24 38.98 -30.95
C LEU B 48 -9.30 39.97 -30.23
N PRO B 49 -8.45 40.76 -30.89
CA PRO B 49 -7.75 41.82 -30.13
C PRO B 49 -8.69 42.87 -29.54
N ALA B 50 -9.70 43.30 -30.30
CA ALA B 50 -10.69 44.25 -29.79
C ALA B 50 -11.53 43.66 -28.67
N PHE B 51 -11.65 42.34 -28.59
CA PHE B 51 -12.27 41.71 -27.42
C PHE B 51 -11.38 41.83 -26.20
N LEU B 52 -10.06 41.73 -26.39
CA LEU B 52 -9.15 41.79 -25.24
C LEU B 52 -8.59 43.19 -24.99
N LYS B 53 -9.14 44.22 -25.64
CA LYS B 53 -8.74 45.58 -25.32
C LYS B 53 -9.65 46.18 -24.25
N VAL B 54 -10.95 45.93 -24.34
CA VAL B 54 -11.88 46.44 -23.34
C VAL B 54 -11.83 45.60 -22.08
N LYS B 55 -12.13 44.31 -22.20
CA LYS B 55 -12.08 43.37 -21.08
C LYS B 55 -10.90 42.44 -21.25
N GLY B 56 -10.10 42.28 -20.20
CA GLY B 56 -8.85 41.57 -20.29
C GLY B 56 -9.00 40.07 -20.27
N LEU B 57 -7.87 39.40 -20.03
CA LEU B 57 -7.85 37.94 -19.92
C LEU B 57 -7.95 37.48 -18.47
N VAL B 58 -7.72 38.38 -17.52
CA VAL B 58 -7.74 38.05 -16.09
C VAL B 58 -8.98 38.78 -15.54
N LYS B 59 -9.99 38.92 -16.39
CA LYS B 59 -11.20 39.65 -15.99
C LYS B 59 -12.09 38.84 -15.05
N GLN B 60 -11.91 37.51 -14.99
CA GLN B 60 -12.72 36.69 -14.10
C GLN B 60 -12.38 36.92 -12.63
N HIS B 61 -11.19 37.45 -12.34
CA HIS B 61 -10.85 37.87 -10.99
C HIS B 61 -11.14 39.34 -10.76
N LEU B 62 -11.04 40.17 -11.80
CA LEU B 62 -11.23 41.61 -11.63
C LEU B 62 -12.70 41.95 -11.47
N ASP B 63 -13.56 41.37 -12.31
CA ASP B 63 -14.97 41.74 -12.34
C ASP B 63 -15.71 41.29 -11.09
N SER B 64 -15.32 40.15 -10.51
CA SER B 64 -15.96 39.68 -9.29
C SER B 64 -15.62 40.58 -8.10
N PHE B 65 -14.36 40.99 -7.99
CA PHE B 65 -13.98 41.88 -6.89
C PHE B 65 -14.51 43.29 -7.11
N ASN B 66 -14.72 43.70 -8.35
CA ASN B 66 -15.34 44.99 -8.61
C ASN B 66 -16.83 44.94 -8.31
N TYR B 67 -17.48 43.81 -8.57
CA TYR B 67 -18.90 43.67 -8.27
C TYR B 67 -19.13 43.48 -6.77
N PHE B 68 -18.14 42.96 -6.06
CA PHE B 68 -18.29 42.77 -4.61
C PHE B 68 -18.30 44.10 -3.87
N VAL B 69 -17.23 44.90 -4.01
CA VAL B 69 -17.09 46.11 -3.20
C VAL B 69 -17.97 47.26 -3.65
N ASP B 70 -18.80 47.07 -4.67
CA ASP B 70 -19.73 48.10 -5.12
C ASP B 70 -21.19 47.69 -4.94
N THR B 71 -21.52 46.42 -5.11
CA THR B 71 -22.90 45.96 -5.05
C THR B 71 -23.15 45.01 -3.87
N ASP B 72 -22.39 43.92 -3.77
CA ASP B 72 -22.63 42.92 -2.73
C ASP B 72 -22.18 43.36 -1.35
N LEU B 73 -21.27 44.33 -1.27
CA LEU B 73 -20.81 44.81 0.03
C LEU B 73 -21.83 45.74 0.68
N LYS B 74 -22.69 46.37 -0.12
CA LYS B 74 -23.83 47.10 0.41
C LYS B 74 -24.99 46.15 0.73
N LYS B 75 -25.07 45.03 0.01
CA LYS B 75 -26.17 44.08 0.21
C LYS B 75 -26.04 43.33 1.53
N ILE B 76 -24.81 43.22 2.06
CA ILE B 76 -24.59 42.50 3.31
C ILE B 76 -25.17 43.27 4.49
N ILE B 77 -24.97 44.59 4.53
CA ILE B 77 -25.53 45.39 5.63
C ILE B 77 -27.02 45.68 5.44
N LYS B 78 -27.61 45.30 4.30
CA LYS B 78 -29.04 45.43 4.11
C LYS B 78 -29.82 44.23 4.64
N ALA B 79 -29.13 43.25 5.22
CA ALA B 79 -29.77 42.16 5.93
C ALA B 79 -29.51 42.20 7.43
N ASN B 80 -28.56 43.03 7.88
CA ASN B 80 -28.25 43.23 9.29
C ASN B 80 -28.25 44.71 9.62
N GLN B 81 -29.23 45.44 9.11
CA GLN B 81 -29.25 46.90 9.20
C GLN B 81 -29.68 47.42 10.56
N LEU B 82 -30.14 46.56 11.46
CA LEU B 82 -30.55 47.01 12.79
C LEU B 82 -30.33 45.89 13.78
N ILE B 83 -29.64 46.18 14.88
CA ILE B 83 -29.40 45.23 15.94
C ILE B 83 -30.29 45.58 17.13
N LEU B 84 -30.47 44.60 18.01
CA LEU B 84 -31.35 44.73 19.17
C LEU B 84 -30.54 44.57 20.45
N SER B 85 -31.24 44.59 21.58
CA SER B 85 -30.62 44.41 22.89
C SER B 85 -31.65 43.84 23.84
N ASP B 86 -31.21 42.91 24.68
CA ASP B 86 -32.09 42.27 25.66
C ASP B 86 -32.30 43.11 26.91
N VAL B 87 -31.63 44.26 27.03
CA VAL B 87 -31.86 45.13 28.17
C VAL B 87 -33.20 45.85 28.04
N ASP B 88 -33.42 46.52 26.91
CA ASP B 88 -34.66 47.23 26.63
C ASP B 88 -34.90 47.22 25.13
N PRO B 89 -36.16 47.30 24.68
CA PRO B 89 -36.42 47.44 23.24
C PRO B 89 -36.14 48.83 22.69
N GLU B 90 -35.86 49.82 23.54
CA GLU B 90 -35.55 51.17 23.07
C GLU B 90 -34.02 51.33 23.03
N PHE B 91 -33.41 50.56 22.14
CA PHE B 91 -31.97 50.64 21.89
C PHE B 91 -31.70 49.98 20.55
N TYR B 92 -31.06 50.71 19.63
CA TYR B 92 -30.82 50.18 18.30
C TYR B 92 -29.63 50.91 17.67
N LEU B 93 -28.88 50.16 16.86
CA LEU B 93 -27.85 50.70 16.00
C LEU B 93 -28.22 50.45 14.56
N LYS B 94 -28.17 51.50 13.74
CA LYS B 94 -28.63 51.44 12.35
C LYS B 94 -27.45 51.77 11.44
N TYR B 95 -27.13 50.84 10.54
CA TYR B 95 -26.06 51.02 9.57
C TYR B 95 -26.65 51.67 8.31
N VAL B 96 -26.33 52.95 8.09
CA VAL B 96 -26.90 53.68 6.97
C VAL B 96 -26.18 53.34 5.68
N ASP B 97 -24.86 53.60 5.62
CA ASP B 97 -24.10 53.43 4.40
C ASP B 97 -22.77 52.76 4.73
N ILE B 98 -22.23 52.05 3.74
CA ILE B 98 -20.93 51.39 3.86
C ILE B 98 -20.12 51.70 2.60
N ARG B 99 -18.82 51.90 2.78
CA ARG B 99 -17.92 52.25 1.68
C ARG B 99 -16.49 51.96 2.13
N VAL B 100 -15.58 51.92 1.16
CA VAL B 100 -14.19 51.54 1.40
C VAL B 100 -13.33 52.75 1.04
N GLY B 101 -12.83 53.44 2.07
CA GLY B 101 -11.86 54.51 1.90
C GLY B 101 -12.39 55.78 1.26
N LYS B 102 -13.51 56.30 1.75
CA LYS B 102 -14.10 57.50 1.18
C LYS B 102 -14.96 58.17 2.24
N LYS B 103 -14.68 59.42 2.56
CA LYS B 103 -15.50 60.19 3.49
C LYS B 103 -16.03 61.49 2.92
N SER B 104 -15.21 62.25 2.21
CA SER B 104 -15.54 63.63 1.87
C SER B 104 -15.17 63.88 0.42
N SER B 105 -15.12 65.16 0.04
CA SER B 105 -14.87 65.57 -1.34
C SER B 105 -13.43 65.39 -1.80
N SER B 106 -12.54 64.91 -0.93
CA SER B 106 -11.18 64.60 -1.35
C SER B 106 -11.15 63.32 -2.18
N SER B 107 -9.97 62.97 -2.68
CA SER B 107 -9.82 61.78 -3.50
C SER B 107 -9.91 60.53 -2.63
N THR B 108 -10.03 59.38 -3.31
CA THR B 108 -10.25 58.11 -2.63
C THR B 108 -8.97 57.66 -1.93
N LYS B 109 -8.84 58.01 -0.65
CA LYS B 109 -7.72 57.63 0.23
C LYS B 109 -6.39 58.11 -0.35
N ASP B 110 -6.20 59.43 -0.24
CA ASP B 110 -5.08 60.22 -0.75
C ASP B 110 -3.70 59.56 -0.63
N TYR B 111 -3.45 58.84 0.46
CA TYR B 111 -2.22 58.07 0.59
C TYR B 111 -2.54 56.65 1.05
N LEU B 112 -2.46 55.70 0.14
CA LEU B 112 -2.29 54.30 0.51
C LEU B 112 -0.82 53.98 0.62
N THR B 113 -0.52 52.78 1.12
CA THR B 113 0.81 52.23 0.91
C THR B 113 0.93 51.74 -0.52
N PRO B 114 2.09 51.92 -1.17
CA PRO B 114 2.26 51.40 -2.51
C PRO B 114 2.28 49.88 -2.50
N PRO B 115 1.89 49.23 -3.60
CA PRO B 115 1.87 47.76 -3.63
C PRO B 115 3.25 47.13 -3.65
N HIS B 116 4.30 47.88 -3.96
CA HIS B 116 5.66 47.35 -3.93
C HIS B 116 6.31 47.49 -2.56
N GLU B 117 6.01 48.57 -1.84
CA GLU B 117 6.58 48.77 -0.51
C GLU B 117 6.05 47.75 0.49
N CYS B 118 4.79 47.33 0.34
CA CYS B 118 4.21 46.35 1.24
C CYS B 118 4.53 44.91 0.85
N ARG B 119 5.38 44.70 -0.16
CA ARG B 119 5.95 43.39 -0.43
C ARG B 119 7.37 43.25 0.10
N LEU B 120 8.01 44.35 0.48
CA LEU B 120 9.32 44.33 1.11
C LEU B 120 9.27 44.51 2.61
N ARG B 121 8.22 45.14 3.13
CA ARG B 121 8.05 45.34 4.56
C ARG B 121 7.25 44.23 5.23
N ASP B 122 6.93 43.15 4.49
CA ASP B 122 6.11 42.03 4.95
C ASP B 122 4.75 42.50 5.49
N MET B 123 4.14 43.43 4.77
CA MET B 123 2.85 43.99 5.11
C MET B 123 1.78 43.43 4.19
N THR B 124 0.55 43.93 4.35
CA THR B 124 -0.54 43.61 3.46
C THR B 124 -1.05 44.89 2.81
N TYR B 125 -1.72 44.73 1.68
CA TYR B 125 -2.21 45.83 0.86
C TYR B 125 -3.70 45.96 1.08
N SER B 126 -4.08 46.79 2.05
CA SER B 126 -5.45 46.86 2.51
C SER B 126 -5.92 48.31 2.61
N ALA B 127 -7.23 48.49 2.50
CA ALA B 127 -7.88 49.78 2.69
C ALA B 127 -8.90 49.68 3.82
N PRO B 128 -9.13 50.77 4.56
CA PRO B 128 -10.10 50.71 5.66
C PRO B 128 -11.53 50.71 5.15
N ILE B 129 -12.41 50.08 5.92
CA ILE B 129 -13.84 50.07 5.66
C ILE B 129 -14.49 51.11 6.56
N TYR B 130 -15.18 52.08 5.96
CA TYR B 130 -15.88 53.10 6.71
C TYR B 130 -17.38 52.83 6.66
N VAL B 131 -18.01 52.80 7.82
CA VAL B 131 -19.46 52.67 7.92
C VAL B 131 -20.01 53.93 8.57
N ASP B 132 -21.31 54.12 8.45
CA ASP B 132 -22.02 55.23 9.07
C ASP B 132 -23.13 54.65 9.93
N ILE B 133 -23.14 55.03 11.20
CA ILE B 133 -24.08 54.45 12.16
C ILE B 133 -24.95 55.55 12.76
N GLU B 134 -26.15 55.16 13.16
CA GLU B 134 -27.07 56.02 13.88
C GLU B 134 -26.90 55.80 15.39
N TYR B 135 -26.93 56.90 16.13
CA TYR B 135 -26.57 56.85 17.55
C TYR B 135 -27.63 57.63 18.32
N THR B 136 -28.46 56.93 19.08
CA THR B 136 -29.65 57.53 19.70
C THR B 136 -29.61 57.35 21.22
N ARG B 137 -30.65 57.89 21.87
CA ARG B 137 -30.84 57.77 23.31
C ARG B 137 -32.35 57.81 23.52
N GLY B 138 -32.78 57.58 24.77
CA GLY B 138 -34.16 57.81 25.16
C GLY B 138 -34.64 59.25 25.04
N ARG B 139 -33.72 60.20 24.93
CA ARG B 139 -34.03 61.58 24.58
C ARG B 139 -34.15 61.81 23.08
N ASN B 140 -34.32 60.71 22.31
CA ASN B 140 -34.51 60.60 20.85
C ASN B 140 -33.74 61.64 20.03
N ILE B 141 -32.46 61.79 20.36
CA ILE B 141 -31.54 62.61 19.58
C ILE B 141 -30.94 61.74 18.48
N ILE B 142 -30.77 62.33 17.30
CA ILE B 142 -30.34 61.61 16.11
C ILE B 142 -29.17 62.34 15.49
N MET B 143 -28.03 61.66 15.38
CA MET B 143 -26.85 62.17 14.71
C MET B 143 -26.04 60.99 14.19
N HIS B 144 -24.94 61.29 13.51
CA HIS B 144 -24.13 60.27 12.87
C HIS B 144 -22.66 60.61 13.01
N LYS B 145 -21.81 59.61 12.79
CA LYS B 145 -20.37 59.76 12.94
C LYS B 145 -19.66 58.66 12.17
N ASP B 146 -18.60 59.06 11.45
CA ASP B 146 -17.77 58.11 10.70
C ASP B 146 -16.87 57.34 11.65
N VAL B 147 -16.79 56.03 11.46
CA VAL B 147 -15.88 55.17 12.20
C VAL B 147 -15.18 54.23 11.23
N GLU B 148 -13.99 53.78 11.64
CA GLU B 148 -13.22 52.78 10.90
C GLU B 148 -13.37 51.44 11.61
N ILE B 149 -14.02 50.49 10.93
CA ILE B 149 -14.36 49.22 11.58
C ILE B 149 -13.51 48.06 11.05
N GLY B 150 -12.34 48.36 10.48
CA GLY B 150 -11.44 47.30 10.05
C GLY B 150 -10.69 47.59 8.77
N ARG B 151 -9.87 46.64 8.33
CA ARG B 151 -9.09 46.76 7.11
C ARG B 151 -9.43 45.58 6.20
N MET B 152 -9.53 45.85 4.90
CA MET B 152 -9.92 44.84 3.94
C MET B 152 -8.87 44.83 2.84
N PRO B 153 -8.32 43.66 2.48
CA PRO B 153 -7.19 43.64 1.54
C PRO B 153 -7.64 43.92 0.11
N ILE B 154 -6.92 44.80 -0.56
CA ILE B 154 -7.28 45.29 -1.89
C ILE B 154 -6.58 44.44 -2.93
N MET B 155 -7.33 43.97 -3.92
CA MET B 155 -6.75 43.24 -5.04
C MET B 155 -6.09 44.22 -6.00
N LEU B 156 -5.05 43.75 -6.68
CA LEU B 156 -4.29 44.59 -7.59
C LEU B 156 -5.12 44.95 -8.83
N ARG B 157 -5.09 46.24 -9.19
CA ARG B 157 -5.61 46.78 -10.45
C ARG B 157 -7.12 46.61 -10.59
N SER B 158 -7.87 46.94 -9.53
CA SER B 158 -9.33 46.88 -9.66
C SER B 158 -9.96 47.95 -8.77
N ASN B 159 -10.14 49.15 -9.34
CA ASN B 159 -11.03 50.20 -8.86
C ASN B 159 -10.79 50.76 -7.46
N LYS B 160 -9.81 50.23 -6.73
CA LYS B 160 -9.43 50.75 -5.42
C LYS B 160 -7.94 50.89 -5.26
N CYS B 161 -7.14 50.21 -6.07
CA CYS B 161 -5.69 50.33 -6.04
C CYS B 161 -5.25 51.61 -6.73
N ILE B 162 -3.96 51.92 -6.57
CA ILE B 162 -3.37 53.06 -7.28
C ILE B 162 -3.22 52.71 -8.76
N LEU B 163 -3.07 51.42 -9.08
CA LEU B 163 -2.74 50.96 -10.42
C LEU B 163 -3.97 50.75 -11.28
N TYR B 164 -4.84 51.75 -11.36
CA TYR B 164 -6.06 51.66 -12.17
C TYR B 164 -5.89 52.58 -13.36
N ASP B 165 -5.55 51.98 -14.52
CA ASP B 165 -5.30 52.67 -15.79
C ASP B 165 -4.19 53.71 -15.64
N ALA B 166 -3.11 53.34 -14.98
CA ALA B 166 -2.00 54.24 -14.73
C ALA B 166 -1.12 54.38 -15.97
N ASP B 167 -0.48 55.54 -16.09
CA ASP B 167 0.44 55.80 -17.18
C ASP B 167 1.72 55.00 -16.98
N GLU B 168 2.50 54.84 -18.07
CA GLU B 168 3.76 54.13 -17.99
C GLU B 168 4.79 54.87 -17.14
N SER B 169 4.69 56.20 -17.06
CA SER B 169 5.53 56.95 -16.14
C SER B 169 5.05 56.82 -14.70
N LYS B 170 3.77 56.48 -14.50
CA LYS B 170 3.26 56.23 -13.16
C LYS B 170 3.66 54.84 -12.66
N MET B 171 3.78 53.87 -13.57
CA MET B 171 4.18 52.52 -13.17
C MET B 171 5.65 52.49 -12.76
N ALA B 172 6.51 53.21 -13.47
CA ALA B 172 7.93 53.21 -13.15
C ALA B 172 8.23 54.02 -11.89
N LYS B 173 7.41 55.03 -11.61
CA LYS B 173 7.63 55.85 -10.41
C LYS B 173 7.26 55.09 -9.15
N LEU B 174 6.31 54.16 -9.25
CA LEU B 174 5.80 53.43 -8.10
C LEU B 174 6.45 52.05 -7.98
N ASN B 175 7.45 51.76 -8.84
CA ASN B 175 8.22 50.51 -8.85
C ASN B 175 7.33 49.29 -9.04
N GLU B 176 6.59 49.28 -10.15
CA GLU B 176 5.70 48.17 -10.48
C GLU B 176 5.77 47.89 -11.97
N CYS B 177 5.81 46.61 -12.33
CA CYS B 177 5.87 46.23 -13.73
C CYS B 177 4.54 46.51 -14.42
N PRO B 178 4.55 47.08 -15.63
CA PRO B 178 3.29 47.33 -16.34
C PRO B 178 2.73 46.14 -17.10
N LEU B 179 3.38 44.98 -17.06
CA LEU B 179 2.95 43.82 -17.83
C LEU B 179 2.50 42.64 -16.99
N ASP B 180 2.51 42.74 -15.66
CA ASP B 180 2.02 41.65 -14.85
C ASP B 180 0.48 41.60 -14.93
N PRO B 181 -0.12 40.41 -14.81
CA PRO B 181 -1.58 40.33 -14.96
C PRO B 181 -2.36 40.95 -13.83
N GLY B 182 -1.80 41.01 -12.62
CA GLY B 182 -2.56 41.53 -11.51
C GLY B 182 -3.63 40.54 -11.07
N GLY B 183 -4.60 41.07 -10.32
CA GLY B 183 -5.70 40.25 -9.87
C GLY B 183 -5.40 39.32 -8.72
N TYR B 184 -4.27 39.52 -8.03
CA TYR B 184 -3.88 38.68 -6.91
C TYR B 184 -3.75 39.53 -5.65
N PHE B 185 -3.76 38.85 -4.51
CA PHE B 185 -3.58 39.47 -3.21
C PHE B 185 -2.12 39.46 -2.81
N ILE B 186 -1.72 40.43 -2.01
CA ILE B 186 -0.43 40.42 -1.35
C ILE B 186 -0.67 40.59 0.15
N VAL B 187 -0.66 39.46 0.86
CA VAL B 187 -0.97 39.39 2.27
C VAL B 187 0.30 39.00 3.00
N ASN B 188 0.64 39.79 4.04
CA ASN B 188 1.80 39.56 4.92
C ASN B 188 3.10 39.52 4.11
N GLY B 189 3.16 40.32 3.07
CA GLY B 189 4.30 40.31 2.16
C GLY B 189 4.20 39.36 0.99
N THR B 190 3.56 38.21 1.19
CA THR B 190 3.61 37.19 0.14
C THR B 190 2.34 37.20 -0.71
N GLU B 191 2.47 36.66 -1.92
CA GLU B 191 1.44 36.72 -2.94
C GLU B 191 0.52 35.52 -2.81
N LYS B 192 -0.79 35.76 -2.86
CA LYS B 192 -1.81 34.72 -2.77
C LYS B 192 -2.85 34.91 -3.86
N VAL B 193 -3.35 33.81 -4.39
CA VAL B 193 -4.33 33.81 -5.49
C VAL B 193 -5.50 32.93 -5.08
N ILE B 194 -6.70 33.51 -5.12
CA ILE B 194 -7.93 32.72 -4.96
C ILE B 194 -8.23 32.04 -6.29
N LEU B 195 -8.25 30.71 -6.28
CA LEU B 195 -8.43 29.96 -7.52
C LEU B 195 -9.90 29.89 -7.90
N VAL B 196 -10.14 29.79 -9.20
CA VAL B 196 -11.48 29.56 -9.72
C VAL B 196 -11.88 28.13 -9.39
N GLN B 197 -13.07 27.93 -8.81
CA GLN B 197 -13.46 26.60 -8.38
C GLN B 197 -14.81 26.23 -8.96
N GLU B 198 -14.90 25.06 -9.57
CA GLU B 198 -16.17 24.61 -10.13
C GLU B 198 -16.91 23.72 -9.15
N GLN B 199 -18.23 23.75 -9.25
CA GLN B 199 -19.10 22.84 -8.52
C GLN B 199 -20.30 22.53 -9.40
N LEU B 200 -21.23 21.76 -8.87
CA LEU B 200 -22.42 21.45 -9.64
C LEU B 200 -23.38 22.64 -9.63
N SER B 201 -24.37 22.57 -10.51
CA SER B 201 -25.34 23.66 -10.65
C SER B 201 -26.27 23.68 -9.45
N LYS B 202 -26.37 24.85 -8.83
CA LYS B 202 -27.26 25.04 -7.69
C LYS B 202 -28.68 25.35 -8.15
N ASN B 203 -29.65 24.99 -7.30
CA ASN B 203 -31.08 25.20 -7.52
C ASN B 203 -31.59 24.50 -8.79
N ARG B 204 -30.93 23.43 -9.21
CA ARG B 204 -31.30 22.70 -10.40
C ARG B 204 -31.22 21.20 -10.14
N ILE B 205 -31.76 20.41 -11.07
CA ILE B 205 -32.02 19.00 -10.87
C ILE B 205 -31.08 18.18 -11.74
N ILE B 206 -30.43 17.18 -11.15
CA ILE B 206 -29.55 16.26 -11.85
C ILE B 206 -30.00 14.83 -11.55
N VAL B 207 -29.89 13.94 -12.54
CA VAL B 207 -30.31 12.55 -12.41
C VAL B 207 -29.12 11.66 -12.73
N GLU B 208 -28.77 10.78 -11.81
CA GLU B 208 -27.76 9.75 -12.04
C GLU B 208 -28.41 8.39 -11.88
N ALA B 209 -27.94 7.42 -12.67
CA ALA B 209 -28.52 6.09 -12.68
C ALA B 209 -27.60 5.11 -11.97
N ASP B 210 -28.17 3.96 -11.61
CA ASP B 210 -27.41 2.89 -10.97
C ASP B 210 -28.15 1.58 -11.23
N GLU B 211 -27.39 0.55 -11.60
CA GLU B 211 -27.96 -0.76 -11.86
C GLU B 211 -28.13 -1.59 -10.59
N LYS B 212 -27.26 -1.38 -9.59
CA LYS B 212 -27.25 -2.22 -8.41
C LYS B 212 -28.42 -1.92 -7.48
N LYS B 213 -28.48 -0.70 -6.95
CA LYS B 213 -29.51 -0.34 -5.98
C LYS B 213 -30.72 0.31 -6.66
N GLY B 214 -30.50 1.43 -7.32
CA GLY B 214 -31.60 2.15 -7.94
C GLY B 214 -31.16 3.55 -8.33
N ILE B 215 -32.01 4.20 -9.14
CA ILE B 215 -31.67 5.50 -9.67
C ILE B 215 -31.95 6.58 -8.63
N VAL B 216 -31.05 7.54 -8.55
CA VAL B 216 -31.03 8.56 -7.50
C VAL B 216 -31.14 9.92 -8.14
N GLN B 217 -31.98 10.79 -7.57
CA GLN B 217 -32.16 12.14 -8.07
C GLN B 217 -31.85 13.12 -6.94
N ALA B 218 -31.33 14.30 -7.30
CA ALA B 218 -30.93 15.28 -6.29
C ALA B 218 -31.30 16.68 -6.75
N SER B 219 -31.35 17.59 -5.77
CA SER B 219 -31.59 19.01 -6.05
C SER B 219 -30.97 19.80 -4.89
N VAL B 220 -29.80 20.36 -5.13
CA VAL B 220 -29.03 21.01 -4.07
C VAL B 220 -29.61 22.39 -3.80
N THR B 221 -30.12 22.60 -2.59
CA THR B 221 -30.70 23.87 -2.19
C THR B 221 -29.61 24.90 -1.94
N SER B 222 -29.74 26.06 -2.57
CA SER B 222 -28.74 27.13 -2.50
C SER B 222 -29.15 28.25 -1.56
N SER B 223 -29.77 27.91 -0.43
CA SER B 223 -30.16 28.92 0.54
C SER B 223 -28.95 29.47 1.28
N THR B 224 -29.11 30.67 1.82
CA THR B 224 -28.00 31.34 2.51
C THR B 224 -27.81 30.81 3.92
N HIS B 225 -28.91 30.70 4.68
CA HIS B 225 -28.80 30.40 6.10
C HIS B 225 -28.46 28.93 6.36
N GLU B 226 -28.84 28.04 5.45
CA GLU B 226 -28.60 26.61 5.65
C GLU B 226 -28.21 25.95 4.33
N ARG B 227 -27.59 24.79 4.45
CA ARG B 227 -27.16 23.98 3.30
C ARG B 227 -28.01 22.71 3.30
N LYS B 228 -28.93 22.60 2.34
CA LYS B 228 -29.80 21.45 2.22
C LYS B 228 -29.51 20.71 0.92
N SER B 229 -29.91 19.45 0.87
CA SER B 229 -29.75 18.62 -0.32
C SER B 229 -30.79 17.51 -0.25
N LYS B 230 -31.85 17.64 -1.06
CA LYS B 230 -33.00 16.74 -0.97
C LYS B 230 -32.83 15.61 -1.98
N THR B 231 -32.56 14.41 -1.46
CA THR B 231 -32.27 13.22 -2.24
C THR B 231 -33.57 12.46 -2.50
N TYR B 232 -33.59 11.69 -3.59
CA TYR B 232 -34.81 11.07 -4.12
C TYR B 232 -34.55 9.60 -4.47
N VAL B 233 -34.00 8.84 -3.52
CA VAL B 233 -33.55 7.48 -3.78
C VAL B 233 -34.74 6.53 -3.87
N ILE B 234 -34.58 5.44 -4.63
CA ILE B 234 -35.53 4.33 -4.66
C ILE B 234 -34.78 3.06 -4.25
N THR B 235 -35.55 2.05 -3.85
CA THR B 235 -34.95 0.77 -3.48
C THR B 235 -35.38 -0.38 -4.37
N LYS B 236 -36.68 -0.69 -4.45
CA LYS B 236 -37.18 -1.82 -5.21
C LYS B 236 -38.59 -1.50 -5.69
N ASN B 237 -38.97 -2.10 -6.82
CA ASN B 237 -40.35 -2.18 -7.33
C ASN B 237 -40.98 -0.81 -7.57
N GLY B 238 -40.18 0.24 -7.70
CA GLY B 238 -40.75 1.57 -7.77
C GLY B 238 -41.34 2.08 -6.47
N LYS B 239 -40.87 1.56 -5.33
CA LYS B 239 -41.28 2.11 -4.04
C LYS B 239 -40.51 3.41 -3.82
N ILE B 240 -41.03 4.47 -4.42
CA ILE B 240 -40.34 5.75 -4.44
C ILE B 240 -40.57 6.46 -3.11
N TYR B 241 -39.49 6.83 -2.43
CA TYR B 241 -39.60 7.64 -1.23
C TYR B 241 -38.39 8.56 -1.13
N LEU B 242 -38.63 9.85 -1.03
CA LEU B 242 -37.55 10.82 -0.91
C LEU B 242 -36.95 10.80 0.50
N LYS B 243 -35.70 11.20 0.61
CA LYS B 243 -35.03 11.26 1.89
C LYS B 243 -34.35 12.61 2.09
N HIS B 244 -33.89 12.84 3.31
CA HIS B 244 -33.26 14.10 3.69
C HIS B 244 -32.42 13.83 4.94
N ASN B 245 -31.46 14.73 5.20
CA ASN B 245 -30.65 14.60 6.40
C ASN B 245 -31.35 15.11 7.66
N SER B 246 -32.48 15.81 7.51
CA SER B 246 -33.25 16.30 8.64
C SER B 246 -34.58 15.55 8.79
N ILE B 247 -34.68 14.35 8.22
CA ILE B 247 -35.88 13.52 8.29
C ILE B 247 -35.45 12.12 8.70
N ALA B 248 -36.26 11.47 9.55
CA ALA B 248 -36.10 10.08 9.98
C ALA B 248 -36.55 9.13 8.88
N GLU B 249 -36.87 7.88 9.27
CA GLU B 249 -37.44 6.85 8.40
C GLU B 249 -38.57 7.40 7.53
N GLU B 250 -38.36 7.35 6.22
CA GLU B 250 -38.94 8.32 5.31
C GLU B 250 -40.35 7.94 4.87
N ILE B 251 -40.89 8.74 3.97
CA ILE B 251 -42.29 8.69 3.57
C ILE B 251 -42.34 8.51 2.05
N PRO B 252 -43.20 7.65 1.52
CA PRO B 252 -43.44 7.64 0.08
C PRO B 252 -44.00 8.98 -0.41
N ILE B 253 -43.70 9.29 -1.68
CA ILE B 253 -43.92 10.64 -2.19
C ILE B 253 -45.39 10.97 -2.41
N ALA B 254 -46.27 9.96 -2.44
CA ALA B 254 -47.69 10.21 -2.63
C ALA B 254 -48.27 10.98 -1.45
N ILE B 255 -47.96 10.55 -0.24
CA ILE B 255 -48.39 11.24 0.96
C ILE B 255 -47.69 12.60 1.09
N VAL B 256 -46.46 12.71 0.59
CA VAL B 256 -45.69 13.95 0.72
C VAL B 256 -46.26 15.04 -0.17
N LEU B 257 -46.48 14.74 -1.45
CA LEU B 257 -47.10 15.74 -2.31
C LEU B 257 -48.61 15.79 -2.16
N LYS B 258 -49.20 14.87 -1.37
CA LYS B 258 -50.56 15.04 -0.92
C LYS B 258 -50.65 16.06 0.21
N ALA B 259 -49.64 16.11 1.08
CA ALA B 259 -49.60 17.13 2.13
C ALA B 259 -49.29 18.51 1.59
N CYS B 260 -48.71 18.61 0.38
CA CYS B 260 -48.33 19.89 -0.17
C CYS B 260 -49.44 20.57 -0.96
N GLY B 261 -50.49 19.85 -1.34
CA GLY B 261 -51.62 20.49 -1.99
C GLY B 261 -52.28 19.70 -3.09
N ILE B 262 -51.57 18.74 -3.68
CA ILE B 262 -52.15 17.89 -4.73
C ILE B 262 -52.99 16.84 -4.02
N LEU B 263 -54.30 17.06 -3.93
CA LEU B 263 -55.15 16.23 -3.09
C LEU B 263 -55.84 15.11 -3.86
N SER B 264 -56.27 15.38 -5.10
CA SER B 264 -57.00 14.38 -5.86
C SER B 264 -56.05 13.33 -6.43
N ASP B 265 -56.51 12.08 -6.45
CA ASP B 265 -55.73 11.01 -7.02
C ASP B 265 -55.72 11.05 -8.55
N LEU B 266 -56.79 11.59 -9.15
CA LEU B 266 -56.88 11.72 -10.60
C LEU B 266 -55.77 12.60 -11.16
N GLU B 267 -55.31 13.58 -10.39
CA GLU B 267 -54.18 14.41 -10.80
C GLU B 267 -52.92 14.07 -10.00
N ILE B 268 -52.82 12.84 -9.51
CA ILE B 268 -51.52 12.25 -9.19
C ILE B 268 -51.16 11.15 -10.17
N MET B 269 -52.13 10.67 -10.95
CA MET B 269 -51.95 9.65 -11.98
C MET B 269 -51.71 10.25 -13.35
N GLN B 270 -52.24 11.44 -13.60
CA GLN B 270 -52.11 12.13 -14.89
C GLN B 270 -50.95 13.11 -14.91
N LEU B 271 -50.58 13.66 -13.75
CA LEU B 271 -49.55 14.70 -13.70
C LEU B 271 -48.17 14.13 -14.00
N VAL B 272 -47.92 12.87 -13.64
CA VAL B 272 -46.57 12.30 -13.72
C VAL B 272 -46.49 11.14 -14.70
N CYS B 273 -47.56 10.81 -15.40
CA CYS B 273 -47.55 9.67 -16.31
C CYS B 273 -48.04 9.96 -17.71
N GLY B 274 -48.97 10.88 -17.91
CA GLY B 274 -49.47 11.17 -19.23
C GLY B 274 -50.71 10.37 -19.59
N ASN B 275 -51.09 10.48 -20.87
CA ASN B 275 -52.34 9.89 -21.32
C ASN B 275 -52.20 8.41 -21.64
N ASP B 276 -51.36 8.08 -22.63
CA ASP B 276 -51.28 6.70 -23.12
C ASP B 276 -49.83 6.19 -23.09
N SER B 277 -49.04 6.65 -22.11
CA SER B 277 -47.67 6.21 -22.00
C SER B 277 -47.61 4.84 -21.30
N SER B 278 -46.40 4.27 -21.28
CA SER B 278 -46.11 3.10 -20.47
C SER B 278 -45.62 3.48 -19.07
N TYR B 279 -45.85 4.71 -18.65
CA TYR B 279 -45.47 5.21 -17.34
C TYR B 279 -46.52 4.90 -16.28
N GLN B 280 -47.71 4.49 -16.70
CA GLN B 280 -48.84 4.35 -15.80
C GLN B 280 -48.71 3.13 -14.90
N ASP B 281 -48.25 2.01 -15.45
CA ASP B 281 -48.14 0.79 -14.67
C ASP B 281 -46.90 0.75 -13.77
N ILE B 282 -46.11 1.82 -13.74
CA ILE B 282 -44.94 1.91 -12.87
C ILE B 282 -45.23 2.75 -11.64
N PHE B 283 -45.83 3.93 -11.81
CA PHE B 283 -46.12 4.81 -10.69
C PHE B 283 -47.34 4.37 -9.90
N ALA B 284 -48.17 3.49 -10.44
CA ALA B 284 -49.42 3.08 -9.79
C ALA B 284 -49.22 2.24 -8.54
N VAL B 285 -47.99 1.85 -8.22
CA VAL B 285 -47.73 1.15 -6.96
C VAL B 285 -47.88 2.12 -5.79
N ASN B 286 -47.30 3.32 -5.91
CA ASN B 286 -47.33 4.31 -4.83
C ASN B 286 -48.72 4.86 -4.57
N LEU B 287 -49.63 4.76 -5.55
CA LEU B 287 -51.04 5.01 -5.28
C LEU B 287 -51.60 3.96 -4.33
N GLU B 288 -51.31 2.68 -4.61
CA GLU B 288 -51.95 1.58 -3.90
C GLU B 288 -51.49 1.50 -2.44
N GLU B 289 -50.23 1.82 -2.17
CA GLU B 289 -49.75 1.91 -0.80
C GLU B 289 -49.90 3.30 -0.21
N SER B 290 -50.70 4.16 -0.84
CA SER B 290 -51.15 5.36 -0.13
C SER B 290 -52.26 5.04 0.85
N SER B 291 -53.09 4.04 0.54
CA SER B 291 -54.16 3.59 1.43
C SER B 291 -53.66 2.72 2.57
N LYS B 292 -52.40 2.30 2.54
CA LYS B 292 -51.78 1.57 3.65
C LYS B 292 -51.35 2.49 4.78
N LEU B 293 -51.53 3.80 4.64
CA LEU B 293 -50.86 4.77 5.48
C LEU B 293 -51.82 5.95 5.65
N ASP B 294 -51.30 7.11 6.08
CA ASP B 294 -52.12 8.28 6.36
C ASP B 294 -52.52 8.98 5.06
N ILE B 295 -53.53 8.40 4.42
CA ILE B 295 -54.24 8.92 3.26
C ILE B 295 -55.29 9.90 3.79
N TYR B 296 -56.05 10.55 2.89
CA TYR B 296 -57.24 11.34 3.21
C TYR B 296 -56.85 12.62 3.94
N THR B 297 -56.55 13.65 3.12
CA THR B 297 -55.67 14.80 3.29
C THR B 297 -55.83 15.62 4.56
N GLN B 298 -54.96 16.62 4.71
CA GLN B 298 -54.17 16.85 5.92
C GLN B 298 -54.96 17.15 7.20
N GLN B 299 -55.74 16.16 7.62
CA GLN B 299 -56.02 15.89 9.02
C GLN B 299 -55.26 14.65 9.49
N GLN B 300 -54.81 13.82 8.55
CA GLN B 300 -53.96 12.66 8.80
C GLN B 300 -52.65 12.70 8.03
N ALA B 301 -52.65 13.28 6.83
CA ALA B 301 -51.54 13.09 5.88
C ALA B 301 -50.30 13.85 6.31
N LEU B 302 -50.43 15.16 6.58
CA LEU B 302 -49.30 16.00 6.95
C LEU B 302 -48.75 15.64 8.32
N GLU B 303 -49.56 15.04 9.18
CA GLU B 303 -49.11 14.59 10.50
C GLU B 303 -48.07 13.47 10.37
N TYR B 304 -48.22 12.60 9.38
CA TYR B 304 -47.22 11.56 9.17
C TYR B 304 -45.95 12.14 8.56
N ILE B 305 -46.05 13.24 7.83
CA ILE B 305 -44.86 13.88 7.27
C ILE B 305 -44.11 14.61 8.38
N GLY B 306 -44.84 15.19 9.33
CA GLY B 306 -44.24 15.94 10.41
C GLY B 306 -43.85 15.16 11.64
N ALA B 307 -44.34 13.93 11.79
CA ALA B 307 -44.00 13.13 12.96
C ALA B 307 -42.60 12.53 12.87
N LYS B 308 -42.07 12.37 11.65
CA LYS B 308 -40.77 11.74 11.44
C LYS B 308 -39.64 12.76 11.31
N VAL B 309 -39.73 13.89 12.01
CA VAL B 309 -38.81 14.99 11.79
C VAL B 309 -37.65 14.89 12.78
N LYS B 310 -36.47 15.29 12.31
CA LYS B 310 -35.27 15.44 13.12
C LYS B 310 -35.22 16.89 13.60
N THR B 311 -34.30 17.19 14.53
CA THR B 311 -34.06 18.46 15.23
C THR B 311 -35.37 19.12 15.69
N MET B 312 -36.01 18.46 16.67
CA MET B 312 -37.42 18.67 17.00
C MET B 312 -37.76 20.07 17.53
N ARG B 313 -36.75 20.90 17.84
CA ARG B 313 -36.90 22.33 18.17
C ARG B 313 -37.80 22.53 19.40
N ARG B 314 -37.23 22.16 20.56
CA ARG B 314 -37.91 22.21 21.85
C ARG B 314 -38.47 23.58 22.22
N GLN B 315 -37.93 24.67 21.65
CA GLN B 315 -38.56 25.97 21.77
C GLN B 315 -39.84 25.99 20.94
N LYS B 316 -40.97 26.23 21.59
CA LYS B 316 -42.32 26.18 21.01
C LYS B 316 -42.59 24.80 20.38
N LEU B 317 -42.59 23.81 21.27
CA LEU B 317 -42.62 22.40 20.92
C LEU B 317 -44.02 21.82 20.88
N THR B 318 -45.03 22.56 21.38
CA THR B 318 -46.39 22.06 21.49
C THR B 318 -47.07 21.87 20.12
N ILE B 319 -46.52 22.47 19.06
CA ILE B 319 -47.22 22.66 17.81
C ILE B 319 -46.89 21.49 16.87
N LEU B 320 -46.45 20.36 17.43
CA LEU B 320 -46.14 19.21 16.59
C LEU B 320 -47.36 18.38 16.21
N GLN B 321 -48.42 19.06 15.76
CA GLN B 321 -49.60 18.44 15.16
C GLN B 321 -49.79 18.89 13.73
N GLU B 322 -49.84 20.20 13.50
CA GLU B 322 -49.91 20.77 12.17
C GLU B 322 -48.77 21.72 11.87
N GLY B 323 -48.25 22.42 12.88
CA GLY B 323 -47.23 23.43 12.66
C GLY B 323 -45.82 22.96 12.96
N ILE B 324 -45.49 21.74 12.57
CA ILE B 324 -44.12 21.27 12.66
C ILE B 324 -43.67 20.82 11.27
N GLU B 325 -44.64 20.55 10.39
CA GLU B 325 -44.33 20.23 9.01
C GLU B 325 -44.56 21.43 8.09
N ALA B 326 -45.47 22.33 8.46
CA ALA B 326 -45.58 23.61 7.76
C ALA B 326 -44.32 24.44 7.90
N ILE B 327 -43.55 24.21 8.98
CA ILE B 327 -42.18 24.68 9.04
C ILE B 327 -41.33 23.97 7.99
N ALA B 328 -41.50 22.65 7.86
CA ALA B 328 -40.62 21.85 7.02
C ALA B 328 -40.92 21.98 5.53
N THR B 329 -42.19 22.15 5.15
CA THR B 329 -42.52 22.31 3.74
C THR B 329 -42.49 23.76 3.28
N THR B 330 -41.74 24.61 3.97
CA THR B 330 -41.63 26.03 3.61
C THR B 330 -40.14 26.36 3.74
N VAL B 331 -39.81 27.66 3.86
CA VAL B 331 -38.47 28.22 3.68
C VAL B 331 -37.41 27.66 4.64
N ILE B 332 -37.82 26.93 5.68
CA ILE B 332 -36.86 26.34 6.60
C ILE B 332 -36.15 25.15 5.96
N ALA B 333 -36.87 24.31 5.22
CA ALA B 333 -36.29 23.08 4.69
C ALA B 333 -36.61 22.90 3.21
N HIS B 334 -35.78 22.06 2.59
CA HIS B 334 -35.93 21.37 1.30
C HIS B 334 -35.76 22.21 0.04
N LEU B 335 -35.87 23.53 0.10
CA LEU B 335 -35.94 24.32 -1.13
C LEU B 335 -35.68 25.79 -0.80
N THR B 336 -35.91 26.65 -1.80
CA THR B 336 -35.82 28.10 -1.69
C THR B 336 -37.10 28.79 -2.15
N VAL B 337 -38.25 28.13 -2.02
CA VAL B 337 -39.52 28.68 -2.45
C VAL B 337 -40.23 29.27 -1.24
N GLU B 338 -40.71 30.52 -1.39
CA GLU B 338 -41.27 31.31 -0.30
C GLU B 338 -42.79 31.43 -0.41
N ALA B 339 -43.46 30.35 -0.78
CA ALA B 339 -44.90 30.39 -0.99
C ALA B 339 -45.65 30.15 0.32
N LEU B 340 -46.92 30.59 0.33
CA LEU B 340 -47.78 30.38 1.49
C LEU B 340 -48.62 29.12 1.33
N ASP B 341 -49.42 29.06 0.27
CA ASP B 341 -50.14 27.85 -0.12
C ASP B 341 -49.59 27.35 -1.45
N PHE B 342 -49.30 26.06 -1.50
CA PHE B 342 -48.27 25.52 -2.40
C PHE B 342 -48.92 24.87 -3.62
N ARG B 343 -49.02 25.64 -4.70
CA ARG B 343 -49.28 25.09 -6.02
C ARG B 343 -48.00 24.77 -6.77
N GLU B 344 -46.96 25.59 -6.57
CA GLU B 344 -45.68 25.43 -7.26
C GLU B 344 -44.79 24.38 -6.59
N LYS B 345 -44.67 24.44 -5.26
CA LYS B 345 -43.84 23.47 -4.54
C LYS B 345 -44.43 22.08 -4.60
N ALA B 346 -45.77 21.97 -4.58
CA ALA B 346 -46.41 20.68 -4.81
C ALA B 346 -46.18 20.18 -6.23
N LEU B 347 -46.00 21.10 -7.18
CA LEU B 347 -45.74 20.72 -8.56
C LEU B 347 -44.26 20.43 -8.78
N TYR B 348 -43.37 21.18 -8.10
CA TYR B 348 -41.94 21.03 -8.31
C TYR B 348 -41.44 19.68 -7.82
N ILE B 349 -41.98 19.20 -6.70
CA ILE B 349 -41.68 17.84 -6.26
C ILE B 349 -42.30 16.83 -7.20
N ALA B 350 -43.48 17.14 -7.74
CA ALA B 350 -44.16 16.21 -8.62
C ALA B 350 -43.60 16.21 -10.04
N MET B 351 -43.09 17.35 -10.51
CA MET B 351 -42.37 17.34 -11.77
C MET B 351 -40.96 16.79 -11.62
N MET B 352 -40.45 16.74 -10.39
CA MET B 352 -39.23 15.99 -10.10
C MET B 352 -39.48 14.50 -10.20
N THR B 353 -40.71 14.05 -9.92
CA THR B 353 -41.06 12.64 -10.00
C THR B 353 -41.04 12.12 -11.43
N ARG B 354 -41.55 12.92 -12.37
CA ARG B 354 -41.65 12.51 -13.77
C ARG B 354 -40.28 12.31 -14.39
N ARG B 355 -39.27 13.03 -13.90
CA ARG B 355 -37.92 12.88 -14.45
C ARG B 355 -37.28 11.57 -14.02
N VAL B 356 -37.77 10.97 -12.93
CA VAL B 356 -37.34 9.63 -12.53
C VAL B 356 -38.20 8.56 -13.20
N VAL B 357 -39.50 8.81 -13.33
CA VAL B 357 -40.42 7.85 -13.96
C VAL B 357 -40.07 7.65 -15.44
N MET B 358 -39.62 8.73 -16.10
CA MET B 358 -39.10 8.58 -17.46
C MET B 358 -37.77 7.83 -17.47
N ALA B 359 -36.98 7.92 -16.40
CA ALA B 359 -35.68 7.28 -16.33
C ALA B 359 -35.77 5.80 -15.94
N MET B 360 -36.91 5.35 -15.42
CA MET B 360 -37.10 3.92 -15.15
C MET B 360 -37.43 3.14 -16.40
N TYR B 361 -38.35 3.66 -17.21
CA TYR B 361 -38.74 2.97 -18.44
C TYR B 361 -37.66 3.09 -19.50
N ASN B 362 -36.87 4.15 -19.48
CA ASN B 362 -35.79 4.35 -20.43
C ASN B 362 -34.55 4.76 -19.65
N PRO B 363 -33.52 3.91 -19.56
CA PRO B 363 -32.32 4.26 -18.79
C PRO B 363 -31.40 5.26 -19.47
N LYS B 364 -31.74 5.75 -20.66
CA LYS B 364 -30.92 6.76 -21.32
C LYS B 364 -31.25 8.16 -20.83
N MET B 365 -32.49 8.39 -20.39
CA MET B 365 -32.93 9.73 -19.96
C MET B 365 -32.40 10.02 -18.55
N ILE B 366 -31.09 10.20 -18.46
CA ILE B 366 -30.40 10.59 -17.23
C ILE B 366 -29.47 11.74 -17.57
N ASP B 367 -28.73 12.20 -16.56
CA ASP B 367 -27.71 13.21 -16.73
C ASP B 367 -26.33 12.66 -16.39
N ASP B 368 -25.33 13.29 -16.97
CA ASP B 368 -23.93 13.05 -16.62
C ASP B 368 -23.40 14.17 -15.75
N ARG B 369 -22.62 13.79 -14.73
CA ARG B 369 -22.11 14.76 -13.76
C ARG B 369 -21.03 15.64 -14.38
N ASP B 370 -20.29 15.11 -15.35
CA ASP B 370 -19.12 15.77 -15.91
C ASP B 370 -19.44 16.70 -17.06
N TYR B 371 -20.71 16.83 -17.43
CA TYR B 371 -21.10 17.76 -18.49
C TYR B 371 -20.92 19.19 -18.02
N VAL B 372 -20.44 20.05 -18.92
CA VAL B 372 -20.08 21.41 -18.55
C VAL B 372 -21.31 22.25 -18.24
N GLY B 373 -22.45 21.92 -18.85
CA GLY B 373 -23.69 22.60 -18.55
C GLY B 373 -24.24 22.33 -17.17
N ASN B 374 -23.77 21.27 -16.51
CA ASN B 374 -24.19 20.96 -15.16
C ASN B 374 -23.31 21.60 -14.10
N LYS B 375 -22.25 22.32 -14.50
CA LYS B 375 -21.30 22.88 -13.56
C LYS B 375 -21.31 24.40 -13.61
N ARG B 376 -20.97 25.00 -12.47
CA ARG B 376 -20.89 26.44 -12.30
C ARG B 376 -19.54 26.79 -11.72
N LEU B 377 -19.00 27.94 -12.14
CA LEU B 377 -17.71 28.42 -11.65
C LEU B 377 -17.93 29.48 -10.59
N GLU B 378 -17.36 29.27 -9.41
CA GLU B 378 -17.36 30.25 -8.33
C GLU B 378 -16.00 30.92 -8.29
N LEU B 379 -16.01 32.24 -8.20
CA LEU B 379 -14.87 33.12 -8.37
C LEU B 379 -14.46 33.72 -7.02
N ALA B 380 -13.51 34.66 -7.07
CA ALA B 380 -13.01 35.27 -5.84
C ALA B 380 -14.00 36.19 -5.17
N GLY B 381 -14.98 36.73 -5.91
CA GLY B 381 -15.91 37.68 -5.33
C GLY B 381 -16.99 37.06 -4.46
N GLN B 382 -17.21 35.75 -4.56
CA GLN B 382 -18.24 35.08 -3.79
C GLN B 382 -17.72 34.55 -2.45
N LEU B 383 -16.50 34.01 -2.44
CA LEU B 383 -15.93 33.49 -1.20
C LEU B 383 -15.62 34.60 -0.22
N ILE B 384 -15.19 35.75 -0.72
CA ILE B 384 -14.96 36.91 0.15
C ILE B 384 -16.28 37.42 0.71
N SER B 385 -17.36 37.34 -0.08
CA SER B 385 -18.67 37.73 0.43
C SER B 385 -19.17 36.78 1.51
N LEU B 386 -18.91 35.47 1.34
CA LEU B 386 -19.26 34.50 2.36
C LEU B 386 -18.47 34.74 3.65
N LEU B 387 -17.16 34.99 3.51
CA LEU B 387 -16.33 35.17 4.68
C LEU B 387 -16.64 36.49 5.39
N PHE B 388 -16.98 37.54 4.62
CA PHE B 388 -17.34 38.80 5.25
C PHE B 388 -18.72 38.75 5.88
N GLU B 389 -19.65 37.97 5.30
CA GLU B 389 -20.92 37.74 5.96
C GLU B 389 -20.75 37.01 7.29
N ASP B 390 -19.84 36.02 7.31
CA ASP B 390 -19.59 35.30 8.56
C ASP B 390 -18.90 36.17 9.60
N LEU B 391 -17.88 36.94 9.20
CA LEU B 391 -17.18 37.80 10.13
C LEU B 391 -17.92 39.08 10.48
N PHE B 392 -19.00 39.40 9.76
CA PHE B 392 -19.86 40.50 10.17
C PHE B 392 -21.00 40.01 11.06
N LYS B 393 -21.45 38.77 10.84
CA LYS B 393 -22.38 38.14 11.77
C LYS B 393 -21.72 37.90 13.13
N LYS B 394 -20.45 37.51 13.11
CA LYS B 394 -19.70 37.33 14.35
C LYS B 394 -19.34 38.67 14.99
N PHE B 395 -19.21 39.73 14.21
CA PHE B 395 -18.88 41.05 14.77
C PHE B 395 -20.02 41.63 15.57
N ASN B 396 -21.26 41.39 15.15
CA ASN B 396 -22.40 41.88 15.93
C ASN B 396 -22.66 41.04 17.16
N ASN B 397 -22.20 39.80 17.20
CA ASN B 397 -22.40 38.94 18.35
C ASN B 397 -21.36 39.16 19.45
N ASP B 398 -20.11 39.46 19.07
CA ASP B 398 -19.09 39.76 20.06
C ASP B 398 -19.17 41.20 20.58
N PHE B 399 -19.92 42.06 19.92
CA PHE B 399 -20.15 43.42 20.39
C PHE B 399 -21.43 43.56 21.19
N LYS B 400 -22.43 42.72 20.93
CA LYS B 400 -23.64 42.70 21.74
C LYS B 400 -23.35 42.19 23.15
N LEU B 401 -22.44 41.23 23.28
CA LEU B 401 -22.07 40.68 24.58
C LEU B 401 -21.12 41.58 25.35
N SER B 402 -20.61 42.65 24.74
CA SER B 402 -19.77 43.61 25.43
C SER B 402 -20.45 44.96 25.66
N ILE B 403 -21.66 45.14 25.14
CA ILE B 403 -22.40 46.38 25.37
C ILE B 403 -23.54 46.17 26.37
N ASP B 404 -24.05 44.94 26.54
CA ASP B 404 -25.04 44.67 27.56
C ASP B 404 -24.43 44.58 28.95
N LYS B 405 -23.15 44.21 29.05
CA LYS B 405 -22.47 44.17 30.34
C LYS B 405 -22.24 45.58 30.88
N VAL B 406 -21.99 46.54 29.99
CA VAL B 406 -21.73 47.90 30.43
C VAL B 406 -23.02 48.67 30.70
N LEU B 407 -24.07 48.42 29.92
CA LEU B 407 -25.33 49.15 30.05
C LEU B 407 -26.28 48.52 31.05
N LYS B 408 -25.78 47.78 32.03
CA LYS B 408 -26.64 47.16 33.04
C LYS B 408 -26.13 47.48 34.44
N LYS B 409 -24.81 47.67 34.59
CA LYS B 409 -24.24 47.82 35.93
C LYS B 409 -24.52 49.18 36.59
N PRO B 410 -24.30 50.35 35.96
CA PRO B 410 -24.63 51.59 36.65
C PRO B 410 -26.13 51.88 36.61
N ASN B 411 -26.52 52.95 37.30
CA ASN B 411 -27.92 53.37 37.33
C ASN B 411 -28.26 54.30 36.18
N ARG B 412 -27.31 55.15 35.77
CA ARG B 412 -27.57 56.09 34.70
C ARG B 412 -27.40 55.43 33.34
N ALA B 413 -27.97 56.06 32.32
CA ALA B 413 -27.80 55.63 30.94
C ALA B 413 -26.53 56.25 30.38
N MET B 414 -25.61 55.40 29.92
CA MET B 414 -24.32 55.87 29.45
C MET B 414 -24.48 56.52 28.07
N GLU B 415 -24.24 57.83 28.00
CA GLU B 415 -24.46 58.58 26.76
C GLU B 415 -23.42 58.21 25.71
N TYR B 416 -22.14 58.46 25.99
CA TYR B 416 -21.06 58.14 25.08
C TYR B 416 -20.56 56.73 25.36
N ASP B 417 -19.40 56.39 24.78
CA ASP B 417 -18.60 55.18 24.99
C ASP B 417 -19.24 53.93 24.35
N ALA B 418 -20.45 54.06 23.82
CA ALA B 418 -21.01 52.98 23.01
C ALA B 418 -20.47 53.02 21.58
N LEU B 419 -19.97 54.16 21.13
CA LEU B 419 -19.21 54.27 19.90
C LEU B 419 -17.72 54.19 20.13
N LEU B 420 -17.25 54.55 21.33
CA LEU B 420 -15.84 54.62 21.64
C LEU B 420 -15.29 53.31 22.19
N SER B 421 -15.90 52.18 21.85
CA SER B 421 -15.40 50.89 22.30
C SER B 421 -15.38 49.86 21.17
N ILE B 422 -15.54 50.30 19.92
CA ILE B 422 -15.57 49.37 18.79
C ILE B 422 -14.20 49.13 18.20
N ASN B 423 -13.16 49.80 18.71
CA ASN B 423 -11.82 49.58 18.17
C ASN B 423 -11.21 48.28 18.67
N VAL B 424 -11.57 47.85 19.88
CA VAL B 424 -11.07 46.58 20.41
C VAL B 424 -11.83 45.38 19.87
N HIS B 425 -12.96 45.59 19.19
CA HIS B 425 -13.75 44.51 18.63
C HIS B 425 -13.64 44.41 17.12
N SER B 426 -13.06 45.42 16.45
CA SER B 426 -12.87 45.40 15.00
C SER B 426 -11.48 44.92 14.61
N ASN B 427 -10.87 44.07 15.43
CA ASN B 427 -9.56 43.53 15.14
C ASN B 427 -9.61 42.10 14.64
N ASN B 428 -10.61 41.31 15.06
CA ASN B 428 -10.81 39.97 14.53
C ASN B 428 -11.55 39.97 13.21
N ILE B 429 -12.11 41.10 12.79
CA ILE B 429 -12.66 41.23 11.44
C ILE B 429 -11.55 41.53 10.44
N THR B 430 -10.38 41.97 10.93
CA THR B 430 -9.21 42.22 10.10
C THR B 430 -8.22 41.06 10.13
N SER B 431 -7.91 40.54 11.32
CA SER B 431 -6.91 39.48 11.45
C SER B 431 -7.44 38.16 10.89
N GLY B 432 -8.73 37.89 11.06
CA GLY B 432 -9.29 36.68 10.49
C GLY B 432 -9.44 36.75 8.98
N LEU B 433 -9.75 37.94 8.46
CA LEU B 433 -9.90 38.13 7.03
C LEU B 433 -8.58 37.99 6.29
N ASN B 434 -7.47 38.40 6.91
CA ASN B 434 -6.16 38.15 6.33
C ASN B 434 -5.65 36.75 6.63
N ARG B 435 -6.07 36.16 7.75
CA ARG B 435 -5.62 34.83 8.11
C ARG B 435 -6.22 33.76 7.20
N ALA B 436 -7.49 33.94 6.82
CA ALA B 436 -8.14 32.97 5.94
C ALA B 436 -7.64 33.08 4.50
N ILE B 437 -7.00 34.18 4.14
CA ILE B 437 -6.39 34.32 2.82
C ILE B 437 -4.96 33.80 2.83
N SER B 438 -4.17 34.19 3.83
CA SER B 438 -2.78 33.76 3.90
C SER B 438 -2.65 32.29 4.28
N THR B 439 -3.66 31.70 4.90
CA THR B 439 -3.62 30.30 5.29
C THR B 439 -4.18 29.40 4.21
N GLY B 440 -5.35 29.75 3.67
CA GLY B 440 -6.03 28.93 2.68
C GLY B 440 -7.26 28.22 3.18
N ASN B 441 -7.60 28.36 4.47
CA ASN B 441 -8.77 27.72 5.05
C ASN B 441 -9.90 28.74 5.17
N TRP B 442 -11.09 28.35 4.72
CA TRP B 442 -12.28 29.18 4.74
C TRP B 442 -13.31 28.45 5.59
N SER B 443 -13.21 28.62 6.91
CA SER B 443 -14.01 27.85 7.87
C SER B 443 -15.26 28.64 8.21
N LEU B 444 -16.40 28.21 7.65
CA LEU B 444 -17.70 28.82 7.92
C LEU B 444 -18.48 27.87 8.81
N LYS B 445 -18.80 28.32 10.02
CA LYS B 445 -19.42 27.45 11.01
C LYS B 445 -20.89 27.19 10.70
N ARG B 446 -21.58 28.16 10.09
CA ARG B 446 -23.00 28.02 9.82
C ARG B 446 -23.26 27.29 8.51
N PHE B 447 -22.33 27.36 7.56
CA PHE B 447 -22.59 26.98 6.18
C PHE B 447 -22.16 25.55 5.85
N LYS B 448 -21.09 25.07 6.50
CA LYS B 448 -20.58 23.69 6.42
C LYS B 448 -20.21 23.32 4.98
N MET B 449 -19.27 24.10 4.43
CA MET B 449 -18.52 23.75 3.23
C MET B 449 -17.06 24.10 3.45
N GLU B 450 -16.50 23.64 4.57
CA GLU B 450 -15.14 23.95 4.98
C GLU B 450 -14.17 23.27 4.02
N ARG B 451 -13.56 24.07 3.15
CA ARG B 451 -12.62 23.61 2.14
C ARG B 451 -11.22 24.12 2.47
N ALA B 452 -10.22 23.33 2.11
CA ALA B 452 -8.83 23.66 2.36
C ALA B 452 -8.09 23.80 1.03
N GLY B 453 -7.11 24.71 1.02
CA GLY B 453 -6.30 24.91 -0.17
C GLY B 453 -6.96 25.74 -1.24
N VAL B 454 -7.66 26.81 -0.86
CA VAL B 454 -8.26 27.69 -1.85
C VAL B 454 -7.22 28.65 -2.40
N THR B 455 -6.64 29.49 -1.54
CA THR B 455 -5.60 30.41 -1.96
C THR B 455 -4.29 29.66 -2.12
N HIS B 456 -3.63 29.87 -3.25
CA HIS B 456 -2.33 29.28 -3.51
C HIS B 456 -1.33 30.40 -3.78
N VAL B 457 -0.07 30.16 -3.45
CA VAL B 457 0.97 31.18 -3.63
C VAL B 457 1.25 31.34 -5.12
N LEU B 458 1.42 32.60 -5.55
CA LEU B 458 1.54 32.91 -6.96
C LEU B 458 2.89 32.42 -7.48
N SER B 459 2.84 31.52 -8.46
CA SER B 459 4.05 30.98 -9.07
C SER B 459 4.72 32.03 -9.94
N ARG B 460 6.03 32.21 -9.74
CA ARG B 460 6.78 33.21 -10.47
C ARG B 460 8.06 32.59 -11.03
N LEU B 461 7.90 31.43 -11.65
CA LEU B 461 9.00 30.78 -12.36
C LEU B 461 9.38 31.57 -13.61
N SER B 462 8.40 32.09 -14.33
CA SER B 462 8.63 32.87 -15.54
C SER B 462 7.44 33.81 -15.72
N TYR B 463 7.36 34.41 -16.90
CA TYR B 463 6.23 35.30 -17.19
C TYR B 463 4.97 34.52 -17.53
N ILE B 464 5.11 33.37 -18.19
CA ILE B 464 3.95 32.57 -18.54
C ILE B 464 3.45 31.77 -17.33
N SER B 465 4.26 31.64 -16.28
CA SER B 465 3.83 30.91 -15.09
C SER B 465 2.89 31.75 -14.24
N ALA B 466 3.16 33.06 -14.13
CA ALA B 466 2.30 33.94 -13.37
C ALA B 466 1.00 34.27 -14.10
N LEU B 467 0.95 34.06 -15.41
CA LEU B 467 -0.26 34.30 -16.18
C LEU B 467 -1.10 33.04 -16.34
N GLY B 468 -0.45 31.88 -16.49
CA GLY B 468 -1.19 30.63 -16.59
C GLY B 468 -1.81 30.16 -15.30
N MET B 469 -1.34 30.69 -14.16
CA MET B 469 -1.98 30.39 -12.89
C MET B 469 -3.23 31.23 -12.67
N MET B 470 -3.25 32.46 -13.20
CA MET B 470 -4.41 33.33 -13.05
C MET B 470 -5.57 32.95 -13.95
N THR B 471 -5.46 31.86 -14.72
CA THR B 471 -6.50 31.39 -15.61
C THR B 471 -6.71 29.89 -15.38
N ARG B 472 -6.81 29.49 -14.12
CA ARG B 472 -6.77 28.09 -13.73
C ARG B 472 -7.99 27.73 -12.90
N ILE B 473 -8.56 26.56 -13.17
CA ILE B 473 -9.75 26.06 -12.49
C ILE B 473 -9.39 24.77 -11.79
N SER B 474 -9.65 24.71 -10.49
CA SER B 474 -9.35 23.54 -9.67
C SER B 474 -10.67 22.87 -9.28
N SER B 475 -10.85 21.63 -9.70
CA SER B 475 -12.04 20.87 -9.39
C SER B 475 -11.82 20.04 -8.13
N GLN B 476 -12.80 20.09 -7.22
CA GLN B 476 -12.72 19.34 -5.97
C GLN B 476 -13.37 17.97 -6.16
N PHE B 477 -12.62 16.92 -5.84
CA PHE B 477 -13.11 15.56 -5.99
C PHE B 477 -13.84 15.10 -4.74
N GLU B 478 -14.59 14.01 -4.88
CA GLU B 478 -15.23 13.37 -3.73
C GLU B 478 -14.28 12.40 -3.06
N LYS B 479 -13.76 11.44 -3.83
CA LYS B 479 -12.77 10.49 -3.35
C LYS B 479 -11.93 10.05 -4.54
N SER B 480 -10.71 9.61 -4.26
CA SER B 480 -9.74 9.25 -5.30
C SER B 480 -9.56 7.73 -5.44
N ARG B 481 -10.62 6.96 -5.32
CA ARG B 481 -10.54 5.50 -5.38
C ARG B 481 -10.91 4.93 -6.74
N LYS B 482 -12.13 5.18 -7.21
CA LYS B 482 -12.67 4.59 -8.43
C LYS B 482 -13.28 5.68 -9.31
N VAL B 483 -12.50 6.72 -9.58
CA VAL B 483 -13.06 7.96 -10.14
C VAL B 483 -13.42 7.78 -11.61
N SER B 484 -12.40 7.71 -12.47
CA SER B 484 -12.46 7.30 -13.88
C SER B 484 -13.30 8.18 -14.82
N GLY B 485 -14.05 9.14 -14.28
CA GLY B 485 -14.94 9.95 -15.09
C GLY B 485 -14.52 11.39 -15.37
N PRO B 486 -14.25 12.21 -14.31
CA PRO B 486 -13.84 13.60 -14.52
C PRO B 486 -12.35 13.78 -14.76
N ARG B 487 -11.77 12.96 -15.62
CA ARG B 487 -10.42 13.14 -16.11
C ARG B 487 -10.29 13.01 -17.62
N ALA B 488 -11.28 12.44 -18.29
CA ALA B 488 -11.28 12.39 -19.75
C ALA B 488 -11.74 13.72 -20.31
N LEU B 489 -11.31 14.00 -21.55
CA LEU B 489 -11.62 15.27 -22.19
C LEU B 489 -13.04 15.18 -22.73
N GLN B 490 -13.93 15.98 -22.17
CA GLN B 490 -15.32 15.98 -22.64
C GLN B 490 -15.41 16.75 -23.96
N PRO B 491 -16.27 16.31 -24.88
CA PRO B 491 -16.49 17.09 -26.11
C PRO B 491 -17.26 18.38 -25.90
N SER B 492 -17.83 18.60 -24.71
CA SER B 492 -18.66 19.76 -24.43
C SER B 492 -17.85 20.97 -23.97
N GLN B 493 -16.53 20.88 -23.92
CA GLN B 493 -15.68 22.01 -23.56
C GLN B 493 -14.93 22.57 -24.77
N PHE B 494 -15.52 22.43 -25.96
CA PHE B 494 -14.95 22.96 -27.20
C PHE B 494 -14.94 24.48 -27.16
N GLY B 495 -13.76 25.08 -26.98
CA GLY B 495 -13.62 26.52 -26.90
C GLY B 495 -13.89 27.11 -25.53
N MET B 496 -14.54 26.36 -24.64
CA MET B 496 -14.80 26.85 -23.30
C MET B 496 -13.57 26.69 -22.40
N LEU B 497 -12.96 25.51 -22.44
CA LEU B 497 -11.79 25.21 -21.63
C LEU B 497 -10.65 24.76 -22.52
N CYS B 498 -9.43 24.89 -22.01
CA CYS B 498 -8.25 24.51 -22.77
C CYS B 498 -8.13 22.99 -22.84
N THR B 499 -7.90 22.47 -24.04
CA THR B 499 -7.87 21.03 -24.26
C THR B 499 -6.50 20.43 -23.95
N ALA B 500 -5.43 21.22 -24.07
CA ALA B 500 -4.08 20.70 -23.97
C ALA B 500 -3.46 20.88 -22.59
N ASP B 501 -3.74 21.99 -21.91
CA ASP B 501 -3.01 22.35 -20.70
C ASP B 501 -3.65 21.66 -19.50
N THR B 502 -3.15 20.47 -19.19
CA THR B 502 -3.45 19.74 -17.97
C THR B 502 -2.13 19.33 -17.32
N PRO B 503 -2.09 19.24 -15.98
CA PRO B 503 -0.88 18.80 -15.32
C PRO B 503 -0.60 17.32 -15.55
N GLU B 504 0.68 16.98 -15.45
CA GLU B 504 1.15 15.59 -15.55
C GLU B 504 1.57 15.15 -14.15
N GLY B 505 0.64 14.54 -13.43
CA GLY B 505 0.92 14.10 -12.07
C GLY B 505 -0.32 13.59 -11.36
N GLU B 506 -0.49 13.97 -10.10
CA GLU B 506 -1.68 13.53 -9.35
C GLU B 506 -2.92 14.24 -9.86
N ALA B 507 -2.81 15.52 -10.18
CA ALA B 507 -3.94 16.30 -10.67
C ALA B 507 -3.95 16.37 -12.19
N CYS B 508 -4.07 15.19 -12.81
CA CYS B 508 -4.15 15.07 -14.26
C CYS B 508 -5.61 14.97 -14.65
N GLY B 509 -6.15 16.06 -15.20
CA GLY B 509 -7.55 16.12 -15.56
C GLY B 509 -8.42 16.79 -14.53
N LEU B 510 -8.00 16.82 -13.27
CA LEU B 510 -8.74 17.50 -12.22
C LEU B 510 -8.49 19.01 -12.22
N VAL B 511 -7.47 19.48 -12.93
CA VAL B 511 -7.13 20.89 -13.02
C VAL B 511 -7.22 21.30 -14.48
N LYS B 512 -8.02 22.34 -14.76
CA LYS B 512 -8.29 22.77 -16.12
C LYS B 512 -7.95 24.25 -16.26
N ASN B 513 -8.13 24.78 -17.47
CA ASN B 513 -7.75 26.15 -17.77
C ASN B 513 -8.73 26.77 -18.75
N LEU B 514 -9.09 28.03 -18.50
CA LEU B 514 -9.99 28.75 -19.40
C LEU B 514 -9.28 29.12 -20.70
N ALA B 515 -10.08 29.29 -21.75
CA ALA B 515 -9.57 29.68 -23.06
C ALA B 515 -9.48 31.20 -23.13
N LEU B 516 -9.28 31.73 -24.34
CA LEU B 516 -9.11 33.17 -24.50
C LEU B 516 -10.45 33.90 -24.47
N MET B 517 -11.34 33.59 -25.41
CA MET B 517 -12.61 34.32 -25.52
C MET B 517 -13.73 33.55 -24.79
N THR B 518 -13.62 33.58 -23.47
CA THR B 518 -14.65 33.08 -22.58
C THR B 518 -15.08 34.20 -21.64
N HIS B 519 -16.21 34.01 -20.96
CA HIS B 519 -16.71 35.04 -20.05
C HIS B 519 -17.60 34.39 -19.00
N ILE B 520 -17.25 34.54 -17.73
CA ILE B 520 -18.05 34.01 -16.64
C ILE B 520 -19.03 35.10 -16.22
N THR B 521 -20.30 34.72 -16.08
CA THR B 521 -21.39 35.68 -15.98
C THR B 521 -21.85 35.85 -14.53
N THR B 522 -22.77 36.80 -14.34
CA THR B 522 -23.35 37.12 -13.04
C THR B 522 -24.86 37.17 -13.15
N ASP B 523 -25.52 36.90 -12.01
CA ASP B 523 -26.97 37.03 -11.94
C ASP B 523 -27.36 38.50 -11.98
N ASP B 524 -28.34 38.84 -12.81
CA ASP B 524 -28.66 40.26 -13.02
C ASP B 524 -29.77 40.75 -12.08
N GLU B 525 -31.01 40.29 -12.31
CA GLU B 525 -32.09 40.64 -11.39
C GLU B 525 -32.96 39.44 -11.04
N GLU B 526 -33.27 38.62 -12.05
CA GLU B 526 -34.08 37.39 -12.07
C GLU B 526 -35.58 37.69 -11.90
N GLU B 527 -35.95 38.93 -11.53
CA GLU B 527 -37.35 39.32 -11.35
C GLU B 527 -38.08 39.75 -12.63
N PRO B 528 -37.58 40.67 -13.48
CA PRO B 528 -38.40 41.05 -14.64
C PRO B 528 -38.41 40.04 -15.77
N ILE B 529 -37.55 39.01 -15.71
CA ILE B 529 -37.57 37.97 -16.73
C ILE B 529 -38.82 37.10 -16.55
N LYS B 530 -39.26 36.91 -15.30
CA LYS B 530 -40.47 36.16 -15.04
C LYS B 530 -41.72 36.90 -15.50
N LYS B 531 -41.74 38.23 -15.33
CA LYS B 531 -42.87 39.01 -15.79
C LYS B 531 -42.85 39.24 -17.30
N LEU B 532 -41.67 39.18 -17.93
CA LEU B 532 -41.61 39.37 -19.38
C LEU B 532 -42.12 38.14 -20.11
N CYS B 533 -42.05 36.97 -19.48
CA CYS B 533 -42.67 35.78 -20.07
C CYS B 533 -44.19 35.89 -20.04
N TYR B 534 -44.74 36.49 -18.98
CA TYR B 534 -46.18 36.71 -18.89
C TYR B 534 -46.67 37.71 -19.94
N VAL B 535 -45.81 38.65 -20.34
CA VAL B 535 -46.13 39.52 -21.46
C VAL B 535 -46.16 38.74 -22.76
N LEU B 536 -45.18 37.84 -22.96
CA LEU B 536 -45.08 37.08 -24.20
C LEU B 536 -46.12 35.97 -24.33
N GLY B 537 -46.95 35.73 -23.32
CA GLY B 537 -48.14 34.93 -23.50
C GLY B 537 -48.16 33.57 -22.83
N VAL B 538 -47.37 33.35 -21.79
CA VAL B 538 -47.46 32.09 -21.05
C VAL B 538 -48.52 32.24 -19.96
N GLU B 539 -49.29 31.18 -19.75
CA GLU B 539 -50.32 31.19 -18.72
C GLU B 539 -49.69 30.81 -17.38
N ASP B 540 -50.24 31.38 -16.31
CA ASP B 540 -49.72 31.10 -14.98
C ASP B 540 -50.12 29.68 -14.57
N ILE B 541 -49.36 29.12 -13.63
CA ILE B 541 -49.58 27.74 -13.20
C ILE B 541 -50.83 27.60 -12.34
N THR B 542 -51.29 28.68 -11.71
CA THR B 542 -52.52 28.63 -10.93
C THR B 542 -53.78 28.74 -11.78
N LEU B 543 -53.64 28.75 -13.11
CA LEU B 543 -54.78 28.84 -14.02
C LEU B 543 -54.92 27.63 -14.93
N ILE B 544 -53.82 27.02 -15.34
CA ILE B 544 -53.88 25.87 -16.24
C ILE B 544 -54.30 24.64 -15.45
N ASP B 545 -54.96 23.70 -16.13
CA ASP B 545 -55.36 22.46 -15.49
C ASP B 545 -54.14 21.60 -15.21
N SER B 546 -54.27 20.73 -14.20
CA SER B 546 -53.21 19.82 -13.84
C SER B 546 -53.00 18.70 -14.86
N ALA B 547 -53.95 18.49 -15.77
CA ALA B 547 -53.86 17.45 -16.79
C ALA B 547 -53.36 17.99 -18.12
N SER B 548 -52.46 18.98 -18.10
CA SER B 548 -51.99 19.63 -19.32
C SER B 548 -50.47 19.53 -19.42
N LEU B 549 -49.99 18.41 -19.96
CA LEU B 549 -48.63 18.31 -20.47
C LEU B 549 -48.54 17.50 -21.75
N HIS B 550 -49.68 17.07 -22.33
CA HIS B 550 -49.69 16.43 -23.64
C HIS B 550 -49.39 17.42 -24.77
N LEU B 551 -49.46 18.71 -24.48
CA LEU B 551 -49.25 19.77 -25.44
C LEU B 551 -47.75 20.08 -25.49
N ASN B 552 -47.36 21.22 -26.06
CA ASN B 552 -45.96 21.54 -26.32
C ASN B 552 -45.23 21.89 -25.02
N TYR B 553 -43.99 22.38 -25.18
CA TYR B 553 -42.97 22.41 -24.15
C TYR B 553 -43.34 23.36 -23.01
N GLY B 554 -42.74 23.13 -21.85
CA GLY B 554 -43.02 23.89 -20.64
C GLY B 554 -41.84 24.75 -20.23
N VAL B 555 -42.13 26.01 -19.90
CA VAL B 555 -41.10 26.97 -19.55
C VAL B 555 -40.59 26.71 -18.13
N TYR B 556 -39.26 26.58 -18.00
CA TYR B 556 -38.60 26.38 -16.72
C TYR B 556 -37.66 27.56 -16.51
N LEU B 557 -37.99 28.45 -15.57
CA LEU B 557 -37.10 29.54 -15.20
C LEU B 557 -36.28 29.09 -14.01
N ASN B 558 -34.99 28.76 -14.27
CA ASN B 558 -34.02 28.29 -13.27
C ASN B 558 -34.51 27.03 -12.55
N GLY B 559 -35.15 26.13 -13.30
CA GLY B 559 -35.72 24.92 -12.76
C GLY B 559 -37.15 25.06 -12.28
N THR B 560 -37.62 26.27 -12.04
CA THR B 560 -38.97 26.51 -11.54
C THR B 560 -39.94 26.64 -12.71
N LEU B 561 -41.03 25.87 -12.66
CA LEU B 561 -42.01 25.85 -13.75
C LEU B 561 -42.83 27.14 -13.71
N ILE B 562 -43.13 27.67 -14.90
CA ILE B 562 -43.79 28.97 -15.02
C ILE B 562 -45.16 28.81 -15.68
N GLY B 563 -45.33 27.78 -16.51
CA GLY B 563 -46.67 27.54 -17.02
C GLY B 563 -46.96 27.14 -18.47
N SER B 564 -45.95 26.73 -19.23
CA SER B 564 -46.10 25.92 -20.46
C SER B 564 -46.89 26.66 -21.55
N ILE B 565 -46.23 27.66 -22.13
CA ILE B 565 -46.76 28.39 -23.28
C ILE B 565 -46.94 27.45 -24.48
N ARG B 566 -47.94 27.77 -25.32
CA ARG B 566 -48.06 27.15 -26.63
C ARG B 566 -47.08 27.77 -27.62
N PHE B 567 -46.74 27.00 -28.65
CA PHE B 567 -45.82 27.33 -29.75
C PHE B 567 -44.47 27.84 -29.24
N PRO B 568 -43.62 26.97 -28.69
CA PRO B 568 -42.38 27.47 -28.07
C PRO B 568 -41.33 27.95 -29.05
N THR B 569 -41.44 27.59 -30.33
CA THR B 569 -40.48 28.09 -31.32
C THR B 569 -40.63 29.60 -31.51
N LYS B 570 -41.87 30.08 -31.61
CA LYS B 570 -42.12 31.51 -31.69
C LYS B 570 -41.72 32.23 -30.40
N PHE B 571 -41.89 31.56 -29.26
CA PHE B 571 -41.47 32.13 -27.98
C PHE B 571 -39.95 32.30 -27.91
N VAL B 572 -39.21 31.27 -28.34
CA VAL B 572 -37.75 31.35 -28.36
C VAL B 572 -37.27 32.40 -29.37
N THR B 573 -37.95 32.50 -30.52
CA THR B 573 -37.56 33.48 -31.53
C THR B 573 -37.79 34.91 -31.04
N GLN B 574 -38.95 35.17 -30.40
CA GLN B 574 -39.22 36.50 -29.86
C GLN B 574 -38.31 36.82 -28.68
N PHE B 575 -37.96 35.82 -27.86
CA PHE B 575 -37.09 36.08 -26.72
C PHE B 575 -35.66 36.39 -27.18
N ARG B 576 -35.19 35.69 -28.22
CA ARG B 576 -33.87 35.99 -28.77
C ARG B 576 -33.86 37.31 -29.54
N HIS B 577 -34.98 37.69 -30.15
CA HIS B 577 -35.04 38.99 -30.81
C HIS B 577 -35.09 40.13 -29.80
N LEU B 578 -35.73 39.92 -28.65
CA LEU B 578 -35.62 40.89 -27.56
C LEU B 578 -34.24 40.88 -26.92
N ARG B 579 -33.50 39.78 -27.03
CA ARG B 579 -32.16 39.73 -26.45
C ARG B 579 -31.16 40.57 -27.23
N ARG B 580 -31.42 40.82 -28.51
CA ARG B 580 -30.48 41.52 -29.39
C ARG B 580 -30.76 43.02 -29.49
N THR B 581 -31.74 43.52 -28.75
CA THR B 581 -32.00 44.95 -28.60
C THR B 581 -31.52 45.47 -27.25
N GLY B 582 -31.53 44.62 -26.24
CA GLY B 582 -30.95 44.86 -24.94
C GLY B 582 -31.86 44.33 -23.85
N LYS B 583 -31.35 43.28 -23.19
CA LYS B 583 -32.05 42.55 -22.14
C LYS B 583 -30.97 42.05 -21.19
N VAL B 584 -30.04 42.95 -20.82
CA VAL B 584 -28.60 42.81 -21.05
C VAL B 584 -28.11 41.37 -21.00
N SER B 585 -27.43 40.97 -22.07
CA SER B 585 -27.38 39.59 -22.55
C SER B 585 -26.13 38.85 -22.10
N GLU B 586 -25.67 39.07 -20.87
CA GLU B 586 -24.50 38.34 -20.39
C GLU B 586 -24.82 36.86 -20.23
N PHE B 587 -25.96 36.54 -19.62
CA PHE B 587 -26.30 35.15 -19.37
C PHE B 587 -27.72 34.75 -19.73
N ILE B 588 -28.68 35.67 -19.80
CA ILE B 588 -30.10 35.33 -19.83
C ILE B 588 -30.40 34.69 -21.17
N SER B 589 -30.44 33.35 -21.17
CA SER B 589 -30.46 32.57 -22.39
C SER B 589 -31.65 31.62 -22.37
N ILE B 590 -31.97 31.08 -23.54
CA ILE B 590 -33.14 30.21 -23.70
C ILE B 590 -32.76 29.04 -24.59
N TYR B 591 -33.28 27.85 -24.26
CA TYR B 591 -33.05 26.67 -25.08
C TYR B 591 -34.15 25.65 -24.84
N SER B 592 -34.61 25.01 -25.92
CA SER B 592 -35.62 23.97 -25.83
C SER B 592 -34.97 22.62 -25.52
N ASN B 593 -35.82 21.64 -25.25
CA ASN B 593 -35.35 20.29 -24.92
C ASN B 593 -36.49 19.33 -25.24
N SER B 594 -36.27 18.45 -26.22
CA SER B 594 -37.33 17.60 -26.74
C SER B 594 -37.48 16.28 -26.02
N HIS B 595 -36.38 15.67 -25.57
CA HIS B 595 -36.45 14.42 -24.83
C HIS B 595 -36.90 14.62 -23.39
N GLN B 596 -36.91 15.86 -22.91
CA GLN B 596 -37.46 16.24 -21.62
C GLN B 596 -38.85 16.85 -21.75
N MET B 597 -39.20 17.32 -22.95
CA MET B 597 -40.41 18.11 -23.23
C MET B 597 -40.46 19.36 -22.35
N ALA B 598 -39.46 20.23 -22.55
CA ALA B 598 -39.37 21.45 -21.76
C ALA B 598 -38.63 22.52 -22.54
N VAL B 599 -38.57 23.72 -21.96
CA VAL B 599 -37.81 24.84 -22.51
C VAL B 599 -37.33 25.69 -21.34
N HIS B 600 -36.05 26.06 -21.35
CA HIS B 600 -35.38 26.65 -20.21
C HIS B 600 -34.98 28.09 -20.51
N ILE B 601 -35.23 28.96 -19.54
CA ILE B 601 -34.68 30.31 -19.51
C ILE B 601 -33.76 30.38 -18.31
N ALA B 602 -32.50 30.74 -18.54
CA ALA B 602 -31.48 30.76 -17.51
C ALA B 602 -30.99 32.18 -17.27
N THR B 603 -30.99 32.60 -16.01
CA THR B 603 -30.66 33.96 -15.58
C THR B 603 -29.59 33.99 -14.49
N ASP B 604 -29.50 32.92 -13.70
CA ASP B 604 -28.59 32.88 -12.55
C ASP B 604 -27.17 32.64 -13.03
N GLY B 605 -26.35 33.68 -13.01
CA GLY B 605 -25.01 33.63 -13.56
C GLY B 605 -24.05 32.80 -12.73
N GLY B 606 -22.79 32.81 -13.17
CA GLY B 606 -21.78 31.94 -12.62
C GLY B 606 -21.43 30.83 -13.59
N ARG B 607 -21.35 31.18 -14.87
CA ARG B 607 -21.33 30.19 -15.94
C ARG B 607 -20.62 30.77 -17.17
N ILE B 608 -19.74 29.96 -17.77
CA ILE B 608 -18.97 30.40 -18.92
C ILE B 608 -19.85 30.52 -20.16
N CYS B 609 -19.41 31.37 -21.08
CA CYS B 609 -20.09 31.59 -22.36
C CYS B 609 -19.07 32.18 -23.32
N ARG B 610 -19.31 32.00 -24.62
CA ARG B 610 -18.36 32.51 -25.60
C ARG B 610 -19.08 33.32 -26.68
N PRO B 611 -18.45 34.37 -27.20
CA PRO B 611 -19.12 35.19 -28.23
C PRO B 611 -18.89 34.67 -29.64
N LEU B 612 -19.98 34.55 -30.41
CA LEU B 612 -19.93 34.06 -31.78
C LEU B 612 -20.74 34.97 -32.68
N ILE B 613 -20.54 34.81 -33.99
CA ILE B 613 -21.18 35.66 -34.98
C ILE B 613 -22.50 35.04 -35.40
N ILE B 614 -23.57 35.84 -35.36
CA ILE B 614 -24.89 35.41 -35.81
C ILE B 614 -24.90 35.37 -37.34
N VAL B 615 -25.53 34.35 -37.91
CA VAL B 615 -25.86 34.35 -39.33
C VAL B 615 -27.38 34.47 -39.44
N SER B 616 -27.84 35.01 -40.57
CA SER B 616 -29.28 35.19 -40.79
C SER B 616 -29.67 34.46 -42.07
N ASP B 617 -29.84 33.14 -41.95
CA ASP B 617 -30.58 32.24 -42.83
C ASP B 617 -29.96 32.01 -44.21
N GLY B 618 -29.03 32.85 -44.63
CA GLY B 618 -28.24 32.54 -45.80
C GLY B 618 -26.75 32.75 -45.63
N GLN B 619 -26.38 33.71 -44.79
CA GLN B 619 -25.02 34.21 -44.73
C GLN B 619 -24.83 34.97 -43.41
N SER B 620 -23.60 35.42 -43.19
CA SER B 620 -23.22 36.06 -41.93
C SER B 620 -23.83 37.45 -41.81
N ARG B 621 -23.77 37.99 -40.59
CA ARG B 621 -24.24 39.33 -40.28
C ARG B 621 -23.13 40.36 -40.36
N VAL B 622 -21.92 39.99 -39.94
CA VAL B 622 -20.78 40.91 -39.99
C VAL B 622 -20.36 41.05 -41.45
N LYS B 623 -20.68 42.21 -42.03
CA LYS B 623 -20.37 42.47 -43.43
C LYS B 623 -18.96 43.02 -43.54
N ASP B 624 -18.57 43.42 -44.76
CA ASP B 624 -17.25 43.98 -44.98
C ASP B 624 -17.16 45.41 -44.45
N ILE B 625 -18.27 46.15 -44.45
CA ILE B 625 -18.23 47.52 -43.96
C ILE B 625 -18.17 47.58 -42.43
N HIS B 626 -18.53 46.51 -41.74
CA HIS B 626 -18.42 46.51 -40.28
C HIS B 626 -16.98 46.30 -39.83
N LEU B 627 -16.17 45.63 -40.64
CA LEU B 627 -14.77 45.40 -40.30
C LEU B 627 -13.86 46.54 -40.71
N ARG B 628 -14.27 47.36 -41.69
CA ARG B 628 -13.49 48.54 -42.04
C ARG B 628 -13.55 49.60 -40.94
N LYS B 629 -14.71 49.71 -40.28
CA LYS B 629 -14.83 50.68 -39.19
C LYS B 629 -14.13 50.22 -37.93
N LEU B 630 -13.92 48.90 -37.78
CA LEU B 630 -13.38 48.35 -36.54
C LEU B 630 -11.92 48.73 -36.34
N LEU B 631 -11.13 48.72 -37.40
CA LEU B 631 -9.72 49.09 -37.32
C LEU B 631 -9.47 50.55 -37.69
N ASP B 632 -10.52 51.36 -37.80
CA ASP B 632 -10.39 52.77 -38.18
C ASP B 632 -11.11 53.66 -37.18
N GLY B 633 -10.86 53.43 -35.89
CA GLY B 633 -11.39 54.32 -34.88
C GLY B 633 -12.56 53.76 -34.07
N GLU B 634 -13.77 54.21 -34.40
CA GLU B 634 -14.96 53.93 -33.62
C GLU B 634 -15.45 52.49 -33.85
N LEU B 635 -16.61 52.19 -33.28
CA LEU B 635 -17.33 50.91 -33.42
C LEU B 635 -16.47 49.73 -32.96
N ASP B 636 -16.14 49.75 -31.68
CA ASP B 636 -15.30 48.72 -31.08
C ASP B 636 -16.18 47.56 -30.61
N PHE B 637 -15.61 46.68 -29.78
CA PHE B 637 -16.42 45.68 -29.10
C PHE B 637 -17.33 46.37 -28.09
N ASP B 638 -18.46 45.72 -27.80
CA ASP B 638 -19.68 46.12 -27.10
C ASP B 638 -20.54 47.05 -27.99
N ASP B 639 -20.04 47.48 -29.14
CA ASP B 639 -20.87 48.08 -30.17
C ASP B 639 -21.31 47.07 -31.21
N PHE B 640 -20.80 45.84 -31.15
CA PHE B 640 -21.31 44.75 -31.96
C PHE B 640 -22.36 43.93 -31.22
N LEU B 641 -22.50 44.14 -29.91
CA LEU B 641 -23.57 43.51 -29.14
C LEU B 641 -24.86 44.32 -29.18
N LYS B 642 -24.75 45.65 -29.26
CA LYS B 642 -25.93 46.50 -29.31
C LYS B 642 -26.56 46.49 -30.71
N LEU B 643 -25.73 46.46 -31.75
CA LEU B 643 -26.22 46.45 -33.12
C LEU B 643 -26.62 45.06 -33.61
N GLY B 644 -26.46 44.03 -32.80
CA GLY B 644 -26.94 42.71 -33.16
C GLY B 644 -26.09 41.98 -34.17
N LEU B 645 -24.76 42.00 -34.01
CA LEU B 645 -23.84 41.29 -34.89
C LEU B 645 -23.30 40.02 -34.26
N VAL B 646 -22.85 40.09 -33.01
CA VAL B 646 -22.35 38.94 -32.28
C VAL B 646 -23.19 38.74 -31.04
N GLU B 647 -23.13 37.54 -30.48
CA GLU B 647 -23.84 37.25 -29.25
C GLU B 647 -23.12 36.16 -28.48
N TYR B 648 -23.34 36.12 -27.17
CA TYR B 648 -22.76 35.10 -26.32
C TYR B 648 -23.64 33.85 -26.33
N LEU B 649 -23.00 32.70 -26.42
CA LEU B 649 -23.69 31.42 -26.33
C LEU B 649 -23.14 30.63 -25.17
N ASP B 650 -24.03 29.92 -24.49
CA ASP B 650 -23.72 29.10 -23.33
C ASP B 650 -23.50 27.65 -23.79
N VAL B 651 -23.06 26.80 -22.85
CA VAL B 651 -22.65 25.44 -23.19
C VAL B 651 -23.86 24.58 -23.53
N ASN B 652 -24.90 24.64 -22.71
CA ASN B 652 -26.13 23.90 -23.01
C ASN B 652 -27.07 24.67 -23.91
N GLU B 653 -26.84 25.97 -24.10
CA GLU B 653 -27.66 26.77 -25.00
C GLU B 653 -27.19 26.64 -26.45
N GLU B 654 -25.92 26.29 -26.68
CA GLU B 654 -25.45 25.99 -28.02
C GLU B 654 -25.77 24.57 -28.46
N ASN B 655 -26.47 23.80 -27.61
CA ASN B 655 -27.07 22.55 -28.04
C ASN B 655 -28.27 22.81 -28.95
N ASP B 656 -28.89 23.99 -28.84
CA ASP B 656 -29.93 24.45 -29.74
C ASP B 656 -29.36 25.33 -30.85
N SER B 657 -28.14 25.04 -31.28
CA SER B 657 -27.46 25.81 -32.31
C SER B 657 -26.73 24.87 -33.24
N TYR B 658 -26.18 25.44 -34.31
CA TYR B 658 -25.50 24.67 -35.34
C TYR B 658 -24.48 25.61 -35.99
N ILE B 659 -23.22 25.44 -35.62
CA ILE B 659 -22.18 26.46 -35.78
C ILE B 659 -21.29 26.10 -36.95
N ALA B 660 -20.98 27.08 -37.79
CA ALA B 660 -20.03 26.91 -38.88
C ALA B 660 -18.60 27.08 -38.37
N LEU B 661 -17.66 26.48 -39.09
CA LEU B 661 -16.24 26.61 -38.76
C LEU B 661 -15.59 27.78 -39.51
N TYR B 662 -15.75 27.81 -40.83
CA TYR B 662 -15.17 28.86 -41.67
C TYR B 662 -16.29 29.51 -42.47
N GLU B 663 -15.92 30.53 -43.25
CA GLU B 663 -16.91 31.30 -44.00
C GLU B 663 -17.36 30.62 -45.29
N LYS B 664 -16.60 29.65 -45.79
CA LYS B 664 -17.01 28.89 -46.97
C LYS B 664 -17.78 27.63 -46.59
N ASP B 665 -18.73 27.80 -45.67
CA ASP B 665 -19.51 26.69 -45.16
C ASP B 665 -20.95 27.10 -44.89
N ILE B 666 -21.42 28.20 -45.47
CA ILE B 666 -22.72 28.75 -45.11
C ILE B 666 -23.88 27.95 -45.71
N VAL B 667 -24.39 27.02 -44.93
CA VAL B 667 -25.59 26.24 -45.25
C VAL B 667 -26.78 27.07 -44.76
N PRO B 668 -27.88 27.16 -45.51
CA PRO B 668 -29.02 27.98 -45.05
C PRO B 668 -29.73 27.47 -43.80
N SER B 669 -29.39 26.29 -43.30
CA SER B 669 -29.96 25.79 -42.05
C SER B 669 -29.07 26.07 -40.84
N MET B 670 -28.07 26.94 -40.98
CA MET B 670 -27.16 27.24 -39.89
C MET B 670 -27.67 28.42 -39.05
N THR B 671 -27.07 28.56 -37.87
CA THR B 671 -27.52 29.53 -36.87
C THR B 671 -26.41 30.47 -36.43
N HIS B 672 -25.17 29.99 -36.29
CA HIS B 672 -24.06 30.82 -35.87
C HIS B 672 -22.82 30.55 -36.71
N LEU B 673 -21.92 31.54 -36.69
CA LEU B 673 -20.59 31.44 -37.26
C LEU B 673 -19.58 31.72 -36.16
N GLU B 674 -18.54 30.90 -36.08
CA GLU B 674 -17.54 31.14 -35.05
C GLU B 674 -16.52 32.17 -35.52
N ILE B 675 -15.93 32.86 -34.54
CA ILE B 675 -14.95 33.89 -34.87
C ILE B 675 -13.62 33.27 -35.27
N GLU B 676 -13.00 32.52 -34.35
CA GLU B 676 -11.71 31.92 -34.65
C GLU B 676 -11.67 30.47 -34.22
N PRO B 677 -11.08 29.58 -35.03
CA PRO B 677 -10.97 28.18 -34.62
C PRO B 677 -9.81 27.88 -33.69
N PHE B 678 -8.85 28.79 -33.54
CA PHE B 678 -7.70 28.54 -32.67
C PHE B 678 -7.84 29.21 -31.31
N THR B 679 -9.05 29.65 -30.95
CA THR B 679 -9.35 30.12 -29.61
C THR B 679 -9.49 28.96 -28.63
N ILE B 680 -9.61 27.73 -29.14
CA ILE B 680 -9.71 26.53 -28.31
C ILE B 680 -8.44 26.32 -27.49
N LEU B 681 -7.29 26.72 -28.00
CA LEU B 681 -6.05 26.63 -27.24
C LEU B 681 -6.01 27.74 -26.19
N GLY B 682 -5.34 27.46 -25.08
CA GLY B 682 -5.26 28.39 -23.98
C GLY B 682 -4.21 29.45 -24.17
N ALA B 683 -3.76 30.02 -23.05
CA ALA B 683 -2.69 31.01 -23.07
C ALA B 683 -1.31 30.37 -22.98
N VAL B 684 -1.15 29.37 -22.12
CA VAL B 684 0.11 28.63 -22.07
C VAL B 684 0.23 27.69 -23.26
N ALA B 685 -0.89 27.12 -23.70
CA ALA B 685 -0.92 26.21 -24.84
C ALA B 685 -0.76 26.92 -26.17
N GLY B 686 -0.80 28.25 -26.20
CA GLY B 686 -0.62 29.01 -27.42
C GLY B 686 0.83 29.35 -27.74
N LEU B 687 1.80 28.73 -27.06
CA LEU B 687 3.20 28.92 -27.38
C LEU B 687 3.71 27.93 -28.41
N ILE B 688 2.98 26.87 -28.66
CA ILE B 688 3.45 25.80 -29.54
C ILE B 688 3.27 26.24 -30.99
N PRO B 689 4.32 26.19 -31.81
CA PRO B 689 4.15 26.41 -33.25
C PRO B 689 3.60 25.15 -33.92
N TYR B 690 2.53 25.34 -34.69
CA TYR B 690 1.76 24.31 -35.38
C TYR B 690 1.32 23.17 -34.46
N PRO B 691 0.37 23.37 -33.55
CA PRO B 691 -0.09 22.25 -32.72
C PRO B 691 -0.89 21.22 -33.49
N HIS B 692 -1.48 21.59 -34.62
CA HIS B 692 -2.30 20.69 -35.42
C HIS B 692 -1.49 19.74 -36.27
N HIS B 693 -0.16 19.84 -36.26
CA HIS B 693 0.69 18.84 -36.89
C HIS B 693 1.28 17.84 -35.91
N ASN B 694 1.35 18.18 -34.63
CA ASN B 694 1.85 17.25 -33.63
C ASN B 694 0.74 16.30 -33.19
N GLN B 695 1.09 15.33 -32.36
CA GLN B 695 0.07 14.58 -31.67
C GLN B 695 -0.21 15.24 -30.32
N SER B 696 -1.41 14.99 -29.80
CA SER B 696 -1.91 15.70 -28.62
C SER B 696 -1.17 15.53 -27.29
N PRO B 697 -0.59 14.37 -26.90
CA PRO B 697 0.18 14.35 -25.64
C PRO B 697 1.42 15.23 -25.67
N ARG B 698 2.05 15.38 -26.83
CA ARG B 698 3.15 16.32 -26.96
C ARG B 698 2.68 17.77 -27.01
N ASN B 699 1.37 18.01 -27.11
CA ASN B 699 0.83 19.33 -26.84
C ASN B 699 0.51 19.52 -25.38
N THR B 700 0.48 18.46 -24.58
CA THR B 700 0.19 18.56 -23.16
C THR B 700 1.46 18.71 -22.33
N TYR B 701 2.48 17.89 -22.65
CA TYR B 701 3.74 17.92 -21.92
C TYR B 701 4.43 19.26 -22.03
N GLN B 702 4.33 19.90 -23.20
CA GLN B 702 4.87 21.24 -23.40
C GLN B 702 4.21 22.26 -22.49
N CYS B 703 2.91 22.09 -22.21
CA CYS B 703 2.22 22.95 -21.26
C CYS B 703 2.75 22.78 -19.83
N ALA B 704 3.37 21.65 -19.52
CA ALA B 704 4.09 21.51 -18.27
C ALA B 704 5.53 21.97 -18.37
N MET B 705 6.11 22.01 -19.57
CA MET B 705 7.50 22.42 -19.71
C MET B 705 7.64 23.89 -20.09
N GLY B 706 6.57 24.51 -20.57
CA GLY B 706 6.64 25.92 -20.88
C GLY B 706 6.63 26.82 -19.66
N LYS B 707 6.01 26.35 -18.57
CA LYS B 707 5.98 27.11 -17.33
C LYS B 707 7.25 26.93 -16.51
N GLN B 708 7.97 25.82 -16.70
CA GLN B 708 9.20 25.57 -15.98
C GLN B 708 10.41 26.22 -16.64
N ALA B 709 10.28 26.70 -17.87
CA ALA B 709 11.39 27.33 -18.56
C ALA B 709 11.71 28.67 -17.95
N ILE B 710 13.00 28.94 -17.77
CA ILE B 710 13.44 30.12 -17.04
C ILE B 710 13.80 31.21 -18.02
N GLY B 711 13.66 32.46 -17.57
CA GLY B 711 13.91 33.61 -18.42
C GLY B 711 13.56 34.93 -17.76
N ALA B 712 13.16 35.91 -18.56
CA ALA B 712 12.76 37.20 -18.01
C ALA B 712 11.40 37.08 -17.34
N ILE B 713 11.24 37.82 -16.24
CA ILE B 713 10.03 37.77 -15.43
C ILE B 713 9.26 39.08 -15.48
N ALA B 714 9.92 40.18 -15.10
CA ALA B 714 9.27 41.48 -15.06
C ALA B 714 10.29 42.56 -15.36
N TYR B 715 9.80 43.79 -15.46
CA TYR B 715 10.69 44.92 -15.72
C TYR B 715 11.39 45.39 -14.45
N ASN B 716 10.79 45.15 -13.29
CA ASN B 716 11.42 45.47 -12.00
C ASN B 716 11.97 44.23 -11.31
N GLN B 717 12.43 43.24 -12.07
CA GLN B 717 12.92 42.00 -11.48
C GLN B 717 14.26 42.18 -10.80
N PHE B 718 14.98 43.27 -11.09
CA PHE B 718 16.18 43.64 -10.36
C PHE B 718 15.87 44.53 -9.17
N LYS B 719 14.65 45.05 -9.08
CA LYS B 719 14.21 45.90 -7.98
C LYS B 719 13.27 45.19 -7.02
N ARG B 720 13.14 43.87 -7.12
CA ARG B 720 12.27 43.12 -6.24
C ARG B 720 13.04 41.99 -5.57
N ILE B 721 12.58 41.62 -4.37
CA ILE B 721 13.21 40.58 -3.57
C ILE B 721 12.15 39.56 -3.19
N ASP B 722 12.35 38.32 -3.60
CA ASP B 722 11.52 37.20 -3.19
C ASP B 722 12.40 35.96 -3.06
N THR B 723 11.80 34.86 -2.62
CA THR B 723 12.58 33.75 -2.08
C THR B 723 13.33 32.96 -3.14
N LEU B 724 12.86 32.98 -4.40
CA LEU B 724 13.50 32.23 -5.47
C LEU B 724 12.99 32.74 -6.81
N LEU B 725 13.91 33.11 -7.68
CA LEU B 725 13.57 33.43 -9.06
C LEU B 725 14.79 33.16 -9.94
N TYR B 726 14.54 32.59 -11.12
CA TYR B 726 15.56 32.27 -12.08
C TYR B 726 15.47 33.25 -13.24
N LEU B 727 16.62 33.64 -13.78
CA LEU B 727 16.67 34.64 -14.84
C LEU B 727 17.46 34.08 -16.02
N MET B 728 17.54 34.87 -17.09
CA MET B 728 18.30 34.55 -18.28
C MET B 728 19.18 35.74 -18.62
N THR B 729 20.41 35.46 -19.04
CA THR B 729 21.35 36.55 -19.32
C THR B 729 21.03 37.23 -20.65
N TYR B 730 20.88 36.46 -21.72
CA TYR B 730 20.56 37.00 -23.05
C TYR B 730 19.31 36.32 -23.60
N PRO B 731 18.12 36.78 -23.20
CA PRO B 731 16.90 36.20 -23.76
C PRO B 731 16.64 36.70 -25.16
N GLN B 732 16.02 35.83 -25.97
CA GLN B 732 15.70 36.13 -27.36
C GLN B 732 14.27 35.73 -27.65
N GLN B 733 13.60 36.52 -28.50
CA GLN B 733 12.23 36.24 -28.88
C GLN B 733 12.18 35.06 -29.85
N PRO B 734 11.06 34.34 -29.92
CA PRO B 734 10.98 33.17 -30.80
C PRO B 734 11.07 33.51 -32.28
N MET B 735 11.45 32.51 -33.07
CA MET B 735 11.61 32.69 -34.50
C MET B 735 10.26 32.70 -35.20
N VAL B 736 9.52 31.60 -35.13
CA VAL B 736 8.15 31.55 -35.60
C VAL B 736 7.24 31.92 -34.43
N LYS B 737 6.40 32.93 -34.65
CA LYS B 737 5.53 33.39 -33.58
C LYS B 737 4.20 32.66 -33.65
N THR B 738 3.24 33.14 -32.87
CA THR B 738 1.87 32.67 -32.88
C THR B 738 1.01 33.93 -32.85
N LYS B 739 -0.22 33.83 -33.36
CA LYS B 739 -1.12 34.97 -33.31
C LYS B 739 -1.58 35.30 -31.89
N THR B 740 -1.42 34.38 -30.94
CA THR B 740 -1.85 34.60 -29.57
C THR B 740 -0.72 34.93 -28.62
N ILE B 741 0.54 34.96 -29.09
CA ILE B 741 1.63 35.42 -28.24
C ILE B 741 1.91 36.90 -28.41
N GLU B 742 1.27 37.56 -29.38
CA GLU B 742 1.28 39.02 -29.44
C GLU B 742 0.22 39.63 -28.53
N LEU B 743 -0.78 38.84 -28.12
CA LEU B 743 -1.78 39.33 -27.19
C LEU B 743 -1.25 39.39 -25.77
N ILE B 744 -0.52 38.36 -25.34
CA ILE B 744 -0.12 38.21 -23.95
C ILE B 744 1.26 38.83 -23.73
N ASP B 745 1.82 39.43 -24.79
CA ASP B 745 3.11 40.13 -24.78
C ASP B 745 4.25 39.21 -24.37
N TYR B 746 4.23 37.97 -24.88
CA TYR B 746 5.32 37.05 -24.60
C TYR B 746 6.57 37.42 -25.38
N ASP B 747 6.42 38.11 -26.51
CA ASP B 747 7.56 38.56 -27.29
C ASP B 747 8.31 39.73 -26.65
N LYS B 748 7.75 40.36 -25.62
CA LYS B 748 8.45 41.39 -24.86
C LYS B 748 9.24 40.82 -23.70
N LEU B 749 8.80 39.70 -23.13
CA LEU B 749 9.52 38.99 -22.08
C LEU B 749 9.66 37.51 -22.45
N PRO B 750 10.60 37.18 -23.33
CA PRO B 750 10.77 35.78 -23.74
C PRO B 750 11.65 35.01 -22.77
N ALA B 751 11.47 33.69 -22.78
CA ALA B 751 12.21 32.78 -21.90
C ALA B 751 12.77 31.64 -22.74
N GLY B 752 13.94 31.83 -23.31
CA GLY B 752 14.55 30.80 -24.13
C GLY B 752 15.56 31.39 -25.09
N GLN B 753 16.16 30.50 -25.86
CA GLN B 753 17.27 30.81 -26.75
C GLN B 753 17.03 30.20 -28.12
N ASN B 754 17.24 30.99 -29.17
CA ASN B 754 17.22 30.47 -30.55
C ASN B 754 18.55 29.81 -30.84
N ALA B 755 18.60 28.49 -30.73
CA ALA B 755 19.81 27.74 -31.05
C ALA B 755 19.86 27.47 -32.55
N THR B 756 20.90 26.77 -33.00
CA THR B 756 20.94 26.17 -34.32
C THR B 756 21.16 24.67 -34.14
N VAL B 757 20.40 23.87 -34.88
CA VAL B 757 20.25 22.45 -34.58
C VAL B 757 20.58 21.63 -35.82
N ALA B 758 21.52 20.71 -35.67
CA ALA B 758 21.75 19.65 -36.66
C ALA B 758 21.09 18.38 -36.12
N VAL B 759 20.01 17.96 -36.75
CA VAL B 759 19.29 16.76 -36.32
C VAL B 759 20.05 15.57 -36.89
N MET B 760 20.93 14.96 -36.09
CA MET B 760 21.71 13.82 -36.52
C MET B 760 22.23 13.07 -35.30
N SER B 761 22.61 11.82 -35.50
CA SER B 761 23.24 11.03 -34.45
C SER B 761 24.72 11.36 -34.40
N TYR B 762 25.23 11.70 -33.21
CA TYR B 762 26.61 12.13 -33.09
C TYR B 762 27.14 11.84 -31.70
N SER B 763 28.33 11.24 -31.63
CA SER B 763 29.16 10.94 -30.47
C SER B 763 28.59 9.89 -29.52
N GLY B 764 27.37 9.41 -29.76
CA GLY B 764 26.82 8.36 -28.93
C GLY B 764 26.35 8.76 -27.55
N TYR B 765 26.56 9.99 -27.12
CA TYR B 765 25.98 10.42 -25.84
C TYR B 765 24.66 11.13 -26.07
N ASP B 766 23.80 10.54 -26.93
CA ASP B 766 22.52 11.13 -27.28
C ASP B 766 21.45 10.06 -27.50
N ILE B 767 21.49 8.96 -26.76
CA ILE B 767 20.81 7.74 -27.20
C ILE B 767 19.30 7.88 -27.07
N GLU B 768 18.79 8.14 -25.86
CA GLU B 768 17.39 8.54 -25.74
C GLU B 768 17.29 9.73 -24.80
N ASP B 769 16.59 10.77 -25.28
CA ASP B 769 16.27 11.99 -24.53
C ASP B 769 17.53 12.67 -23.98
N ALA B 770 18.53 12.80 -24.83
CA ALA B 770 19.81 13.37 -24.41
C ALA B 770 20.35 14.26 -25.52
N LEU B 771 20.66 15.49 -25.16
CA LEU B 771 21.24 16.45 -26.08
C LEU B 771 22.73 16.58 -25.82
N VAL B 772 23.48 16.89 -26.87
CA VAL B 772 24.88 17.24 -26.71
C VAL B 772 24.99 18.74 -26.92
N LEU B 773 25.98 19.34 -26.25
CA LEU B 773 26.16 20.78 -26.27
C LEU B 773 27.52 21.13 -26.86
N ASN B 774 27.64 22.38 -27.27
CA ASN B 774 28.85 22.90 -27.90
C ASN B 774 29.65 23.69 -26.86
N LYS B 775 30.88 23.27 -26.62
CA LYS B 775 31.86 24.17 -26.04
C LYS B 775 32.23 25.19 -27.11
N SER B 776 32.67 26.37 -26.65
CA SER B 776 32.86 27.60 -27.44
C SER B 776 31.56 28.11 -28.05
N SER B 777 30.43 27.68 -27.51
CA SER B 777 29.14 28.31 -27.72
C SER B 777 28.48 28.68 -26.40
N ILE B 778 28.57 27.80 -25.39
CA ILE B 778 28.20 28.17 -24.03
C ILE B 778 29.28 28.99 -23.34
N ASP B 779 30.48 29.04 -23.93
CA ASP B 779 31.50 29.97 -23.48
C ASP B 779 31.23 31.39 -23.97
N ARG B 780 30.43 31.54 -25.01
CA ARG B 780 30.08 32.85 -25.54
C ARG B 780 28.69 33.31 -25.10
N GLY B 781 28.11 32.66 -24.11
CA GLY B 781 26.89 33.14 -23.50
C GLY B 781 25.60 32.43 -23.87
N PHE B 782 25.66 31.15 -24.23
CA PHE B 782 24.48 30.37 -24.56
C PHE B 782 24.02 29.63 -23.30
N GLY B 783 22.87 30.02 -22.76
CA GLY B 783 22.29 29.31 -21.64
C GLY B 783 22.74 29.77 -20.28
N ARG B 784 23.37 30.93 -20.16
CA ARG B 784 23.76 31.45 -18.86
C ARG B 784 22.54 31.89 -18.07
N CYS B 785 22.55 31.62 -16.77
CA CYS B 785 21.44 32.00 -15.91
C CYS B 785 21.98 32.46 -14.57
N GLU B 786 21.10 32.99 -13.74
CA GLU B 786 21.46 33.33 -12.38
C GLU B 786 20.29 33.03 -11.45
N THR B 787 20.63 32.64 -10.23
CA THR B 787 19.65 32.26 -9.22
C THR B 787 19.77 33.22 -8.06
N ARG B 788 18.64 33.81 -7.65
CA ARG B 788 18.60 34.78 -6.57
C ARG B 788 17.71 34.25 -5.46
N ARG B 789 18.27 34.17 -4.26
CA ARG B 789 17.55 33.63 -3.11
C ARG B 789 17.52 34.64 -1.98
N LYS B 790 16.41 34.67 -1.26
CA LYS B 790 16.18 35.63 -0.19
C LYS B 790 16.39 34.97 1.17
N THR B 791 17.11 35.65 2.05
CA THR B 791 17.24 35.26 3.45
C THR B 791 16.77 36.43 4.30
N THR B 792 15.76 36.18 5.14
CA THR B 792 15.16 37.21 5.96
C THR B 792 15.26 36.84 7.44
N THR B 793 15.62 37.82 8.26
CA THR B 793 15.63 37.67 9.70
C THR B 793 14.84 38.82 10.30
N VAL B 794 14.33 38.60 11.51
CA VAL B 794 13.59 39.60 12.24
C VAL B 794 14.21 39.72 13.63
N LEU B 795 14.25 40.94 14.15
CA LEU B 795 14.87 41.21 15.44
C LEU B 795 13.76 41.45 16.45
N LYS B 796 13.44 40.42 17.23
CA LYS B 796 12.27 40.43 18.10
C LYS B 796 12.50 41.30 19.33
N ARG B 797 11.48 42.07 19.68
CA ARG B 797 11.44 42.77 20.97
C ARG B 797 10.81 41.83 21.98
N TYR B 798 11.59 41.39 22.95
CA TYR B 798 11.12 40.41 23.92
C TYR B 798 10.23 41.07 24.97
N ALA B 799 9.76 40.26 25.92
CA ALA B 799 8.75 40.74 26.87
C ALA B 799 9.34 41.66 27.92
N ASN B 800 10.53 41.35 28.42
CA ASN B 800 11.12 42.13 29.50
C ASN B 800 12.02 43.25 29.00
N HIS B 801 11.51 44.02 28.03
CA HIS B 801 12.09 45.27 27.52
C HIS B 801 13.54 45.11 27.07
N THR B 802 13.75 44.22 26.11
CA THR B 802 15.09 43.97 25.60
C THR B 802 14.99 43.58 24.13
N GLN B 803 16.14 43.59 23.47
CA GLN B 803 16.23 43.33 22.04
C GLN B 803 17.31 42.28 21.77
N ASP B 804 17.37 41.85 20.52
CA ASP B 804 18.47 41.02 20.02
C ASP B 804 19.25 41.82 18.99
N ILE B 805 20.43 42.27 19.37
CA ILE B 805 21.21 43.22 18.58
C ILE B 805 22.13 42.47 17.62
N ILE B 806 22.43 43.11 16.50
CA ILE B 806 23.42 42.63 15.54
C ILE B 806 24.72 43.39 15.77
N GLY B 807 25.83 42.71 15.54
CA GLY B 807 27.13 43.33 15.74
C GLY B 807 28.23 42.39 15.32
N GLY B 808 29.45 42.94 15.33
CA GLY B 808 30.61 42.16 14.95
C GLY B 808 31.90 42.95 14.97
N MET B 809 32.69 42.79 13.91
CA MET B 809 34.02 43.39 13.73
C MET B 809 34.94 43.00 14.88
N ARG B 810 35.25 41.70 14.91
CA ARG B 810 36.23 41.16 15.83
C ARG B 810 37.42 40.61 15.05
N VAL B 811 38.63 40.89 15.56
CA VAL B 811 39.87 40.53 14.89
C VAL B 811 40.74 39.77 15.87
N ASP B 812 41.78 39.12 15.34
CA ASP B 812 42.64 38.28 16.17
C ASP B 812 44.01 38.18 15.50
N GLU B 813 44.97 38.95 16.03
CA GLU B 813 46.40 38.89 15.69
C GLU B 813 46.63 39.16 14.20
N ASN B 814 46.36 40.42 13.83
CA ASN B 814 46.60 41.06 12.54
C ASN B 814 45.67 40.55 11.44
N GLY B 815 44.82 39.57 11.72
CA GLY B 815 43.82 39.15 10.76
C GLY B 815 42.66 40.12 10.76
N ASP B 816 42.51 40.89 9.70
CA ASP B 816 41.54 41.99 9.64
C ASP B 816 40.57 41.77 8.48
N PRO B 817 39.46 41.05 8.72
CA PRO B 817 39.13 40.24 9.90
C PRO B 817 39.57 38.78 9.73
N ILE B 818 38.99 37.89 10.53
CA ILE B 818 39.25 36.44 10.42
C ILE B 818 38.54 35.89 9.19
N TRP B 819 38.82 34.61 8.87
CA TRP B 819 38.28 33.98 7.66
C TRP B 819 36.77 33.87 7.68
N GLN B 820 36.17 33.62 8.85
CA GLN B 820 34.72 33.49 8.96
C GLN B 820 34.02 34.84 8.91
N HIS B 821 34.76 35.94 9.01
CA HIS B 821 34.17 37.26 9.15
C HIS B 821 34.45 38.16 7.94
N GLN B 822 35.19 37.68 6.94
CA GLN B 822 35.57 38.54 5.82
C GLN B 822 34.52 38.59 4.71
N SER B 823 33.27 38.79 5.13
CA SER B 823 32.19 39.20 4.25
C SER B 823 31.29 40.20 4.95
N LEU B 824 31.65 40.65 6.14
CA LEU B 824 30.84 41.51 6.98
C LEU B 824 31.50 42.87 7.11
N GLY B 825 30.67 43.90 7.25
CA GLY B 825 31.17 45.25 7.45
C GLY B 825 31.24 45.59 8.93
N PRO B 826 31.38 46.88 9.24
CA PRO B 826 31.41 47.28 10.65
C PRO B 826 30.04 47.20 11.32
N ASP B 827 28.95 47.23 10.55
CA ASP B 827 27.63 47.12 11.15
C ASP B 827 27.35 45.69 11.60
N GLY B 828 27.85 44.70 10.87
CA GLY B 828 27.52 43.30 11.11
C GLY B 828 26.72 42.66 10.02
N LEU B 829 26.44 43.39 8.93
CA LEU B 829 25.68 42.88 7.80
C LEU B 829 26.62 42.70 6.61
N GLY B 830 26.22 41.81 5.70
CA GLY B 830 27.02 41.57 4.51
C GLY B 830 26.93 42.74 3.54
N GLU B 831 28.07 43.23 3.09
CA GLU B 831 28.12 44.36 2.18
C GLU B 831 27.95 43.91 0.74
N VAL B 832 27.51 44.84 -0.10
CA VAL B 832 27.18 44.55 -1.49
C VAL B 832 28.45 44.39 -2.30
N GLY B 833 28.58 43.25 -2.98
CA GLY B 833 29.67 42.99 -3.90
C GLY B 833 30.56 41.83 -3.52
N MET B 834 30.61 41.47 -2.25
CA MET B 834 31.49 40.40 -1.80
C MET B 834 30.92 39.04 -2.17
N LYS B 835 31.78 38.03 -2.09
CA LYS B 835 31.39 36.65 -2.32
C LYS B 835 31.23 35.93 -0.99
N VAL B 836 30.36 34.93 -0.97
CA VAL B 836 30.15 34.10 0.21
C VAL B 836 30.30 32.63 -0.19
N GLN B 837 31.39 32.02 0.26
CA GLN B 837 31.63 30.59 0.16
C GLN B 837 31.08 29.94 1.43
N SER B 838 31.56 28.75 1.78
CA SER B 838 31.06 28.00 2.94
C SER B 838 31.43 28.72 4.24
N GLY B 839 31.27 28.04 5.37
CA GLY B 839 30.69 28.58 6.60
C GLY B 839 30.84 30.03 7.10
N GLN B 840 31.53 30.90 6.34
CA GLN B 840 31.49 32.35 6.53
C GLN B 840 30.08 32.88 6.76
N ILE B 841 29.99 33.91 7.61
CA ILE B 841 28.72 34.47 8.08
C ILE B 841 28.40 35.72 7.28
N TYR B 842 27.13 35.87 6.86
CA TYR B 842 26.69 37.07 6.17
C TYR B 842 25.67 37.90 6.95
N ILE B 843 25.04 37.35 7.99
CA ILE B 843 24.28 38.14 8.96
C ILE B 843 24.67 37.66 10.35
N ASN B 844 25.27 38.54 11.14
CA ASN B 844 25.75 38.20 12.48
C ASN B 844 24.69 38.62 13.49
N LYS B 845 23.86 37.67 13.90
CA LYS B 845 22.76 37.91 14.83
C LYS B 845 23.12 37.36 16.20
N SER B 846 22.78 38.11 17.25
CA SER B 846 23.01 37.69 18.63
C SER B 846 21.75 37.95 19.44
N VAL B 847 21.31 36.94 20.17
CA VAL B 847 20.09 37.04 20.98
C VAL B 847 20.46 37.06 22.46
N PRO B 848 19.66 37.65 23.33
CA PRO B 848 19.94 37.54 24.77
C PRO B 848 19.61 36.15 25.29
N THR B 849 20.45 35.67 26.20
CA THR B 849 20.34 34.30 26.70
C THR B 849 19.50 34.19 27.96
N ASN B 850 19.18 35.31 28.62
CA ASN B 850 18.38 35.27 29.84
C ASN B 850 16.91 35.59 29.58
N SER B 851 16.60 36.27 28.48
CA SER B 851 15.23 36.67 28.18
C SER B 851 14.50 35.65 27.31
N ALA B 852 14.49 34.38 27.75
CA ALA B 852 13.71 33.35 27.08
C ALA B 852 12.30 33.28 27.67
N ASP B 853 12.20 33.12 28.99
CA ASP B 853 10.94 33.20 29.70
C ASP B 853 10.58 34.66 29.99
N ALA B 854 9.63 34.89 30.92
CA ALA B 854 9.20 36.24 31.27
C ALA B 854 9.54 36.56 32.73
N PRO B 855 10.79 36.99 33.03
CA PRO B 855 11.04 37.72 34.28
C PRO B 855 10.56 39.16 34.19
N ASN B 856 9.30 39.37 34.62
CA ASN B 856 8.64 40.68 34.65
C ASN B 856 9.57 41.78 35.17
N PRO B 857 9.57 42.96 34.55
CA PRO B 857 10.78 43.80 34.50
C PRO B 857 11.19 44.40 35.84
N ASN B 858 12.44 44.11 36.24
CA ASN B 858 13.10 44.76 37.35
C ASN B 858 14.23 45.64 36.80
N ASN B 859 14.73 46.53 37.65
CA ASN B 859 15.77 47.47 37.24
C ASN B 859 17.18 46.96 37.56
N VAL B 860 17.35 45.66 37.74
CA VAL B 860 18.66 45.08 38.05
C VAL B 860 19.42 44.86 36.75
N ASN B 861 20.75 44.90 36.84
CA ASN B 861 21.63 44.80 35.67
C ASN B 861 21.72 43.33 35.24
N VAL B 862 20.93 42.95 34.23
CA VAL B 862 20.97 41.60 33.67
C VAL B 862 21.08 41.60 32.16
N GLN B 863 21.20 42.77 31.51
CA GLN B 863 21.14 42.87 30.06
C GLN B 863 22.51 42.79 29.40
N THR B 864 23.54 42.36 30.11
CA THR B 864 24.90 42.28 29.58
C THR B 864 25.24 40.84 29.22
N GLN B 865 24.25 40.11 28.70
CA GLN B 865 24.42 38.72 28.31
C GLN B 865 23.80 38.50 26.95
N TYR B 866 24.62 38.10 25.97
CA TYR B 866 24.16 37.86 24.61
C TYR B 866 24.75 36.56 24.10
N ARG B 867 23.89 35.59 23.80
CA ARG B 867 24.30 34.35 23.15
C ARG B 867 24.15 34.53 21.64
N GLU B 868 25.27 34.44 20.91
CA GLU B 868 25.22 34.67 19.48
C GLU B 868 24.62 33.46 18.76
N ALA B 869 23.85 33.74 17.71
CA ALA B 869 23.29 32.70 16.85
C ALA B 869 23.08 33.27 15.46
N PRO B 870 24.13 33.34 14.65
CA PRO B 870 24.03 33.94 13.32
C PRO B 870 23.49 32.93 12.31
N VAL B 871 23.28 33.42 11.10
CA VAL B 871 22.96 32.55 9.97
C VAL B 871 24.26 32.29 9.21
N ILE B 872 24.39 31.08 8.69
CA ILE B 872 25.64 30.61 8.10
C ILE B 872 25.34 30.10 6.70
N TYR B 873 26.04 30.65 5.70
CA TYR B 873 25.86 30.19 4.33
C TYR B 873 26.56 28.87 4.13
N ARG B 874 25.91 27.97 3.40
CA ARG B 874 26.50 26.69 3.04
C ARG B 874 25.99 26.29 1.66
N GLY B 875 26.84 25.61 0.89
CA GLY B 875 26.49 25.22 -0.45
C GLY B 875 27.70 24.71 -1.21
N PRO B 876 27.46 24.09 -2.37
CA PRO B 876 28.58 23.58 -3.19
C PRO B 876 29.43 24.69 -3.78
N GLU B 877 28.80 25.64 -4.44
CA GLU B 877 29.49 26.74 -5.08
C GLU B 877 29.21 28.06 -4.34
N PRO B 878 30.13 29.02 -4.36
CA PRO B 878 29.88 30.28 -3.65
C PRO B 878 28.84 31.15 -4.35
N SER B 879 28.39 32.15 -3.62
CA SER B 879 27.38 33.10 -4.06
C SER B 879 27.92 34.51 -3.94
N HIS B 880 27.05 35.50 -4.13
CA HIS B 880 27.42 36.90 -4.06
C HIS B 880 26.29 37.70 -3.43
N ILE B 881 26.65 38.72 -2.68
CA ILE B 881 25.69 39.57 -1.97
C ILE B 881 25.45 40.81 -2.83
N ASP B 882 24.22 40.99 -3.31
CA ASP B 882 23.91 42.13 -4.16
C ASP B 882 22.97 43.14 -3.52
N GLN B 883 22.07 42.71 -2.64
CA GLN B 883 21.20 43.65 -1.92
C GLN B 883 21.05 43.20 -0.48
N VAL B 884 21.03 44.16 0.43
CA VAL B 884 20.63 43.95 1.81
C VAL B 884 19.79 45.16 2.22
N MET B 885 18.67 44.90 2.89
CA MET B 885 17.63 45.90 3.07
C MET B 885 17.11 45.85 4.50
N MET B 886 16.96 47.04 5.09
CA MET B 886 16.48 47.22 6.45
C MET B 886 15.02 47.67 6.42
N SER B 887 14.21 47.14 7.33
CA SER B 887 12.80 47.45 7.39
C SER B 887 12.37 47.59 8.84
N VAL B 888 11.25 48.29 9.02
CA VAL B 888 10.78 48.77 10.32
C VAL B 888 9.33 48.33 10.52
N SER B 889 9.02 47.10 10.07
CA SER B 889 7.69 46.53 9.89
C SER B 889 6.73 46.64 11.08
N ASP B 890 5.45 46.42 10.81
CA ASP B 890 4.25 47.04 11.40
C ASP B 890 4.32 47.40 12.88
N ASN B 891 4.79 46.50 13.73
CA ASN B 891 4.78 46.73 15.17
C ASN B 891 6.12 47.23 15.69
N ASP B 892 6.81 48.04 14.90
CA ASP B 892 8.12 48.63 15.21
C ASP B 892 9.15 47.54 15.53
N GLN B 893 9.42 46.72 14.53
CA GLN B 893 10.27 45.55 14.71
C GLN B 893 11.22 45.47 13.52
N ALA B 894 12.51 45.35 13.82
CA ALA B 894 13.53 45.42 12.77
C ALA B 894 13.50 44.17 11.90
N LEU B 895 13.65 44.38 10.60
CA LEU B 895 13.59 43.32 9.61
C LEU B 895 14.78 43.45 8.66
N ILE B 896 15.45 42.34 8.38
CA ILE B 896 16.62 42.33 7.52
C ILE B 896 16.36 41.35 6.39
N LYS B 897 16.38 41.84 5.15
CA LYS B 897 16.24 40.97 3.99
C LYS B 897 17.48 41.09 3.12
N VAL B 898 18.20 40.00 2.94
CA VAL B 898 19.40 39.98 2.11
C VAL B 898 19.12 39.06 0.92
N LEU B 899 19.69 39.41 -0.23
CA LEU B 899 19.52 38.66 -1.46
C LEU B 899 20.89 38.13 -1.88
N LEU B 900 20.90 36.87 -2.32
CA LEU B 900 22.14 36.22 -2.74
C LEU B 900 21.96 35.71 -4.15
N ARG B 901 22.80 36.17 -5.07
CA ARG B 901 22.75 35.79 -6.47
C ARG B 901 23.92 34.90 -6.81
N GLN B 902 23.70 34.00 -7.76
CA GLN B 902 24.68 33.00 -8.18
C GLN B 902 24.60 32.81 -9.68
N ASN B 903 25.73 32.98 -10.36
CA ASN B 903 25.81 32.80 -11.80
C ASN B 903 26.04 31.32 -12.11
N ARG B 904 25.29 30.80 -13.07
CA ARG B 904 25.37 29.41 -13.48
C ARG B 904 25.45 29.31 -14.99
N ARG B 905 26.25 28.35 -15.46
CA ARG B 905 26.43 28.01 -16.85
C ARG B 905 25.92 26.60 -17.12
N PRO B 906 25.47 26.30 -18.35
CA PRO B 906 24.94 24.96 -18.62
C PRO B 906 26.03 23.89 -18.62
N GLU B 907 25.72 22.77 -18.00
CA GLU B 907 26.67 21.69 -17.77
C GLU B 907 25.95 20.37 -17.97
N LEU B 908 26.66 19.27 -17.70
CA LEU B 908 26.07 17.94 -17.80
C LEU B 908 25.08 17.74 -16.65
N GLY B 909 23.81 17.51 -17.00
CA GLY B 909 22.75 17.37 -16.02
C GLY B 909 21.63 18.37 -16.19
N ASP B 910 21.87 19.48 -16.88
CA ASP B 910 20.87 20.52 -17.07
C ASP B 910 20.00 20.16 -18.26
N LYS B 911 18.68 20.25 -18.09
CA LYS B 911 17.75 19.80 -19.11
C LYS B 911 17.20 20.98 -19.91
N PHE B 912 16.85 20.70 -21.16
CA PHE B 912 16.39 21.69 -22.12
C PHE B 912 15.14 21.15 -22.80
N SER B 913 14.17 22.03 -23.07
CA SER B 913 12.98 21.65 -23.83
C SER B 913 13.17 22.08 -25.27
N SER B 914 12.11 21.92 -26.07
CA SER B 914 12.19 22.22 -27.48
C SER B 914 10.94 22.89 -28.03
N ARG B 915 10.04 23.37 -27.17
CA ARG B 915 8.78 24.03 -27.51
C ARG B 915 7.83 23.06 -28.27
N HIS B 916 8.08 21.75 -28.15
CA HIS B 916 7.18 20.73 -28.65
C HIS B 916 7.09 19.54 -27.70
N GLY B 917 7.69 19.62 -26.52
CA GLY B 917 7.71 18.50 -25.60
C GLY B 917 8.87 17.55 -25.77
N GLN B 918 9.96 18.00 -26.42
CA GLN B 918 11.13 17.15 -26.62
C GLN B 918 12.15 17.50 -25.55
N LYS B 919 11.80 17.21 -24.30
CA LYS B 919 12.68 17.50 -23.18
C LYS B 919 13.76 16.44 -23.09
N GLY B 920 14.93 16.85 -22.60
CA GLY B 920 16.06 15.96 -22.51
C GLY B 920 17.24 16.56 -21.77
N VAL B 921 18.02 15.70 -21.13
CA VAL B 921 19.14 16.15 -20.31
C VAL B 921 20.35 16.40 -21.20
N CYS B 922 21.34 17.11 -20.67
CA CYS B 922 22.59 17.35 -21.40
C CYS B 922 23.47 16.11 -21.33
N GLY B 923 24.04 15.73 -22.47
CA GLY B 923 24.86 14.54 -22.53
C GLY B 923 26.35 14.80 -22.43
N ILE B 924 26.85 15.73 -23.24
CA ILE B 924 28.27 16.07 -23.28
C ILE B 924 28.42 17.45 -23.89
N ILE B 925 29.37 18.22 -23.39
CA ILE B 925 29.75 19.50 -23.96
C ILE B 925 30.92 19.22 -24.91
N VAL B 926 30.67 19.35 -26.22
CA VAL B 926 31.60 18.94 -27.25
C VAL B 926 32.38 20.15 -27.73
N LYS B 927 33.65 19.93 -28.10
CA LYS B 927 34.52 20.98 -28.63
C LYS B 927 33.98 21.55 -29.95
N GLN B 928 34.47 22.73 -30.29
CA GLN B 928 33.99 23.45 -31.46
C GLN B 928 34.66 23.00 -32.74
N GLU B 929 35.84 22.39 -32.66
CA GLU B 929 36.53 21.82 -33.82
C GLU B 929 35.90 20.51 -34.28
N ASP B 930 35.01 19.95 -33.47
CA ASP B 930 34.09 18.88 -33.84
C ASP B 930 32.86 19.53 -34.49
N MET B 931 31.74 18.80 -34.58
CA MET B 931 30.43 19.32 -35.00
C MET B 931 30.42 19.86 -36.42
N PRO B 932 30.24 18.97 -37.44
CA PRO B 932 30.33 19.31 -38.89
C PRO B 932 29.73 20.63 -39.36
N PHE B 933 30.35 21.24 -40.37
CA PHE B 933 30.42 22.70 -40.43
C PHE B 933 29.97 23.31 -41.76
N ASN B 934 29.12 22.60 -42.55
CA ASN B 934 28.19 23.13 -43.56
C ASN B 934 28.69 24.28 -44.45
N ASP B 935 29.58 23.97 -45.40
CA ASP B 935 30.75 24.74 -45.81
C ASP B 935 30.85 26.24 -45.54
N GLN B 936 29.73 26.98 -45.51
CA GLN B 936 29.75 28.39 -45.10
C GLN B 936 30.39 28.59 -43.72
N GLY B 937 30.17 27.66 -42.79
CA GLY B 937 30.92 27.67 -41.55
C GLY B 937 30.09 27.80 -40.29
N ILE B 938 28.84 27.32 -40.33
CA ILE B 938 27.94 27.43 -39.21
C ILE B 938 28.03 26.11 -38.42
N VAL B 939 28.79 26.14 -37.33
CA VAL B 939 28.90 24.99 -36.43
C VAL B 939 27.59 24.88 -35.66
N PRO B 940 27.03 23.67 -35.52
CA PRO B 940 25.77 23.52 -34.78
C PRO B 940 25.93 23.85 -33.31
N ASP B 941 24.83 24.28 -32.70
CA ASP B 941 24.85 24.64 -31.29
C ASP B 941 24.39 23.47 -30.42
N ILE B 942 23.30 22.81 -30.78
CA ILE B 942 22.82 21.60 -30.11
C ILE B 942 22.46 20.58 -31.17
N ILE B 943 23.05 19.39 -31.09
CA ILE B 943 22.77 18.29 -32.01
C ILE B 943 21.74 17.36 -31.37
N MET B 944 20.71 17.00 -32.13
CA MET B 944 19.57 16.25 -31.63
C MET B 944 19.47 14.90 -32.34
N ASN B 945 19.15 13.86 -31.57
CA ASN B 945 19.01 12.50 -32.10
C ASN B 945 17.76 12.40 -32.97
N PRO B 946 17.86 11.94 -34.21
CA PRO B 946 16.69 11.87 -35.09
C PRO B 946 15.77 10.69 -34.84
N HIS B 947 15.95 9.94 -33.76
CA HIS B 947 15.08 8.84 -33.41
C HIS B 947 13.91 9.25 -32.52
N GLY B 948 13.94 10.46 -31.98
CA GLY B 948 12.83 10.93 -31.16
C GLY B 948 11.57 11.27 -31.94
N PHE B 949 11.65 11.33 -33.26
CA PHE B 949 10.52 11.70 -34.10
C PHE B 949 9.51 10.57 -34.41
N PRO B 950 9.89 9.33 -34.77
CA PRO B 950 8.82 8.36 -35.10
C PRO B 950 8.03 7.87 -33.90
N SER B 951 8.65 7.71 -32.74
CA SER B 951 7.92 7.25 -31.58
C SER B 951 7.04 8.34 -30.96
N ARG B 952 7.27 9.61 -31.31
CA ARG B 952 6.53 10.72 -30.73
C ARG B 952 5.68 11.48 -31.73
N MET B 953 6.02 11.42 -33.03
CA MET B 953 5.21 11.96 -34.14
C MET B 953 5.00 13.47 -34.03
N THR B 954 6.09 14.20 -33.76
CA THR B 954 6.08 15.65 -33.73
C THR B 954 6.66 16.18 -35.04
N VAL B 955 5.86 16.12 -36.10
CA VAL B 955 6.33 16.61 -37.39
C VAL B 955 6.19 18.12 -37.53
N GLY B 956 5.38 18.76 -36.68
CA GLY B 956 5.28 20.21 -36.67
C GLY B 956 6.57 20.89 -36.26
N LYS B 957 7.36 20.23 -35.41
CA LYS B 957 8.73 20.67 -35.14
C LYS B 957 9.56 20.72 -36.41
N MET B 958 9.32 19.77 -37.34
CA MET B 958 9.99 19.79 -38.63
C MET B 958 9.58 21.01 -39.45
N ILE B 959 8.40 21.56 -39.20
CA ILE B 959 7.99 22.78 -39.90
C ILE B 959 8.56 24.00 -39.20
N GLU B 960 9.07 23.86 -37.97
CA GLU B 960 9.67 24.99 -37.29
C GLU B 960 11.01 25.38 -37.91
N LEU B 961 11.75 24.41 -38.43
CA LEU B 961 13.04 24.74 -39.03
C LEU B 961 12.86 25.36 -40.41
N ILE B 962 11.98 24.77 -41.24
CA ILE B 962 11.77 25.24 -42.61
C ILE B 962 11.18 26.64 -42.61
N SER B 963 10.21 26.90 -41.73
CA SER B 963 9.70 28.24 -41.56
C SER B 963 10.56 29.10 -40.65
N GLY B 964 11.64 28.54 -40.08
CA GLY B 964 12.58 29.32 -39.32
C GLY B 964 13.79 29.71 -40.13
N LYS B 965 14.37 28.74 -40.83
CA LYS B 965 15.56 28.98 -41.65
C LYS B 965 15.25 29.91 -42.81
N ALA B 966 14.06 29.82 -43.38
CA ALA B 966 13.61 30.75 -44.40
C ALA B 966 12.95 31.99 -43.81
N GLY B 967 12.98 32.15 -42.49
CA GLY B 967 12.48 33.36 -41.86
C GLY B 967 13.61 34.28 -41.49
N VAL B 968 14.79 33.71 -41.23
CA VAL B 968 15.95 34.51 -40.90
C VAL B 968 16.43 35.28 -42.13
N LEU B 969 16.32 34.65 -43.31
CA LEU B 969 16.98 35.13 -44.52
C LEU B 969 16.39 36.46 -45.00
N ASN B 970 15.08 36.49 -45.27
CA ASN B 970 14.47 37.76 -45.65
C ASN B 970 13.86 38.51 -44.47
N GLY B 971 14.61 38.59 -43.37
CA GLY B 971 14.33 39.43 -42.20
C GLY B 971 12.94 39.51 -41.62
N THR B 972 12.15 38.44 -41.72
CA THR B 972 10.78 38.44 -41.24
C THR B 972 10.56 37.28 -40.27
N LEU B 973 10.21 37.61 -39.03
CA LEU B 973 9.80 36.60 -38.06
C LEU B 973 8.46 36.03 -38.49
N GLU B 974 8.41 34.71 -38.66
CA GLU B 974 7.27 34.05 -39.27
C GLU B 974 6.19 33.74 -38.23
N TYR B 975 5.08 33.17 -38.70
CA TYR B 975 3.93 32.87 -37.87
C TYR B 975 3.66 31.36 -37.94
N GLY B 976 3.63 30.72 -36.78
CA GLY B 976 3.31 29.30 -36.71
C GLY B 976 2.04 29.06 -35.93
N THR B 977 1.04 29.89 -36.16
CA THR B 977 -0.19 29.83 -35.38
C THR B 977 -1.02 28.60 -35.76
N CYS B 978 -1.96 28.27 -34.88
CA CYS B 978 -2.72 27.05 -35.02
C CYS B 978 -3.80 27.22 -36.07
N PHE B 979 -4.01 26.16 -36.86
CA PHE B 979 -4.93 26.10 -38.00
C PHE B 979 -4.63 27.18 -39.04
N GLY B 980 -3.34 27.44 -39.26
CA GLY B 980 -2.93 28.44 -40.22
C GLY B 980 -1.43 28.71 -40.20
N GLY B 981 -1.06 29.98 -40.22
CA GLY B 981 0.34 30.35 -40.19
C GLY B 981 0.95 30.36 -41.58
N SER B 982 2.27 30.17 -41.61
CA SER B 982 3.00 30.13 -42.86
C SER B 982 2.80 28.78 -43.54
N LYS B 983 2.41 28.82 -44.81
CA LYS B 983 2.22 27.60 -45.58
C LYS B 983 3.59 27.00 -45.91
N LEU B 984 3.66 25.66 -45.94
CA LEU B 984 4.91 24.98 -46.23
C LEU B 984 5.32 25.14 -47.70
N GLU B 985 4.38 25.47 -48.59
CA GLU B 985 4.71 25.56 -50.01
C GLU B 985 5.51 26.82 -50.32
N ASP B 986 5.09 27.97 -49.79
CA ASP B 986 5.74 29.24 -50.10
C ASP B 986 6.82 29.62 -49.09
N MET B 987 7.15 28.74 -48.15
CA MET B 987 8.34 28.91 -47.33
C MET B 987 9.53 28.14 -47.87
N SER B 988 9.29 27.10 -48.66
CA SER B 988 10.36 26.43 -49.39
C SER B 988 10.67 27.12 -50.71
N LYS B 989 9.86 28.09 -51.11
CA LYS B 989 10.15 28.92 -52.27
C LYS B 989 11.06 30.09 -51.91
N ILE B 990 10.90 30.63 -50.70
CA ILE B 990 11.82 31.63 -50.16
C ILE B 990 13.18 31.01 -49.91
N LEU B 991 13.21 29.73 -49.56
CA LEU B 991 14.45 29.06 -49.19
C LEU B 991 15.21 28.51 -50.41
N VAL B 992 14.53 28.32 -51.55
CA VAL B 992 15.20 27.71 -52.69
C VAL B 992 15.90 28.73 -53.57
N ASP B 993 15.44 29.99 -53.59
CA ASP B 993 16.07 31.01 -54.41
C ASP B 993 17.10 31.83 -53.65
N GLN B 994 17.40 31.45 -52.40
CA GLN B 994 18.55 31.97 -51.68
C GLN B 994 19.79 31.10 -51.87
N GLY B 995 19.66 29.97 -52.55
CA GLY B 995 20.76 29.05 -52.73
C GLY B 995 20.77 27.85 -51.82
N PHE B 996 19.67 27.55 -51.15
CA PHE B 996 19.58 26.44 -50.22
C PHE B 996 18.64 25.37 -50.74
N ASN B 997 18.57 24.27 -50.01
CA ASN B 997 17.65 23.19 -50.32
C ASN B 997 16.24 23.59 -49.94
N TYR B 998 15.26 23.08 -50.70
CA TYR B 998 13.86 23.34 -50.38
C TYR B 998 13.41 22.64 -49.11
N SER B 999 14.04 21.52 -48.76
CA SER B 999 13.64 20.72 -47.63
C SER B 999 14.57 20.86 -46.43
N GLY B 1000 15.49 21.81 -46.46
CA GLY B 1000 16.36 22.07 -45.34
C GLY B 1000 17.54 21.14 -45.18
N LYS B 1001 17.65 20.09 -45.99
CA LYS B 1001 18.76 19.15 -45.91
C LYS B 1001 20.01 19.80 -46.50
N ASP B 1002 20.96 20.15 -45.63
CA ASP B 1002 22.27 20.60 -46.07
C ASP B 1002 23.27 19.46 -45.96
N MET B 1003 24.33 19.55 -46.77
CA MET B 1003 25.40 18.56 -46.74
C MET B 1003 26.50 19.05 -45.82
N LEU B 1004 26.86 18.23 -44.84
CA LEU B 1004 27.84 18.59 -43.83
C LEU B 1004 29.19 17.96 -44.13
N TYR B 1005 30.25 18.76 -44.01
CA TYR B 1005 31.62 18.25 -44.00
C TYR B 1005 31.98 17.92 -42.57
N SER B 1006 32.36 16.67 -42.31
CA SER B 1006 32.53 16.17 -40.96
C SER B 1006 33.71 16.85 -40.24
N GLY B 1007 33.67 16.81 -38.92
CA GLY B 1007 34.58 17.60 -38.11
C GLY B 1007 35.84 16.90 -37.67
N ILE B 1008 35.75 15.63 -37.27
CA ILE B 1008 36.93 14.91 -36.81
C ILE B 1008 37.69 14.21 -37.92
N THR B 1009 37.08 14.07 -39.10
CA THR B 1009 37.73 13.39 -40.22
C THR B 1009 37.77 14.20 -41.51
N GLY B 1010 36.98 15.26 -41.64
CA GLY B 1010 37.11 16.19 -42.75
C GLY B 1010 36.39 15.80 -44.02
N GLU B 1011 36.09 14.52 -44.21
CA GLU B 1011 35.38 14.07 -45.39
C GLU B 1011 33.89 14.38 -45.27
N CYS B 1012 33.17 14.17 -46.36
CA CYS B 1012 31.74 14.43 -46.40
C CYS B 1012 30.98 13.40 -45.58
N LEU B 1013 29.71 13.69 -45.33
CA LEU B 1013 28.82 12.77 -44.63
C LEU B 1013 27.86 12.17 -45.64
N GLN B 1014 27.79 10.83 -45.65
CA GLN B 1014 27.09 10.04 -46.68
C GLN B 1014 25.57 10.19 -46.68
N ALA B 1015 24.97 10.94 -45.76
CA ALA B 1015 23.56 11.27 -45.83
C ALA B 1015 23.39 12.76 -45.61
N TYR B 1016 22.39 13.34 -46.26
CA TYR B 1016 22.11 14.76 -46.08
C TYR B 1016 21.41 14.98 -44.76
N ILE B 1017 21.79 16.04 -44.06
CA ILE B 1017 21.47 16.21 -42.65
C ILE B 1017 20.65 17.48 -42.46
N PHE B 1018 19.48 17.33 -41.84
CA PHE B 1018 18.49 18.38 -41.69
C PHE B 1018 18.97 19.41 -40.67
N PHE B 1019 19.17 20.63 -41.14
CA PHE B 1019 19.85 21.66 -40.36
C PHE B 1019 18.97 22.91 -40.30
N GLY B 1020 19.09 23.66 -39.21
CA GLY B 1020 18.35 24.89 -39.07
C GLY B 1020 18.10 25.29 -37.63
N PRO B 1021 17.51 26.46 -37.40
CA PRO B 1021 17.34 26.96 -36.03
C PRO B 1021 16.04 26.52 -35.37
N ILE B 1022 16.14 26.26 -34.07
CA ILE B 1022 15.01 25.88 -33.21
C ILE B 1022 15.08 26.72 -31.95
N TYR B 1023 13.96 27.32 -31.56
CA TYR B 1023 13.85 28.03 -30.30
C TYR B 1023 13.88 27.03 -29.15
N TYR B 1024 15.03 26.92 -28.48
CA TYR B 1024 15.15 26.11 -27.28
C TYR B 1024 14.93 26.97 -26.05
N GLN B 1025 14.79 26.31 -24.91
CA GLN B 1025 14.57 26.99 -23.64
C GLN B 1025 15.15 26.15 -22.51
N LYS B 1026 15.75 26.84 -21.55
CA LYS B 1026 16.35 26.17 -20.39
C LYS B 1026 15.34 26.16 -19.26
N LEU B 1027 15.20 25.02 -18.61
CA LEU B 1027 14.20 24.83 -17.57
C LEU B 1027 14.79 25.12 -16.19
N LYS B 1028 14.05 24.69 -15.17
CA LYS B 1028 14.56 24.46 -13.83
C LYS B 1028 15.27 23.11 -13.79
N HIS B 1029 15.43 22.59 -12.57
CA HIS B 1029 15.84 21.20 -12.31
C HIS B 1029 17.27 20.96 -12.77
N MET B 1030 18.17 21.81 -12.32
CA MET B 1030 19.58 21.66 -12.62
C MET B 1030 20.20 20.60 -11.70
N VAL B 1031 21.43 20.19 -12.03
CA VAL B 1031 22.07 19.14 -11.26
C VAL B 1031 22.71 19.67 -9.98
N LEU B 1032 22.91 20.98 -9.88
CA LEU B 1032 23.62 21.55 -8.75
C LEU B 1032 22.79 21.53 -7.48
N ASP B 1033 21.47 21.51 -7.59
CA ASP B 1033 20.57 21.45 -6.44
C ASP B 1033 19.78 20.15 -6.41
N LYS B 1034 20.33 19.08 -7.00
CA LYS B 1034 19.75 17.76 -6.90
C LYS B 1034 20.75 16.68 -6.48
N MET B 1035 22.04 16.98 -6.48
CA MET B 1035 23.05 16.05 -6.00
C MET B 1035 22.97 15.99 -4.48
N HIS B 1036 22.50 14.87 -3.95
CA HIS B 1036 22.24 14.71 -2.53
C HIS B 1036 22.81 13.39 -2.06
N ALA B 1037 23.68 13.43 -1.04
CA ALA B 1037 24.34 12.25 -0.52
C ALA B 1037 24.36 12.32 1.00
N ARG B 1038 24.75 11.20 1.62
CA ARG B 1038 24.71 11.08 3.07
C ARG B 1038 25.69 9.99 3.49
N ALA B 1039 26.51 10.27 4.50
CA ALA B 1039 27.45 9.29 5.01
C ALA B 1039 26.95 8.56 6.25
N ARG B 1040 26.72 9.30 7.35
CA ARG B 1040 26.32 8.71 8.62
C ARG B 1040 25.81 9.82 9.53
N GLY B 1041 24.69 9.58 10.19
CA GLY B 1041 24.15 10.54 11.12
C GLY B 1041 23.16 11.49 10.47
N PRO B 1042 22.47 12.29 11.27
CA PRO B 1042 21.50 13.25 10.72
C PRO B 1042 22.20 14.44 10.08
N ARG B 1043 21.40 15.25 9.38
CA ARG B 1043 21.83 16.48 8.70
C ARG B 1043 22.92 16.15 7.66
N ALA B 1044 22.47 15.48 6.60
CA ALA B 1044 23.31 14.90 5.56
C ALA B 1044 24.27 15.92 4.94
N VAL B 1045 25.44 15.43 4.56
CA VAL B 1045 26.57 16.31 4.24
C VAL B 1045 26.39 16.97 2.87
N LEU B 1046 25.81 16.26 1.90
CA LEU B 1046 25.47 16.85 0.60
C LEU B 1046 23.96 17.10 0.62
N THR B 1047 23.58 18.32 0.97
CA THR B 1047 22.18 18.69 1.13
C THR B 1047 21.76 19.54 -0.07
N ARG B 1048 20.69 19.12 -0.74
CA ARG B 1048 20.15 19.89 -1.85
C ARG B 1048 19.36 21.09 -1.34
N GLN B 1049 18.97 21.96 -2.26
CA GLN B 1049 18.23 23.16 -1.89
C GLN B 1049 16.79 22.80 -1.53
N PRO B 1050 16.25 23.32 -0.43
CA PRO B 1050 14.93 22.88 0.07
C PRO B 1050 13.76 23.46 -0.72
N THR B 1051 13.61 23.01 -1.97
CA THR B 1051 12.47 23.37 -2.83
C THR B 1051 11.92 22.07 -3.41
N GLU B 1052 11.04 21.41 -2.65
CA GLU B 1052 10.39 20.19 -3.10
C GLU B 1052 9.02 20.46 -3.72
N GLY B 1053 8.10 21.01 -2.94
CA GLY B 1053 6.78 21.38 -3.43
C GLY B 1053 5.91 20.23 -3.89
N ARG B 1054 5.51 19.37 -2.95
CA ARG B 1054 4.67 18.19 -3.19
C ARG B 1054 5.35 17.25 -4.20
N SER B 1055 6.63 16.96 -3.96
CA SER B 1055 7.39 16.08 -4.86
C SER B 1055 8.29 15.16 -4.05
N ARG B 1056 7.77 14.60 -2.96
CA ARG B 1056 8.56 13.67 -2.13
C ARG B 1056 8.62 12.33 -2.84
N ASP B 1057 9.70 12.12 -3.59
CA ASP B 1057 9.92 10.86 -4.31
C ASP B 1057 10.80 9.92 -3.49
N GLY B 1058 10.34 9.63 -2.27
CA GLY B 1058 11.04 8.70 -1.40
C GLY B 1058 12.25 9.31 -0.72
N GLY B 1059 13.31 9.56 -1.48
CA GLY B 1059 14.55 10.06 -0.91
C GLY B 1059 15.58 8.98 -0.72
N LEU B 1060 16.45 9.14 0.27
CA LEU B 1060 17.50 8.15 0.55
C LEU B 1060 16.95 7.09 1.49
N ARG B 1061 16.08 6.25 0.94
CA ARG B 1061 15.38 5.22 1.69
C ARG B 1061 15.53 3.89 0.98
N LEU B 1062 14.96 2.83 1.60
CA LEU B 1062 14.99 1.49 1.04
C LEU B 1062 13.62 0.89 1.35
N GLY B 1063 12.68 1.03 0.41
CA GLY B 1063 11.31 0.64 0.65
C GLY B 1063 11.09 -0.85 0.57
N GLU B 1064 9.82 -1.23 0.75
CA GLU B 1064 9.45 -2.64 0.69
C GLU B 1064 9.39 -3.17 -0.74
N MET B 1065 9.28 -2.28 -1.73
CA MET B 1065 9.41 -2.71 -3.12
C MET B 1065 10.85 -3.10 -3.44
N GLU B 1066 11.82 -2.43 -2.81
CA GLU B 1066 13.22 -2.77 -2.98
C GLU B 1066 13.67 -3.88 -2.05
N ARG B 1067 12.93 -4.14 -0.97
CA ARG B 1067 13.21 -5.30 -0.15
C ARG B 1067 12.85 -6.58 -0.89
N ASP B 1068 11.81 -6.54 -1.73
CA ASP B 1068 11.35 -7.72 -2.45
C ASP B 1068 12.27 -8.09 -3.61
N CYS B 1069 13.12 -7.15 -4.07
CA CYS B 1069 13.98 -7.43 -5.20
C CYS B 1069 15.20 -8.25 -4.79
N VAL B 1070 15.72 -8.02 -3.59
CA VAL B 1070 16.90 -8.74 -3.13
C VAL B 1070 16.56 -10.10 -2.53
N ILE B 1071 15.28 -10.38 -2.28
CA ILE B 1071 14.87 -11.73 -1.94
C ILE B 1071 14.99 -12.64 -3.15
N ALA B 1072 14.67 -12.12 -4.34
CA ALA B 1072 14.74 -12.90 -5.57
C ALA B 1072 16.18 -13.24 -5.94
N TYR B 1073 17.15 -12.40 -5.54
CA TYR B 1073 18.55 -12.78 -5.71
C TYR B 1073 18.95 -13.85 -4.72
N GLY B 1074 18.38 -13.83 -3.52
CA GLY B 1074 18.77 -14.74 -2.48
C GLY B 1074 19.96 -14.30 -1.65
N ALA B 1075 20.35 -13.04 -1.75
CA ALA B 1075 21.46 -12.51 -0.97
C ALA B 1075 20.99 -12.23 0.46
N SER B 1076 21.38 -13.10 1.40
CA SER B 1076 20.92 -12.98 2.77
C SER B 1076 21.81 -12.10 3.63
N GLN B 1077 23.07 -11.91 3.25
CA GLN B 1077 23.98 -11.08 4.02
C GLN B 1077 23.94 -9.62 3.60
N LEU B 1078 23.26 -9.29 2.52
CA LEU B 1078 23.03 -7.89 2.16
C LEU B 1078 21.82 -7.32 2.88
N LEU B 1079 20.86 -8.17 3.24
CA LEU B 1079 19.71 -7.75 4.02
C LEU B 1079 20.11 -7.24 5.40
N LEU B 1080 21.01 -7.97 6.07
CA LEU B 1080 21.46 -7.52 7.39
C LEU B 1080 22.36 -6.31 7.30
N GLU B 1081 23.09 -6.15 6.19
CA GLU B 1081 23.97 -5.00 6.05
C GLU B 1081 23.19 -3.72 5.75
N ARG B 1082 22.17 -3.81 4.89
CA ARG B 1082 21.44 -2.60 4.51
C ARG B 1082 20.32 -2.29 5.50
N LEU B 1083 19.56 -3.28 5.94
CA LEU B 1083 18.37 -3.03 6.74
C LEU B 1083 18.65 -3.01 8.24
N MET B 1084 19.72 -3.64 8.70
CA MET B 1084 19.99 -3.71 10.14
C MET B 1084 21.24 -2.97 10.56
N ILE B 1085 22.40 -3.29 9.97
CA ILE B 1085 23.67 -2.81 10.50
C ILE B 1085 23.87 -1.34 10.15
N SER B 1086 23.68 -0.99 8.89
CA SER B 1086 23.86 0.40 8.44
C SER B 1086 22.58 1.21 8.49
N SER B 1087 21.50 0.67 9.06
CA SER B 1087 20.26 1.44 9.16
C SER B 1087 19.86 1.74 10.59
N ASP B 1088 19.61 0.73 11.41
CA ASP B 1088 19.08 0.93 12.76
C ASP B 1088 19.70 -0.07 13.75
N ALA B 1089 21.01 -0.24 13.69
CA ALA B 1089 21.71 -1.15 14.60
C ALA B 1089 21.60 -0.65 16.04
N PHE B 1090 21.29 -1.57 16.95
CA PHE B 1090 20.93 -1.19 18.31
C PHE B 1090 21.21 -2.35 19.25
N GLU B 1091 22.00 -2.10 20.29
CA GLU B 1091 22.33 -3.12 21.27
C GLU B 1091 21.36 -3.05 22.44
N VAL B 1092 20.83 -4.19 22.84
CA VAL B 1092 19.82 -4.27 23.90
C VAL B 1092 20.17 -5.49 24.74
N ASP B 1093 19.48 -5.65 25.87
CA ASP B 1093 19.58 -6.86 26.65
C ASP B 1093 18.19 -7.47 26.85
N VAL B 1094 18.11 -8.78 26.67
CA VAL B 1094 16.89 -9.52 26.94
C VAL B 1094 17.23 -10.65 27.90
N CYS B 1095 16.27 -10.99 28.75
CA CYS B 1095 16.48 -12.01 29.76
C CYS B 1095 15.98 -13.37 29.28
N ASP B 1096 16.48 -14.43 29.90
CA ASP B 1096 16.12 -15.78 29.51
C ASP B 1096 14.75 -16.16 30.09
N LYS B 1097 14.62 -16.15 31.41
CA LYS B 1097 13.36 -16.43 32.06
C LYS B 1097 12.46 -15.19 31.96
N CYS B 1098 11.20 -15.41 31.58
CA CYS B 1098 10.17 -14.39 31.30
C CYS B 1098 10.71 -13.26 30.42
N GLY B 1099 11.00 -13.64 29.18
CA GLY B 1099 11.89 -12.88 28.31
C GLY B 1099 11.42 -11.55 27.77
N LEU B 1100 11.28 -10.57 28.66
CA LEU B 1100 11.16 -9.17 28.27
C LEU B 1100 12.55 -8.55 28.24
N MET B 1101 12.62 -7.22 28.13
CA MET B 1101 13.90 -6.52 28.01
C MET B 1101 14.01 -5.42 29.05
N GLY B 1102 15.24 -5.16 29.49
CA GLY B 1102 15.52 -4.14 30.48
C GLY B 1102 16.51 -3.11 29.99
N TYR B 1103 17.37 -2.60 30.88
CA TYR B 1103 18.37 -1.59 30.49
C TYR B 1103 19.75 -1.97 31.05
N SER B 1104 20.46 -2.81 30.30
CA SER B 1104 21.91 -3.07 30.32
C SER B 1104 22.42 -3.78 31.57
N GLY B 1105 21.62 -3.87 32.63
CA GLY B 1105 22.03 -4.66 33.78
C GLY B 1105 20.91 -5.25 34.61
N TRP B 1106 19.66 -5.06 34.18
CA TRP B 1106 18.56 -5.29 35.11
C TRP B 1106 17.29 -5.59 34.32
N CYS B 1107 16.45 -6.45 34.90
CA CYS B 1107 15.30 -7.03 34.21
C CYS B 1107 14.00 -6.27 34.45
N THR B 1108 13.86 -5.65 35.64
CA THR B 1108 12.77 -4.81 36.18
C THR B 1108 11.55 -5.67 36.55
N THR B 1109 11.52 -6.93 36.13
CA THR B 1109 10.48 -7.86 36.52
C THR B 1109 11.03 -9.01 37.34
N CYS B 1110 12.05 -9.69 36.84
CA CYS B 1110 12.82 -10.66 37.61
C CYS B 1110 14.01 -9.90 38.20
N LYS B 1111 13.81 -9.30 39.37
CA LYS B 1111 14.74 -8.33 39.95
C LYS B 1111 16.07 -8.94 40.40
N SER B 1112 16.25 -10.26 40.35
CA SER B 1112 17.55 -10.84 40.67
C SER B 1112 18.56 -10.57 39.57
N ALA B 1113 18.13 -10.67 38.30
CA ALA B 1113 18.85 -10.17 37.12
C ALA B 1113 20.21 -10.82 36.92
N GLU B 1114 20.20 -12.15 36.77
CA GLU B 1114 21.40 -12.88 36.34
C GLU B 1114 21.20 -13.60 35.02
N ASN B 1115 20.00 -13.59 34.46
CA ASN B 1115 19.72 -14.20 33.17
C ASN B 1115 19.83 -13.20 32.02
N ILE B 1116 20.53 -12.10 32.22
CA ILE B 1116 20.62 -11.03 31.24
C ILE B 1116 21.55 -11.45 30.10
N ILE B 1117 21.03 -11.42 28.88
CA ILE B 1117 21.79 -11.72 27.66
C ILE B 1117 21.79 -10.48 26.80
N LYS B 1118 22.99 -9.98 26.46
CA LYS B 1118 23.14 -8.78 25.66
C LYS B 1118 23.31 -9.14 24.20
N MET B 1119 22.47 -8.57 23.34
CA MET B 1119 22.49 -8.91 21.92
C MET B 1119 21.97 -7.73 21.10
N THR B 1120 22.16 -7.82 19.80
CA THR B 1120 21.82 -6.74 18.89
C THR B 1120 20.47 -7.00 18.21
N ILE B 1121 19.79 -5.91 17.86
CA ILE B 1121 18.44 -5.97 17.32
C ILE B 1121 18.22 -4.70 16.51
N PRO B 1122 17.36 -4.70 15.49
CA PRO B 1122 16.96 -3.43 14.88
C PRO B 1122 16.15 -2.57 15.84
N TYR B 1123 16.30 -1.25 15.66
CA TYR B 1123 15.68 -0.29 16.57
C TYR B 1123 14.18 -0.15 16.32
N ALA B 1124 13.74 -0.36 15.08
CA ALA B 1124 12.31 -0.38 14.79
C ALA B 1124 11.62 -1.58 15.43
N ALA B 1125 12.35 -2.69 15.60
CA ALA B 1125 11.82 -3.81 16.37
C ALA B 1125 11.66 -3.46 17.84
N LYS B 1126 12.55 -2.61 18.37
CA LYS B 1126 12.42 -2.14 19.74
C LYS B 1126 11.19 -1.24 19.90
N LEU B 1127 10.97 -0.34 18.92
CA LEU B 1127 9.76 0.48 18.94
C LEU B 1127 8.50 -0.37 18.79
N LEU B 1128 8.55 -1.42 17.97
CA LEU B 1128 7.38 -2.28 17.80
C LEU B 1128 7.11 -3.10 19.06
N PHE B 1129 8.17 -3.53 19.75
CA PHE B 1129 8.00 -4.26 21.01
C PHE B 1129 7.42 -3.36 22.10
N GLN B 1130 7.91 -2.13 22.21
CA GLN B 1130 7.32 -1.24 23.21
C GLN B 1130 5.93 -0.74 22.81
N GLU B 1131 5.61 -0.70 21.51
CA GLU B 1131 4.26 -0.35 21.10
C GLU B 1131 3.28 -1.49 21.40
N LEU B 1132 3.71 -2.74 21.20
CA LEU B 1132 2.87 -3.87 21.60
C LEU B 1132 2.76 -3.98 23.11
N LEU B 1133 3.81 -3.61 23.84
CA LEU B 1133 3.80 -3.74 25.28
C LEU B 1133 3.09 -2.57 25.96
N SER B 1134 2.93 -1.45 25.25
CA SER B 1134 2.18 -0.32 25.81
C SER B 1134 0.69 -0.63 25.88
N MET B 1135 0.19 -1.50 25.00
CA MET B 1135 -1.12 -2.11 25.15
C MET B 1135 -0.95 -3.48 25.81
N ASN B 1136 -2.03 -4.25 25.89
CA ASN B 1136 -2.02 -5.48 26.68
C ASN B 1136 -1.62 -6.68 25.82
N ILE B 1137 -0.44 -6.56 25.20
CA ILE B 1137 0.17 -7.63 24.42
C ILE B 1137 1.60 -7.80 24.92
N ALA B 1138 2.01 -9.05 25.16
CA ALA B 1138 3.36 -9.36 25.65
C ALA B 1138 4.12 -10.18 24.63
N PRO B 1139 4.85 -9.55 23.72
CA PRO B 1139 5.68 -10.30 22.75
C PRO B 1139 7.00 -10.76 23.35
N ARG B 1140 6.96 -11.90 24.04
CA ARG B 1140 8.11 -12.39 24.76
C ARG B 1140 9.11 -13.05 23.81
N LEU B 1141 10.38 -12.71 23.99
CA LEU B 1141 11.46 -13.26 23.17
C LEU B 1141 12.02 -14.52 23.81
N ARG B 1142 12.06 -15.60 23.05
CA ARG B 1142 12.65 -16.86 23.49
C ARG B 1142 13.99 -17.06 22.79
N LEU B 1143 15.01 -17.44 23.56
CA LEU B 1143 16.38 -17.46 23.09
C LEU B 1143 16.93 -18.88 23.08
N GLU B 1144 17.80 -19.15 22.12
CA GLU B 1144 18.62 -20.35 22.13
C GLU B 1144 19.97 -20.01 21.50
N ASP B 1145 20.98 -20.78 21.87
CA ASP B 1145 22.33 -20.54 21.37
C ASP B 1145 22.47 -20.99 19.93
N ILE B 1146 23.35 -20.31 19.20
CA ILE B 1146 23.58 -20.63 17.79
C ILE B 1146 24.36 -21.92 17.65
N PHE B 1147 25.34 -22.13 18.54
CA PHE B 1147 26.35 -23.17 18.38
C PHE B 1147 26.04 -24.27 19.39
N GLN B 1148 25.46 -25.38 18.91
CA GLN B 1148 25.12 -26.51 19.75
C GLN B 1148 25.95 -27.75 19.41
N GLN B 1149 25.89 -28.20 18.17
CA GLN B 1149 26.57 -29.42 17.74
C GLN B 1149 26.72 -29.42 16.23
N MET C 1 39.70 5.58 -55.62
CA MET C 1 38.48 4.90 -56.03
C MET C 1 37.53 5.82 -56.78
N SER C 2 37.51 5.71 -58.11
CA SER C 2 36.41 6.19 -58.94
C SER C 2 36.12 7.69 -58.79
N ASN C 3 36.99 8.54 -59.33
CA ASN C 3 37.06 9.96 -58.99
C ASN C 3 35.88 10.78 -59.48
N ILE C 4 36.05 12.10 -59.56
CA ILE C 4 35.25 13.14 -58.92
C ILE C 4 33.81 12.73 -58.63
N VAL C 5 33.40 12.91 -57.37
CA VAL C 5 32.37 12.15 -56.68
C VAL C 5 30.98 12.44 -57.21
N GLY C 6 30.00 11.62 -56.80
CA GLY C 6 28.65 11.76 -57.25
C GLY C 6 27.75 12.35 -56.18
N ILE C 7 27.00 13.37 -56.55
CA ILE C 7 25.94 13.94 -55.71
C ILE C 7 24.62 13.31 -56.15
N GLU C 8 24.01 12.54 -55.26
CA GLU C 8 22.76 11.87 -55.52
C GLU C 8 21.65 12.59 -54.75
N TYR C 9 20.41 12.41 -55.20
CA TYR C 9 19.27 13.09 -54.60
C TYR C 9 18.97 12.62 -53.18
N ASN C 10 19.49 11.47 -52.76
CA ASN C 10 19.29 10.97 -51.41
C ASN C 10 20.56 10.58 -50.67
N ARG C 11 21.72 10.62 -51.32
CA ARG C 11 22.96 10.18 -50.68
C ARG C 11 24.13 10.87 -51.39
N VAL C 12 25.34 10.53 -50.95
CA VAL C 12 26.57 10.94 -51.62
C VAL C 12 27.60 9.84 -51.44
N THR C 13 28.26 9.47 -52.53
CA THR C 13 29.20 8.35 -52.56
C THR C 13 30.62 8.88 -52.79
N ASN C 14 31.57 7.95 -52.83
CA ASN C 14 33.00 8.21 -53.04
C ASN C 14 33.55 9.16 -51.97
N THR C 15 33.33 8.81 -50.71
CA THR C 15 33.71 9.70 -49.62
C THR C 15 35.18 9.53 -49.25
N THR C 16 35.67 8.29 -49.17
CA THR C 16 37.01 8.02 -48.70
C THR C 16 38.04 8.36 -49.78
N SER C 17 39.16 8.97 -49.34
CA SER C 17 40.18 9.44 -50.27
C SER C 17 40.89 8.28 -50.98
N THR C 18 41.29 7.25 -50.21
CA THR C 18 41.86 5.96 -50.61
C THR C 18 42.90 5.98 -51.74
N ASP C 19 44.05 6.58 -51.47
CA ASP C 19 45.16 6.63 -52.42
C ASP C 19 46.43 6.04 -51.82
N PHE C 20 46.33 4.85 -51.24
CA PHE C 20 47.39 4.18 -50.51
C PHE C 20 47.83 2.92 -51.25
N PRO C 21 49.08 2.44 -51.00
CA PRO C 21 49.54 1.21 -51.66
C PRO C 21 48.94 -0.07 -51.10
N GLY C 22 47.83 -0.51 -51.67
CA GLY C 22 47.10 -1.63 -51.10
C GLY C 22 45.62 -1.51 -51.35
N PHE C 23 45.22 -0.44 -52.04
CA PHE C 23 43.88 -0.37 -52.60
C PHE C 23 43.66 -1.36 -53.73
N SER C 24 44.68 -1.60 -54.56
CA SER C 24 44.59 -2.56 -55.65
C SER C 24 45.76 -3.53 -55.60
N LYS C 25 45.94 -4.34 -56.66
CA LYS C 25 47.06 -5.27 -56.70
C LYS C 25 48.37 -4.54 -56.88
N ASP C 26 48.44 -3.64 -57.85
CA ASP C 26 49.64 -2.84 -58.06
C ASP C 26 49.81 -1.82 -56.94
N ALA C 27 51.01 -1.79 -56.36
CA ALA C 27 51.30 -0.90 -55.24
C ALA C 27 51.47 0.52 -55.80
N GLU C 28 50.35 1.19 -56.00
CA GLU C 28 50.33 2.54 -56.52
C GLU C 28 50.33 3.54 -55.36
N ASN C 29 50.85 4.74 -55.64
CA ASN C 29 50.77 5.92 -54.78
C ASN C 29 51.44 5.69 -53.42
N GLU C 30 52.76 5.51 -53.46
CA GLU C 30 53.57 5.59 -52.24
C GLU C 30 53.71 7.05 -51.80
N TRP C 31 54.55 7.28 -50.78
CA TRP C 31 54.70 8.61 -50.22
C TRP C 31 55.30 9.61 -51.20
N ASN C 32 56.58 9.43 -51.56
CA ASN C 32 57.22 10.04 -52.73
C ASN C 32 57.14 11.57 -52.70
N VAL C 33 57.97 12.15 -51.80
CA VAL C 33 58.02 13.60 -51.55
C VAL C 33 58.17 14.41 -52.84
N GLU C 34 58.99 13.91 -53.78
CA GLU C 34 59.16 14.59 -55.06
C GLU C 34 57.92 14.54 -55.93
N LYS C 35 57.00 13.61 -55.69
CA LYS C 35 55.73 13.60 -56.41
C LYS C 35 54.74 14.58 -55.79
N PHE C 36 54.70 14.64 -54.46
CA PHE C 36 53.80 15.56 -53.77
C PHE C 36 54.24 17.01 -53.96
N LYS C 37 55.54 17.26 -54.15
CA LYS C 37 56.00 18.60 -54.48
C LYS C 37 55.56 19.02 -55.87
N LYS C 38 55.43 18.05 -56.79
CA LYS C 38 55.02 18.35 -58.15
C LYS C 38 53.51 18.53 -58.26
N ASP C 39 52.74 17.72 -57.53
CA ASP C 39 51.29 17.75 -57.70
C ASP C 39 50.63 18.92 -56.97
N PHE C 40 51.09 19.22 -55.76
CA PHE C 40 50.43 20.20 -54.89
C PHE C 40 50.75 21.62 -55.34
N GLU C 41 49.71 22.46 -55.44
CA GLU C 41 49.92 23.88 -55.63
C GLU C 41 48.76 24.66 -55.02
N VAL C 42 48.99 25.96 -54.86
CA VAL C 42 48.11 26.87 -54.15
C VAL C 42 47.80 28.05 -55.06
N ASN C 43 46.51 28.34 -55.25
CA ASN C 43 46.06 29.57 -55.86
C ASN C 43 45.54 30.51 -54.77
N ILE C 44 45.41 31.79 -55.12
CA ILE C 44 44.93 32.80 -54.19
C ILE C 44 43.87 33.64 -54.89
N SER C 45 42.65 33.65 -54.33
CA SER C 45 41.59 34.42 -54.96
C SER C 45 41.66 35.89 -54.56
N SER C 46 41.78 36.16 -53.26
CA SER C 46 41.82 37.53 -52.77
C SER C 46 42.51 37.54 -51.41
N LEU C 47 43.04 38.72 -51.06
CA LEU C 47 43.69 38.92 -49.76
C LEU C 47 43.28 40.29 -49.24
N ASP C 48 42.57 40.30 -48.12
CA ASP C 48 42.20 41.53 -47.42
C ASP C 48 42.96 41.60 -46.10
N ALA C 49 42.66 42.63 -45.32
CA ALA C 49 43.29 42.79 -44.03
C ALA C 49 42.68 41.89 -42.96
N ARG C 50 41.42 41.47 -43.15
CA ARG C 50 40.74 40.61 -42.19
C ARG C 50 39.99 39.48 -42.88
N GLU C 51 40.35 39.17 -44.13
CA GLU C 51 39.68 38.12 -44.88
C GLU C 51 40.64 37.57 -45.93
N ALA C 52 40.73 36.24 -46.01
CA ALA C 52 41.59 35.60 -46.98
C ALA C 52 40.89 34.41 -47.61
N ASN C 53 41.04 34.27 -48.92
CA ASN C 53 40.41 33.19 -49.67
C ASN C 53 41.43 32.61 -50.63
N PHE C 54 41.69 31.32 -50.51
CA PHE C 54 42.73 30.70 -51.34
C PHE C 54 42.40 29.24 -51.56
N ASP C 55 43.16 28.59 -52.43
CA ASP C 55 42.83 27.28 -52.98
C ASP C 55 44.03 26.36 -52.91
N LEU C 56 43.78 25.10 -52.57
CA LEU C 56 44.81 24.06 -52.51
C LEU C 56 44.36 22.90 -53.39
N ILE C 57 45.19 22.49 -54.34
CA ILE C 57 44.83 21.34 -55.17
C ILE C 57 45.73 20.17 -54.81
N ASN C 58 45.21 18.96 -55.07
CA ASN C 58 45.91 17.68 -54.94
C ASN C 58 46.44 17.45 -53.52
N ILE C 59 45.51 17.36 -52.58
CA ILE C 59 45.85 17.26 -51.17
C ILE C 59 44.72 16.53 -50.45
N ASP C 60 45.07 15.72 -49.45
CA ASP C 60 44.11 14.88 -48.74
C ASP C 60 43.18 15.71 -47.86
N THR C 61 42.00 15.15 -47.59
CA THR C 61 41.08 15.73 -46.62
C THR C 61 41.62 15.68 -45.19
N SER C 62 42.52 14.74 -44.88
CA SER C 62 42.96 14.55 -43.50
C SER C 62 43.89 15.66 -43.05
N ILE C 63 45.01 15.83 -43.77
CA ILE C 63 45.99 16.84 -43.36
C ILE C 63 45.64 18.24 -43.86
N ALA C 64 44.48 18.42 -44.49
CA ALA C 64 43.89 19.72 -44.69
C ALA C 64 42.75 20.01 -43.73
N ASN C 65 42.12 18.97 -43.18
CA ASN C 65 41.25 19.13 -42.02
C ASN C 65 42.07 19.49 -40.78
N ALA C 66 43.30 18.97 -40.70
CA ALA C 66 44.18 19.27 -39.56
C ALA C 66 44.47 20.76 -39.44
N PHE C 67 44.69 21.41 -40.58
CA PHE C 67 44.94 22.86 -40.59
C PHE C 67 43.72 23.63 -40.11
N ARG C 68 42.52 23.21 -40.56
CA ARG C 68 41.29 23.83 -40.11
C ARG C 68 41.04 23.59 -38.63
N ARG C 69 41.44 22.42 -38.11
CA ARG C 69 41.20 22.12 -36.71
C ARG C 69 42.13 22.90 -35.79
N ILE C 70 43.37 23.15 -36.20
CA ILE C 70 44.29 23.85 -35.30
C ILE C 70 44.49 25.31 -35.72
N MET C 71 43.71 25.81 -36.68
CA MET C 71 43.55 27.27 -36.76
C MET C 71 42.74 27.82 -35.61
N ILE C 72 41.84 27.02 -35.05
CA ILE C 72 40.91 27.53 -34.05
C ILE C 72 41.54 27.49 -32.66
N SER C 73 42.05 26.33 -32.24
CA SER C 73 42.57 26.19 -30.89
C SER C 73 44.06 26.52 -30.79
N GLU C 74 44.90 25.76 -31.51
CA GLU C 74 46.33 25.74 -31.22
C GLU C 74 47.06 27.02 -31.60
N VAL C 75 46.46 27.89 -32.41
CA VAL C 75 47.06 29.19 -32.67
C VAL C 75 46.66 30.13 -31.54
N PRO C 76 47.61 30.64 -30.75
CA PRO C 76 47.26 31.41 -29.57
C PRO C 76 46.91 32.86 -29.90
N SER C 77 46.22 33.48 -28.95
CA SER C 77 45.86 34.90 -29.03
C SER C 77 45.65 35.41 -27.62
N VAL C 78 45.51 36.72 -27.49
CA VAL C 78 45.33 37.36 -26.19
C VAL C 78 43.88 37.80 -26.04
N ALA C 79 43.43 37.82 -24.79
CA ALA C 79 42.09 38.27 -24.42
C ALA C 79 42.11 38.65 -22.95
N ALA C 80 41.08 39.36 -22.52
CA ALA C 80 40.98 39.77 -21.13
C ALA C 80 40.69 38.58 -20.24
N GLU C 81 41.47 38.44 -19.17
CA GLU C 81 41.38 37.28 -18.30
C GLU C 81 40.84 37.62 -16.91
N TYR C 82 41.45 38.57 -16.22
CA TYR C 82 41.07 38.86 -14.84
C TYR C 82 40.59 40.30 -14.72
N VAL C 83 39.36 40.49 -14.25
CA VAL C 83 38.75 41.81 -14.17
C VAL C 83 38.58 42.17 -12.71
N TYR C 84 39.14 43.32 -12.31
CA TYR C 84 39.05 43.81 -10.94
C TYR C 84 38.10 45.00 -10.93
N PHE C 85 37.07 44.93 -10.09
CA PHE C 85 36.00 45.92 -10.08
C PHE C 85 36.14 46.91 -8.93
N PHE C 86 35.82 48.16 -9.21
CA PHE C 86 35.53 49.18 -8.21
C PHE C 86 34.17 49.78 -8.54
N ASN C 87 33.40 50.07 -7.49
CA ASN C 87 32.11 50.77 -7.43
C ASN C 87 31.17 50.58 -8.62
N ASN C 88 30.99 49.33 -9.05
CA ASN C 88 30.07 49.00 -10.14
C ASN C 88 28.64 49.14 -9.64
N THR C 89 28.06 50.33 -9.84
CA THR C 89 26.70 50.63 -9.40
C THR C 89 25.73 50.72 -10.58
N SER C 90 26.04 50.03 -11.67
CA SER C 90 25.17 49.99 -12.83
C SER C 90 24.16 48.85 -12.70
N VAL C 91 23.37 48.64 -13.76
CA VAL C 91 22.35 47.61 -13.73
C VAL C 91 22.90 46.25 -14.17
N ILE C 92 24.01 46.22 -14.91
CA ILE C 92 24.59 44.97 -15.36
C ILE C 92 25.42 44.37 -14.24
N GLN C 93 25.23 43.07 -13.99
CA GLN C 93 25.97 42.36 -12.96
C GLN C 93 27.44 42.27 -13.33
N ASP C 94 28.28 42.17 -12.31
CA ASP C 94 29.72 42.15 -12.51
C ASP C 94 30.27 40.79 -12.93
N GLU C 95 29.42 39.77 -13.09
CA GLU C 95 29.83 38.59 -13.82
C GLU C 95 29.46 38.67 -15.28
N VAL C 96 28.35 39.34 -15.58
CA VAL C 96 27.96 39.57 -16.97
C VAL C 96 28.89 40.59 -17.62
N LEU C 97 29.21 41.66 -16.89
CA LEU C 97 30.03 42.73 -17.44
C LEU C 97 31.49 42.29 -17.57
N ALA C 98 31.94 41.37 -16.72
CA ALA C 98 33.27 40.80 -16.86
C ALA C 98 33.34 39.79 -18.00
N HIS C 99 32.21 39.14 -18.30
CA HIS C 99 32.18 38.17 -19.40
C HIS C 99 32.21 38.85 -20.76
N ARG C 100 31.82 40.12 -20.84
CA ARG C 100 31.82 40.83 -22.11
C ARG C 100 33.14 41.52 -22.40
N ILE C 101 33.94 41.82 -21.37
CA ILE C 101 35.27 42.37 -21.60
C ILE C 101 36.21 41.27 -22.08
N GLY C 102 35.97 40.02 -21.68
CA GLY C 102 36.76 38.91 -22.20
C GLY C 102 36.51 38.61 -23.66
N LEU C 103 35.36 38.99 -24.21
CA LEU C 103 34.98 38.63 -25.56
C LEU C 103 35.26 39.71 -26.60
N VAL C 104 35.89 40.82 -26.22
CA VAL C 104 36.29 41.80 -27.22
C VAL C 104 37.65 41.37 -27.78
N PRO C 105 37.88 41.54 -29.07
CA PRO C 105 39.20 41.18 -29.62
C PRO C 105 40.20 42.31 -29.45
N LEU C 106 41.45 41.93 -29.19
CA LEU C 106 42.52 42.90 -29.01
C LEU C 106 43.45 42.88 -30.21
N LYS C 107 43.91 44.05 -30.63
CA LYS C 107 44.74 44.21 -31.82
C LYS C 107 46.18 44.41 -31.38
N VAL C 108 46.89 43.30 -31.17
CA VAL C 108 48.31 43.33 -30.82
C VAL C 108 48.91 42.00 -31.25
N ASP C 109 50.21 42.01 -31.52
CA ASP C 109 50.92 40.80 -31.92
C ASP C 109 51.09 39.91 -30.69
N PRO C 110 50.61 38.66 -30.71
CA PRO C 110 50.81 37.76 -29.57
C PRO C 110 52.19 37.16 -29.46
N ASP C 111 53.14 37.57 -30.31
CA ASP C 111 54.53 37.10 -30.19
C ASP C 111 55.33 37.90 -29.17
N MET C 112 54.77 38.99 -28.65
CA MET C 112 55.43 39.83 -27.66
C MET C 112 55.09 39.42 -26.23
N LEU C 113 54.46 38.27 -26.03
CA LEU C 113 54.06 37.82 -24.70
C LEU C 113 54.59 36.42 -24.45
N THR C 114 54.67 36.07 -23.17
CA THR C 114 55.16 34.78 -22.70
C THR C 114 54.04 34.12 -21.92
N TRP C 115 54.02 32.79 -21.92
CA TRP C 115 52.98 32.03 -21.24
C TRP C 115 53.06 32.18 -19.73
N VAL C 116 51.90 32.24 -19.08
CA VAL C 116 51.82 32.35 -17.63
C VAL C 116 52.15 31.00 -17.01
N ASP C 117 53.04 31.00 -16.02
CA ASP C 117 53.31 29.80 -15.23
C ASP C 117 52.32 29.76 -14.08
N SER C 118 51.49 28.70 -14.04
CA SER C 118 50.41 28.59 -13.08
C SER C 118 50.81 27.91 -11.78
N ASN C 119 52.10 27.96 -11.41
CA ASN C 119 52.57 27.43 -10.15
C ASN C 119 53.07 28.52 -9.21
N LEU C 120 53.25 29.74 -9.69
CA LEU C 120 53.71 30.85 -8.89
C LEU C 120 52.54 31.47 -8.13
N PRO C 121 52.82 32.21 -7.03
CA PRO C 121 51.73 32.90 -6.32
C PRO C 121 51.09 34.03 -7.11
N ASP C 122 50.05 34.64 -6.53
CA ASP C 122 49.22 35.60 -7.24
C ASP C 122 49.94 36.91 -7.50
N ASP C 123 50.99 37.22 -6.75
CA ASP C 123 51.75 38.44 -6.93
C ASP C 123 53.05 38.21 -7.70
N GLU C 124 53.22 37.03 -8.31
CA GLU C 124 54.42 36.73 -9.07
C GLU C 124 54.15 36.16 -10.46
N LYS C 125 52.91 35.80 -10.78
CA LYS C 125 52.62 35.28 -12.11
C LYS C 125 52.61 36.40 -13.15
N PHE C 126 52.19 37.61 -12.75
CA PHE C 126 52.00 38.70 -13.68
C PHE C 126 53.19 39.63 -13.63
N THR C 127 53.90 39.74 -14.76
CA THR C 127 55.12 40.52 -14.84
C THR C 127 55.06 41.37 -16.10
N ASP C 128 56.20 41.95 -16.48
CA ASP C 128 56.22 42.98 -17.51
C ASP C 128 55.95 42.39 -18.90
N GLU C 129 56.59 41.29 -19.24
CA GLU C 129 56.45 40.67 -20.55
C GLU C 129 55.34 39.63 -20.60
N ASN C 130 54.33 39.74 -19.74
CA ASN C 130 53.34 38.70 -19.58
C ASN C 130 51.93 39.25 -19.65
N THR C 131 51.73 40.48 -19.19
CA THR C 131 50.41 41.01 -18.89
C THR C 131 50.16 42.29 -19.66
N ILE C 132 48.99 42.40 -20.28
CA ILE C 132 48.52 43.66 -20.85
C ILE C 132 47.38 44.17 -19.98
N VAL C 133 47.51 45.40 -19.47
CA VAL C 133 46.52 45.94 -18.55
C VAL C 133 45.67 46.99 -19.26
N LEU C 134 44.35 46.86 -19.10
CA LEU C 134 43.36 47.78 -19.64
C LEU C 134 42.60 48.41 -18.48
N SER C 135 42.03 49.58 -18.72
CA SER C 135 41.30 50.29 -17.67
C SER C 135 40.08 50.96 -18.25
N LEU C 136 38.93 50.75 -17.60
CA LEU C 136 37.68 51.40 -17.92
C LEU C 136 37.27 52.28 -16.76
N ASN C 137 36.89 53.52 -17.05
CA ASN C 137 36.50 54.45 -15.99
C ASN C 137 35.52 55.45 -16.62
N VAL C 138 34.23 55.21 -16.43
CA VAL C 138 33.17 56.05 -17.00
C VAL C 138 32.16 56.35 -15.90
N LYS C 139 31.91 57.64 -15.67
CA LYS C 139 30.84 58.09 -14.79
C LYS C 139 29.85 58.90 -15.60
N CYS C 140 28.56 58.62 -15.44
CA CYS C 140 27.51 59.27 -16.21
C CYS C 140 27.04 60.53 -15.50
N THR C 141 26.74 61.56 -16.28
CA THR C 141 26.37 62.87 -15.77
C THR C 141 25.23 63.42 -16.61
N ARG C 142 24.25 64.04 -15.96
CA ARG C 142 23.14 64.65 -16.68
C ARG C 142 23.60 65.86 -17.46
N ASN C 143 23.20 65.93 -18.73
CA ASN C 143 23.59 67.02 -19.61
C ASN C 143 22.75 68.25 -19.27
N PRO C 144 23.36 69.36 -18.87
CA PRO C 144 22.54 70.53 -18.48
C PRO C 144 21.86 71.23 -19.65
N ASP C 145 22.45 71.20 -20.85
CA ASP C 145 21.81 71.79 -22.03
C ASP C 145 20.91 70.73 -22.70
N ALA C 146 19.83 70.41 -21.99
CA ALA C 146 18.86 69.43 -22.46
C ALA C 146 18.02 70.02 -23.59
N PRO C 147 17.57 69.19 -24.54
CA PRO C 147 16.74 69.72 -25.64
C PRO C 147 15.31 70.02 -25.22
N LYS C 148 14.48 70.40 -26.19
CA LYS C 148 13.10 70.76 -25.92
C LYS C 148 12.22 69.56 -25.60
N GLY C 149 12.66 68.35 -25.91
CA GLY C 149 11.87 67.17 -25.62
C GLY C 149 12.76 65.98 -25.32
N SER C 150 12.26 65.11 -24.44
CA SER C 150 12.96 63.88 -24.06
C SER C 150 12.78 62.89 -25.20
N THR C 151 13.83 62.71 -26.00
CA THR C 151 13.75 61.90 -27.21
C THR C 151 14.52 60.59 -27.10
N ASP C 152 15.81 60.66 -26.77
CA ASP C 152 16.68 59.48 -26.80
C ASP C 152 17.68 59.57 -25.66
N PRO C 153 18.19 58.43 -25.18
CA PRO C 153 19.27 58.47 -24.18
C PRO C 153 20.63 58.86 -24.74
N LYS C 154 20.77 59.00 -26.06
CA LYS C 154 22.00 59.54 -26.62
C LYS C 154 22.16 61.01 -26.26
N GLU C 155 21.09 61.78 -26.42
CA GLU C 155 21.07 63.17 -26.01
C GLU C 155 20.62 63.23 -24.55
N LEU C 156 20.79 64.41 -23.93
CA LEU C 156 20.49 64.73 -22.52
C LEU C 156 21.16 63.77 -21.52
N TYR C 157 22.24 63.11 -21.91
CA TYR C 157 23.02 62.27 -21.01
C TYR C 157 24.46 62.27 -21.51
N ASN C 158 25.38 62.71 -20.65
CA ASN C 158 26.80 62.59 -20.97
C ASN C 158 27.21 61.14 -20.78
N ASN C 159 27.91 60.60 -21.80
CA ASN C 159 28.49 59.26 -21.97
C ASN C 159 27.69 58.12 -21.34
N ALA C 160 26.39 58.08 -21.63
CA ALA C 160 25.53 57.04 -21.09
C ALA C 160 25.80 55.69 -21.75
N HIS C 161 26.29 55.69 -22.98
CA HIS C 161 26.69 54.47 -23.66
C HIS C 161 28.20 54.37 -23.63
N VAL C 162 28.72 53.37 -22.92
CA VAL C 162 30.15 53.10 -22.95
C VAL C 162 30.44 52.28 -24.21
N TYR C 163 31.70 52.27 -24.61
CA TYR C 163 32.12 51.56 -25.81
C TYR C 163 33.46 50.89 -25.56
N ALA C 164 33.92 50.13 -26.56
CA ALA C 164 35.22 49.48 -26.44
C ALA C 164 36.38 50.45 -26.56
N ARG C 165 36.14 51.66 -27.10
CA ARG C 165 37.20 52.66 -27.19
C ARG C 165 37.58 53.23 -25.82
N ASP C 166 36.74 53.04 -24.80
CA ASP C 166 37.03 53.54 -23.47
C ASP C 166 37.86 52.56 -22.64
N LEU C 167 38.30 51.44 -23.23
CA LEU C 167 39.27 50.56 -22.59
C LEU C 167 40.66 51.09 -22.91
N LYS C 168 41.23 51.84 -21.96
CA LYS C 168 42.53 52.48 -22.16
C LYS C 168 43.64 51.54 -21.72
N PHE C 169 44.58 51.28 -22.63
CA PHE C 169 45.75 50.49 -22.29
C PHE C 169 46.71 51.27 -21.41
N GLU C 170 47.24 50.61 -20.39
CA GLU C 170 48.18 51.25 -19.50
C GLU C 170 49.59 50.71 -19.72
N PRO C 171 50.60 51.58 -19.89
CA PRO C 171 51.98 51.09 -19.98
C PRO C 171 52.44 50.52 -18.65
N GLN C 172 52.62 49.21 -18.58
CA GLN C 172 52.87 48.52 -17.33
C GLN C 172 54.35 48.27 -17.12
N GLY C 173 54.72 48.04 -15.86
CA GLY C 173 56.03 47.56 -15.47
C GLY C 173 57.21 48.45 -15.81
N ARG C 174 58.06 47.97 -16.71
CA ARG C 174 59.29 48.64 -17.11
C ARG C 174 59.38 48.87 -18.61
N GLN C 175 58.92 47.91 -19.42
CA GLN C 175 59.03 48.00 -20.87
C GLN C 175 57.79 48.72 -21.41
N SER C 176 57.82 50.04 -21.28
CA SER C 176 56.80 50.90 -21.87
C SER C 176 57.20 51.42 -23.23
N THR C 177 58.36 51.02 -23.75
CA THR C 177 58.85 51.48 -25.04
C THR C 177 58.71 50.43 -26.14
N THR C 178 58.38 49.18 -25.79
CA THR C 178 58.18 48.16 -26.81
C THR C 178 56.82 48.30 -27.48
N PHE C 179 55.80 48.71 -26.71
CA PHE C 179 54.47 48.96 -27.26
C PHE C 179 54.26 50.42 -27.61
N ALA C 180 55.31 51.23 -27.61
CA ALA C 180 55.19 52.63 -28.00
C ALA C 180 55.06 52.80 -29.51
N ASP C 181 55.46 51.79 -30.29
CA ASP C 181 55.27 51.84 -31.73
C ASP C 181 53.87 51.39 -32.11
N CYS C 182 53.33 50.39 -31.42
CA CYS C 182 52.01 49.85 -31.70
C CYS C 182 51.25 49.66 -30.40
N PRO C 183 50.53 50.68 -29.94
CA PRO C 183 49.70 50.52 -28.74
C PRO C 183 48.48 49.67 -29.03
N VAL C 184 48.07 48.87 -28.05
CA VAL C 184 46.99 47.91 -28.27
C VAL C 184 45.64 48.61 -28.12
N VAL C 185 44.80 48.41 -29.13
CA VAL C 185 43.42 48.91 -29.14
C VAL C 185 42.52 47.71 -29.42
N PRO C 186 41.22 47.80 -29.13
CA PRO C 186 40.31 46.77 -29.62
C PRO C 186 40.16 46.84 -31.14
N ALA C 187 39.85 45.69 -31.74
CA ALA C 187 39.80 45.58 -33.19
C ALA C 187 38.63 46.35 -33.78
N ASP C 188 37.57 46.56 -33.01
CA ASP C 188 36.44 47.38 -33.41
C ASP C 188 35.91 48.12 -32.19
N PRO C 189 36.13 49.43 -32.10
CA PRO C 189 35.84 50.15 -30.85
C PRO C 189 34.38 50.44 -30.61
N ASP C 190 33.49 50.17 -31.55
CA ASP C 190 32.07 50.50 -31.39
C ASP C 190 31.29 49.35 -30.78
N ILE C 191 31.78 48.75 -29.70
CA ILE C 191 31.12 47.63 -29.05
C ILE C 191 30.39 48.15 -27.82
N LEU C 192 29.07 48.10 -27.85
CA LEU C 192 28.25 48.59 -26.75
C LEU C 192 28.31 47.60 -25.60
N LEU C 193 29.12 47.92 -24.59
CA LEU C 193 29.29 47.03 -23.44
C LEU C 193 28.25 47.25 -22.37
N ALA C 194 27.83 48.49 -22.15
CA ALA C 194 26.91 48.81 -21.07
C ALA C 194 26.16 50.08 -21.40
N LYS C 195 25.06 50.29 -20.69
CA LYS C 195 24.30 51.53 -20.74
C LYS C 195 24.18 52.08 -19.33
N LEU C 196 24.32 53.40 -19.19
CA LEU C 196 24.39 54.04 -17.89
C LEU C 196 23.31 55.10 -17.76
N ARG C 197 23.12 55.55 -16.53
CA ARG C 197 22.19 56.58 -16.11
C ARG C 197 22.92 57.47 -15.11
N PRO C 198 22.52 58.73 -14.96
CA PRO C 198 23.27 59.64 -14.06
C PRO C 198 23.17 59.21 -12.60
N GLY C 199 24.33 59.12 -11.96
CA GLY C 199 24.48 58.50 -10.66
C GLY C 199 25.24 57.19 -10.69
N GLN C 200 25.44 56.61 -11.87
CA GLN C 200 26.10 55.33 -12.03
C GLN C 200 27.54 55.54 -12.49
N GLU C 201 28.38 54.54 -12.23
CA GLU C 201 29.80 54.65 -12.49
C GLU C 201 30.38 53.24 -12.64
N ILE C 202 31.29 53.08 -13.60
CA ILE C 202 32.01 51.84 -13.80
C ILE C 202 33.50 52.17 -13.79
N SER C 203 34.23 51.55 -12.86
CA SER C 203 35.68 51.76 -12.73
C SER C 203 36.33 50.40 -12.48
N LEU C 204 37.09 49.91 -13.46
CA LEU C 204 37.64 48.57 -13.37
C LEU C 204 39.06 48.56 -13.92
N LYS C 205 39.69 47.39 -13.84
CA LYS C 205 41.02 47.18 -14.40
C LYS C 205 41.15 45.72 -14.82
N ALA C 206 41.54 45.48 -16.06
CA ALA C 206 41.57 44.16 -16.63
C ALA C 206 43.00 43.73 -16.96
N HIS C 207 43.31 42.49 -16.62
CA HIS C 207 44.60 41.86 -16.91
C HIS C 207 44.38 40.84 -18.02
N CYS C 208 45.19 40.96 -19.08
CA CYS C 208 45.06 40.23 -20.32
C CYS C 208 46.29 39.36 -20.50
N ILE C 209 46.09 38.05 -20.68
CA ILE C 209 47.17 37.09 -20.84
C ILE C 209 47.04 36.37 -22.17
N LEU C 210 47.93 35.44 -22.44
CA LEU C 210 47.94 34.66 -23.67
C LEU C 210 47.28 33.31 -23.44
N GLY C 211 46.53 32.83 -24.43
CA GLY C 211 45.87 31.54 -24.30
C GLY C 211 45.52 30.96 -25.66
N ILE C 212 45.19 29.67 -25.64
CA ILE C 212 44.78 28.96 -26.83
C ILE C 212 43.25 28.92 -26.89
N GLY C 213 42.73 28.65 -28.08
CA GLY C 213 41.28 28.60 -28.28
C GLY C 213 40.62 27.33 -27.77
N GLY C 214 41.42 26.32 -27.40
CA GLY C 214 40.84 25.11 -26.82
C GLY C 214 40.51 25.23 -25.36
N ASP C 215 41.12 26.20 -24.66
CA ASP C 215 40.79 26.43 -23.26
C ASP C 215 39.50 27.21 -23.13
N HIS C 216 39.32 28.24 -23.96
CA HIS C 216 38.12 29.07 -23.93
C HIS C 216 37.94 29.67 -25.31
N ALA C 217 36.71 30.10 -25.60
CA ALA C 217 36.38 30.62 -26.92
C ALA C 217 36.99 31.99 -27.20
N LYS C 218 37.32 32.75 -26.15
CA LYS C 218 37.75 34.13 -26.34
C LYS C 218 39.17 34.23 -26.89
N PHE C 219 39.96 33.17 -26.82
CA PHE C 219 41.31 33.19 -27.35
C PHE C 219 41.40 32.71 -28.78
N SER C 220 40.27 32.44 -29.42
CA SER C 220 40.28 31.95 -30.80
C SER C 220 40.64 33.09 -31.74
N PRO C 221 41.75 33.00 -32.47
CA PRO C 221 42.19 34.14 -33.28
C PRO C 221 41.41 34.33 -34.57
N VAL C 222 40.62 33.35 -34.98
CA VAL C 222 39.89 33.40 -36.23
C VAL C 222 38.40 33.27 -35.94
N SER C 223 37.59 34.11 -36.61
CA SER C 223 36.15 34.02 -36.44
C SER C 223 35.60 32.82 -37.20
N THR C 224 35.83 32.77 -38.51
CA THR C 224 35.38 31.66 -39.35
C THR C 224 36.55 31.14 -40.16
N ALA C 225 36.96 29.90 -39.89
CA ALA C 225 37.99 29.22 -40.67
C ALA C 225 37.38 27.94 -41.21
N SER C 226 37.12 27.90 -42.52
CA SER C 226 36.43 26.75 -43.08
C SER C 226 36.91 26.51 -44.50
N TYR C 227 36.39 25.45 -45.12
CA TYR C 227 36.68 25.16 -46.52
C TYR C 227 35.43 24.65 -47.21
N ARG C 228 35.56 24.48 -48.53
CA ARG C 228 34.55 23.84 -49.35
C ARG C 228 35.24 23.18 -50.54
N LEU C 229 34.73 22.00 -50.90
CA LEU C 229 35.19 21.34 -52.11
C LEU C 229 34.60 22.05 -53.33
N LEU C 230 35.35 22.04 -54.41
CA LEU C 230 34.92 22.74 -55.62
C LEU C 230 33.82 21.94 -56.31
N PRO C 231 32.62 22.49 -56.49
CA PRO C 231 31.57 21.75 -57.18
C PRO C 231 31.82 21.68 -58.67
N GLN C 232 31.04 20.83 -59.33
CA GLN C 232 31.22 20.57 -60.75
C GLN C 232 29.91 20.04 -61.31
N ILE C 233 29.56 20.52 -62.50
CA ILE C 233 28.32 20.15 -63.17
C ILE C 233 28.70 19.56 -64.52
N ASN C 234 28.62 18.23 -64.62
CA ASN C 234 28.86 17.54 -65.88
C ASN C 234 27.53 17.40 -66.60
N ILE C 235 27.33 18.21 -67.63
CA ILE C 235 26.09 18.25 -68.39
C ILE C 235 26.31 17.53 -69.72
N LEU C 236 25.69 16.36 -69.84
CA LEU C 236 25.63 15.62 -71.09
C LEU C 236 24.20 15.64 -71.61
N GLN C 237 24.02 15.10 -72.83
CA GLN C 237 22.81 15.20 -73.65
C GLN C 237 22.41 16.67 -73.79
N PRO C 238 23.11 17.42 -74.66
CA PRO C 238 23.22 18.88 -74.51
C PRO C 238 22.01 19.72 -74.90
N ILE C 239 20.79 19.15 -74.93
CA ILE C 239 19.59 19.74 -75.54
C ILE C 239 19.29 21.18 -75.11
N LYS C 240 18.66 21.93 -76.01
CA LYS C 240 18.53 23.37 -75.91
C LYS C 240 17.06 23.76 -76.04
N GLY C 241 16.79 25.06 -75.90
CA GLY C 241 15.46 25.59 -76.11
C GLY C 241 14.87 26.27 -74.90
N GLU C 242 13.57 26.07 -74.69
CA GLU C 242 12.91 26.64 -73.52
C GLU C 242 13.32 25.92 -72.24
N SER C 243 13.63 24.63 -72.34
CA SER C 243 14.08 23.87 -71.17
C SER C 243 15.45 24.31 -70.70
N ALA C 244 16.28 24.83 -71.61
CA ALA C 244 17.59 25.33 -71.22
C ALA C 244 17.47 26.62 -70.41
N ARG C 245 16.42 27.40 -70.65
CA ARG C 245 16.21 28.61 -69.85
C ARG C 245 15.57 28.29 -68.51
N ARG C 246 14.77 27.21 -68.43
CA ARG C 246 14.32 26.71 -67.15
C ARG C 246 15.47 26.09 -66.36
N PHE C 247 16.46 25.56 -67.07
CA PHE C 247 17.68 25.05 -66.44
C PHE C 247 18.49 26.17 -65.79
N GLN C 248 18.37 27.39 -66.30
CA GLN C 248 19.12 28.52 -65.75
C GLN C 248 18.48 29.07 -64.49
N LYS C 249 17.15 29.17 -64.47
CA LYS C 249 16.44 29.84 -63.38
C LYS C 249 16.43 29.04 -62.09
N CYS C 250 16.82 27.77 -62.12
CA CYS C 250 16.94 26.99 -60.90
C CYS C 250 18.17 27.45 -60.11
N PHE C 251 19.35 27.31 -60.72
CA PHE C 251 20.66 27.65 -60.19
C PHE C 251 20.79 29.11 -59.77
N PRO C 252 21.83 29.47 -59.01
CA PRO C 252 22.21 30.88 -58.90
C PRO C 252 22.58 31.43 -60.26
N PRO C 253 22.37 32.74 -60.47
CA PRO C 253 22.37 33.26 -61.86
C PRO C 253 23.73 33.26 -62.55
N GLY C 254 24.83 33.22 -61.82
CA GLY C 254 26.13 33.31 -62.46
C GLY C 254 26.94 32.04 -62.42
N VAL C 255 26.31 30.88 -62.62
CA VAL C 255 27.02 29.61 -62.54
C VAL C 255 26.85 28.75 -63.79
N ILE C 256 25.81 28.94 -64.59
CA ILE C 256 25.76 28.39 -65.94
C ILE C 256 25.33 29.52 -66.87
N GLY C 257 25.49 29.31 -68.16
CA GLY C 257 25.19 30.38 -69.11
C GLY C 257 24.56 29.95 -70.42
N ILE C 258 23.47 30.61 -70.78
CA ILE C 258 22.88 30.46 -72.11
C ILE C 258 23.70 31.30 -73.08
N ASP C 259 24.13 30.69 -74.18
CA ASP C 259 24.88 31.42 -75.19
C ASP C 259 23.93 32.36 -75.93
N GLU C 260 24.38 33.59 -76.16
CA GLU C 260 23.52 34.72 -76.52
C GLU C 260 22.82 34.57 -77.86
N GLY C 261 23.59 34.58 -78.95
CA GLY C 261 23.01 34.45 -80.27
C GLY C 261 23.52 33.21 -80.99
N SER C 262 23.64 32.12 -80.24
CA SER C 262 24.34 30.93 -80.71
C SER C 262 23.69 29.70 -80.07
N ASP C 263 24.44 28.60 -80.04
CA ASP C 263 23.94 27.28 -79.68
C ASP C 263 23.73 27.09 -78.18
N GLU C 264 23.63 25.83 -77.76
CA GLU C 264 23.08 25.42 -76.47
C GLU C 264 23.92 25.90 -75.28
N ALA C 265 23.41 25.60 -74.08
CA ALA C 265 23.95 26.10 -72.82
C ALA C 265 25.30 25.47 -72.50
N TYR C 266 25.96 26.04 -71.51
CA TYR C 266 27.26 25.58 -71.04
C TYR C 266 27.41 26.00 -69.58
N VAL C 267 28.57 25.70 -69.01
CA VAL C 267 28.87 25.99 -67.61
C VAL C 267 30.00 27.01 -67.57
N LYS C 268 29.73 28.16 -66.96
CA LYS C 268 30.75 29.19 -66.74
C LYS C 268 30.74 29.60 -65.28
N ASP C 269 31.93 29.64 -64.67
CA ASP C 269 32.15 30.02 -63.27
C ASP C 269 31.36 29.11 -62.32
N ALA C 270 31.76 27.83 -62.32
CA ALA C 270 31.18 26.84 -61.41
C ALA C 270 31.66 26.98 -59.98
N ARG C 271 32.56 27.93 -59.70
CA ARG C 271 33.05 28.15 -58.34
C ARG C 271 31.98 28.73 -57.43
N LYS C 272 31.03 29.48 -57.99
CA LYS C 272 30.00 30.17 -57.23
C LYS C 272 28.78 29.30 -56.93
N ASP C 273 28.89 27.98 -57.06
CA ASP C 273 27.74 27.11 -56.86
C ASP C 273 27.61 26.73 -55.40
N THR C 274 26.44 26.96 -54.83
CA THR C 274 26.06 26.38 -53.54
C THR C 274 25.13 25.21 -53.85
N VAL C 275 25.62 24.00 -53.65
CA VAL C 275 24.94 22.82 -54.15
C VAL C 275 23.70 22.52 -53.32
N SER C 276 22.54 22.61 -53.96
CA SER C 276 21.26 22.28 -53.34
C SER C 276 20.53 21.17 -54.07
N ARG C 277 21.15 20.58 -55.12
CA ARG C 277 20.65 19.55 -56.04
C ARG C 277 19.19 19.74 -56.45
N GLU C 278 18.80 20.99 -56.69
CA GLU C 278 17.44 21.36 -57.06
C GLU C 278 17.04 20.96 -58.47
N VAL C 279 17.98 20.46 -59.28
CA VAL C 279 17.67 19.94 -60.60
C VAL C 279 17.58 18.42 -60.60
N LEU C 280 17.50 17.79 -59.44
CA LEU C 280 17.41 16.34 -59.32
C LEU C 280 16.06 15.87 -58.79
N ARG C 281 15.00 16.63 -59.06
CA ARG C 281 13.67 16.21 -58.62
C ARG C 281 12.61 16.47 -59.69
N TYR C 282 13.00 16.67 -60.94
CA TYR C 282 12.08 17.15 -61.97
C TYR C 282 11.51 16.07 -62.87
N GLU C 283 12.29 15.01 -63.13
CA GLU C 283 12.08 13.89 -64.07
C GLU C 283 12.26 14.35 -65.52
N GLU C 284 12.40 15.66 -65.73
CA GLU C 284 12.81 16.18 -67.03
C GLU C 284 14.31 16.15 -67.17
N PHE C 285 15.03 16.44 -66.09
CA PHE C 285 16.49 16.45 -66.06
C PHE C 285 16.93 15.27 -65.20
N ALA C 286 17.00 14.10 -65.82
CA ALA C 286 17.34 12.87 -65.11
C ALA C 286 18.67 12.30 -65.60
N ASP C 287 18.80 12.08 -66.91
CA ASP C 287 20.04 11.64 -67.52
C ASP C 287 20.66 12.76 -68.35
N LYS C 288 20.50 14.01 -67.91
CA LYS C 288 21.02 15.16 -68.64
C LYS C 288 21.88 16.08 -67.78
N VAL C 289 22.06 15.78 -66.50
CA VAL C 289 22.90 16.59 -65.62
C VAL C 289 23.53 15.65 -64.60
N LYS C 290 24.73 16.01 -64.15
CA LYS C 290 25.47 15.20 -63.18
C LYS C 290 26.18 16.14 -62.23
N LEU C 291 25.67 16.23 -61.00
CA LEU C 291 26.30 17.06 -59.99
C LEU C 291 27.45 16.30 -59.33
N GLY C 292 28.44 17.04 -58.87
CA GLY C 292 29.51 16.42 -58.11
C GLY C 292 30.42 17.48 -57.54
N ARG C 293 31.49 17.01 -56.88
CA ARG C 293 32.51 17.91 -56.38
C ARG C 293 33.84 17.18 -56.34
N VAL C 294 34.90 17.87 -56.73
CA VAL C 294 36.22 17.27 -56.77
C VAL C 294 36.80 17.19 -55.36
N ARG C 295 37.33 16.03 -55.01
CA ARG C 295 37.72 15.75 -53.63
C ARG C 295 39.09 16.33 -53.26
N ASN C 296 39.97 16.53 -54.24
CA ASN C 296 41.31 16.99 -53.98
C ASN C 296 41.43 18.50 -53.89
N HIS C 297 40.44 19.25 -54.37
CA HIS C 297 40.50 20.71 -54.35
C HIS C 297 39.85 21.21 -53.06
N PHE C 298 40.46 22.22 -52.45
CA PHE C 298 39.92 22.85 -51.26
C PHE C 298 39.95 24.36 -51.41
N ILE C 299 38.87 25.01 -50.99
CA ILE C 299 38.78 26.46 -51.03
C ILE C 299 38.78 26.96 -49.59
N PHE C 300 39.98 27.24 -49.05
CA PHE C 300 40.09 27.74 -47.69
C PHE C 300 39.61 29.17 -47.63
N ASN C 301 38.70 29.45 -46.70
CA ASN C 301 38.17 30.78 -46.45
C ASN C 301 38.33 31.07 -44.96
N VAL C 302 39.08 32.14 -44.64
CA VAL C 302 39.32 32.52 -43.26
C VAL C 302 38.98 34.00 -43.07
N GLU C 303 38.12 34.26 -42.08
CA GLU C 303 37.83 35.61 -41.59
C GLU C 303 38.29 35.64 -40.13
N SER C 304 39.29 36.45 -39.85
CA SER C 304 39.87 36.54 -38.53
C SER C 304 39.04 37.44 -37.62
N ALA C 305 39.34 37.38 -36.32
CA ALA C 305 38.65 38.24 -35.35
C ALA C 305 39.12 39.69 -35.43
N GLY C 306 40.38 39.90 -35.80
CA GLY C 306 40.90 41.25 -35.93
C GLY C 306 42.25 41.43 -35.25
N ALA C 307 42.75 40.35 -34.64
CA ALA C 307 44.03 40.43 -33.93
C ALA C 307 45.21 40.45 -34.90
N MET C 308 45.13 39.66 -35.97
CA MET C 308 46.24 39.53 -36.91
C MET C 308 45.68 39.29 -38.31
N THR C 309 46.56 39.41 -39.30
CA THR C 309 46.16 39.21 -40.68
C THR C 309 45.90 37.73 -40.95
N PRO C 310 44.89 37.40 -41.78
CA PRO C 310 44.54 35.99 -41.99
C PRO C 310 45.53 35.20 -42.83
N GLU C 311 46.48 35.86 -43.48
CA GLU C 311 47.54 35.13 -44.18
C GLU C 311 48.64 34.68 -43.22
N GLU C 312 48.68 35.24 -42.01
CA GLU C 312 49.64 34.82 -40.99
C GLU C 312 49.14 33.58 -40.26
N ILE C 313 47.82 33.41 -40.15
CA ILE C 313 47.23 32.32 -39.38
C ILE C 313 47.49 30.98 -40.06
N PHE C 314 47.42 30.95 -41.40
CA PHE C 314 47.67 29.71 -42.12
C PHE C 314 49.13 29.27 -42.04
N PHE C 315 50.05 30.23 -42.18
CA PHE C 315 51.48 29.93 -42.06
C PHE C 315 51.83 29.49 -40.64
N LYS C 316 51.24 30.14 -39.64
CA LYS C 316 51.46 29.76 -38.26
C LYS C 316 50.85 28.40 -37.95
N SER C 317 49.73 28.05 -38.61
CA SER C 317 49.13 26.75 -38.41
C SER C 317 49.97 25.64 -39.02
N VAL C 318 50.56 25.89 -40.19
CA VAL C 318 51.48 24.92 -40.79
C VAL C 318 52.71 24.74 -39.90
N ARG C 319 53.19 25.85 -39.31
CA ARG C 319 54.33 25.78 -38.40
C ARG C 319 53.99 25.01 -37.11
N ILE C 320 52.77 25.19 -36.59
CA ILE C 320 52.37 24.48 -35.37
C ILE C 320 52.16 23.00 -35.65
N LEU C 321 51.53 22.66 -36.78
CA LEU C 321 51.33 21.25 -37.12
C LEU C 321 52.64 20.57 -37.51
N LYS C 322 53.66 21.34 -37.89
CA LYS C 322 54.99 20.75 -38.05
C LYS C 322 55.66 20.52 -36.70
N ASN C 323 55.53 21.47 -35.77
CA ASN C 323 56.30 21.44 -34.53
C ASN C 323 55.84 20.34 -33.56
N LYS C 324 54.60 19.90 -33.66
CA LYS C 324 54.15 18.78 -32.84
C LYS C 324 54.49 17.43 -33.44
N ALA C 325 55.03 17.40 -34.66
CA ALA C 325 55.50 16.16 -35.26
C ALA C 325 56.97 15.89 -34.94
N GLU C 326 57.80 16.94 -34.93
CA GLU C 326 59.20 16.78 -34.56
C GLU C 326 59.38 16.71 -33.05
N TYR C 327 58.40 17.16 -32.27
CA TYR C 327 58.47 17.01 -30.83
C TYR C 327 58.25 15.56 -30.40
N LEU C 328 57.52 14.79 -31.21
CA LEU C 328 57.21 13.43 -30.85
C LEU C 328 58.31 12.46 -31.24
N LYS C 329 59.02 12.72 -32.34
CA LYS C 329 60.08 11.84 -32.78
C LYS C 329 61.37 12.01 -32.00
N ASN C 330 61.47 13.04 -31.17
CA ASN C 330 62.64 13.25 -30.32
C ASN C 330 62.36 12.93 -28.85
N CYS C 331 61.31 12.16 -28.57
CA CYS C 331 61.04 11.67 -27.23
C CYS C 331 61.29 10.17 -27.15
N PRO C 332 61.87 9.68 -26.05
CA PRO C 332 62.07 8.23 -25.92
C PRO C 332 60.76 7.51 -25.62
N ILE C 333 60.67 6.28 -26.11
CA ILE C 333 59.46 5.47 -25.93
C ILE C 333 59.65 4.63 -24.67
N THR C 334 58.96 5.00 -23.60
CA THR C 334 59.09 4.32 -22.32
C THR C 334 58.08 3.17 -22.24
N GLN C 335 58.58 1.97 -21.98
CA GLN C 335 57.71 0.81 -21.85
C GLN C 335 56.95 0.84 -20.52
N MET D 1 32.31 -23.41 32.76
CA MET D 1 30.99 -23.34 32.12
C MET D 1 30.11 -24.51 32.57
N LYS D 2 30.36 -25.69 32.03
CA LYS D 2 29.57 -26.87 32.32
C LYS D 2 30.51 -27.98 32.77
N VAL D 3 30.30 -28.47 33.98
CA VAL D 3 31.14 -29.54 34.53
C VAL D 3 30.60 -30.89 34.08
N LEU D 4 31.51 -31.87 33.97
CA LEU D 4 31.14 -33.22 33.58
C LEU D 4 31.44 -34.22 34.68
N GLU D 5 32.67 -34.28 35.17
CA GLU D 5 33.04 -35.10 36.32
C GLU D 5 33.85 -34.22 37.27
N GLU D 6 33.29 -33.96 38.45
CA GLU D 6 33.95 -33.11 39.42
C GLU D 6 35.11 -33.84 40.11
N ARG D 7 34.80 -34.93 40.81
CA ARG D 7 35.81 -35.69 41.55
C ARG D 7 36.44 -36.75 40.66
N ASN D 8 37.28 -36.27 39.73
CA ASN D 8 37.94 -37.12 38.76
C ASN D 8 39.45 -37.00 38.91
N ALA D 9 40.12 -38.16 38.92
CA ALA D 9 41.58 -38.29 38.81
C ALA D 9 42.31 -37.54 39.93
N PHE D 10 42.13 -38.06 41.15
CA PHE D 10 42.83 -37.53 42.32
C PHE D 10 44.34 -37.72 42.18
N LEU D 11 45.05 -36.63 41.92
CA LEU D 11 46.47 -36.69 41.60
C LEU D 11 47.31 -36.08 42.71
N SER D 12 48.58 -36.50 42.76
CA SER D 12 49.47 -36.14 43.84
C SER D 12 50.11 -34.78 43.57
N ASP D 13 51.13 -34.44 44.37
CA ASP D 13 51.79 -33.14 44.26
C ASP D 13 53.03 -33.18 43.39
N TYR D 14 53.78 -34.29 43.39
CA TYR D 14 54.96 -34.40 42.55
C TYR D 14 54.61 -34.47 41.07
N GLU D 15 53.42 -35.01 40.75
CA GLU D 15 52.95 -35.01 39.37
C GLU D 15 52.67 -33.59 38.88
N VAL D 16 52.08 -32.76 39.74
CA VAL D 16 51.87 -31.33 39.41
C VAL D 16 53.22 -30.62 39.32
N LEU D 17 54.18 -31.01 40.17
CA LEU D 17 55.50 -30.41 40.14
C LEU D 17 56.24 -30.69 38.84
N LYS D 18 56.23 -31.96 38.41
CA LYS D 18 56.89 -32.30 37.14
C LYS D 18 56.10 -31.79 35.94
N PHE D 19 54.78 -31.62 36.08
CA PHE D 19 53.99 -31.06 34.99
C PHE D 19 54.30 -29.58 34.79
N LEU D 20 54.37 -28.81 35.87
CA LEU D 20 54.76 -27.41 35.74
C LEU D 20 56.26 -27.24 35.49
N THR D 21 57.07 -28.26 35.76
CA THR D 21 58.46 -28.22 35.35
C THR D 21 58.60 -28.41 33.85
N ASP D 22 57.90 -29.40 33.30
CA ASP D 22 57.89 -29.64 31.86
C ASP D 22 56.97 -28.69 31.10
N LEU D 23 56.26 -27.81 31.80
CA LEU D 23 55.41 -26.81 31.14
C LEU D 23 56.19 -25.57 30.75
N GLU D 24 57.21 -25.20 31.53
CA GLU D 24 58.00 -24.01 31.27
C GLU D 24 59.23 -24.28 30.40
N LYS D 25 59.34 -25.49 29.85
CA LYS D 25 60.35 -25.80 28.85
C LYS D 25 59.80 -25.75 27.43
N LYS D 26 58.48 -25.67 27.27
CA LYS D 26 57.89 -25.46 25.95
C LYS D 26 58.22 -24.09 25.40
N HIS D 27 58.36 -23.11 26.28
CA HIS D 27 58.81 -21.76 25.96
C HIS D 27 60.02 -21.46 26.85
N LEU D 28 60.39 -20.19 26.92
CA LEU D 28 61.58 -19.75 27.64
C LEU D 28 61.48 -20.06 29.13
N TRP D 29 62.66 -20.25 29.75
CA TRP D 29 62.75 -20.80 31.09
C TRP D 29 62.33 -19.78 32.14
N ASP D 30 62.13 -20.27 33.37
CA ASP D 30 61.80 -19.42 34.50
C ASP D 30 63.03 -19.05 35.33
N GLN D 31 64.02 -19.96 35.41
CA GLN D 31 65.24 -19.72 36.16
C GLN D 31 66.42 -19.38 35.27
N LYS D 32 66.56 -20.07 34.12
CA LYS D 32 67.67 -19.80 33.23
C LYS D 32 67.50 -18.47 32.50
N SER D 33 66.27 -18.12 32.15
CA SER D 33 65.97 -16.88 31.46
C SER D 33 65.58 -15.76 32.42
N LEU D 34 65.76 -15.95 33.71
CA LEU D 34 65.49 -14.89 34.68
C LEU D 34 66.57 -13.83 34.66
N ALA D 35 67.81 -14.22 34.37
CA ALA D 35 68.93 -13.28 34.31
C ALA D 35 69.93 -13.68 33.23
N PRO D 53 52.21 -14.30 29.40
CA PRO D 53 51.41 -13.10 29.66
C PRO D 53 50.35 -13.33 30.74
N GLU D 54 50.67 -12.96 31.98
CA GLU D 54 49.84 -13.04 33.18
C GLU D 54 49.50 -14.47 33.61
N LEU D 55 50.04 -15.48 32.95
CA LEU D 55 49.87 -16.87 33.36
C LEU D 55 51.10 -17.42 34.07
N GLN D 56 52.29 -16.91 33.71
CA GLN D 56 53.54 -17.41 34.28
C GLN D 56 53.73 -17.03 35.75
N GLY D 57 52.91 -16.13 36.29
CA GLY D 57 53.01 -15.78 37.70
C GLY D 57 52.72 -16.96 38.61
N ILE D 58 51.58 -17.63 38.40
CA ILE D 58 51.28 -18.83 39.17
C ILE D 58 52.20 -19.99 38.77
N THR D 59 52.74 -19.97 37.56
CA THR D 59 53.65 -21.03 37.13
C THR D 59 54.97 -20.95 37.89
N ARG D 60 55.50 -19.74 38.10
CA ARG D 60 56.71 -19.59 38.90
C ARG D 60 56.43 -19.46 40.40
N ASN D 61 55.17 -19.32 40.80
CA ASN D 61 54.86 -19.33 42.23
C ASN D 61 54.60 -20.73 42.77
N VAL D 62 53.96 -21.61 41.99
CA VAL D 62 53.69 -22.97 42.48
C VAL D 62 54.98 -23.78 42.53
N VAL D 63 55.84 -23.65 41.53
CA VAL D 63 57.10 -24.40 41.50
C VAL D 63 58.06 -23.91 42.59
N ASN D 64 57.88 -22.69 43.07
CA ASN D 64 58.67 -22.18 44.19
C ASN D 64 58.06 -22.58 45.53
N TYR D 65 56.72 -22.58 45.63
CA TYR D 65 56.06 -22.89 46.90
C TYR D 65 56.07 -24.38 47.19
N LEU D 66 55.87 -25.22 46.18
CA LEU D 66 55.75 -26.66 46.40
C LEU D 66 57.10 -27.30 46.70
N SER D 67 58.20 -26.65 46.31
CA SER D 67 59.54 -27.17 46.55
C SER D 67 60.19 -26.55 47.77
N ILE D 68 59.41 -26.25 48.81
CA ILE D 68 59.95 -25.68 50.04
C ILE D 68 60.20 -26.75 51.11
N ASN D 69 59.57 -27.92 51.00
CA ASN D 69 59.80 -29.01 51.94
C ASN D 69 60.86 -29.99 51.46
N LYS D 70 61.29 -29.89 50.21
CA LYS D 70 62.36 -30.72 49.67
C LYS D 70 63.74 -30.09 49.85
N ASN D 71 63.90 -29.17 50.80
CA ASN D 71 65.16 -28.51 51.06
C ASN D 71 65.93 -29.33 52.10
N PHE D 72 67.02 -28.79 52.64
CA PHE D 72 67.84 -29.51 53.59
C PHE D 72 67.42 -29.21 55.02
N MET D 98 66.74 -39.21 40.17
CA MET D 98 66.27 -38.39 41.26
C MET D 98 64.97 -38.93 41.88
N SER D 99 64.10 -38.02 42.36
CA SER D 99 62.92 -38.41 43.11
C SER D 99 61.80 -38.99 42.27
N ASP D 100 61.97 -39.11 40.95
CA ASP D 100 60.95 -39.76 40.12
C ASP D 100 60.93 -41.27 40.36
N GLU D 101 62.07 -41.92 40.11
CA GLU D 101 62.18 -43.35 40.39
C GLU D 101 62.15 -43.64 41.88
N SER D 102 62.58 -42.68 42.71
CA SER D 102 62.47 -42.83 44.16
C SER D 102 61.01 -42.78 44.60
N PHE D 103 60.21 -41.92 43.97
CA PHE D 103 58.77 -41.87 44.25
C PHE D 103 58.09 -43.14 43.78
N ALA D 104 58.53 -43.69 42.65
CA ALA D 104 58.01 -44.97 42.19
C ALA D 104 58.36 -46.10 43.15
N GLU D 105 59.58 -46.08 43.69
CA GLU D 105 60.02 -47.08 44.66
C GLU D 105 59.25 -46.97 45.97
N LEU D 106 58.98 -45.73 46.41
CA LEU D 106 58.18 -45.54 47.62
C LEU D 106 56.73 -45.94 47.42
N MET D 107 56.20 -45.72 46.20
CA MET D 107 54.85 -46.16 45.89
C MET D 107 54.74 -47.68 45.86
N THR D 108 55.75 -48.36 45.32
CA THR D 108 55.75 -49.83 45.38
C THR D 108 56.01 -50.34 46.80
N LYS D 109 56.71 -49.56 47.62
CA LYS D 109 56.92 -49.94 49.02
C LYS D 109 55.65 -49.76 49.84
N LEU D 110 54.76 -48.86 49.41
CA LEU D 110 53.50 -48.57 50.11
C LEU D 110 52.53 -49.76 50.14
N ASN D 111 52.76 -50.81 49.34
CA ASN D 111 51.90 -51.99 49.28
C ASN D 111 52.04 -52.94 50.48
N SER D 112 52.71 -52.53 51.56
CA SER D 112 52.90 -53.43 52.69
C SER D 112 51.60 -53.63 53.47
N PHE D 113 51.05 -52.57 54.03
CA PHE D 113 49.80 -52.62 54.76
C PHE D 113 48.74 -51.79 54.06
N LYS D 114 47.49 -52.20 54.20
CA LYS D 114 46.39 -51.57 53.49
C LYS D 114 45.79 -50.42 54.29
N LEU D 115 45.30 -49.43 53.56
CA LEU D 115 44.67 -48.24 54.14
C LEU D 115 43.46 -47.89 53.26
N PHE D 116 42.91 -46.70 53.46
CA PHE D 116 41.84 -46.21 52.61
C PHE D 116 42.45 -45.38 51.47
N LYS D 117 41.61 -44.63 50.76
CA LYS D 117 42.02 -44.03 49.50
C LYS D 117 42.89 -42.79 49.69
N ALA D 118 42.44 -41.86 50.53
CA ALA D 118 43.06 -40.54 50.54
C ALA D 118 44.33 -40.47 51.38
N GLU D 119 44.39 -41.19 52.50
CA GLU D 119 45.48 -40.95 53.45
C GLU D 119 46.81 -41.52 52.99
N LYS D 120 46.83 -42.43 52.02
CA LYS D 120 48.12 -42.86 51.48
C LYS D 120 48.76 -41.76 50.64
N LEU D 121 47.94 -41.00 49.90
CA LEU D 121 48.46 -39.80 49.24
C LEU D 121 48.82 -38.74 50.27
N GLN D 122 47.99 -38.61 51.31
CA GLN D 122 48.22 -37.63 52.36
C GLN D 122 49.45 -37.93 53.20
N ILE D 123 49.95 -39.17 53.19
CA ILE D 123 51.23 -39.45 53.82
C ILE D 123 52.38 -39.53 52.81
N VAL D 124 52.10 -39.70 51.52
CA VAL D 124 53.20 -39.70 50.57
C VAL D 124 53.62 -38.27 50.20
N ASN D 125 52.77 -37.28 50.45
CA ASN D 125 53.18 -35.89 50.26
C ASN D 125 53.57 -35.20 51.58
N GLN D 126 53.98 -35.97 52.58
CA GLN D 126 54.10 -35.47 53.94
C GLN D 126 55.22 -36.28 54.61
N LEU D 127 55.20 -36.33 55.94
CA LEU D 127 56.05 -37.14 56.83
C LEU D 127 57.54 -36.82 56.79
N PRO D 128 58.00 -35.73 57.42
CA PRO D 128 59.43 -35.62 57.78
C PRO D 128 59.92 -36.71 58.76
N ALA D 129 59.02 -37.52 59.33
CA ALA D 129 59.29 -38.80 59.97
C ALA D 129 60.14 -38.73 61.24
N ASN D 130 59.63 -38.05 62.26
CA ASN D 130 60.04 -38.31 63.64
C ASN D 130 59.11 -39.39 64.18
N MET D 131 59.14 -39.64 65.48
CA MET D 131 58.39 -40.74 66.07
C MET D 131 57.00 -40.32 66.57
N VAL D 132 56.53 -39.12 66.22
CA VAL D 132 55.31 -38.60 66.82
C VAL D 132 54.37 -38.02 65.76
N HIS D 133 54.65 -38.27 64.48
CA HIS D 133 53.82 -37.73 63.40
C HIS D 133 52.49 -38.47 63.26
N LEU D 134 52.48 -39.78 63.48
CA LEU D 134 51.24 -40.54 63.32
C LEU D 134 50.31 -40.41 64.53
N TYR D 135 50.68 -39.64 65.54
CA TYR D 135 49.69 -39.16 66.50
C TYR D 135 48.79 -38.09 65.88
N SER D 136 49.27 -37.41 64.82
CA SER D 136 48.52 -36.34 64.19
C SER D 136 48.04 -36.66 62.78
N ILE D 137 48.65 -37.63 62.10
CA ILE D 137 48.36 -37.82 60.68
C ILE D 137 47.44 -38.99 60.41
N VAL D 138 47.81 -40.19 60.88
CA VAL D 138 47.11 -41.41 60.47
C VAL D 138 45.76 -41.50 61.17
N GLU D 139 44.84 -42.27 60.58
CA GLU D 139 43.48 -42.34 61.07
C GLU D 139 43.37 -43.25 62.30
N GLU D 140 42.52 -42.82 63.24
CA GLU D 140 42.06 -43.46 64.47
C GLU D 140 43.13 -43.50 65.57
N CYS D 141 44.39 -43.28 65.21
CA CYS D 141 45.49 -42.78 66.04
C CYS D 141 45.95 -43.70 67.18
N ASP D 142 45.13 -44.66 67.60
CA ASP D 142 45.46 -45.48 68.75
C ASP D 142 44.98 -46.92 68.66
N ALA D 143 44.34 -47.34 67.56
CA ALA D 143 43.53 -48.55 67.56
C ALA D 143 44.29 -49.78 67.05
N ARG D 144 44.73 -49.74 65.80
CA ARG D 144 45.19 -50.96 65.15
C ARG D 144 46.70 -51.16 65.30
N PHE D 145 47.47 -50.11 65.15
CA PHE D 145 48.92 -50.22 65.00
C PHE D 145 49.62 -50.20 66.36
N ASP D 146 50.74 -50.91 66.42
CA ASP D 146 51.64 -50.91 67.55
C ASP D 146 52.65 -49.77 67.37
N GLU D 147 53.46 -49.53 68.42
CA GLU D 147 54.49 -48.50 68.33
C GLU D 147 55.63 -48.92 67.42
N LYS D 148 55.95 -50.22 67.37
CA LYS D 148 57.10 -50.66 66.60
C LYS D 148 56.84 -50.65 65.10
N THR D 149 55.60 -50.88 64.67
CA THR D 149 55.33 -50.88 63.22
C THR D 149 55.26 -49.46 62.67
N ILE D 150 54.71 -48.51 63.44
CA ILE D 150 54.74 -47.12 62.99
C ILE D 150 56.16 -46.58 63.11
N GLU D 151 56.94 -47.10 64.07
CA GLU D 151 58.34 -46.70 64.19
C GLU D 151 59.17 -47.17 63.00
N GLU D 152 58.95 -48.42 62.55
CA GLU D 152 59.74 -48.91 61.43
C GLU D 152 59.29 -48.29 60.09
N MET D 153 57.99 -48.02 59.92
CA MET D 153 57.60 -47.36 58.68
C MET D 153 58.06 -45.91 58.65
N LEU D 154 58.10 -45.24 59.81
CA LEU D 154 58.68 -43.90 59.86
C LEU D 154 60.19 -43.92 59.70
N GLU D 155 60.86 -45.02 60.08
CA GLU D 155 62.28 -45.16 59.77
C GLU D 155 62.51 -45.35 58.28
N ILE D 156 61.61 -46.07 57.60
CA ILE D 156 61.69 -46.19 56.14
C ILE D 156 61.48 -44.84 55.47
N ILE D 157 60.52 -44.05 55.96
CA ILE D 157 60.28 -42.72 55.40
C ILE D 157 61.45 -41.78 55.69
N SER D 158 62.06 -41.90 56.87
CA SER D 158 63.19 -41.03 57.22
C SER D 158 64.43 -41.40 56.44
N GLY D 159 64.64 -42.69 56.16
CA GLY D 159 65.69 -43.09 55.25
C GLY D 159 65.41 -42.72 53.81
N TYR D 160 64.14 -42.58 53.44
CA TYR D 160 63.79 -42.09 52.11
C TYR D 160 64.11 -40.61 51.96
N ALA D 161 63.48 -39.77 52.78
CA ALA D 161 63.68 -38.32 52.71
C ALA D 161 64.99 -37.91 53.35
N MET E 1 -49.29 -38.14 -18.12
CA MET E 1 -48.58 -37.71 -19.30
C MET E 1 -47.52 -38.72 -19.72
N ASP E 2 -47.51 -39.08 -21.00
CA ASP E 2 -46.55 -40.03 -21.52
C ASP E 2 -45.23 -39.39 -21.95
N GLN E 3 -45.22 -38.07 -22.17
CA GLN E 3 -43.98 -37.41 -22.57
C GLN E 3 -43.01 -37.23 -21.42
N GLU E 4 -43.50 -37.20 -20.18
CA GLU E 4 -42.64 -37.08 -19.01
C GLU E 4 -42.16 -38.43 -18.50
N ASN E 5 -42.54 -39.53 -19.16
CA ASN E 5 -42.12 -40.86 -18.76
C ASN E 5 -41.12 -41.47 -19.74
N GLU E 6 -40.73 -40.73 -20.77
CA GLU E 6 -39.81 -41.23 -21.78
C GLU E 6 -38.37 -40.81 -21.53
N ARG E 7 -38.15 -39.58 -21.06
CA ARG E 7 -36.80 -39.10 -20.78
C ARG E 7 -36.47 -39.05 -19.30
N ASN E 8 -37.46 -39.22 -18.42
CA ASN E 8 -37.20 -39.32 -16.99
C ASN E 8 -36.76 -40.71 -16.57
N ILE E 9 -36.77 -41.68 -17.48
CA ILE E 9 -36.14 -42.96 -17.23
C ILE E 9 -34.67 -42.97 -17.67
N SER E 10 -34.28 -42.06 -18.57
CA SER E 10 -32.88 -41.88 -18.91
C SER E 10 -32.13 -41.10 -17.84
N ARG E 11 -32.85 -40.32 -17.03
CA ARG E 11 -32.25 -39.70 -15.85
C ARG E 11 -31.88 -40.76 -14.82
N LEU E 12 -32.70 -41.80 -14.70
CA LEU E 12 -32.39 -42.90 -13.79
C LEU E 12 -31.44 -43.93 -14.39
N TRP E 13 -31.36 -44.01 -15.72
CA TRP E 13 -30.45 -44.96 -16.34
C TRP E 13 -29.01 -44.47 -16.27
N ARG E 14 -28.79 -43.16 -16.47
CA ARG E 14 -27.44 -42.64 -16.49
C ARG E 14 -26.84 -42.58 -15.09
N ALA E 15 -27.67 -42.40 -14.06
CA ALA E 15 -27.20 -42.51 -12.69
C ALA E 15 -26.89 -43.96 -12.33
N PHE E 16 -27.64 -44.90 -12.89
CA PHE E 16 -27.35 -46.32 -12.71
C PHE E 16 -26.03 -46.70 -13.37
N ARG E 17 -25.65 -46.00 -14.43
CA ARG E 17 -24.32 -46.17 -15.00
C ARG E 17 -23.24 -45.65 -14.07
N THR E 18 -23.50 -44.51 -13.43
CA THR E 18 -22.50 -43.87 -12.57
C THR E 18 -22.29 -44.66 -11.28
N VAL E 19 -23.33 -45.30 -10.75
CA VAL E 19 -23.17 -46.14 -9.57
C VAL E 19 -22.31 -47.37 -9.91
N LYS E 20 -22.51 -47.94 -11.10
CA LYS E 20 -21.68 -49.07 -11.54
C LYS E 20 -20.23 -48.66 -11.75
N GLU E 21 -20.01 -47.48 -12.35
CA GLU E 21 -18.64 -46.98 -12.52
C GLU E 21 -17.98 -46.66 -11.20
N MET E 22 -18.75 -46.15 -10.23
CA MET E 22 -18.19 -45.83 -8.92
C MET E 22 -17.84 -47.09 -8.14
N VAL E 23 -18.70 -48.10 -8.14
CA VAL E 23 -18.39 -49.34 -7.46
C VAL E 23 -17.32 -50.14 -8.21
N LYS E 24 -17.14 -49.88 -9.52
CA LYS E 24 -16.01 -50.46 -10.23
C LYS E 24 -14.70 -49.77 -9.82
N ASP E 25 -14.75 -48.46 -9.56
CA ASP E 25 -13.55 -47.73 -9.20
C ASP E 25 -13.11 -47.97 -7.75
N ARG E 26 -14.01 -48.51 -6.91
CA ARG E 26 -13.62 -48.83 -5.54
C ARG E 26 -12.66 -50.02 -5.49
N GLY E 27 -12.81 -50.96 -6.41
CA GLY E 27 -12.03 -52.18 -6.37
C GLY E 27 -12.91 -53.39 -6.15
N TYR E 28 -14.19 -53.25 -6.50
CA TYR E 28 -15.17 -54.30 -6.32
C TYR E 28 -15.50 -54.94 -7.67
N PHE E 29 -15.93 -56.19 -7.63
CA PHE E 29 -16.13 -56.97 -8.84
C PHE E 29 -17.44 -56.58 -9.51
N ILE E 30 -17.36 -56.00 -10.69
CA ILE E 30 -18.50 -55.80 -11.57
C ILE E 30 -18.10 -56.33 -12.94
N THR E 31 -19.08 -56.77 -13.71
CA THR E 31 -18.80 -57.39 -15.00
C THR E 31 -19.05 -56.40 -16.15
N GLN E 32 -18.51 -56.73 -17.31
CA GLN E 32 -18.66 -55.91 -18.51
C GLN E 32 -19.85 -56.37 -19.33
N GLU E 33 -20.99 -56.54 -18.66
CA GLU E 33 -22.28 -56.70 -19.32
C GLU E 33 -23.27 -55.80 -18.60
N GLU E 34 -23.00 -55.53 -17.32
CA GLU E 34 -23.84 -54.69 -16.50
C GLU E 34 -23.38 -53.25 -16.46
N VAL E 35 -22.12 -52.99 -16.86
CA VAL E 35 -21.63 -51.62 -16.97
C VAL E 35 -21.78 -51.09 -18.39
N GLU E 36 -22.02 -51.97 -19.37
CA GLU E 36 -22.17 -51.57 -20.76
C GLU E 36 -23.50 -52.06 -21.34
N LEU E 37 -24.55 -52.08 -20.53
CA LEU E 37 -25.84 -52.55 -21.03
C LEU E 37 -26.55 -51.42 -21.78
N PRO E 38 -27.17 -51.73 -22.93
CA PRO E 38 -27.90 -50.69 -23.66
C PRO E 38 -29.29 -50.44 -23.11
N LEU E 39 -30.08 -49.62 -23.80
CA LEU E 39 -31.45 -49.36 -23.36
C LEU E 39 -32.36 -50.55 -23.60
N GLU E 40 -32.05 -51.41 -24.57
CA GLU E 40 -32.92 -52.54 -24.87
C GLU E 40 -32.89 -53.60 -23.77
N ASP E 41 -31.77 -53.73 -23.07
CA ASP E 41 -31.68 -54.60 -21.91
C ASP E 41 -32.07 -53.89 -20.62
N PHE E 42 -32.45 -52.62 -20.70
CA PHE E 42 -32.82 -51.83 -19.53
C PHE E 42 -34.32 -51.56 -19.41
N LYS E 43 -35.02 -51.42 -20.54
CA LYS E 43 -36.44 -51.10 -20.48
C LYS E 43 -37.26 -52.28 -19.97
N ALA E 44 -37.08 -53.46 -20.56
CA ALA E 44 -37.75 -54.65 -20.05
C ALA E 44 -36.86 -55.41 -19.06
N LYS E 45 -36.24 -54.66 -18.14
CA LYS E 45 -35.64 -55.23 -16.93
C LYS E 45 -35.88 -54.39 -15.69
N TYR E 46 -36.13 -53.09 -15.84
CA TYR E 46 -36.21 -52.15 -14.73
C TYR E 46 -37.54 -51.41 -14.65
N CYS E 47 -38.28 -51.31 -15.75
CA CYS E 47 -39.56 -50.63 -15.78
C CYS E 47 -40.70 -51.63 -15.74
N ASP E 48 -41.92 -51.11 -15.64
CA ASP E 48 -43.13 -51.90 -15.59
C ASP E 48 -43.77 -51.92 -16.99
N SER E 49 -44.76 -52.80 -17.15
CA SER E 49 -45.52 -52.85 -18.40
C SER E 49 -46.36 -51.59 -18.61
N MET E 50 -46.74 -50.89 -17.53
CA MET E 50 -47.45 -49.63 -17.68
C MET E 50 -46.51 -48.52 -18.15
N GLY E 51 -45.23 -48.59 -17.80
CA GLY E 51 -44.26 -47.63 -18.28
C GLY E 51 -43.48 -46.94 -17.20
N ARG E 52 -43.76 -47.27 -15.94
CA ARG E 52 -43.08 -46.64 -14.82
C ARG E 52 -41.94 -47.52 -14.32
N PRO E 53 -40.86 -46.94 -13.78
CA PRO E 53 -39.76 -47.76 -13.28
C PRO E 53 -40.12 -48.49 -12.00
N GLN E 54 -39.32 -49.51 -11.71
CA GLN E 54 -39.41 -50.25 -10.45
C GLN E 54 -38.33 -49.76 -9.50
N ARG E 55 -38.68 -49.63 -8.23
CA ARG E 55 -37.77 -49.02 -7.27
C ARG E 55 -36.82 -50.05 -6.66
N LYS E 56 -37.35 -51.20 -6.25
CA LYS E 56 -36.58 -52.16 -5.47
C LYS E 56 -35.64 -53.02 -6.31
N MET E 57 -35.83 -53.06 -7.63
CA MET E 57 -35.05 -53.95 -8.48
C MET E 57 -33.67 -53.39 -8.82
N MET E 58 -33.38 -52.15 -8.44
CA MET E 58 -32.06 -51.57 -8.66
C MET E 58 -31.01 -52.17 -7.73
N SER E 59 -31.42 -52.60 -6.54
CA SER E 59 -30.50 -52.95 -5.47
C SER E 59 -29.75 -54.24 -5.78
N PHE E 60 -28.42 -54.22 -5.59
CA PHE E 60 -27.59 -55.38 -5.80
C PHE E 60 -26.50 -55.46 -4.74
N GLN E 61 -25.58 -56.42 -4.90
CA GLN E 61 -24.47 -56.61 -3.97
C GLN E 61 -23.23 -57.01 -4.75
N ALA E 62 -22.10 -56.37 -4.44
CA ALA E 62 -20.85 -56.63 -5.14
C ALA E 62 -19.74 -56.93 -4.14
N ASN E 63 -18.95 -57.94 -4.45
CA ASN E 63 -17.80 -58.37 -3.67
C ASN E 63 -16.50 -57.81 -4.24
N PRO E 64 -15.44 -57.70 -3.44
CA PRO E 64 -14.14 -57.31 -4.00
C PRO E 64 -13.55 -58.41 -4.88
N THR E 65 -12.80 -57.98 -5.89
CA THR E 65 -12.37 -58.84 -7.00
C THR E 65 -11.00 -59.49 -6.74
N GLU E 66 -10.84 -60.07 -5.54
CA GLU E 66 -9.78 -60.99 -5.10
C GLU E 66 -8.34 -60.49 -5.29
N GLU E 67 -8.16 -59.22 -5.65
CA GLU E 67 -6.86 -58.56 -5.68
C GLU E 67 -6.76 -57.43 -4.67
N SER E 68 -7.85 -56.67 -4.54
CA SER E 68 -7.97 -55.70 -3.45
C SER E 68 -8.14 -56.40 -2.10
N ILE E 69 -8.54 -57.67 -2.08
CA ILE E 69 -8.47 -58.46 -0.86
C ILE E 69 -7.01 -58.69 -0.48
N SER E 70 -6.16 -58.99 -1.46
CA SER E 70 -4.74 -59.17 -1.19
C SER E 70 -4.05 -57.86 -0.87
N LYS E 71 -4.59 -56.74 -1.35
CA LYS E 71 -4.04 -55.43 -0.99
C LYS E 71 -4.63 -54.90 0.31
N PHE E 72 -5.96 -54.92 0.43
CA PHE E 72 -6.64 -54.45 1.63
C PHE E 72 -7.29 -55.63 2.32
N PRO E 73 -6.73 -56.12 3.43
CA PRO E 73 -7.36 -57.25 4.13
C PRO E 73 -8.65 -56.88 4.84
N ASP E 74 -8.77 -55.64 5.32
CA ASP E 74 -9.94 -55.23 6.11
C ASP E 74 -10.91 -54.47 5.22
N MET E 75 -11.66 -55.23 4.41
CA MET E 75 -12.63 -54.64 3.50
C MET E 75 -13.70 -55.68 3.16
N GLY E 76 -14.96 -55.24 3.15
CA GLY E 76 -16.06 -56.13 2.82
C GLY E 76 -16.97 -55.59 1.74
N SER E 77 -18.14 -56.22 1.57
CA SER E 77 -19.06 -55.86 0.50
C SER E 77 -19.98 -54.72 0.94
N LEU E 78 -20.68 -54.15 -0.03
CA LEU E 78 -21.62 -53.06 0.20
C LEU E 78 -23.05 -53.51 -0.11
N TRP E 79 -23.98 -52.57 0.01
CA TRP E 79 -25.38 -52.81 -0.33
C TRP E 79 -25.98 -51.48 -0.77
N VAL E 80 -26.04 -51.27 -2.08
CA VAL E 80 -26.61 -50.05 -2.65
C VAL E 80 -28.12 -50.21 -2.79
N GLU E 81 -28.87 -49.22 -2.32
CA GLU E 81 -30.32 -49.20 -2.47
C GLU E 81 -30.76 -47.93 -3.19
N PHE E 82 -32.08 -47.77 -3.29
CA PHE E 82 -32.69 -46.65 -3.97
C PHE E 82 -34.00 -46.32 -3.26
N CYS E 83 -34.43 -45.07 -3.37
CA CYS E 83 -35.60 -44.58 -2.64
C CYS E 83 -36.90 -45.19 -3.16
N ASP E 84 -37.94 -45.03 -2.36
CA ASP E 84 -39.31 -45.33 -2.75
C ASP E 84 -40.20 -44.10 -2.79
N GLU E 85 -39.85 -43.05 -2.06
CA GLU E 85 -40.62 -41.83 -1.91
C GLU E 85 -39.76 -40.63 -2.30
N PRO E 86 -40.38 -39.52 -2.74
CA PRO E 86 -39.61 -38.33 -3.08
C PRO E 86 -38.97 -37.62 -1.89
N SER E 87 -39.39 -37.91 -0.66
CA SER E 87 -38.83 -37.25 0.53
C SER E 87 -38.71 -38.31 1.62
N VAL E 88 -37.48 -38.76 1.86
CA VAL E 88 -37.22 -39.82 2.84
C VAL E 88 -37.46 -39.28 4.25
N GLY E 89 -38.34 -39.94 5.00
CA GLY E 89 -38.63 -39.54 6.35
C GLY E 89 -37.80 -40.28 7.36
N VAL E 90 -38.42 -41.19 8.11
CA VAL E 90 -37.77 -41.89 9.22
C VAL E 90 -37.68 -43.39 8.96
N LYS E 91 -38.82 -44.04 8.73
CA LYS E 91 -38.93 -45.50 8.85
C LYS E 91 -38.17 -46.23 7.75
N THR E 92 -38.07 -45.65 6.55
CA THR E 92 -37.35 -46.30 5.46
C THR E 92 -35.85 -46.34 5.74
N MET E 93 -35.27 -45.24 6.21
CA MET E 93 -33.85 -45.27 6.52
C MET E 93 -33.56 -45.97 7.83
N LYS E 94 -34.53 -46.04 8.75
CA LYS E 94 -34.37 -46.92 9.91
C LYS E 94 -34.30 -48.39 9.48
N THR E 95 -35.15 -48.77 8.51
CA THR E 95 -35.08 -50.10 7.93
C THR E 95 -33.76 -50.35 7.23
N PHE E 96 -33.21 -49.31 6.58
CA PHE E 96 -31.89 -49.40 5.95
C PHE E 96 -30.79 -49.64 6.98
N VAL E 97 -30.83 -48.90 8.10
CA VAL E 97 -29.80 -49.04 9.13
C VAL E 97 -29.89 -50.42 9.81
N ILE E 98 -31.11 -50.89 10.08
CA ILE E 98 -31.29 -52.23 10.66
C ILE E 98 -30.87 -53.30 9.66
N HIS E 99 -31.08 -53.07 8.37
CA HIS E 99 -30.65 -53.99 7.32
C HIS E 99 -29.13 -54.12 7.28
N ILE E 100 -28.43 -52.98 7.34
CA ILE E 100 -26.96 -52.99 7.35
C ILE E 100 -26.43 -53.63 8.62
N GLN E 101 -27.04 -53.33 9.77
CA GLN E 101 -26.62 -53.93 11.03
C GLN E 101 -26.94 -55.42 11.09
N GLU E 102 -27.92 -55.90 10.33
CA GLU E 102 -28.35 -57.28 10.43
C GLU E 102 -27.61 -58.20 9.47
N LYS E 103 -27.45 -57.79 8.20
CA LYS E 103 -26.89 -58.70 7.20
C LYS E 103 -25.39 -58.50 6.98
N ASN E 104 -24.69 -57.95 7.97
CA ASN E 104 -23.22 -57.93 8.07
C ASN E 104 -22.58 -57.21 6.88
N PHE E 105 -22.87 -55.92 6.78
CA PHE E 105 -22.38 -55.10 5.69
C PHE E 105 -21.50 -54.00 6.24
N GLN E 106 -20.26 -53.94 5.76
CA GLN E 106 -19.30 -52.95 6.27
C GLN E 106 -19.56 -51.55 5.71
N THR E 107 -20.29 -51.43 4.61
CA THR E 107 -20.64 -50.14 4.03
C THR E 107 -21.87 -50.31 3.16
N GLY E 108 -22.36 -49.19 2.65
CA GLY E 108 -23.48 -49.18 1.73
C GLY E 108 -23.91 -47.76 1.42
N ILE E 109 -24.12 -47.45 0.14
CA ILE E 109 -24.41 -46.07 -0.25
C ILE E 109 -25.91 -45.97 -0.57
N PHE E 110 -26.45 -44.77 -0.37
CA PHE E 110 -27.89 -44.53 -0.44
C PHE E 110 -28.15 -43.42 -1.45
N VAL E 111 -28.84 -43.76 -2.53
CA VAL E 111 -29.16 -42.80 -3.59
C VAL E 111 -30.48 -42.12 -3.25
N TYR E 112 -30.47 -40.80 -3.19
CA TYR E 112 -31.58 -39.98 -2.72
C TYR E 112 -32.30 -39.35 -3.93
N GLN E 113 -33.46 -38.73 -3.69
CA GLN E 113 -34.35 -38.35 -4.78
C GLN E 113 -34.43 -36.84 -5.03
N ASN E 114 -34.92 -36.04 -4.08
CA ASN E 114 -35.14 -34.63 -4.40
C ASN E 114 -34.43 -33.61 -3.51
N ASN E 115 -34.68 -33.68 -2.20
CA ASN E 115 -34.30 -32.58 -1.32
C ASN E 115 -34.25 -33.10 0.11
N ILE E 116 -33.14 -32.86 0.78
CA ILE E 116 -32.82 -33.53 2.05
C ILE E 116 -33.51 -32.80 3.20
N THR E 117 -34.29 -33.55 3.98
CA THR E 117 -34.90 -33.03 5.19
C THR E 117 -33.88 -33.03 6.33
N PRO E 118 -34.02 -32.11 7.30
CA PRO E 118 -33.11 -32.13 8.46
C PRO E 118 -33.33 -33.30 9.42
N SER E 119 -34.41 -34.05 9.26
CA SER E 119 -34.70 -35.19 10.13
C SER E 119 -34.05 -36.48 9.65
N ALA E 120 -33.04 -36.40 8.79
CA ALA E 120 -32.39 -37.58 8.24
C ALA E 120 -30.89 -37.62 8.46
N MET E 121 -30.22 -36.47 8.50
CA MET E 121 -28.76 -36.45 8.51
C MET E 121 -28.16 -36.64 9.90
N LYS E 122 -28.97 -36.86 10.92
CA LYS E 122 -28.45 -37.12 12.25
C LYS E 122 -28.25 -38.61 12.53
N LEU E 123 -28.68 -39.47 11.59
CA LEU E 123 -28.63 -40.91 11.80
C LEU E 123 -27.45 -41.57 11.10
N VAL E 124 -26.75 -40.86 10.21
CA VAL E 124 -25.65 -41.43 9.44
C VAL E 124 -24.42 -41.85 10.28
N PRO E 125 -23.93 -41.13 11.39
CA PRO E 125 -22.80 -41.67 12.15
C PRO E 125 -23.24 -42.60 13.28
N SER E 126 -24.10 -43.57 12.97
CA SER E 126 -24.67 -44.42 14.01
C SER E 126 -23.78 -45.62 14.29
N ILE E 127 -23.50 -46.43 13.27
CA ILE E 127 -22.77 -47.68 13.45
C ILE E 127 -21.29 -47.35 13.60
N PRO E 128 -20.62 -47.84 14.63
CA PRO E 128 -19.19 -47.50 14.81
C PRO E 128 -18.27 -48.20 13.81
N PRO E 129 -18.43 -49.53 13.47
CA PRO E 129 -17.63 -50.03 12.35
C PRO E 129 -18.05 -49.51 10.99
N ALA E 130 -19.34 -49.63 10.67
CA ALA E 130 -19.83 -49.41 9.33
C ALA E 130 -20.30 -47.97 9.13
N THR E 131 -19.97 -47.39 7.98
CA THR E 131 -20.42 -46.06 7.60
C THR E 131 -21.19 -46.13 6.29
N ILE E 132 -22.10 -45.17 6.11
CA ILE E 132 -22.93 -45.10 4.92
C ILE E 132 -22.78 -43.73 4.27
N GLU E 133 -23.00 -43.69 2.96
CA GLU E 133 -22.84 -42.47 2.18
C GLU E 133 -24.18 -42.07 1.59
N THR E 134 -24.47 -40.77 1.62
CA THR E 134 -25.74 -40.22 1.17
C THR E 134 -25.49 -39.42 -0.11
N PHE E 135 -25.80 -40.04 -1.26
CA PHE E 135 -25.62 -39.39 -2.55
C PHE E 135 -26.91 -38.70 -2.96
N ASN E 136 -26.98 -38.28 -4.23
CA ASN E 136 -28.14 -37.59 -4.78
C ASN E 136 -28.25 -38.00 -6.24
N GLU E 137 -29.48 -38.21 -6.72
CA GLU E 137 -29.67 -38.61 -8.11
C GLU E 137 -29.43 -37.46 -9.09
N ALA E 138 -29.44 -36.21 -8.61
CA ALA E 138 -29.14 -35.07 -9.45
C ALA E 138 -27.64 -34.78 -9.52
N ALA E 139 -26.85 -35.35 -8.62
CA ALA E 139 -25.40 -35.21 -8.63
C ALA E 139 -24.70 -36.44 -9.18
N LEU E 140 -25.44 -37.50 -9.51
CA LEU E 140 -24.86 -38.71 -10.09
C LEU E 140 -25.26 -38.90 -11.54
N VAL E 141 -25.75 -37.85 -12.21
CA VAL E 141 -26.03 -37.96 -13.63
C VAL E 141 -24.73 -38.03 -14.42
N VAL E 142 -23.89 -37.02 -14.29
CA VAL E 142 -22.60 -36.98 -14.95
C VAL E 142 -21.55 -37.61 -14.04
N ASN E 143 -20.55 -38.22 -14.64
CA ASN E 143 -19.44 -38.78 -13.89
C ASN E 143 -18.33 -37.76 -13.80
N ILE E 144 -17.65 -37.74 -12.66
CA ILE E 144 -16.74 -36.65 -12.33
C ILE E 144 -15.31 -36.96 -12.78
N THR E 145 -14.89 -38.23 -12.70
CA THR E 145 -13.48 -38.56 -12.80
C THR E 145 -12.94 -38.40 -14.22
N HIS E 146 -13.66 -38.90 -15.22
CA HIS E 146 -13.20 -38.75 -16.60
C HIS E 146 -13.81 -37.52 -17.27
N HIS E 147 -13.73 -36.36 -16.64
CA HIS E 147 -14.40 -35.21 -17.23
C HIS E 147 -13.54 -34.53 -18.29
N GLU E 148 -12.63 -33.64 -17.87
CA GLU E 148 -11.54 -33.17 -18.71
C GLU E 148 -10.39 -32.81 -17.78
N LEU E 149 -10.77 -32.45 -16.55
CA LEU E 149 -9.92 -31.72 -15.64
C LEU E 149 -9.56 -32.52 -14.40
N VAL E 150 -10.18 -33.69 -14.21
CA VAL E 150 -9.96 -34.52 -13.04
C VAL E 150 -8.98 -35.62 -13.42
N PRO E 151 -7.77 -35.66 -12.84
CA PRO E 151 -6.81 -36.71 -13.17
C PRO E 151 -7.15 -38.05 -12.55
N LYS E 152 -6.27 -39.03 -12.71
CA LYS E 152 -6.53 -40.38 -12.22
C LYS E 152 -6.17 -40.43 -10.74
N HIS E 153 -7.16 -40.12 -9.90
CA HIS E 153 -7.00 -40.26 -8.45
C HIS E 153 -6.95 -41.74 -8.08
N ILE E 154 -5.91 -42.14 -7.36
CA ILE E 154 -5.69 -43.54 -7.00
C ILE E 154 -5.44 -43.63 -5.51
N ARG E 155 -6.31 -44.37 -4.82
CA ARG E 155 -6.21 -44.56 -3.38
C ARG E 155 -5.11 -45.58 -3.08
N LEU E 156 -4.09 -45.16 -2.34
CA LEU E 156 -3.01 -46.06 -1.95
C LEU E 156 -3.42 -46.90 -0.76
N SER E 157 -2.57 -47.85 -0.40
CA SER E 157 -2.78 -48.66 0.78
C SER E 157 -2.05 -48.04 1.97
N SER E 158 -2.14 -48.69 3.13
CA SER E 158 -1.44 -48.23 4.31
C SER E 158 0.00 -48.73 4.37
N ASP E 159 0.34 -49.74 3.57
CA ASP E 159 1.73 -50.17 3.46
C ASP E 159 2.49 -49.33 2.44
N GLU E 160 1.82 -48.88 1.38
CA GLU E 160 2.44 -47.98 0.42
C GLU E 160 2.58 -46.58 0.97
N LYS E 161 1.78 -46.22 1.98
CA LYS E 161 1.97 -44.94 2.66
C LYS E 161 3.23 -44.95 3.52
N ARG E 162 3.59 -46.11 4.07
CA ARG E 162 4.80 -46.22 4.88
C ARG E 162 6.06 -46.04 4.06
N GLU E 163 6.05 -46.49 2.80
CA GLU E 163 7.19 -46.27 1.93
C GLU E 163 7.27 -44.83 1.45
N LEU E 164 6.12 -44.17 1.28
CA LEU E 164 6.11 -42.77 0.86
C LEU E 164 6.67 -41.86 1.95
N LEU E 165 6.35 -42.15 3.21
CA LEU E 165 6.88 -41.36 4.32
C LEU E 165 8.35 -41.67 4.59
N LYS E 166 8.86 -42.78 4.05
CA LYS E 166 10.27 -43.14 4.18
C LYS E 166 11.10 -42.61 3.02
N ARG E 167 10.52 -42.57 1.82
CA ARG E 167 11.24 -42.09 0.65
C ARG E 167 11.43 -40.57 0.68
N TYR E 168 10.56 -39.86 1.39
CA TYR E 168 10.66 -38.41 1.52
C TYR E 168 11.04 -37.93 2.92
N ARG E 169 11.11 -38.84 3.90
CA ARG E 169 11.40 -38.55 5.31
C ARG E 169 10.44 -37.51 5.87
N LEU E 170 9.16 -37.87 5.89
CA LEU E 170 8.09 -36.95 6.28
C LEU E 170 7.21 -37.62 7.33
N LYS E 171 6.20 -36.87 7.77
CA LYS E 171 5.11 -37.36 8.59
C LYS E 171 3.81 -37.14 7.83
N GLU E 172 2.68 -37.38 8.52
CA GLU E 172 1.38 -37.19 7.87
C GLU E 172 1.06 -35.72 7.68
N SER E 173 1.60 -34.84 8.52
CA SER E 173 1.21 -33.43 8.48
C SER E 173 1.92 -32.63 7.40
N GLN E 174 3.06 -33.12 6.88
CA GLN E 174 3.78 -32.37 5.86
C GLN E 174 3.08 -32.42 4.51
N LEU E 175 2.43 -33.53 4.18
CA LEU E 175 1.85 -33.73 2.85
C LEU E 175 0.66 -32.78 2.63
N PRO E 176 0.41 -32.40 1.37
CA PRO E 176 -0.77 -31.57 1.09
C PRO E 176 -2.06 -32.33 1.35
N ARG E 177 -3.10 -31.58 1.72
CA ARG E 177 -4.33 -32.17 2.22
C ARG E 177 -5.45 -32.07 1.19
N ILE E 178 -6.34 -33.06 1.21
CA ILE E 178 -7.60 -33.04 0.47
C ILE E 178 -8.72 -33.24 1.48
N GLN E 179 -9.82 -32.52 1.30
CA GLN E 179 -10.85 -32.44 2.33
C GLN E 179 -11.90 -33.55 2.16
N ARG E 180 -12.60 -33.81 3.26
CA ARG E 180 -13.83 -34.57 3.22
C ARG E 180 -14.94 -33.68 2.64
N ALA E 181 -16.01 -34.33 2.17
CA ALA E 181 -17.12 -33.70 1.43
C ALA E 181 -16.61 -32.97 0.19
N ASP E 182 -15.70 -33.63 -0.51
CA ASP E 182 -15.15 -33.24 -1.80
C ASP E 182 -15.60 -34.26 -2.84
N PRO E 183 -16.02 -33.82 -4.04
CA PRO E 183 -16.68 -34.74 -4.98
C PRO E 183 -15.81 -35.89 -5.51
N VAL E 184 -14.51 -35.88 -5.28
CA VAL E 184 -13.66 -37.02 -5.53
C VAL E 184 -13.43 -37.83 -4.26
N ALA E 185 -13.30 -37.16 -3.12
CA ALA E 185 -13.05 -37.84 -1.86
C ALA E 185 -14.27 -38.61 -1.38
N LEU E 186 -15.48 -38.13 -1.67
CA LEU E 186 -16.69 -38.90 -1.39
C LEU E 186 -17.05 -39.84 -2.52
N TYR E 187 -16.39 -39.71 -3.68
CA TYR E 187 -16.57 -40.68 -4.76
C TYR E 187 -15.92 -42.01 -4.41
N LEU E 188 -14.60 -42.00 -4.14
CA LEU E 188 -13.90 -43.20 -3.74
C LEU E 188 -14.09 -43.52 -2.26
N GLY E 189 -14.67 -42.61 -1.48
CA GLY E 189 -14.89 -42.85 -0.07
C GLY E 189 -13.62 -42.87 0.73
N LEU E 190 -12.83 -41.80 0.66
CA LEU E 190 -11.56 -41.73 1.35
C LEU E 190 -11.79 -41.51 2.84
N LYS E 191 -11.28 -42.42 3.66
CA LYS E 191 -11.28 -42.21 5.09
C LYS E 191 -10.17 -41.24 5.47
N ARG E 192 -10.21 -40.76 6.71
CA ARG E 192 -9.23 -39.79 7.17
C ARG E 192 -7.88 -40.47 7.38
N GLY E 193 -6.83 -39.89 6.80
CA GLY E 193 -5.51 -40.45 6.89
C GLY E 193 -5.15 -41.40 5.77
N GLU E 194 -5.72 -41.21 4.59
CA GLU E 194 -5.44 -42.04 3.42
C GLU E 194 -4.81 -41.19 2.33
N VAL E 195 -3.70 -41.65 1.78
CA VAL E 195 -2.97 -40.93 0.75
C VAL E 195 -3.50 -41.35 -0.61
N VAL E 196 -3.91 -40.35 -1.40
CA VAL E 196 -4.35 -40.56 -2.78
C VAL E 196 -3.26 -40.05 -3.71
N LYS E 197 -3.06 -40.75 -4.83
CA LYS E 197 -2.04 -40.42 -5.80
C LYS E 197 -2.67 -39.83 -7.05
N ILE E 198 -2.13 -38.72 -7.52
CA ILE E 198 -2.66 -37.99 -8.66
C ILE E 198 -1.63 -37.99 -9.78
N ILE E 199 -2.04 -38.45 -10.95
CA ILE E 199 -1.19 -38.46 -12.13
C ILE E 199 -1.59 -37.26 -12.98
N ARG E 200 -0.79 -36.20 -12.91
CA ARG E 200 -1.06 -34.96 -13.62
C ARG E 200 -0.43 -35.00 -15.00
N LYS E 201 -1.07 -34.31 -15.93
CA LYS E 201 -0.61 -34.21 -17.32
C LYS E 201 -0.43 -32.73 -17.66
N SER E 202 0.81 -32.27 -17.68
CA SER E 202 1.13 -30.89 -17.97
C SER E 202 1.50 -30.74 -19.45
N GLU E 203 2.00 -29.56 -19.81
CA GLU E 203 2.43 -29.27 -21.17
C GLU E 203 3.93 -29.10 -21.31
N THR E 204 4.57 -28.41 -20.35
CA THR E 204 6.02 -28.20 -20.41
C THR E 204 6.77 -29.50 -20.14
N SER E 205 6.28 -30.31 -19.21
CA SER E 205 6.88 -31.60 -18.89
C SER E 205 6.03 -32.77 -19.36
N GLY E 206 4.76 -32.80 -18.97
CA GLY E 206 3.89 -33.89 -19.37
C GLY E 206 3.33 -34.65 -18.18
N ARG E 207 3.56 -35.97 -18.16
CA ARG E 207 2.96 -36.85 -17.18
C ARG E 207 3.86 -36.96 -15.96
N TYR E 208 3.36 -36.53 -14.80
CA TYR E 208 4.09 -36.67 -13.53
C TYR E 208 3.06 -36.99 -12.45
N ALA E 209 3.50 -37.01 -11.19
CA ALA E 209 2.63 -37.44 -10.11
C ALA E 209 2.81 -36.57 -8.87
N SER E 210 1.78 -36.56 -8.05
CA SER E 210 1.79 -35.92 -6.75
C SER E 210 0.93 -36.72 -5.80
N TYR E 211 0.99 -36.38 -4.51
CA TYR E 211 0.30 -37.12 -3.47
C TYR E 211 -0.46 -36.16 -2.56
N ARG E 212 -1.68 -36.55 -2.18
CA ARG E 212 -2.50 -35.81 -1.24
C ARG E 212 -2.91 -36.72 -0.11
N ILE E 213 -3.32 -36.15 1.02
CA ILE E 213 -3.78 -36.92 2.16
C ILE E 213 -5.16 -36.43 2.57
N CYS E 214 -6.02 -37.35 2.98
CA CYS E 214 -7.41 -37.03 3.28
C CYS E 214 -7.58 -36.65 4.75
N MET E 215 -8.39 -35.63 4.98
CA MET E 215 -8.73 -35.21 6.33
C MET E 215 -10.15 -35.65 6.70
N GLU F 71 20.22 -34.13 13.41
CA GLU F 71 21.36 -34.20 14.32
C GLU F 71 22.31 -35.29 13.84
N LYS F 72 21.75 -36.26 13.12
CA LYS F 72 22.56 -37.33 12.55
C LYS F 72 23.38 -36.82 11.38
N ALA F 73 24.61 -37.32 11.27
CA ALA F 73 25.54 -36.92 10.23
C ALA F 73 25.64 -38.03 9.19
N ILE F 74 25.32 -37.69 7.94
CA ILE F 74 25.45 -38.65 6.85
C ILE F 74 26.93 -38.84 6.51
N PRO F 75 27.42 -40.08 6.41
CA PRO F 75 28.83 -40.28 6.04
C PRO F 75 29.15 -39.94 4.60
N LYS F 76 30.41 -40.12 4.21
CA LYS F 76 30.87 -39.67 2.90
C LYS F 76 30.30 -40.51 1.76
N ASP F 77 30.14 -41.81 1.97
CA ASP F 77 29.68 -42.71 0.91
C ASP F 77 28.17 -42.80 0.82
N GLN F 78 27.44 -42.16 1.74
CA GLN F 78 25.98 -42.18 1.72
C GLN F 78 25.39 -40.84 1.30
N ARG F 79 26.20 -39.97 0.69
CA ARG F 79 25.72 -38.65 0.30
C ARG F 79 24.87 -38.75 -0.96
N ALA F 80 23.70 -38.12 -0.94
CA ALA F 80 22.73 -38.23 -2.02
C ALA F 80 22.44 -36.92 -2.73
N THR F 81 23.01 -35.81 -2.28
CA THR F 81 22.76 -34.52 -2.92
C THR F 81 23.63 -34.38 -4.17
N THR F 82 23.57 -33.20 -4.78
CA THR F 82 24.30 -32.94 -6.00
C THR F 82 25.79 -32.74 -5.73
N PRO F 83 26.66 -33.19 -6.62
CA PRO F 83 28.10 -32.99 -6.44
C PRO F 83 28.63 -31.68 -7.00
N TYR F 84 27.78 -30.77 -7.43
CA TYR F 84 28.20 -29.52 -8.02
C TYR F 84 28.04 -28.37 -7.03
N MET F 85 28.70 -27.27 -7.32
CA MET F 85 28.72 -26.11 -6.43
C MET F 85 27.70 -25.09 -6.92
N THR F 86 26.69 -24.86 -6.08
CA THR F 86 25.60 -23.94 -6.40
C THR F 86 26.13 -22.51 -6.39
N LYS F 87 25.50 -21.63 -7.19
CA LYS F 87 25.86 -20.22 -7.20
C LYS F 87 25.57 -19.54 -5.87
N TYR F 88 24.66 -20.09 -5.06
CA TYR F 88 24.37 -19.54 -3.75
C TYR F 88 25.45 -19.90 -2.74
N GLU F 89 26.13 -21.03 -2.94
CA GLU F 89 27.21 -21.47 -2.06
C GLU F 89 28.58 -21.19 -2.64
N ARG F 90 28.65 -20.52 -3.78
CA ARG F 90 29.90 -19.99 -4.29
C ARG F 90 30.17 -18.58 -3.77
N ALA F 91 29.12 -17.80 -3.55
CA ALA F 91 29.27 -16.43 -3.06
C ALA F 91 29.42 -16.35 -1.55
N ARG F 92 28.93 -17.34 -0.81
CA ARG F 92 29.09 -17.30 0.64
C ARG F 92 30.44 -17.85 1.09
N ILE F 93 30.98 -18.83 0.37
CA ILE F 93 32.32 -19.31 0.69
C ILE F 93 33.37 -18.25 0.32
N LEU F 94 33.08 -17.47 -0.72
CA LEU F 94 34.02 -16.45 -1.18
C LEU F 94 33.99 -15.24 -0.26
N GLY F 95 32.80 -14.86 0.22
CA GLY F 95 32.70 -13.78 1.18
C GLY F 95 33.25 -14.14 2.54
N THR F 96 33.10 -15.41 2.95
CA THR F 96 33.70 -15.87 4.20
C THR F 96 35.22 -15.87 4.12
N ARG F 97 35.78 -16.34 2.99
CA ARG F 97 37.22 -16.30 2.83
C ARG F 97 37.74 -14.87 2.73
N ALA F 98 37.01 -13.98 2.04
CA ALA F 98 37.41 -12.58 1.95
C ALA F 98 37.25 -11.83 3.26
N LEU F 99 36.38 -12.29 4.15
CA LEU F 99 36.29 -11.67 5.47
C LEU F 99 37.36 -12.22 6.41
N GLN F 100 37.78 -13.48 6.19
CA GLN F 100 38.90 -14.00 6.98
C GLN F 100 40.21 -13.36 6.58
N ILE F 101 40.42 -13.10 5.29
CA ILE F 101 41.68 -12.52 4.82
C ILE F 101 41.83 -11.08 5.32
N SER F 102 40.72 -10.34 5.40
CA SER F 102 40.77 -8.98 5.92
C SER F 102 41.07 -8.94 7.41
N MET F 103 40.84 -10.03 8.14
CA MET F 103 41.24 -10.15 9.54
C MET F 103 42.61 -10.79 9.70
N ASN F 104 43.50 -10.59 8.71
CA ASN F 104 44.93 -10.96 8.75
C ASN F 104 45.11 -12.48 8.86
N ALA F 105 44.40 -13.21 8.00
CA ALA F 105 44.65 -14.64 7.94
C ALA F 105 45.72 -14.96 6.90
N PRO F 106 46.51 -16.00 7.09
CA PRO F 106 47.53 -16.35 6.09
C PRO F 106 46.89 -16.97 4.85
N VAL F 107 47.30 -16.48 3.68
CA VAL F 107 46.81 -16.99 2.42
C VAL F 107 47.67 -18.16 1.97
N PHE F 108 47.16 -18.92 1.01
CA PHE F 108 47.86 -20.08 0.47
C PHE F 108 47.88 -20.03 -1.05
N VAL F 109 48.26 -18.86 -1.59
CA VAL F 109 48.32 -18.67 -3.03
C VAL F 109 49.43 -17.67 -3.33
N ASP F 110 50.05 -17.82 -4.49
CA ASP F 110 51.11 -16.91 -4.93
C ASP F 110 50.43 -15.69 -5.54
N LEU F 111 50.31 -14.63 -4.74
CA LEU F 111 49.63 -13.42 -5.17
C LEU F 111 50.62 -12.35 -5.60
N GLU F 112 50.26 -11.61 -6.64
CA GLU F 112 50.96 -10.39 -6.96
C GLU F 112 50.48 -9.29 -6.03
N GLY F 113 51.27 -8.21 -5.95
CA GLY F 113 51.01 -7.15 -4.99
C GLY F 113 49.75 -6.36 -5.28
N GLU F 114 48.71 -6.59 -4.47
CA GLU F 114 47.43 -5.94 -4.67
C GLU F 114 46.68 -5.92 -3.34
N THR F 115 45.39 -5.60 -3.40
CA THR F 115 44.57 -5.31 -2.23
C THR F 115 43.23 -6.00 -2.49
N ASP F 116 42.18 -5.63 -1.74
CA ASP F 116 40.79 -6.04 -1.92
C ASP F 116 40.66 -7.55 -1.76
N PRO F 117 40.61 -8.07 -0.51
CA PRO F 117 40.56 -9.53 -0.26
C PRO F 117 39.53 -10.35 -1.02
N LEU F 118 38.47 -9.70 -1.52
CA LEU F 118 37.56 -10.36 -2.45
C LEU F 118 38.24 -10.68 -3.78
N ARG F 119 39.24 -9.88 -4.18
CA ARG F 119 39.92 -10.16 -5.43
C ARG F 119 40.96 -11.26 -5.27
N ILE F 120 41.62 -11.35 -4.10
CA ILE F 120 42.60 -12.41 -3.87
C ILE F 120 41.97 -13.65 -3.26
N ALA F 121 40.66 -13.64 -2.97
CA ALA F 121 39.95 -14.86 -2.65
C ALA F 121 39.47 -15.58 -3.90
N MET F 122 39.23 -14.84 -4.99
CA MET F 122 38.93 -15.45 -6.27
C MET F 122 40.10 -16.25 -6.81
N LYS F 123 41.33 -15.82 -6.53
CA LYS F 123 42.50 -16.57 -6.96
C LYS F 123 42.65 -17.87 -6.17
N GLU F 124 42.21 -17.87 -4.91
CA GLU F 124 42.21 -19.12 -4.15
C GLU F 124 41.10 -20.05 -4.60
N LEU F 125 39.94 -19.49 -4.95
CA LEU F 125 38.83 -20.33 -5.42
C LEU F 125 39.12 -20.90 -6.81
N ALA F 126 39.89 -20.17 -7.63
CA ALA F 126 40.30 -20.72 -8.92
C ALA F 126 41.36 -21.80 -8.76
N GLU F 127 42.15 -21.72 -7.69
CA GLU F 127 43.19 -22.70 -7.40
C GLU F 127 42.67 -23.84 -6.53
N LYS F 128 41.50 -23.65 -5.89
CA LYS F 128 40.88 -24.59 -4.96
C LYS F 128 41.82 -24.90 -3.79
N LYS F 129 42.13 -23.86 -3.02
CA LYS F 129 42.94 -23.95 -1.81
C LYS F 129 42.28 -23.18 -0.67
N ILE F 130 40.98 -23.39 -0.50
CA ILE F 130 40.21 -22.78 0.58
C ILE F 130 39.96 -23.85 1.64
N PRO F 131 40.41 -23.66 2.88
CA PRO F 131 40.34 -24.73 3.90
C PRO F 131 39.01 -24.75 4.65
N LEU F 132 37.91 -24.94 3.92
CA LEU F 132 36.58 -24.96 4.50
C LEU F 132 35.82 -26.18 3.97
N VAL F 133 34.65 -26.43 4.56
CA VAL F 133 33.67 -27.37 4.03
C VAL F 133 32.30 -26.67 4.05
N ILE F 134 31.33 -27.27 3.37
CA ILE F 134 30.02 -26.66 3.17
C ILE F 134 28.96 -27.61 3.74
N ARG F 135 28.48 -27.31 4.94
CA ARG F 135 27.51 -28.14 5.64
C ARG F 135 26.12 -27.91 5.05
N ARG F 136 25.58 -28.93 4.35
CA ARG F 136 24.29 -28.82 3.67
C ARG F 136 23.21 -29.47 4.53
N TYR F 137 22.28 -28.67 5.04
CA TYR F 137 21.22 -29.15 5.90
C TYR F 137 19.98 -29.55 5.11
N LEU F 138 19.47 -30.75 5.38
CA LEU F 138 18.17 -31.24 4.94
C LEU F 138 17.14 -31.05 6.04
N PRO F 139 15.83 -30.98 5.74
CA PRO F 139 14.87 -30.57 6.78
C PRO F 139 14.50 -31.64 7.82
N ASP F 140 15.48 -32.42 8.29
CA ASP F 140 15.36 -33.11 9.57
C ASP F 140 16.68 -33.20 10.32
N GLY F 141 17.76 -32.68 9.75
CA GLY F 141 19.10 -32.79 10.31
C GLY F 141 19.84 -33.92 9.63
N SER F 142 20.57 -33.60 8.58
CA SER F 142 21.20 -34.61 7.73
C SER F 142 22.54 -34.09 7.20
N PHE F 143 23.43 -33.70 8.14
CA PHE F 143 24.60 -32.82 7.99
C PHE F 143 25.36 -32.84 6.67
N GLU F 144 25.84 -34.03 6.26
CA GLU F 144 26.33 -34.31 4.90
C GLU F 144 27.48 -33.39 4.46
N ASP F 145 28.69 -33.66 5.00
CA ASP F 145 29.86 -32.78 5.05
C ASP F 145 30.16 -31.93 3.82
N TRP F 146 30.40 -32.55 2.66
CA TRP F 146 30.61 -31.90 1.36
C TRP F 146 31.74 -30.86 1.40
N SER F 147 32.97 -31.38 1.48
CA SER F 147 34.17 -30.54 1.42
C SER F 147 34.23 -29.74 0.12
N VAL F 148 34.95 -28.61 0.18
CA VAL F 148 34.93 -27.64 -0.91
C VAL F 148 35.72 -28.15 -2.11
N GLU F 149 36.86 -28.82 -1.87
CA GLU F 149 37.67 -29.33 -2.96
C GLU F 149 37.00 -30.47 -3.73
N GLU F 150 36.00 -31.12 -3.13
CA GLU F 150 35.22 -32.12 -3.86
C GLU F 150 34.27 -31.48 -4.85
N LEU F 151 33.77 -30.29 -4.55
CA LEU F 151 32.80 -29.62 -5.40
C LEU F 151 33.49 -29.00 -6.61
N ILE F 152 32.88 -29.14 -7.78
CA ILE F 152 33.42 -28.63 -9.03
C ILE F 152 32.43 -27.66 -9.65
N VAL F 153 32.95 -26.79 -10.50
CA VAL F 153 32.14 -25.78 -11.17
C VAL F 153 31.49 -26.34 -12.42
N PHE G 2 44.60 -30.08 44.71
CA PHE G 2 44.98 -30.54 43.38
C PHE G 2 44.12 -31.69 42.90
N ILE G 3 43.07 -31.37 42.15
CA ILE G 3 42.22 -32.35 41.49
C ILE G 3 42.26 -32.06 40.00
N LEU G 4 41.80 -33.03 39.21
CA LEU G 4 41.84 -32.92 37.75
C LEU G 4 40.40 -32.99 37.23
N SER G 5 39.73 -31.85 37.21
CA SER G 5 38.34 -31.79 36.76
C SER G 5 38.29 -31.64 35.25
N LYS G 6 37.31 -32.30 34.63
CA LYS G 6 37.14 -32.31 33.18
C LYS G 6 35.83 -31.60 32.84
N ILE G 7 35.94 -30.38 32.30
CA ILE G 7 34.77 -29.59 31.94
C ILE G 7 34.78 -29.34 30.44
N ALA G 8 33.74 -28.69 29.91
CA ALA G 8 33.63 -28.46 28.48
C ALA G 8 32.96 -27.13 28.23
N ASP G 9 33.48 -26.40 27.24
CA ASP G 9 32.91 -25.14 26.79
C ASP G 9 33.32 -24.90 25.35
N LEU G 10 32.77 -23.84 24.74
CA LEU G 10 33.16 -23.42 23.41
C LEU G 10 34.03 -22.18 23.50
N VAL G 11 35.09 -22.16 22.70
CA VAL G 11 36.02 -21.05 22.66
C VAL G 11 36.12 -20.55 21.23
N ARG G 12 36.73 -19.38 21.07
CA ARG G 12 36.93 -18.77 19.77
C ARG G 12 38.41 -18.68 19.44
N ILE G 13 38.73 -18.86 18.16
CA ILE G 13 40.05 -18.54 17.67
C ILE G 13 39.91 -17.52 16.55
N PRO G 14 40.58 -16.38 16.64
CA PRO G 14 40.48 -15.35 15.61
C PRO G 14 41.28 -15.76 14.38
N PRO G 15 40.97 -15.17 13.21
CA PRO G 15 41.65 -15.62 11.97
C PRO G 15 43.12 -15.28 11.89
N ASP G 16 43.65 -14.38 12.72
CA ASP G 16 45.08 -14.09 12.68
C ASP G 16 45.92 -15.15 13.38
N GLN G 17 45.29 -16.12 14.04
CA GLN G 17 46.00 -17.21 14.72
C GLN G 17 45.85 -18.53 13.99
N PHE G 18 45.50 -18.50 12.70
CA PHE G 18 45.38 -19.71 11.90
C PHE G 18 46.72 -20.29 11.47
N HIS G 19 47.81 -19.54 11.62
CA HIS G 19 49.11 -20.05 11.21
C HIS G 19 49.62 -21.13 12.16
N ARG G 20 49.24 -21.07 13.43
CA ARG G 20 49.61 -22.11 14.37
C ARG G 20 48.68 -23.31 14.20
N ASP G 21 49.04 -24.41 14.86
CA ASP G 21 48.21 -25.60 14.84
C ASP G 21 46.99 -25.43 15.74
N THR G 22 46.13 -26.43 15.75
CA THR G 22 44.86 -26.32 16.47
C THR G 22 45.05 -26.49 17.97
N ILE G 23 45.96 -27.38 18.38
CA ILE G 23 46.11 -27.74 19.79
C ILE G 23 46.69 -26.56 20.58
N SER G 24 47.76 -25.95 20.07
CA SER G 24 48.38 -24.83 20.78
C SER G 24 47.49 -23.60 20.76
N ALA G 25 46.68 -23.41 19.71
CA ALA G 25 45.77 -22.27 19.66
C ALA G 25 44.64 -22.44 20.67
N ILE G 26 44.08 -23.64 20.78
CA ILE G 26 43.05 -23.90 21.79
C ILE G 26 43.64 -23.80 23.20
N THR G 27 44.87 -24.28 23.39
CA THR G 27 45.52 -24.20 24.69
C THR G 27 45.82 -22.75 25.08
N HIS G 28 46.15 -21.91 24.10
CA HIS G 28 46.36 -20.50 24.37
C HIS G 28 45.03 -19.78 24.68
N GLN G 29 43.96 -20.14 23.97
CA GLN G 29 42.68 -19.48 24.21
C GLN G 29 42.00 -19.93 25.50
N LEU G 30 42.30 -21.13 25.99
CA LEU G 30 41.75 -21.57 27.27
C LEU G 30 42.43 -20.89 28.45
N ASN G 31 43.69 -20.49 28.30
CA ASN G 31 44.44 -19.94 29.43
C ASN G 31 44.03 -18.50 29.72
N ASN G 32 43.52 -17.76 28.73
CA ASN G 32 43.03 -16.42 28.98
C ASN G 32 41.70 -16.40 29.71
N LYS G 33 40.98 -17.52 29.71
CA LYS G 33 39.72 -17.65 30.43
C LYS G 33 39.88 -18.40 31.74
N PHE G 34 40.82 -19.34 31.81
CA PHE G 34 41.01 -20.20 32.98
C PHE G 34 42.34 -19.95 33.66
N ALA G 35 42.68 -18.67 33.82
CA ALA G 35 43.75 -18.17 34.68
C ALA G 35 43.25 -18.10 36.11
N ASN G 36 43.87 -17.27 36.96
CA ASN G 36 43.40 -17.05 38.33
C ASN G 36 42.06 -16.30 38.27
N LYS G 37 41.02 -17.05 37.95
CA LYS G 37 39.73 -16.52 37.49
C LYS G 37 38.59 -17.28 38.17
N ILE G 38 38.66 -17.41 39.51
CA ILE G 38 38.12 -18.49 40.35
C ILE G 38 36.75 -19.02 39.92
N ILE G 39 36.67 -20.33 39.69
CA ILE G 39 35.46 -20.96 39.13
C ILE G 39 34.37 -20.97 40.19
N PRO G 40 33.10 -20.73 39.84
CA PRO G 40 32.01 -20.94 40.81
C PRO G 40 31.91 -22.39 41.22
N ASN G 41 31.91 -22.61 42.54
CA ASN G 41 31.80 -23.84 43.33
C ASN G 41 32.46 -25.08 42.73
N VAL G 42 33.64 -24.92 42.13
CA VAL G 42 34.47 -26.03 41.67
C VAL G 42 35.85 -25.85 42.30
N GLY G 43 36.22 -24.60 42.55
CA GLY G 43 37.53 -24.27 43.08
C GLY G 43 38.24 -23.24 42.22
N LEU G 44 39.55 -23.36 42.15
CA LEU G 44 40.40 -22.47 41.35
C LEU G 44 41.27 -23.29 40.41
N CYS G 45 41.18 -22.99 39.12
CA CYS G 45 41.99 -23.65 38.11
C CYS G 45 43.36 -22.97 38.00
N ILE G 46 44.35 -23.76 37.58
CA ILE G 46 45.72 -23.28 37.43
C ILE G 46 46.14 -23.30 35.96
N THR G 47 46.19 -24.49 35.35
CA THR G 47 46.58 -24.64 33.95
C THR G 47 45.65 -25.60 33.24
N ILE G 48 46.03 -25.99 32.02
CA ILE G 48 45.27 -26.95 31.23
C ILE G 48 46.15 -28.18 31.03
N TYR G 49 45.64 -29.34 31.41
CA TYR G 49 46.44 -30.56 31.30
C TYR G 49 46.44 -31.11 29.88
N ASP G 50 45.27 -31.47 29.36
CA ASP G 50 45.14 -31.91 27.98
C ASP G 50 43.74 -31.57 27.49
N LEU G 51 43.35 -32.14 26.35
CA LEU G 51 42.04 -31.92 25.78
C LEU G 51 41.64 -33.14 24.96
N LEU G 52 40.34 -33.28 24.74
CA LEU G 52 39.81 -34.49 24.11
C LEU G 52 38.44 -34.18 23.50
N THR G 53 38.06 -35.04 22.54
CA THR G 53 36.87 -34.99 21.67
C THR G 53 36.49 -33.55 21.23
N VAL G 54 37.44 -32.92 20.54
CA VAL G 54 37.13 -31.65 19.87
C VAL G 54 36.25 -31.92 18.65
N GLU G 55 35.56 -30.88 18.21
CA GLU G 55 34.63 -30.97 17.09
C GLU G 55 35.06 -30.05 15.96
N GLU G 56 34.22 -29.99 14.93
CA GLU G 56 34.49 -29.14 13.78
C GLU G 56 34.32 -27.67 14.15
N GLY G 57 35.16 -26.82 13.57
CA GLY G 57 35.09 -25.40 13.87
C GLY G 57 33.97 -24.69 13.16
N GLN G 58 32.91 -24.36 13.88
CA GLN G 58 31.77 -23.67 13.30
C GLN G 58 31.99 -22.17 13.33
N LEU G 59 31.21 -21.44 12.53
CA LEU G 59 31.36 -20.00 12.44
C LEU G 59 30.05 -19.35 12.04
N LYS G 60 29.69 -18.27 12.75
CA LYS G 60 28.58 -17.42 12.38
C LYS G 60 29.05 -16.40 11.34
N PRO G 61 28.14 -15.89 10.50
CA PRO G 61 28.59 -14.97 9.44
C PRO G 61 29.06 -13.61 9.95
N GLY G 62 28.64 -13.19 11.14
CA GLY G 62 29.00 -11.85 11.61
C GLY G 62 30.45 -11.73 12.04
N ASP G 63 31.03 -12.79 12.58
CA ASP G 63 32.36 -12.71 13.18
C ASP G 63 33.46 -13.05 12.17
N GLY G 64 33.40 -14.25 11.59
CA GLY G 64 34.46 -14.72 10.74
C GLY G 64 35.56 -15.46 11.46
N SER G 65 35.48 -15.60 12.78
CA SER G 65 36.42 -16.38 13.56
C SER G 65 36.02 -17.85 13.49
N SER G 66 36.63 -18.69 14.32
CA SER G 66 36.26 -20.11 14.36
C SER G 66 35.92 -20.50 15.78
N TYR G 67 34.71 -21.01 15.99
CA TYR G 67 34.24 -21.35 17.33
C TYR G 67 34.26 -22.87 17.48
N ILE G 68 35.04 -23.35 18.44
CA ILE G 68 35.26 -24.79 18.63
C ILE G 68 34.84 -25.13 20.07
N ASN G 69 34.01 -26.15 20.22
CA ASN G 69 33.62 -26.64 21.54
C ASN G 69 34.51 -27.82 21.94
N VAL G 70 35.32 -27.61 22.99
CA VAL G 70 36.33 -28.57 23.39
C VAL G 70 35.93 -29.19 24.73
N THR G 71 36.71 -30.19 25.15
CA THR G 71 36.52 -30.84 26.45
C THR G 71 37.92 -31.12 27.01
N PHE G 72 38.26 -30.45 28.10
CA PHE G 72 39.62 -30.41 28.60
C PHE G 72 39.65 -30.73 30.09
N ARG G 73 40.82 -31.21 30.55
CA ARG G 73 41.03 -31.54 31.96
C ARG G 73 41.79 -30.40 32.62
N ALA G 74 41.16 -29.78 33.62
CA ALA G 74 41.73 -28.63 34.29
C ALA G 74 42.30 -29.04 35.64
N VAL G 75 43.46 -28.47 35.98
CA VAL G 75 44.12 -28.72 37.26
C VAL G 75 43.52 -27.72 38.25
N VAL G 76 42.63 -28.20 39.10
CA VAL G 76 41.87 -27.35 40.02
C VAL G 76 42.42 -27.54 41.43
N PHE G 77 42.72 -26.43 42.09
CA PHE G 77 43.24 -26.44 43.46
C PHE G 77 42.05 -26.45 44.41
N LYS G 78 41.69 -27.63 44.91
CA LYS G 78 40.64 -27.78 45.92
C LYS G 78 40.87 -29.04 46.72
N PRO G 79 41.48 -28.95 47.90
CA PRO G 79 41.47 -30.08 48.82
C PRO G 79 40.12 -30.22 49.50
N PHE G 80 39.65 -31.46 49.62
CA PHE G 80 38.33 -31.69 50.20
C PHE G 80 38.37 -31.69 51.72
N LEU G 81 39.40 -32.31 52.31
CA LEU G 81 39.65 -32.26 53.75
C LEU G 81 41.17 -32.18 53.90
N GLY G 82 41.69 -30.95 53.97
CA GLY G 82 43.11 -30.73 54.01
C GLY G 82 43.74 -31.14 55.32
N GLU G 83 44.50 -32.23 55.30
CA GLU G 83 45.10 -32.75 56.53
C GLU G 83 46.25 -31.88 57.02
N ILE G 84 46.97 -31.23 56.11
CA ILE G 84 48.06 -30.35 56.51
C ILE G 84 48.21 -29.25 55.46
N VAL G 85 48.65 -28.09 55.91
CA VAL G 85 48.98 -26.95 55.04
C VAL G 85 50.30 -26.36 55.53
N THR G 86 51.25 -26.20 54.61
CA THR G 86 52.59 -25.73 54.95
C THR G 86 52.76 -24.22 54.65
N GLY G 87 51.70 -23.44 54.90
CA GLY G 87 51.78 -22.01 54.67
C GLY G 87 51.94 -21.21 55.95
N TRP G 88 52.23 -19.92 55.78
CA TRP G 88 52.44 -19.02 56.90
C TRP G 88 51.41 -17.89 56.90
N ILE G 89 51.62 -16.91 57.77
CA ILE G 89 50.60 -15.96 58.22
C ILE G 89 50.13 -15.02 57.12
N SER G 90 49.03 -14.32 57.38
CA SER G 90 48.63 -13.12 56.64
C SER G 90 48.56 -11.90 57.53
N LYS G 91 47.80 -11.97 58.62
CA LYS G 91 47.44 -10.82 59.45
C LYS G 91 46.84 -11.34 60.74
N CYS G 92 47.11 -10.63 61.85
CA CYS G 92 46.50 -10.92 63.15
C CYS G 92 45.72 -9.70 63.61
N THR G 93 44.51 -9.92 64.12
CA THR G 93 43.60 -8.86 64.55
C THR G 93 42.96 -9.36 65.86
N ALA G 94 41.89 -8.70 66.31
CA ALA G 94 41.17 -9.15 67.51
C ALA G 94 40.12 -10.21 67.15
N GLU G 95 40.55 -11.22 66.42
CA GLU G 95 39.75 -12.36 65.95
C GLU G 95 40.68 -13.56 65.91
N GLY G 96 40.30 -14.57 65.14
CA GLY G 96 41.22 -15.65 64.84
C GLY G 96 42.36 -15.21 63.93
N ILE G 97 43.30 -16.12 63.73
CA ILE G 97 44.45 -15.85 62.87
C ILE G 97 44.10 -16.30 61.46
N LYS G 98 44.60 -15.57 60.47
CA LYS G 98 44.48 -15.94 59.07
C LYS G 98 45.87 -16.18 58.49
N VAL G 99 45.96 -17.15 57.58
CA VAL G 99 47.24 -17.57 57.02
C VAL G 99 47.18 -17.44 55.51
N SER G 100 48.35 -17.56 54.87
CA SER G 100 48.49 -17.42 53.43
C SER G 100 49.23 -18.62 52.88
N LEU G 101 48.53 -19.47 52.15
CA LEU G 101 49.20 -20.46 51.30
C LEU G 101 49.80 -19.67 50.14
N LEU G 102 51.06 -19.28 50.28
CA LEU G 102 51.62 -18.20 49.49
C LEU G 102 51.88 -18.64 48.06
N GLY G 103 51.73 -17.69 47.13
CA GLY G 103 51.96 -17.90 45.73
C GLY G 103 50.69 -17.88 44.90
N ILE G 104 49.57 -18.30 45.48
CA ILE G 104 48.31 -18.41 44.76
C ILE G 104 47.28 -17.41 45.29
N PHE G 105 46.91 -17.54 46.57
CA PHE G 105 45.94 -16.64 47.17
C PHE G 105 46.20 -16.55 48.67
N ASP G 106 45.38 -15.75 49.35
CA ASP G 106 45.41 -15.62 50.82
C ASP G 106 43.97 -15.42 51.32
N ASP G 107 43.31 -16.52 51.64
CA ASP G 107 41.92 -16.49 52.06
C ASP G 107 41.64 -17.41 53.24
N ILE G 108 42.62 -18.18 53.70
CA ILE G 108 42.39 -19.17 54.74
C ILE G 108 42.33 -18.45 56.09
N PHE G 109 41.22 -18.65 56.82
CA PHE G 109 41.01 -18.07 58.13
C PHE G 109 40.56 -19.15 59.08
N ILE G 110 40.98 -19.06 60.34
CA ILE G 110 40.48 -19.99 61.36
C ILE G 110 39.90 -19.21 62.54
N PRO G 111 38.59 -19.25 62.75
CA PRO G 111 37.99 -18.54 63.88
C PRO G 111 38.21 -19.30 65.18
N GLN G 112 38.60 -18.56 66.23
CA GLN G 112 38.96 -19.17 67.51
C GLN G 112 37.71 -19.54 68.30
N ASN G 113 37.08 -20.65 67.87
CA ASN G 113 35.97 -21.24 68.59
C ASN G 113 36.15 -22.73 68.87
N MET G 114 36.89 -23.46 68.05
CA MET G 114 37.21 -24.86 68.29
C MET G 114 38.71 -25.10 68.41
N LEU G 115 39.49 -24.03 68.61
CA LEU G 115 40.94 -24.13 68.73
C LEU G 115 41.36 -24.46 70.15
N PHE G 116 42.65 -24.26 70.45
CA PHE G 116 43.19 -24.51 71.78
C PHE G 116 42.53 -23.63 72.83
N GLU G 117 41.94 -24.28 73.84
CA GLU G 117 41.18 -23.57 74.87
C GLU G 117 42.09 -22.93 75.92
N GLY G 118 43.38 -23.22 75.91
CA GLY G 118 44.30 -22.59 76.84
C GLY G 118 45.01 -21.39 76.24
N CYS G 119 44.52 -20.94 75.09
CA CYS G 119 45.09 -19.80 74.39
C CYS G 119 44.16 -18.60 74.45
N TYR G 120 44.74 -17.43 74.25
CA TYR G 120 44.02 -16.17 74.37
C TYR G 120 44.75 -15.11 73.57
N TYR G 121 44.02 -14.09 73.15
CA TYR G 121 44.57 -12.97 72.41
C TYR G 121 44.49 -11.70 73.25
N THR G 122 45.58 -10.93 73.24
CA THR G 122 45.64 -9.65 73.93
C THR G 122 45.60 -8.51 72.92
N PRO G 123 44.95 -7.38 73.25
CA PRO G 123 44.86 -6.27 72.28
C PRO G 123 46.15 -5.45 72.14
N GLU G 124 47.24 -5.90 72.74
CA GLU G 124 48.53 -5.25 72.65
C GLU G 124 49.34 -5.71 71.45
N GLU G 125 48.69 -6.33 70.45
CA GLU G 125 49.18 -6.67 69.11
C GLU G 125 50.17 -7.84 69.13
N SER G 126 50.59 -8.29 70.32
CA SER G 126 51.55 -9.37 70.46
C SER G 126 50.87 -10.51 71.22
N ALA G 127 50.64 -11.63 70.52
CA ALA G 127 49.89 -12.75 71.06
C ALA G 127 50.86 -13.82 71.53
N TRP G 128 51.06 -13.90 72.84
CA TRP G 128 51.88 -14.92 73.47
C TRP G 128 50.97 -15.84 74.28
N ILE G 129 51.10 -17.15 74.06
CA ILE G 129 50.22 -18.12 74.69
C ILE G 129 51.06 -19.14 75.47
N TRP G 130 50.46 -19.67 76.54
CA TRP G 130 51.05 -20.73 77.33
C TRP G 130 49.94 -21.69 77.75
N PRO G 131 50.18 -23.01 77.68
CA PRO G 131 49.17 -23.98 78.08
C PRO G 131 48.96 -24.06 79.59
N LYS G 137 55.68 -23.76 77.35
CA LYS G 137 56.65 -23.93 76.27
C LYS G 137 56.67 -22.72 75.34
N LEU G 138 57.21 -22.89 74.13
CA LEU G 138 57.42 -21.79 73.21
C LEU G 138 56.12 -21.46 72.46
N TYR G 139 56.24 -20.64 71.43
CA TYR G 139 55.16 -19.85 70.86
C TYR G 139 54.74 -20.36 69.48
N PHE G 140 53.78 -19.64 68.90
CA PHE G 140 53.57 -19.56 67.46
C PHE G 140 53.22 -18.12 67.14
N ASP G 141 53.93 -17.53 66.18
CA ASP G 141 53.88 -16.09 65.93
C ASP G 141 54.12 -15.84 64.44
N VAL G 142 54.54 -14.62 64.12
CA VAL G 142 54.65 -14.18 62.73
C VAL G 142 55.82 -14.87 62.04
N ASN G 143 55.72 -14.96 60.71
CA ASN G 143 56.78 -15.40 59.79
C ASN G 143 57.25 -16.83 60.07
N GLU G 144 56.30 -17.75 60.22
CA GLU G 144 56.62 -19.16 60.36
C GLU G 144 55.46 -20.00 59.83
N LYS G 145 55.80 -21.15 59.25
CA LYS G 145 54.84 -22.00 58.57
C LYS G 145 53.91 -22.66 59.58
N ILE G 146 52.63 -22.30 59.53
CA ILE G 146 51.64 -22.81 60.47
C ILE G 146 50.94 -24.01 59.85
N ARG G 147 50.95 -25.12 60.57
CA ARG G 147 50.33 -26.36 60.12
C ARG G 147 48.97 -26.54 60.80
N PHE G 148 47.98 -26.94 60.03
CA PHE G 148 46.61 -26.98 60.52
C PHE G 148 45.77 -27.92 59.68
N ARG G 149 44.46 -27.90 59.95
CA ARG G 149 43.48 -28.78 59.35
C ARG G 149 42.43 -27.91 58.65
N ILE G 150 41.76 -28.48 57.63
CA ILE G 150 40.66 -27.82 56.95
C ILE G 150 39.36 -28.44 57.42
N GLU G 151 38.43 -27.61 57.89
CA GLU G 151 37.19 -28.11 58.49
C GLU G 151 35.95 -27.74 57.67
N ARG G 152 35.69 -26.46 57.43
CA ARG G 152 34.47 -26.04 56.76
C ARG G 152 34.81 -25.25 55.50
N GLU G 153 34.12 -25.57 54.41
CA GLU G 153 34.33 -24.91 53.12
C GLU G 153 32.96 -24.64 52.52
N VAL G 154 32.59 -23.37 52.44
CA VAL G 154 31.29 -22.96 51.91
C VAL G 154 31.50 -21.88 50.86
N PHE G 155 30.98 -22.10 49.65
CA PHE G 155 31.10 -21.16 48.55
C PHE G 155 30.06 -20.06 48.69
N VAL G 156 30.46 -18.82 48.45
CA VAL G 156 29.55 -17.70 48.30
C VAL G 156 29.39 -17.42 46.82
N ASP G 157 28.38 -16.62 46.48
CA ASP G 157 28.07 -16.33 45.09
C ASP G 157 28.64 -14.95 44.72
N VAL G 158 28.56 -14.62 43.43
CA VAL G 158 29.05 -13.36 42.89
C VAL G 158 27.89 -12.47 42.52
N LYS G 159 26.80 -12.55 43.32
CA LYS G 159 25.48 -11.93 43.19
C LYS G 159 25.50 -10.49 42.70
N PRO G 160 24.71 -10.17 41.68
CA PRO G 160 24.73 -8.82 41.10
C PRO G 160 24.04 -7.81 42.00
N LYS G 161 24.03 -6.56 41.54
CA LYS G 161 23.57 -5.44 42.33
C LYS G 161 22.85 -4.46 41.40
N SER G 162 21.84 -3.78 41.95
CA SER G 162 20.92 -2.97 41.18
C SER G 162 21.62 -1.77 40.54
N PRO G 163 21.19 -1.35 39.35
CA PRO G 163 21.89 -0.25 38.67
C PRO G 163 21.66 1.10 39.29
N LYS G 164 20.52 1.32 39.96
CA LYS G 164 20.33 2.55 40.72
C LYS G 164 21.04 2.48 42.07
N GLU G 165 21.45 1.29 42.49
CA GLU G 165 22.28 1.13 43.69
C GLU G 165 23.76 1.31 43.38
N ARG G 166 24.13 1.23 42.09
CA ARG G 166 25.53 1.39 41.68
C ARG G 166 26.08 2.79 41.94
N GLU G 167 25.23 3.82 41.83
CA GLU G 167 25.66 5.17 42.11
C GLU G 167 25.78 5.44 43.61
N LEU G 168 25.12 4.65 44.44
CA LEU G 168 25.32 4.74 45.89
C LEU G 168 26.62 4.10 46.32
N GLU G 169 27.22 3.25 45.49
CA GLU G 169 28.48 2.60 45.77
C GLU G 169 29.63 3.19 44.96
N GLU G 170 29.44 4.36 44.34
CA GLU G 170 30.50 5.05 43.63
C GLU G 170 30.73 6.48 44.10
N ARG G 171 29.91 6.98 45.02
CA ARG G 171 30.11 8.32 45.56
C ARG G 171 30.98 8.30 46.82
N ALA G 172 30.71 7.38 47.74
CA ALA G 172 31.47 7.25 48.97
C ALA G 172 32.57 6.19 48.89
N GLN G 173 32.29 5.05 48.29
CA GLN G 173 33.29 4.00 48.15
C GLN G 173 33.15 3.29 46.80
N GLU G 189 35.53 -5.28 51.60
CA GLU G 189 34.57 -5.68 50.58
C GLU G 189 34.04 -7.09 50.84
N LYS G 190 33.85 -7.86 49.76
CA LYS G 190 33.34 -9.21 49.87
C LYS G 190 34.43 -10.21 49.53
N PRO G 191 34.61 -11.26 50.33
CA PRO G 191 35.60 -12.30 50.00
C PRO G 191 35.16 -13.10 48.80
N PRO G 192 36.09 -13.76 48.08
CA PRO G 192 35.71 -14.51 46.88
C PRO G 192 34.97 -15.81 47.19
N ALA G 193 34.67 -16.58 46.14
CA ALA G 193 33.81 -17.75 46.29
C ALA G 193 34.52 -18.86 47.05
N TYR G 194 35.81 -19.08 46.78
CA TYR G 194 36.56 -20.14 47.42
C TYR G 194 36.97 -19.68 48.81
N ALA G 195 36.36 -20.27 49.84
CA ALA G 195 36.57 -19.86 51.23
C ALA G 195 36.85 -21.09 52.08
N LEU G 196 38.06 -21.15 52.65
CA LEU G 196 38.49 -22.26 53.48
C LEU G 196 38.47 -21.86 54.95
N LEU G 197 38.27 -22.86 55.83
CA LEU G 197 38.37 -22.65 57.27
C LEU G 197 39.13 -23.80 57.92
N GLY G 198 39.09 -23.88 59.25
CA GLY G 198 39.67 -25.02 59.92
C GLY G 198 39.71 -24.83 61.42
N SER G 199 40.44 -25.72 62.07
CA SER G 199 40.60 -25.68 63.53
C SER G 199 41.93 -26.34 63.88
N CYS G 200 42.34 -26.17 65.13
CA CYS G 200 43.60 -26.70 65.64
C CYS G 200 43.33 -27.34 67.01
N GLN G 201 43.30 -28.66 67.05
CA GLN G 201 42.97 -29.36 68.29
C GLN G 201 43.99 -30.44 68.62
N THR G 202 44.62 -31.01 67.59
CA THR G 202 45.53 -32.13 67.78
C THR G 202 46.84 -31.65 68.39
N ASP G 203 47.31 -32.41 69.40
CA ASP G 203 48.53 -32.06 70.12
C ASP G 203 49.75 -32.20 69.21
N GLY G 204 50.65 -31.21 69.27
CA GLY G 204 51.82 -31.15 68.43
C GLY G 204 51.60 -30.44 67.11
N MET G 205 50.37 -30.46 66.60
CA MET G 205 50.04 -29.76 65.36
C MET G 205 49.94 -28.26 65.62
N GLY G 206 50.54 -27.47 64.72
CA GLY G 206 50.48 -26.03 64.83
C GLY G 206 51.76 -25.35 64.38
N LEU G 207 52.87 -26.08 64.38
CA LEU G 207 54.16 -25.52 64.01
C LEU G 207 55.08 -26.67 63.62
N VAL G 208 56.02 -26.36 62.72
CA VAL G 208 56.90 -27.40 62.17
C VAL G 208 57.93 -27.83 63.20
N SER G 209 58.65 -26.87 63.77
CA SER G 209 59.74 -27.12 64.71
C SER G 209 59.27 -27.34 66.15
N TRP G 210 57.96 -27.54 66.39
CA TRP G 210 57.54 -28.07 67.68
C TRP G 210 58.03 -29.51 67.86
N TRP G 211 58.07 -30.26 66.78
CA TRP G 211 58.62 -31.61 66.77
C TRP G 211 60.11 -31.53 66.42
N GLU G 212 60.71 -32.68 66.10
CA GLU G 212 62.14 -32.85 65.78
C GLU G 212 63.06 -32.32 66.89
N MET H 1 46.37 -25.36 -63.77
CA MET H 1 45.85 -26.39 -64.66
C MET H 1 44.85 -27.28 -63.93
N SER H 2 45.34 -27.97 -62.90
CA SER H 2 44.51 -28.86 -62.09
C SER H 2 43.85 -28.14 -60.92
N ASN H 3 43.70 -26.82 -60.99
CA ASN H 3 43.14 -26.02 -59.91
C ASN H 3 41.79 -25.44 -60.26
N THR H 4 41.16 -25.90 -61.34
CA THR H 4 39.87 -25.37 -61.78
C THR H 4 38.78 -26.38 -61.43
N LEU H 5 37.80 -25.92 -60.66
CA LEU H 5 36.71 -26.76 -60.17
C LEU H 5 35.51 -26.76 -61.13
N PHE H 6 35.16 -25.60 -61.69
CA PHE H 6 33.99 -25.51 -62.56
C PHE H 6 34.22 -24.39 -63.56
N ASP H 7 33.71 -24.58 -64.78
CA ASP H 7 33.86 -23.60 -65.85
C ASP H 7 32.77 -23.86 -66.88
N ASP H 8 31.89 -22.88 -67.09
CA ASP H 8 30.87 -22.98 -68.13
C ASP H 8 30.44 -21.57 -68.52
N ILE H 9 30.11 -21.39 -69.79
CA ILE H 9 29.68 -20.10 -70.32
C ILE H 9 28.18 -19.97 -70.13
N PHE H 10 27.76 -18.92 -69.42
CA PHE H 10 26.37 -18.69 -69.08
C PHE H 10 25.79 -17.54 -69.90
N GLN H 11 24.50 -17.28 -69.67
CA GLN H 11 23.82 -16.16 -70.33
C GLN H 11 22.77 -15.62 -69.37
N VAL H 12 22.80 -14.30 -69.16
CA VAL H 12 21.96 -13.67 -68.14
C VAL H 12 20.51 -13.63 -68.62
N SER H 13 19.62 -14.21 -67.81
CA SER H 13 18.19 -14.20 -68.11
C SER H 13 17.51 -12.95 -67.58
N GLU H 14 17.75 -12.60 -66.31
CA GLU H 14 17.12 -11.41 -65.74
C GLU H 14 18.04 -10.75 -64.72
N VAL H 15 17.84 -9.46 -64.55
CA VAL H 15 18.59 -8.63 -63.60
C VAL H 15 17.58 -7.90 -62.72
N ASP H 16 17.77 -7.99 -61.40
CA ASP H 16 16.89 -7.34 -60.44
C ASP H 16 17.67 -6.41 -59.54
N PRO H 17 17.60 -5.08 -59.74
CA PRO H 17 18.18 -4.12 -58.80
C PRO H 17 17.18 -3.69 -57.72
N GLY H 18 16.59 -4.65 -57.04
CA GLY H 18 15.51 -4.37 -56.11
C GLY H 18 15.97 -3.81 -54.78
N ARG H 19 15.62 -2.54 -54.53
CA ARG H 19 15.86 -1.82 -53.26
C ARG H 19 17.34 -1.71 -52.92
N TYR H 20 18.19 -1.62 -53.94
CA TYR H 20 19.61 -1.33 -53.74
C TYR H 20 20.07 -0.37 -54.82
N ASN H 21 21.32 0.09 -54.69
CA ASN H 21 21.89 1.05 -55.60
C ASN H 21 23.17 0.59 -56.28
N LYS H 22 23.89 -0.38 -55.71
CA LYS H 22 25.11 -0.86 -56.33
C LYS H 22 25.23 -2.37 -56.40
N VAL H 23 24.32 -3.12 -55.77
CA VAL H 23 24.34 -4.58 -55.83
C VAL H 23 23.01 -5.04 -56.41
N CYS H 24 23.06 -5.79 -57.50
CA CYS H 24 21.86 -6.34 -58.11
C CYS H 24 21.94 -7.86 -58.12
N ARG H 25 20.77 -8.50 -58.06
CA ARG H 25 20.67 -9.95 -58.10
C ARG H 25 20.39 -10.37 -59.54
N ILE H 26 21.32 -11.09 -60.15
CA ILE H 26 21.14 -11.57 -61.51
C ILE H 26 20.85 -13.06 -61.49
N GLU H 27 19.99 -13.48 -62.42
CA GLU H 27 19.64 -14.88 -62.61
C GLU H 27 19.97 -15.23 -64.05
N ALA H 28 20.83 -16.22 -64.24
CA ALA H 28 21.38 -16.55 -65.55
C ALA H 28 21.09 -18.00 -65.90
N ALA H 29 20.81 -18.24 -67.18
CA ALA H 29 20.68 -19.58 -67.72
C ALA H 29 22.04 -20.07 -68.19
N SER H 30 22.07 -21.16 -68.94
CA SER H 30 23.34 -21.72 -69.38
C SER H 30 23.24 -22.15 -70.85
N THR H 31 24.39 -22.19 -71.49
CA THR H 31 24.54 -22.79 -72.81
C THR H 31 25.24 -24.13 -72.68
N THR H 32 25.11 -24.94 -73.74
CA THR H 32 25.74 -26.25 -74.00
C THR H 32 25.09 -27.36 -73.14
N GLN H 33 24.26 -26.99 -72.18
CA GLN H 33 23.48 -27.93 -71.38
C GLN H 33 22.32 -27.17 -70.73
N ASP H 34 21.13 -27.75 -70.82
CA ASP H 34 19.94 -27.16 -70.20
C ASP H 34 19.67 -27.75 -68.82
N GLN H 35 20.68 -27.77 -67.96
CA GLN H 35 20.51 -28.36 -66.64
C GLN H 35 21.07 -27.51 -65.50
N CYS H 36 22.09 -26.69 -65.72
CA CYS H 36 22.71 -25.89 -64.68
C CYS H 36 22.28 -24.44 -64.79
N LYS H 37 22.14 -23.78 -63.63
CA LYS H 37 21.62 -22.43 -63.55
C LYS H 37 22.56 -21.55 -62.73
N LEU H 38 22.15 -20.30 -62.53
CA LEU H 38 22.96 -19.33 -61.80
C LEU H 38 22.04 -18.27 -61.22
N THR H 39 22.29 -17.91 -59.96
CA THR H 39 21.56 -16.81 -59.31
C THR H 39 22.49 -16.23 -58.26
N LEU H 40 22.95 -14.99 -58.46
CA LEU H 40 23.88 -14.43 -57.49
C LEU H 40 23.74 -12.92 -57.42
N ASP H 41 24.19 -12.36 -56.30
CA ASP H 41 24.33 -10.92 -56.16
C ASP H 41 25.65 -10.47 -56.76
N ILE H 42 25.65 -9.29 -57.38
CA ILE H 42 26.85 -8.80 -58.05
C ILE H 42 26.90 -7.28 -57.86
N ASN H 43 28.12 -6.74 -57.88
CA ASN H 43 28.35 -5.32 -57.67
C ASN H 43 28.26 -4.59 -58.99
N VAL H 44 27.39 -3.58 -59.06
CA VAL H 44 27.11 -2.92 -60.33
C VAL H 44 28.14 -1.85 -60.65
N GLU H 45 28.56 -1.07 -59.63
CA GLU H 45 29.49 0.03 -59.84
C GLU H 45 30.88 -0.43 -60.27
N LEU H 46 31.26 -1.66 -59.94
CA LEU H 46 32.53 -2.21 -60.38
C LEU H 46 32.38 -3.04 -61.66
N PHE H 47 31.32 -3.82 -61.77
CA PHE H 47 31.09 -4.69 -62.93
C PHE H 47 29.64 -4.51 -63.38
N PRO H 48 29.36 -3.56 -64.25
CA PRO H 48 27.98 -3.34 -64.71
C PRO H 48 27.54 -4.43 -65.68
N VAL H 49 26.36 -4.99 -65.43
CA VAL H 49 25.80 -6.06 -66.26
C VAL H 49 24.40 -5.65 -66.69
N ALA H 50 24.03 -6.03 -67.92
CA ALA H 50 22.71 -5.76 -68.47
C ALA H 50 22.05 -7.10 -68.81
N ALA H 51 20.88 -7.02 -69.44
CA ALA H 51 20.15 -8.21 -69.82
C ALA H 51 20.66 -8.77 -71.13
N GLN H 52 20.48 -10.08 -71.32
CA GLN H 52 20.84 -10.83 -72.53
C GLN H 52 22.34 -10.73 -72.84
N ASP H 53 23.16 -10.78 -71.81
CA ASP H 53 24.61 -10.76 -71.95
C ASP H 53 25.19 -12.16 -71.81
N SER H 54 26.38 -12.35 -72.38
CA SER H 54 27.08 -13.62 -72.35
C SER H 54 28.24 -13.51 -71.38
N LEU H 55 28.21 -14.31 -70.31
CA LEU H 55 29.19 -14.25 -69.26
C LEU H 55 29.95 -15.57 -69.16
N THR H 56 31.18 -15.49 -68.67
CA THR H 56 32.04 -16.66 -68.48
C THR H 56 32.27 -16.83 -66.98
N VAL H 57 31.54 -17.77 -66.38
CA VAL H 57 31.60 -18.03 -64.95
C VAL H 57 32.53 -19.22 -64.73
N THR H 58 33.56 -19.01 -63.91
CA THR H 58 34.57 -20.03 -63.64
C THR H 58 34.87 -20.03 -62.16
N ILE H 59 35.06 -21.22 -61.60
CA ILE H 59 35.39 -21.39 -60.18
C ILE H 59 36.73 -22.13 -60.12
N ALA H 60 37.71 -21.54 -59.44
CA ALA H 60 39.07 -22.09 -59.45
C ALA H 60 39.86 -21.52 -58.27
N SER H 61 40.38 -22.39 -57.41
CA SER H 61 41.20 -21.97 -56.29
C SER H 61 42.67 -21.86 -56.71
N SER H 62 43.45 -21.21 -55.84
CA SER H 62 44.93 -21.16 -55.91
C SER H 62 45.42 -20.58 -57.23
N LEU H 63 45.18 -19.27 -57.37
CA LEU H 63 45.47 -18.44 -58.56
C LEU H 63 46.84 -18.66 -59.21
N ASN H 64 47.85 -19.03 -58.43
CA ASN H 64 49.16 -19.34 -58.99
C ASN H 64 49.10 -20.54 -59.92
N LEU H 65 49.69 -20.39 -61.11
CA LEU H 65 49.59 -21.40 -62.16
C LEU H 65 50.26 -22.71 -61.78
N GLU H 66 51.60 -22.70 -61.67
CA GLU H 66 52.33 -23.92 -61.29
C GLU H 66 53.16 -23.72 -60.03
N ASP H 67 54.04 -22.72 -60.00
CA ASP H 67 55.12 -22.54 -59.01
C ASP H 67 55.91 -23.83 -58.74
N SER H 74 54.41 -14.73 -44.47
CA SER H 74 54.58 -15.95 -43.69
C SER H 74 54.66 -15.62 -42.21
N ALA H 75 54.07 -16.53 -41.40
CA ALA H 75 54.06 -16.46 -39.93
C ALA H 75 53.43 -15.16 -39.42
N THR H 76 52.39 -14.70 -40.11
CA THR H 76 51.66 -13.49 -39.73
C THR H 76 50.18 -13.73 -39.50
N ARG H 77 49.58 -14.71 -40.18
CA ARG H 77 48.16 -15.07 -40.11
C ARG H 77 47.23 -13.91 -40.51
N SER H 78 47.72 -12.99 -41.33
CA SER H 78 46.91 -11.95 -41.93
C SER H 78 47.10 -11.98 -43.43
N TRP H 79 46.14 -11.44 -44.15
CA TRP H 79 46.15 -11.52 -45.61
C TRP H 79 47.15 -10.52 -46.17
N ARG H 80 48.21 -11.04 -46.80
CA ARG H 80 49.15 -10.19 -47.51
C ARG H 80 48.82 -10.21 -48.99
N PRO H 81 48.73 -9.04 -49.63
CA PRO H 81 48.43 -9.01 -51.07
C PRO H 81 49.61 -9.54 -51.88
N PRO H 82 49.36 -10.15 -53.02
CA PRO H 82 50.46 -10.57 -53.89
C PRO H 82 51.16 -9.37 -54.52
N GLN H 83 52.37 -9.63 -55.03
CA GLN H 83 53.19 -8.56 -55.59
C GLN H 83 52.62 -8.08 -56.92
N ALA H 84 53.03 -6.87 -57.30
CA ALA H 84 52.56 -6.27 -58.55
C ALA H 84 53.16 -6.90 -59.79
N GLY H 85 54.28 -7.62 -59.66
CA GLY H 85 54.94 -8.20 -60.80
C GLY H 85 54.68 -9.68 -60.95
N ASP H 86 53.97 -10.27 -60.00
CA ASP H 86 53.66 -11.69 -60.08
C ASP H 86 52.54 -11.94 -61.09
N ARG H 87 52.43 -13.20 -61.51
CA ARG H 87 51.39 -13.64 -62.44
C ARG H 87 50.41 -14.53 -61.70
N SER H 88 49.16 -14.51 -62.16
CA SER H 88 48.10 -15.26 -61.50
C SER H 88 47.00 -15.50 -62.52
N LEU H 89 45.92 -16.15 -62.05
CA LEU H 89 44.79 -16.47 -62.91
C LEU H 89 43.86 -15.29 -63.12
N ALA H 90 43.85 -14.32 -62.20
CA ALA H 90 42.97 -13.17 -62.28
C ALA H 90 43.47 -12.10 -63.26
N ASP H 91 44.62 -12.30 -63.91
CA ASP H 91 45.12 -11.33 -64.86
C ASP H 91 44.37 -11.35 -66.18
N ASP H 92 43.63 -12.42 -66.46
CA ASP H 92 42.88 -12.53 -67.71
C ASP H 92 41.40 -12.19 -67.54
N TYR H 93 40.90 -12.23 -66.31
CA TYR H 93 39.48 -12.01 -66.03
C TYR H 93 39.31 -10.72 -65.23
N ASP H 94 38.09 -10.17 -65.27
CA ASP H 94 37.88 -8.80 -64.82
C ASP H 94 36.95 -8.66 -63.62
N TYR H 95 36.55 -9.75 -62.98
CA TYR H 95 35.78 -9.67 -61.74
C TYR H 95 35.97 -10.96 -60.95
N VAL H 96 36.47 -10.83 -59.72
CA VAL H 96 36.73 -11.96 -58.84
C VAL H 96 36.14 -11.69 -57.47
N MET H 97 35.81 -12.76 -56.75
CA MET H 97 35.33 -12.67 -55.37
C MET H 97 35.97 -13.80 -54.56
N TYR H 98 35.57 -13.88 -53.29
CA TYR H 98 36.12 -14.86 -52.35
C TYR H 98 35.15 -15.02 -51.19
N GLY H 99 35.14 -16.22 -50.60
CA GLY H 99 34.35 -16.46 -49.41
C GLY H 99 34.47 -17.87 -48.88
N THR H 100 33.42 -18.37 -48.25
CA THR H 100 33.32 -19.77 -47.84
C THR H 100 31.98 -20.34 -48.24
N ALA H 101 31.97 -21.62 -48.63
CA ALA H 101 30.73 -22.33 -48.96
C ALA H 101 30.21 -23.06 -47.73
N TYR H 102 28.89 -23.22 -47.66
CA TYR H 102 28.29 -23.74 -46.45
C TYR H 102 27.26 -24.85 -46.63
N LYS H 103 26.62 -25.00 -47.80
CA LYS H 103 25.58 -26.02 -47.88
C LYS H 103 25.46 -26.60 -49.29
N PHE H 104 25.45 -27.93 -49.35
CA PHE H 104 25.11 -28.71 -50.52
C PHE H 104 23.73 -29.30 -50.28
N GLU H 105 22.70 -28.70 -50.88
CA GLU H 105 21.33 -29.13 -50.66
C GLU H 105 20.83 -29.92 -51.86
N GLU H 106 20.09 -30.99 -51.58
CA GLU H 106 19.64 -31.94 -52.61
C GLU H 106 18.16 -31.69 -52.88
N VAL H 107 17.88 -30.95 -53.95
CA VAL H 107 16.56 -30.93 -54.57
C VAL H 107 16.49 -32.15 -55.47
N SER H 108 15.32 -32.41 -56.05
CA SER H 108 14.93 -33.66 -56.71
C SER H 108 15.91 -34.16 -57.77
N LYS H 109 15.74 -35.44 -58.16
CA LYS H 109 16.76 -36.42 -58.53
C LYS H 109 17.95 -35.87 -59.32
N ASP H 110 19.15 -36.29 -58.87
CA ASP H 110 20.51 -35.97 -59.38
C ASP H 110 20.67 -34.55 -59.92
N LEU H 111 20.21 -33.58 -59.13
CA LEU H 111 20.28 -32.16 -59.46
C LEU H 111 20.71 -31.38 -58.23
N ILE H 112 21.85 -31.78 -57.64
CA ILE H 112 22.31 -31.18 -56.38
C ILE H 112 22.64 -29.70 -56.55
N ALA H 113 22.57 -28.96 -55.44
CA ALA H 113 22.72 -27.52 -55.44
C ALA H 113 23.80 -27.10 -54.47
N VAL H 114 24.74 -26.27 -54.92
CA VAL H 114 25.83 -25.77 -54.12
C VAL H 114 25.53 -24.31 -53.77
N TYR H 115 25.71 -23.94 -52.49
CA TYR H 115 25.42 -22.58 -52.05
C TYR H 115 26.72 -21.90 -51.64
N TYR H 116 27.07 -20.83 -52.34
CA TYR H 116 28.22 -20.01 -52.01
C TYR H 116 27.76 -18.72 -51.34
N SER H 117 28.69 -18.04 -50.68
CA SER H 117 28.38 -16.78 -50.01
C SER H 117 29.67 -15.99 -49.88
N PHE H 118 29.80 -14.92 -50.66
CA PHE H 118 31.04 -14.16 -50.77
C PHE H 118 30.98 -12.94 -49.84
N GLY H 119 31.04 -13.21 -48.55
CA GLY H 119 31.00 -12.15 -47.57
C GLY H 119 29.65 -11.47 -47.43
N GLY H 120 28.58 -12.14 -47.82
CA GLY H 120 27.25 -11.56 -47.79
C GLY H 120 26.57 -11.63 -49.14
N LEU H 121 27.37 -11.71 -50.20
CA LEU H 121 26.87 -11.79 -51.56
C LEU H 121 26.62 -13.27 -51.88
N LEU H 122 25.36 -13.65 -52.01
CA LEU H 122 25.00 -15.05 -52.16
C LEU H 122 25.24 -15.52 -53.59
N MET H 123 25.11 -16.84 -53.78
CA MET H 123 25.29 -17.48 -55.07
C MET H 123 24.58 -18.83 -55.03
N ARG H 124 23.88 -19.17 -56.10
CA ARG H 124 23.18 -20.44 -56.21
C ARG H 124 23.40 -21.04 -57.58
N LEU H 125 23.81 -22.31 -57.62
CA LEU H 125 23.87 -23.08 -58.85
C LEU H 125 23.37 -24.49 -58.59
N GLU H 126 22.87 -25.13 -59.64
CA GLU H 126 22.52 -26.55 -59.59
C GLU H 126 23.21 -27.27 -60.74
N GLY H 127 23.07 -28.58 -60.79
CA GLY H 127 23.70 -29.35 -61.84
C GLY H 127 23.80 -30.84 -61.59
N ASN H 128 24.05 -31.60 -62.64
CA ASN H 128 24.11 -33.07 -62.53
C ASN H 128 25.48 -33.54 -62.07
N TYR H 129 26.50 -33.30 -62.89
CA TYR H 129 27.84 -33.86 -62.65
C TYR H 129 28.82 -32.74 -62.32
N ARG H 130 28.92 -32.47 -61.02
CA ARG H 130 29.89 -31.54 -60.46
C ARG H 130 30.47 -32.03 -59.15
N ASN H 131 30.24 -33.31 -58.82
CA ASN H 131 30.57 -33.81 -57.49
C ASN H 131 32.07 -34.03 -57.31
N LEU H 132 32.81 -34.20 -58.39
CA LEU H 132 34.22 -34.54 -58.29
C LEU H 132 35.13 -33.33 -58.10
N ASN H 133 34.57 -32.12 -57.98
CA ASN H 133 35.44 -30.95 -57.79
C ASN H 133 35.03 -30.08 -56.62
N ASN H 134 33.73 -29.89 -56.37
CA ASN H 134 33.27 -28.91 -55.39
C ASN H 134 33.35 -29.52 -53.99
N LEU H 135 34.19 -28.94 -53.15
CA LEU H 135 34.30 -29.32 -51.75
C LEU H 135 33.67 -28.23 -50.87
N LYS H 136 33.81 -28.39 -49.55
CA LYS H 136 33.27 -27.45 -48.57
C LYS H 136 34.42 -26.67 -47.95
N GLN H 137 35.39 -26.30 -48.78
CA GLN H 137 36.53 -25.50 -48.38
C GLN H 137 36.17 -24.02 -48.52
N GLU H 138 37.18 -23.15 -48.43
CA GLU H 138 36.98 -21.75 -48.76
C GLU H 138 36.66 -21.61 -50.25
N ASN H 139 35.94 -20.55 -50.60
CA ASN H 139 35.41 -20.43 -51.95
C ASN H 139 36.51 -20.19 -52.97
N ALA H 140 36.42 -20.91 -54.07
CA ALA H 140 37.49 -20.99 -55.05
C ALA H 140 37.36 -19.89 -56.11
N TYR H 141 37.31 -18.64 -55.65
CA TYR H 141 37.67 -17.45 -56.43
C TYR H 141 36.84 -17.32 -57.71
N LEU H 142 35.55 -17.01 -57.51
CA LEU H 142 34.57 -16.92 -58.59
C LEU H 142 35.00 -15.97 -59.70
N LEU H 143 35.28 -16.53 -60.88
CA LEU H 143 35.87 -15.82 -62.00
C LEU H 143 34.75 -15.47 -62.97
N ILE H 144 34.40 -14.19 -63.05
CA ILE H 144 33.35 -13.72 -63.95
C ILE H 144 34.00 -12.88 -65.04
N ARG H 145 33.74 -13.23 -66.29
CA ARG H 145 34.29 -12.54 -67.45
C ARG H 145 33.17 -12.29 -68.46
N ARG H 146 33.18 -11.12 -69.06
CA ARG H 146 32.18 -10.78 -70.06
C ARG H 146 32.64 -11.20 -71.45
N MET I 1 -57.27 -3.11 -11.13
CA MET I 1 -58.51 -2.62 -11.70
C MET I 1 -58.29 -1.35 -12.51
N LEU I 2 -57.61 -0.39 -11.88
CA LEU I 2 -57.38 0.96 -12.39
C LEU I 2 -58.71 1.63 -12.74
N SER I 3 -59.48 1.88 -11.69
CA SER I 3 -60.75 2.57 -11.79
C SER I 3 -60.77 3.74 -10.81
N PHE I 4 -61.40 4.83 -11.22
CA PHE I 4 -61.43 6.08 -10.48
C PHE I 4 -62.86 6.45 -10.14
N CYS I 5 -63.05 7.02 -8.95
CA CYS I 5 -64.39 7.38 -8.49
C CYS I 5 -64.88 8.62 -9.22
N PRO I 6 -66.07 8.58 -9.82
CA PRO I 6 -66.59 9.77 -10.52
C PRO I 6 -66.99 10.91 -9.60
N SER I 7 -67.21 10.66 -8.32
CA SER I 7 -67.74 11.66 -7.42
C SER I 7 -66.68 12.42 -6.62
N CYS I 8 -65.50 11.84 -6.44
CA CYS I 8 -64.46 12.48 -5.64
C CYS I 8 -63.08 12.42 -6.28
N ASN I 9 -62.90 11.65 -7.36
CA ASN I 9 -61.64 11.48 -8.09
C ASN I 9 -60.53 10.96 -7.16
N ASN I 10 -60.76 9.76 -6.63
CA ASN I 10 -59.81 9.13 -5.73
C ASN I 10 -59.63 7.67 -6.16
N MET I 11 -58.93 6.88 -5.36
CA MET I 11 -58.67 5.49 -5.67
C MET I 11 -59.69 4.61 -4.95
N LEU I 12 -60.36 3.74 -5.69
CA LEU I 12 -61.35 2.84 -5.15
C LEU I 12 -60.78 1.45 -4.92
N LEU I 13 -61.39 0.72 -4.01
CA LEU I 13 -60.93 -0.60 -3.61
C LEU I 13 -62.05 -1.61 -3.75
N ILE I 14 -61.66 -2.86 -4.03
CA ILE I 14 -62.59 -3.97 -4.10
C ILE I 14 -62.85 -4.46 -2.68
N THR I 15 -64.11 -4.39 -2.26
CA THR I 15 -64.49 -4.81 -0.92
C THR I 15 -65.52 -5.93 -0.98
N SER I 16 -65.66 -6.65 0.13
CA SER I 16 -66.64 -7.71 0.27
C SER I 16 -67.84 -7.14 1.03
N GLY I 17 -68.97 -7.00 0.35
CA GLY I 17 -70.11 -6.33 0.94
C GLY I 17 -70.98 -7.25 1.77
N ASP I 18 -70.78 -7.22 3.09
CA ASP I 18 -71.54 -7.99 4.09
C ASP I 18 -71.47 -9.49 3.82
N SER I 19 -70.24 -9.98 3.64
CA SER I 19 -69.89 -11.41 3.60
C SER I 19 -70.61 -12.16 2.48
N GLY I 20 -70.22 -11.84 1.24
CA GLY I 20 -70.70 -12.65 0.14
C GLY I 20 -70.90 -12.03 -1.23
N VAL I 21 -70.80 -10.71 -1.38
CA VAL I 21 -70.81 -10.11 -2.71
C VAL I 21 -69.55 -9.29 -2.90
N TYR I 22 -69.16 -9.10 -4.16
CA TYR I 22 -67.98 -8.33 -4.53
C TYR I 22 -68.43 -7.06 -5.25
N THR I 23 -68.27 -5.93 -4.57
CA THR I 23 -68.51 -4.62 -5.16
C THR I 23 -67.30 -3.72 -4.88
N LEU I 24 -67.11 -2.73 -5.74
CA LEU I 24 -66.03 -1.76 -5.55
C LEU I 24 -66.56 -0.58 -4.76
N ALA I 25 -65.83 -0.19 -3.72
CA ALA I 25 -66.26 0.89 -2.85
C ALA I 25 -65.05 1.49 -2.18
N CYS I 26 -64.98 2.82 -2.17
CA CYS I 26 -63.86 3.53 -1.57
C CYS I 26 -64.23 3.99 -0.16
N ARG I 27 -63.20 4.34 0.61
CA ARG I 27 -63.38 5.03 1.87
C ARG I 27 -63.33 6.54 1.70
N SER I 28 -63.27 7.02 0.46
CA SER I 28 -63.16 8.44 0.18
C SER I 28 -64.51 9.14 0.28
N CYS I 29 -65.48 8.66 -0.50
CA CYS I 29 -66.84 9.17 -0.51
C CYS I 29 -67.79 7.98 -0.41
N PRO I 30 -69.03 8.21 0.03
CA PRO I 30 -70.00 7.10 0.09
C PRO I 30 -70.44 6.63 -1.29
N TYR I 31 -69.63 5.77 -1.90
CA TYR I 31 -69.85 5.30 -3.27
C TYR I 31 -69.77 3.77 -3.32
N GLU I 32 -70.53 3.17 -4.23
CA GLU I 32 -70.41 1.76 -4.54
C GLU I 32 -70.84 1.54 -5.98
N PHE I 33 -70.34 0.45 -6.58
CA PHE I 33 -70.70 0.12 -7.95
C PHE I 33 -70.52 -1.39 -8.15
N PRO I 34 -71.61 -2.13 -8.36
CA PRO I 34 -71.56 -3.59 -8.21
C PRO I 34 -71.13 -4.37 -9.44
N ILE I 35 -70.50 -3.71 -10.42
CA ILE I 35 -70.21 -4.36 -11.69
C ILE I 35 -69.07 -5.37 -11.52
N GLU I 36 -68.99 -6.31 -12.46
CA GLU I 36 -67.83 -7.18 -12.57
C GLU I 36 -66.74 -6.46 -13.36
N GLY I 37 -65.49 -6.79 -13.05
CA GLY I 37 -64.39 -6.04 -13.61
C GLY I 37 -63.44 -6.87 -14.44
N ILE I 38 -62.70 -6.20 -15.32
CA ILE I 38 -61.67 -6.83 -16.14
C ILE I 38 -60.41 -5.99 -16.04
N GLU I 39 -59.25 -6.66 -16.16
CA GLU I 39 -57.96 -6.01 -16.07
C GLU I 39 -57.05 -6.51 -17.20
N ILE I 40 -57.60 -6.53 -18.41
CA ILE I 40 -56.86 -7.02 -19.56
C ILE I 40 -55.99 -5.90 -20.12
N TYR I 41 -54.74 -6.24 -20.47
CA TYR I 41 -53.80 -5.28 -21.03
C TYR I 41 -52.78 -6.03 -21.88
N ASP I 42 -52.46 -5.47 -23.05
CA ASP I 42 -51.54 -6.11 -23.97
C ASP I 42 -50.10 -5.97 -23.49
N MET J 1 18.95 41.14 -23.12
CA MET J 1 19.14 42.37 -22.36
C MET J 1 19.96 43.36 -23.18
N ILE J 2 21.22 43.01 -23.43
CA ILE J 2 22.06 43.76 -24.35
C ILE J 2 22.41 42.80 -25.48
N VAL J 3 22.82 43.36 -26.61
CA VAL J 3 23.27 42.52 -27.73
C VAL J 3 24.57 41.82 -27.35
N PRO J 4 24.71 40.52 -27.64
CA PRO J 4 25.95 39.82 -27.29
C PRO J 4 27.11 40.30 -28.13
N VAL J 5 28.31 40.18 -27.58
CA VAL J 5 29.51 40.65 -28.27
C VAL J 5 29.82 39.75 -29.45
N ARG J 6 29.88 38.45 -29.22
CA ARG J 6 30.14 37.47 -30.27
C ARG J 6 28.90 36.60 -30.50
N CYS J 7 28.75 36.12 -31.73
CA CYS J 7 27.69 35.16 -32.01
C CYS J 7 28.05 33.81 -31.43
N PHE J 8 27.02 33.00 -31.15
CA PHE J 8 27.20 31.79 -30.37
C PHE J 8 27.91 30.70 -31.18
N SER J 9 27.60 30.58 -32.46
CA SER J 9 28.04 29.41 -33.21
C SER J 9 29.49 29.54 -33.69
N CYS J 10 29.76 30.50 -34.55
CA CYS J 10 31.08 30.60 -35.16
C CYS J 10 31.99 31.57 -34.42
N GLY J 11 31.44 32.67 -33.92
CA GLY J 11 32.20 33.61 -33.14
C GLY J 11 32.46 34.96 -33.80
N LYS J 12 31.66 35.35 -34.79
CA LYS J 12 31.81 36.66 -35.40
C LYS J 12 31.31 37.73 -34.45
N VAL J 13 32.05 38.83 -34.37
CA VAL J 13 31.70 39.94 -33.48
C VAL J 13 30.51 40.68 -34.09
N VAL J 14 29.32 40.50 -33.49
CA VAL J 14 28.11 41.18 -33.93
C VAL J 14 27.62 42.21 -32.93
N GLY J 15 28.39 42.47 -31.88
CA GLY J 15 27.99 43.47 -30.90
C GLY J 15 28.12 44.90 -31.34
N ASP J 16 28.85 45.15 -32.42
CA ASP J 16 29.06 46.49 -32.95
C ASP J 16 28.04 46.88 -34.03
N LYS J 17 27.00 46.06 -34.23
CA LYS J 17 26.10 46.24 -35.36
C LYS J 17 24.65 46.37 -34.90
N TRP J 18 24.43 46.91 -33.70
CA TRP J 18 23.09 47.10 -33.17
C TRP J 18 22.63 48.55 -33.29
N GLU J 19 23.50 49.49 -32.94
CA GLU J 19 23.15 50.90 -33.07
C GLU J 19 23.05 51.33 -34.52
N SER J 20 23.93 50.80 -35.38
CA SER J 20 23.80 51.02 -36.82
C SER J 20 22.55 50.38 -37.40
N TYR J 21 22.14 49.23 -36.87
CA TYR J 21 20.89 48.59 -37.28
C TYR J 21 19.68 49.44 -36.90
N LEU J 22 19.67 49.98 -35.68
CA LEU J 22 18.58 50.84 -35.27
C LEU J 22 18.59 52.16 -36.03
N ASN J 23 19.77 52.65 -36.41
CA ASN J 23 19.85 53.84 -37.25
C ASN J 23 19.35 53.57 -38.67
N LEU J 24 19.54 52.35 -39.19
CA LEU J 24 19.01 52.02 -40.50
C LEU J 24 17.53 51.69 -40.48
N LEU J 25 16.96 51.33 -39.33
CA LEU J 25 15.52 51.06 -39.27
C LEU J 25 14.71 52.36 -39.31
N GLN J 26 15.04 53.31 -38.44
CA GLN J 26 14.20 54.51 -38.29
C GLN J 26 14.37 55.46 -39.48
N GLU J 27 15.56 55.99 -39.66
CA GLU J 27 15.86 56.80 -40.84
C GLU J 27 16.51 55.91 -41.90
N ASP J 28 16.40 56.35 -43.16
CA ASP J 28 16.68 55.55 -44.35
C ASP J 28 15.89 54.24 -44.30
N GLU J 29 14.56 54.41 -44.39
CA GLU J 29 13.58 53.37 -44.14
C GLU J 29 13.72 52.18 -45.08
N LEU J 30 14.13 51.04 -44.54
CA LEU J 30 14.28 49.80 -45.28
C LEU J 30 13.60 48.69 -44.50
N ASP J 31 13.30 47.60 -45.21
CA ASP J 31 12.92 46.38 -44.53
C ASP J 31 14.12 45.78 -43.80
N GLU J 32 13.84 44.89 -42.84
CA GLU J 32 14.89 44.39 -41.97
C GLU J 32 15.87 43.48 -42.70
N GLY J 33 15.40 42.79 -43.75
CA GLY J 33 16.27 41.90 -44.50
C GLY J 33 17.35 42.62 -45.28
N THR J 34 16.98 43.61 -46.08
CA THR J 34 17.98 44.34 -46.87
C THR J 34 18.83 45.26 -46.00
N ALA J 35 18.24 45.87 -44.97
CA ALA J 35 19.03 46.73 -44.09
C ALA J 35 19.97 45.92 -43.21
N LEU J 36 19.64 44.65 -42.97
CA LEU J 36 20.55 43.75 -42.28
C LEU J 36 21.54 43.10 -43.25
N SER J 37 21.25 43.11 -44.54
CA SER J 37 22.16 42.63 -45.57
C SER J 37 23.25 43.63 -45.94
N ARG J 38 22.92 44.92 -46.07
CA ARG J 38 23.95 45.94 -46.36
C ARG J 38 24.55 46.50 -45.08
N LEU J 39 24.86 45.61 -44.17
CA LEU J 39 25.38 45.98 -42.86
C LEU J 39 26.51 45.07 -42.43
N GLY J 40 26.95 44.14 -43.27
CA GLY J 40 27.73 43.04 -42.74
C GLY J 40 27.16 41.69 -43.12
N LEU J 41 26.49 41.07 -42.14
CA LEU J 41 26.16 39.66 -42.01
C LEU J 41 25.62 39.04 -43.29
N LYS J 42 26.19 37.89 -43.67
CA LYS J 42 25.80 37.20 -44.89
C LYS J 42 25.06 35.90 -44.62
N ARG J 43 25.57 35.09 -43.69
CA ARG J 43 24.92 33.83 -43.33
C ARG J 43 23.67 34.10 -42.51
N TYR J 44 22.83 33.07 -42.39
CA TYR J 44 21.67 33.19 -41.52
C TYR J 44 22.04 33.03 -40.05
N CYS J 45 23.10 32.28 -39.76
CA CYS J 45 23.78 32.48 -38.49
C CYS J 45 24.46 33.84 -38.53
N CYS J 46 24.53 34.48 -37.36
CA CYS J 46 24.99 35.83 -37.02
C CYS J 46 24.00 36.90 -37.48
N ARG J 47 23.01 36.50 -38.27
CA ARG J 47 21.86 37.29 -38.68
C ARG J 47 20.73 37.12 -37.69
N ARG J 48 20.68 35.95 -37.06
CA ARG J 48 19.72 35.66 -36.00
C ARG J 48 19.99 36.48 -34.76
N MET J 49 21.23 36.91 -34.55
CA MET J 49 21.58 37.72 -33.38
C MET J 49 20.92 39.09 -33.42
N ILE J 50 20.88 39.71 -34.60
CA ILE J 50 20.34 41.05 -34.71
C ILE J 50 18.83 41.02 -34.97
N LEU J 51 18.35 39.98 -35.66
CA LEU J 51 16.93 39.90 -36.01
C LEU J 51 16.08 39.57 -34.79
N THR J 52 16.32 38.44 -34.15
CA THR J 52 15.54 37.99 -32.99
C THR J 52 16.30 38.36 -31.73
N HIS J 53 16.08 39.59 -31.26
CA HIS J 53 16.71 40.08 -30.05
C HIS J 53 15.84 41.14 -29.42
N VAL J 54 15.59 41.00 -28.12
CA VAL J 54 14.81 41.95 -27.35
C VAL J 54 15.75 42.83 -26.52
N ASP J 55 15.40 44.09 -26.37
CA ASP J 55 16.25 45.08 -25.70
C ASP J 55 15.62 45.42 -24.36
N LEU J 56 15.96 44.63 -23.33
CA LEU J 56 15.37 44.78 -22.01
C LEU J 56 16.08 45.79 -21.13
N ILE J 57 17.29 46.23 -21.48
CA ILE J 57 18.00 47.14 -20.60
C ILE J 57 17.41 48.55 -20.68
N GLU J 58 16.79 48.91 -21.80
CA GLU J 58 16.06 50.17 -21.89
C GLU J 58 14.81 50.16 -21.02
N LYS J 59 14.23 48.99 -20.80
CA LYS J 59 13.11 48.84 -19.88
C LYS J 59 13.55 48.62 -18.45
N PHE J 60 14.81 48.22 -18.23
CA PHE J 60 15.33 48.05 -16.88
C PHE J 60 15.83 49.38 -16.30
N LEU J 61 16.35 50.26 -17.13
CA LEU J 61 16.89 51.53 -16.64
C LEU J 61 15.83 52.57 -16.32
N ARG J 62 14.54 52.25 -16.51
CA ARG J 62 13.47 53.11 -16.00
C ARG J 62 13.22 52.91 -14.51
N TYR J 63 13.84 51.89 -13.92
CA TYR J 63 13.68 51.57 -12.50
C TYR J 63 15.00 51.79 -11.79
N ASN J 64 15.65 52.90 -12.10
CA ASN J 64 16.96 53.26 -11.56
C ASN J 64 16.91 53.43 -10.04
N PRO J 65 17.71 52.71 -9.27
CA PRO J 65 17.80 52.94 -7.82
C PRO J 65 18.62 54.16 -7.43
N LEU J 66 19.05 54.97 -8.39
CA LEU J 66 19.79 56.20 -8.14
C LEU J 66 18.80 57.35 -7.99
N GLU J 67 19.32 58.59 -8.10
CA GLU J 67 18.65 59.85 -7.74
C GLU J 67 17.32 59.98 -8.48
N LYS J 68 17.32 60.06 -9.82
CA LYS J 68 16.13 60.30 -10.66
C LYS J 68 15.32 61.53 -10.24
N PRO K 42 64.41 15.87 -21.41
CA PRO K 42 63.79 14.79 -22.17
C PRO K 42 62.54 14.22 -21.48
N ASP K 43 61.38 14.42 -22.11
CA ASP K 43 60.13 13.94 -21.56
C ASP K 43 59.99 12.45 -21.80
N ARG K 44 59.60 11.72 -20.75
CA ARG K 44 59.33 10.29 -20.86
C ARG K 44 57.86 9.94 -20.64
N GLU K 45 57.01 10.94 -20.47
CA GLU K 45 55.58 10.73 -20.30
C GLU K 45 54.77 11.09 -21.55
N LYS K 46 55.42 11.65 -22.58
CA LYS K 46 54.69 12.09 -23.76
C LYS K 46 54.18 10.90 -24.58
N ILE K 47 55.05 9.92 -24.83
CA ILE K 47 54.68 8.72 -25.57
C ILE K 47 55.14 7.51 -24.77
N LYS K 48 54.32 6.47 -24.76
CA LYS K 48 54.61 5.24 -24.05
C LYS K 48 54.47 4.04 -24.99
N LEU K 49 54.49 2.85 -24.42
CA LEU K 49 54.32 1.60 -25.15
C LEU K 49 53.67 0.60 -24.20
N LEU K 50 52.44 0.21 -24.50
CA LEU K 50 51.64 -0.56 -23.56
C LEU K 50 52.11 -2.01 -23.51
N THR K 51 52.01 -2.61 -22.32
CA THR K 51 52.67 -3.87 -22.03
C THR K 51 51.92 -5.05 -22.65
N GLN K 52 50.68 -5.28 -22.23
CA GLN K 52 49.93 -6.46 -22.67
C GLN K 52 49.12 -6.20 -23.93
N ALA K 53 49.75 -5.55 -24.90
CA ALA K 53 49.20 -5.40 -26.24
C ALA K 53 50.20 -5.66 -27.35
N THR K 54 51.50 -5.45 -27.11
CA THR K 54 52.50 -5.63 -28.13
C THR K 54 52.97 -7.08 -28.17
N SER K 55 53.10 -7.61 -29.38
CA SER K 55 53.62 -8.96 -29.55
C SER K 55 55.14 -8.93 -29.47
N GLU K 56 55.76 -10.09 -29.68
CA GLU K 56 57.21 -10.17 -29.66
C GLU K 56 57.80 -9.55 -30.92
N ASP K 57 59.13 -9.35 -30.87
CA ASP K 57 60.07 -9.00 -31.94
C ASP K 57 59.52 -8.03 -33.01
N GLY K 58 59.11 -6.85 -32.55
CA GLY K 58 58.70 -5.84 -33.50
C GLY K 58 57.21 -5.74 -33.73
N THR K 59 56.75 -6.48 -34.74
CA THR K 59 55.41 -6.44 -35.35
C THR K 59 54.29 -6.41 -34.31
N SER K 60 53.20 -5.72 -34.65
CA SER K 60 51.97 -5.57 -33.86
C SER K 60 52.24 -4.86 -32.53
N ALA K 61 52.61 -3.59 -32.63
CA ALA K 61 52.84 -2.77 -31.45
C ALA K 61 51.77 -1.69 -31.30
N SER K 62 51.70 -1.14 -30.10
CA SER K 62 50.74 -0.09 -29.76
C SER K 62 51.42 0.98 -28.94
N PHE K 63 50.92 2.21 -29.07
CA PHE K 63 51.52 3.37 -28.43
C PHE K 63 50.43 4.21 -27.81
N GLN K 64 50.82 4.98 -26.79
CA GLN K 64 49.91 5.84 -26.04
C GLN K 64 50.54 7.23 -25.96
N ILE K 65 49.83 8.23 -26.47
CA ILE K 65 50.31 9.61 -26.52
C ILE K 65 49.41 10.47 -25.63
N VAL K 66 50.01 11.20 -24.70
CA VAL K 66 49.26 12.08 -23.83
C VAL K 66 49.19 13.46 -24.48
N GLU K 67 48.16 14.23 -24.11
CA GLU K 67 47.91 15.60 -24.58
C GLU K 67 47.76 15.66 -26.10
N GLU K 68 46.78 14.93 -26.62
CA GLU K 68 46.62 14.84 -28.07
C GLU K 68 45.15 14.62 -28.42
N ASP K 69 44.73 15.27 -29.51
CA ASP K 69 43.38 15.25 -30.03
C ASP K 69 43.42 14.56 -31.41
N HIS K 70 42.31 14.64 -32.16
CA HIS K 70 42.16 13.95 -33.43
C HIS K 70 43.08 14.45 -34.54
N THR K 71 43.70 15.64 -34.38
CA THR K 71 44.49 16.29 -35.42
C THR K 71 45.70 15.47 -35.85
N LEU K 72 46.68 15.29 -34.94
CA LEU K 72 47.86 14.50 -35.29
C LEU K 72 47.54 13.03 -35.37
N GLY K 73 46.44 12.57 -34.75
CA GLY K 73 46.01 11.19 -34.91
C GLY K 73 45.63 10.87 -36.34
N ASN K 74 44.80 11.72 -36.96
CA ASN K 74 44.42 11.50 -38.35
C ASN K 74 45.58 11.81 -39.30
N ALA K 75 46.38 12.84 -38.97
CA ALA K 75 47.52 13.19 -39.82
C ALA K 75 48.61 12.12 -39.80
N LEU K 76 48.73 11.40 -38.70
CA LEU K 76 49.69 10.30 -38.59
C LEU K 76 49.10 8.99 -39.08
N ARG K 77 47.77 8.84 -39.04
CA ARG K 77 47.14 7.67 -39.62
C ARG K 77 47.22 7.70 -41.13
N TYR K 78 47.19 8.88 -41.75
CA TYR K 78 47.25 8.91 -43.21
C TYR K 78 48.65 8.65 -43.75
N VAL K 79 49.69 9.11 -43.06
CA VAL K 79 51.05 8.96 -43.58
C VAL K 79 51.55 7.53 -43.46
N ILE K 80 51.25 6.88 -42.33
CA ILE K 80 51.67 5.49 -42.12
C ILE K 80 50.91 4.54 -43.04
N MET K 81 49.68 4.90 -43.41
CA MET K 81 48.91 4.07 -44.33
C MET K 81 49.48 4.09 -45.74
N LYS K 82 50.27 5.12 -46.08
CA LYS K 82 50.96 5.18 -47.37
C LYS K 82 52.31 4.47 -47.35
N ASN K 83 52.55 3.61 -46.35
CA ASN K 83 53.74 2.77 -46.29
C ASN K 83 53.35 1.38 -46.77
N PRO K 84 54.01 0.80 -47.78
CA PRO K 84 53.61 -0.54 -48.25
C PRO K 84 54.03 -1.69 -47.35
N ASP K 85 54.61 -1.41 -46.19
CA ASP K 85 54.97 -2.43 -45.22
C ASP K 85 54.12 -2.37 -43.96
N VAL K 86 52.90 -1.84 -44.05
CA VAL K 86 52.01 -1.66 -42.89
C VAL K 86 50.63 -2.20 -43.26
N GLU K 87 50.09 -3.08 -42.44
CA GLU K 87 48.67 -3.44 -42.60
C GLU K 87 47.76 -2.48 -41.85
N PHE K 88 47.96 -2.40 -40.54
CA PHE K 88 46.92 -1.95 -39.60
C PHE K 88 47.45 -0.76 -38.83
N CYS K 89 47.07 0.46 -39.23
CA CYS K 89 47.41 1.67 -38.50
C CYS K 89 46.13 2.39 -38.11
N GLY K 90 45.83 2.40 -36.81
CA GLY K 90 44.60 3.05 -36.37
C GLY K 90 44.69 3.71 -35.02
N TYR K 91 44.11 4.90 -34.89
CA TYR K 91 44.11 5.65 -33.63
C TYR K 91 42.73 5.61 -33.01
N SER K 92 42.68 5.90 -31.71
CA SER K 92 41.42 6.00 -30.99
C SER K 92 41.61 6.82 -29.73
N ILE K 93 40.62 7.66 -29.43
CA ILE K 93 40.52 8.32 -28.13
C ILE K 93 39.55 7.51 -27.28
N PRO K 94 40.01 6.88 -26.20
CA PRO K 94 39.12 5.98 -25.45
C PRO K 94 38.04 6.69 -24.66
N HIS K 95 38.30 7.91 -24.19
CA HIS K 95 37.32 8.63 -23.39
C HIS K 95 37.54 10.12 -23.61
N PRO K 96 36.47 10.90 -23.84
CA PRO K 96 36.66 12.28 -24.31
C PRO K 96 37.09 13.27 -23.25
N SER K 97 36.88 13.01 -21.96
CA SER K 97 37.29 13.94 -20.92
C SER K 97 38.71 13.70 -20.43
N GLU K 98 39.55 13.10 -21.25
CA GLU K 98 40.98 12.92 -20.99
C GLU K 98 41.76 13.57 -22.12
N ASN K 99 43.07 13.35 -22.11
CA ASN K 99 43.97 13.87 -23.14
C ASN K 99 44.84 12.75 -23.69
N LEU K 100 44.23 11.62 -24.03
CA LEU K 100 44.94 10.41 -24.40
C LEU K 100 44.62 10.02 -25.83
N LEU K 101 45.57 9.34 -26.47
CA LEU K 101 45.38 8.81 -27.81
C LEU K 101 46.12 7.48 -27.90
N ASN K 102 45.40 6.39 -28.14
CA ASN K 102 46.00 5.08 -28.34
C ASN K 102 46.08 4.81 -29.83
N ILE K 103 47.29 4.64 -30.35
CA ILE K 103 47.48 4.30 -31.75
C ILE K 103 48.04 2.88 -31.80
N ARG K 104 47.67 2.14 -32.86
CA ARG K 104 48.16 0.78 -33.04
C ARG K 104 48.72 0.64 -34.45
N ILE K 105 49.95 0.12 -34.53
CA ILE K 105 50.65 -0.09 -35.79
C ILE K 105 51.02 -1.56 -35.89
N GLN K 106 50.60 -2.20 -36.98
CA GLN K 106 50.79 -3.62 -37.23
C GLN K 106 51.27 -3.79 -38.67
N THR K 107 52.41 -4.47 -38.84
CA THR K 107 53.17 -4.48 -40.08
C THR K 107 53.25 -5.88 -40.67
N TYR K 108 53.80 -5.97 -41.88
CA TYR K 108 53.92 -7.27 -42.54
C TYR K 108 55.12 -8.06 -42.03
N GLY K 109 56.32 -7.53 -42.23
CA GLY K 109 57.52 -8.24 -41.82
C GLY K 109 58.72 -7.36 -42.07
N GLU K 110 59.82 -7.71 -41.38
CA GLU K 110 61.14 -7.06 -41.37
C GLU K 110 61.09 -5.53 -41.21
N THR K 111 60.02 -5.01 -40.61
CA THR K 111 59.87 -3.60 -40.26
C THR K 111 59.19 -3.56 -38.91
N THR K 112 59.93 -3.17 -37.87
CA THR K 112 59.33 -3.05 -36.55
C THR K 112 58.39 -1.84 -36.52
N ALA K 113 57.33 -1.97 -35.72
CA ALA K 113 56.34 -0.89 -35.63
C ALA K 113 56.87 0.32 -34.85
N VAL K 114 57.96 0.18 -34.10
CA VAL K 114 58.65 1.34 -33.56
C VAL K 114 59.47 2.07 -34.62
N ASP K 115 59.67 1.45 -35.78
CA ASP K 115 60.37 2.08 -36.90
C ASP K 115 59.42 2.62 -37.96
N ALA K 116 58.25 1.99 -38.12
CA ALA K 116 57.24 2.54 -39.00
C ALA K 116 56.55 3.76 -38.41
N LEU K 117 56.60 3.92 -37.09
CA LEU K 117 56.13 5.14 -36.47
C LEU K 117 57.11 6.28 -36.72
N GLN K 118 58.41 6.00 -36.68
CA GLN K 118 59.41 7.03 -36.96
C GLN K 118 59.42 7.41 -38.43
N LYS K 119 59.17 6.44 -39.31
CA LYS K 119 59.15 6.72 -40.75
C LYS K 119 57.89 7.48 -41.13
N GLY K 120 56.77 7.18 -40.48
CA GLY K 120 55.53 7.87 -40.74
C GLY K 120 55.38 9.21 -40.04
N LEU K 121 56.39 9.63 -39.30
CA LEU K 121 56.37 10.92 -38.61
C LEU K 121 57.40 11.90 -39.16
N LYS K 122 58.50 11.39 -39.73
CA LYS K 122 59.44 12.25 -40.43
C LYS K 122 58.84 12.75 -41.76
N ASP K 123 57.99 11.93 -42.39
CA ASP K 123 57.40 12.33 -43.66
C ASP K 123 56.36 13.43 -43.50
N LEU K 124 55.74 13.52 -42.31
CA LEU K 124 54.81 14.61 -42.04
C LEU K 124 55.53 15.94 -41.95
N MET K 125 56.76 15.93 -41.44
CA MET K 125 57.62 17.12 -41.46
C MET K 125 57.98 17.51 -42.90
N ASP K 126 58.19 16.52 -43.77
CA ASP K 126 58.48 16.80 -45.17
C ASP K 126 57.26 17.39 -45.87
N LEU K 127 56.06 16.89 -45.52
CA LEU K 127 54.82 17.46 -46.05
C LEU K 127 54.65 18.91 -45.60
N CYS K 128 54.91 19.19 -44.33
CA CYS K 128 54.80 20.56 -43.84
C CYS K 128 55.87 21.46 -44.43
N ASP K 129 57.02 20.91 -44.80
CA ASP K 129 58.02 21.71 -45.51
C ASP K 129 57.60 21.99 -46.95
N VAL K 130 56.89 21.06 -47.59
CA VAL K 130 56.40 21.30 -48.94
C VAL K 130 55.27 22.33 -48.94
N VAL K 131 54.39 22.28 -47.93
CA VAL K 131 53.20 23.13 -47.92
C VAL K 131 53.56 24.59 -47.68
N GLU K 132 54.38 24.87 -46.66
CA GLU K 132 54.66 26.26 -46.32
C GLU K 132 55.62 26.94 -47.30
N SER K 133 56.35 26.15 -48.09
CA SER K 133 57.22 26.76 -49.10
C SER K 133 56.43 27.19 -50.33
N LYS K 134 55.40 26.42 -50.70
CA LYS K 134 54.54 26.83 -51.81
C LYS K 134 53.66 28.00 -51.43
N PHE K 135 53.22 28.05 -50.17
CA PHE K 135 52.34 29.13 -49.74
C PHE K 135 53.08 30.45 -49.57
N THR K 136 54.37 30.40 -49.24
CA THR K 136 55.13 31.63 -49.04
C THR K 136 55.41 32.34 -50.36
N GLU K 137 55.77 31.58 -51.40
CA GLU K 137 56.11 32.18 -52.68
C GLU K 137 54.88 32.72 -53.41
N LYS K 138 53.68 32.25 -53.08
CA LYS K 138 52.48 32.81 -53.70
C LYS K 138 52.04 34.10 -53.01
N ILE K 139 52.28 34.23 -51.70
CA ILE K 139 52.11 35.52 -51.05
C ILE K 139 53.16 36.51 -51.53
N LYS K 140 54.38 36.01 -51.78
CA LYS K 140 55.47 36.88 -52.19
C LYS K 140 55.29 37.39 -53.61
N SER K 141 55.13 36.49 -54.57
CA SER K 141 55.09 36.88 -55.98
C SER K 141 53.73 37.45 -56.38
N MET K 142 52.65 36.94 -55.78
CA MET K 142 51.26 37.29 -56.10
C MET K 142 50.91 37.11 -57.58
N THR L 26 31.43 54.97 7.02
CA THR L 26 31.28 53.69 6.35
C THR L 26 30.26 53.76 5.21
N LEU L 27 29.51 54.86 5.20
CA LEU L 27 28.46 55.16 4.21
C LEU L 27 27.43 54.03 4.17
N LYS L 28 26.71 53.88 5.29
CA LYS L 28 25.71 52.83 5.45
C LYS L 28 24.34 53.49 5.65
N TYR L 29 23.70 53.83 4.53
CA TYR L 29 22.29 53.72 4.14
C TYR L 29 22.11 54.39 2.79
N ILE L 30 21.07 53.97 2.07
CA ILE L 30 20.62 54.59 0.82
C ILE L 30 19.10 54.51 0.78
N CYS L 31 18.42 55.64 0.60
CA CYS L 31 16.98 55.66 0.46
C CYS L 31 16.55 55.04 -0.87
N ALA L 32 15.34 54.49 -0.90
CA ALA L 32 14.83 53.83 -2.08
C ALA L 32 13.95 54.74 -2.94
N GLU L 33 13.67 55.97 -2.50
CA GLU L 33 12.90 56.91 -3.30
C GLU L 33 13.73 58.12 -3.73
N CYS L 34 14.31 58.84 -2.79
CA CYS L 34 15.09 60.03 -3.12
C CYS L 34 16.56 59.74 -3.33
N SER L 35 17.03 58.56 -2.89
CA SER L 35 18.41 58.09 -3.00
C SER L 35 19.40 59.08 -2.36
N SER L 36 19.16 59.36 -1.08
CA SER L 36 19.97 60.30 -0.31
C SER L 36 20.93 59.51 0.57
N LYS L 37 22.21 59.79 0.44
CA LYS L 37 23.24 59.12 1.23
C LYS L 37 23.19 59.62 2.67
N LEU L 38 22.77 58.75 3.58
CA LEU L 38 22.67 59.08 5.00
C LEU L 38 23.27 57.95 5.81
N SER L 39 23.67 58.28 7.04
CA SER L 39 24.28 57.30 7.93
C SER L 39 24.00 57.69 9.37
N LEU L 40 23.27 56.84 10.07
CA LEU L 40 22.93 57.05 11.47
C LEU L 40 23.55 55.94 12.33
N SER L 41 23.74 56.25 13.61
CA SER L 41 24.40 55.34 14.54
C SER L 41 23.38 54.35 15.09
N ARG L 42 23.77 53.64 16.16
CA ARG L 42 22.94 52.57 16.69
C ARG L 42 21.70 53.12 17.41
N THR L 43 20.54 52.56 17.06
CA THR L 43 19.23 52.85 17.64
C THR L 43 18.90 54.35 17.52
N ASP L 44 18.73 54.76 16.26
CA ASP L 44 18.48 56.16 15.91
C ASP L 44 17.33 56.29 14.93
N ALA L 45 16.23 55.55 15.18
CA ALA L 45 14.91 55.78 14.56
C ALA L 45 14.96 55.66 13.03
N VAL L 46 15.14 54.41 12.58
CA VAL L 46 15.47 54.10 11.19
C VAL L 46 14.37 54.54 10.22
N ARG L 47 14.66 55.61 9.50
CA ARG L 47 13.78 56.26 8.52
C ARG L 47 14.66 57.25 7.74
N CYS L 48 14.04 58.07 6.89
CA CYS L 48 14.76 59.07 6.12
C CYS L 48 14.50 60.46 6.68
N LYS L 49 15.56 61.27 6.75
CA LYS L 49 15.47 62.63 7.24
C LYS L 49 15.04 63.63 6.17
N ASP L 50 14.86 63.18 4.94
CA ASP L 50 14.49 64.07 3.83
C ASP L 50 13.05 63.88 3.37
N CYS L 51 12.64 62.64 3.13
CA CYS L 51 11.30 62.33 2.67
C CYS L 51 10.47 61.56 3.68
N GLY L 52 11.08 60.62 4.38
CA GLY L 52 10.38 59.79 5.33
C GLY L 52 10.13 58.36 4.89
N HIS L 53 10.90 57.84 3.95
CA HIS L 53 10.70 56.48 3.47
C HIS L 53 11.25 55.50 4.50
N ARG L 54 10.57 54.36 4.64
CA ARG L 54 10.80 53.49 5.77
C ARG L 54 11.81 52.38 5.51
N ILE L 55 12.18 52.14 4.25
CA ILE L 55 13.15 51.11 3.91
C ILE L 55 14.41 51.78 3.38
N LEU L 56 15.55 51.13 3.63
CA LEU L 56 16.87 51.71 3.33
C LEU L 56 17.78 50.63 2.77
N LEU L 57 18.52 50.97 1.71
CA LEU L 57 19.44 50.06 1.06
C LEU L 57 20.88 50.39 1.45
N LYS L 58 21.77 49.42 1.22
CA LYS L 58 23.19 49.56 1.54
C LYS L 58 23.99 49.73 0.26
N ALA L 59 24.98 50.62 0.30
CA ALA L 59 25.82 50.90 -0.85
C ALA L 59 26.77 49.75 -1.14
N ARG L 60 27.27 49.73 -2.37
CA ARG L 60 28.32 48.79 -2.74
C ARG L 60 29.61 49.17 -2.02
N THR L 61 30.34 48.15 -1.56
CA THR L 61 31.56 48.37 -0.79
C THR L 61 32.66 48.98 -1.65
N LYS L 62 33.66 49.54 -0.97
CA LYS L 62 34.76 50.24 -1.62
C LYS L 62 36.01 49.38 -1.75
N ARG L 63 35.93 48.10 -1.42
CA ARG L 63 37.06 47.21 -1.51
C ARG L 63 37.18 46.66 -2.93
N LEU L 64 38.18 45.80 -3.14
CA LEU L 64 38.45 45.20 -4.45
C LEU L 64 37.88 43.79 -4.46
N VAL L 65 37.12 43.48 -5.51
CA VAL L 65 36.56 42.15 -5.70
C VAL L 65 37.13 41.57 -6.99
N GLN L 66 37.42 40.28 -6.97
CA GLN L 66 38.08 39.58 -8.07
C GLN L 66 37.06 38.73 -8.82
N PHE L 67 37.12 38.78 -10.15
CA PHE L 67 36.28 37.95 -11.00
C PHE L 67 37.12 37.36 -12.12
N GLU L 68 36.52 36.38 -12.80
CA GLU L 68 37.17 35.64 -13.87
C GLU L 68 36.32 35.74 -15.13
N ALA L 69 36.95 36.12 -16.24
CA ALA L 69 36.25 36.44 -17.48
C ALA L 69 36.01 35.22 -18.36
N ARG L 70 36.02 34.02 -17.78
CA ARG L 70 35.76 32.80 -18.54
C ARG L 70 34.29 32.42 -18.46
N ILE M 71 -63.68 43.73 -44.61
CA ILE M 71 -64.17 42.86 -43.55
C ILE M 71 -64.16 43.62 -42.24
N GLU M 72 -65.31 43.63 -41.57
CA GLU M 72 -65.54 44.50 -40.42
C GLU M 72 -64.81 43.97 -39.18
N GLU M 73 -64.85 44.79 -38.11
CA GLU M 73 -64.23 44.47 -36.85
C GLU M 73 -65.28 44.43 -35.74
N PHE M 74 -64.92 43.80 -34.63
CA PHE M 74 -65.80 43.67 -33.47
C PHE M 74 -65.14 44.35 -32.28
N PRO M 75 -65.52 45.59 -31.97
CA PRO M 75 -64.69 46.43 -31.07
C PRO M 75 -64.72 45.96 -29.62
N LEU M 76 -63.55 46.03 -28.98
CA LEU M 76 -63.36 45.70 -27.58
C LEU M 76 -63.11 46.97 -26.78
N LYS M 77 -63.81 47.13 -25.65
CA LYS M 77 -63.54 48.19 -24.70
C LYS M 77 -63.46 47.61 -23.30
N ILE M 78 -62.78 48.33 -22.41
CA ILE M 78 -62.67 47.89 -21.03
C ILE M 78 -63.97 48.16 -20.27
N SER M 79 -64.75 49.14 -20.71
CA SER M 79 -66.12 49.44 -20.27
C SER M 79 -66.25 49.74 -18.78
N GLY M 80 -65.19 50.13 -18.11
CA GLY M 80 -65.31 50.53 -16.73
C GLY M 80 -64.83 49.45 -15.77
N GLU M 81 -64.59 49.85 -14.52
CA GLU M 81 -64.11 48.94 -13.49
C GLU M 81 -64.57 49.50 -12.14
N GLU M 82 -65.55 48.83 -11.53
CA GLU M 82 -66.01 49.22 -10.19
C GLU M 82 -66.21 48.05 -9.24
N GLU M 83 -66.37 46.82 -9.71
CA GLU M 83 -66.73 45.69 -8.88
C GLU M 83 -65.56 44.72 -8.76
N SER M 84 -65.81 43.58 -8.12
CA SER M 84 -64.82 42.52 -7.95
C SER M 84 -65.38 41.22 -8.52
N LEU M 85 -64.53 40.44 -9.19
CA LEU M 85 -64.93 39.18 -9.81
C LEU M 85 -64.12 38.03 -9.23
N HIS M 86 -64.62 36.82 -9.48
CA HIS M 86 -63.99 35.57 -9.08
C HIS M 86 -64.38 34.48 -10.06
N VAL M 87 -63.62 33.38 -10.05
CA VAL M 87 -63.84 32.24 -10.93
C VAL M 87 -63.66 30.95 -10.14
N PHE M 88 -64.66 30.07 -10.22
CA PHE M 88 -64.65 28.74 -9.62
C PHE M 88 -63.48 27.88 -10.05
N GLN M 89 -63.47 27.51 -11.34
CA GLN M 89 -62.50 26.58 -11.96
C GLN M 89 -62.54 25.23 -11.23
N TYR M 90 -63.68 24.56 -11.39
CA TYR M 90 -63.91 23.25 -10.79
C TYR M 90 -62.96 22.20 -11.36
N ALA M 91 -62.10 21.64 -10.51
CA ALA M 91 -61.13 20.63 -10.94
C ALA M 91 -61.67 19.21 -10.83
N ASN M 92 -62.99 19.03 -10.85
CA ASN M 92 -63.58 17.73 -10.60
C ASN M 92 -64.44 17.20 -11.74
N ARG M 93 -65.32 18.04 -12.31
CA ARG M 93 -66.32 17.57 -13.26
C ARG M 93 -66.00 18.06 -14.67
N PRO M 94 -65.41 17.21 -15.54
CA PRO M 94 -65.02 17.68 -16.88
C PRO M 94 -66.16 18.02 -17.84
N ARG M 95 -66.97 17.03 -18.23
CA ARG M 95 -67.84 17.16 -19.40
C ARG M 95 -68.76 15.94 -19.48
N LEU M 96 -70.00 16.16 -19.90
CA LEU M 96 -70.95 15.10 -20.23
C LEU M 96 -71.15 15.17 -21.74
N VAL M 97 -70.37 14.36 -22.47
CA VAL M 97 -69.90 14.64 -23.84
C VAL M 97 -71.01 14.94 -24.84
N GLY M 98 -72.22 14.46 -24.59
CA GLY M 98 -73.35 14.72 -25.47
C GLY M 98 -74.49 15.39 -24.74
N ARG M 99 -75.30 16.14 -25.51
CA ARG M 99 -76.57 16.73 -25.07
C ARG M 99 -76.39 17.70 -23.89
N LYS M 100 -75.76 18.86 -24.22
CA LYS M 100 -75.60 20.02 -23.36
C LYS M 100 -74.81 19.71 -22.08
N PRO M 101 -73.48 19.57 -22.19
CA PRO M 101 -72.67 18.98 -21.12
C PRO M 101 -72.60 19.72 -19.78
N ALA M 102 -71.89 19.07 -18.85
CA ALA M 102 -71.26 19.53 -17.63
C ALA M 102 -72.23 19.78 -16.46
N GLU M 103 -73.56 19.76 -16.67
CA GLU M 103 -74.66 19.65 -15.70
C GLU M 103 -74.46 20.29 -14.31
N HIS M 104 -74.25 21.60 -14.30
CA HIS M 104 -73.87 22.32 -13.08
C HIS M 104 -75.01 22.28 -12.05
N PRO M 105 -74.69 22.00 -10.76
CA PRO M 105 -75.75 21.78 -9.77
C PRO M 105 -76.51 23.03 -9.35
N PHE M 106 -77.42 22.85 -8.38
CA PHE M 106 -78.44 23.84 -8.04
C PHE M 106 -78.51 24.15 -6.56
N ILE M 107 -78.16 23.19 -5.70
CA ILE M 107 -78.53 23.29 -4.28
C ILE M 107 -77.55 24.12 -3.45
N SER M 108 -76.30 24.28 -3.94
CA SER M 108 -75.07 24.44 -3.15
C SER M 108 -75.13 25.37 -1.94
N ALA M 109 -75.28 26.68 -2.19
CA ALA M 109 -75.54 27.73 -1.18
C ALA M 109 -74.57 27.69 0.01
N ALA M 110 -73.29 27.92 -0.27
CA ALA M 110 -72.25 27.74 0.73
C ALA M 110 -71.60 29.06 1.10
N ARG M 111 -70.67 28.99 2.05
CA ARG M 111 -70.13 30.16 2.74
C ARG M 111 -68.85 30.66 2.06
N TYR M 112 -68.31 31.75 2.61
CA TYR M 112 -67.17 32.48 2.06
C TYR M 112 -66.38 33.10 3.21
N LYS M 113 -65.07 33.23 3.03
CA LYS M 113 -64.20 33.86 4.04
C LYS M 113 -63.20 34.80 3.37
N PRO M 114 -63.09 36.05 3.83
CA PRO M 114 -61.97 36.90 3.41
C PRO M 114 -60.72 36.68 4.26
N LYS M 115 -59.69 37.51 4.00
CA LYS M 115 -58.43 37.75 4.72
C LYS M 115 -57.47 36.55 4.71
N SER M 116 -57.95 35.40 4.24
CA SER M 116 -57.14 34.28 3.79
C SER M 116 -57.70 33.62 2.54
N HIS M 117 -58.95 33.93 2.19
CA HIS M 117 -59.64 33.78 0.92
C HIS M 117 -60.05 32.35 0.58
N LEU M 118 -59.55 31.34 1.30
CA LEU M 118 -60.32 30.28 1.96
C LEU M 118 -61.73 30.01 1.43
N TRP M 119 -61.89 29.65 0.16
CA TRP M 119 -63.22 29.29 -0.32
C TRP M 119 -63.68 27.97 0.28
N GLU M 120 -65.00 27.82 0.38
CA GLU M 120 -65.66 26.54 0.62
C GLU M 120 -66.94 26.52 -0.22
N ILE M 121 -67.16 25.43 -0.95
CA ILE M 121 -68.42 25.24 -1.66
C ILE M 121 -68.91 23.82 -1.36
N ASP M 122 -70.22 23.64 -1.47
CA ASP M 122 -70.87 22.40 -1.07
C ASP M 122 -71.58 21.78 -2.26
N ILE M 123 -71.66 20.45 -2.26
CA ILE M 123 -72.36 19.70 -3.31
C ILE M 123 -73.32 18.72 -2.64
N PRO M 124 -74.58 18.66 -3.05
CA PRO M 124 -75.50 17.68 -2.47
C PRO M 124 -75.18 16.26 -2.92
N LEU M 125 -75.51 15.30 -2.07
CA LEU M 125 -75.24 13.89 -2.33
C LEU M 125 -76.47 13.21 -2.90
N ASP M 126 -76.26 12.35 -3.89
CA ASP M 126 -77.33 11.54 -4.46
C ASP M 126 -77.70 10.46 -3.46
N GLU M 127 -78.91 10.53 -2.91
CA GLU M 127 -79.35 9.60 -1.88
C GLU M 127 -79.97 8.33 -2.46
N GLN M 128 -80.53 8.39 -3.66
CA GLN M 128 -81.26 7.26 -4.21
C GLN M 128 -80.32 6.17 -4.73
N ALA M 129 -79.34 6.55 -5.55
CA ALA M 129 -78.46 5.60 -6.20
C ALA M 129 -77.06 5.66 -5.61
N PHE M 130 -76.37 4.51 -5.65
CA PHE M 130 -74.99 4.24 -5.21
C PHE M 130 -74.59 4.87 -3.88
N TYR M 131 -75.53 4.96 -2.93
CA TYR M 131 -75.28 5.79 -1.76
C TYR M 131 -74.40 5.09 -0.72
N ASN M 132 -74.57 3.77 -0.55
CA ASN M 132 -73.86 2.94 0.43
C ASN M 132 -74.08 3.50 1.85
N LYS M 133 -75.34 3.37 2.29
CA LYS M 133 -75.80 3.93 3.55
C LYS M 133 -75.08 3.36 4.77
N ASP M 134 -74.54 2.13 4.67
CA ASP M 134 -73.82 1.54 5.79
C ASP M 134 -72.54 2.32 6.11
N LYS M 135 -71.75 2.66 5.09
CA LYS M 135 -70.53 3.43 5.31
C LYS M 135 -70.84 4.88 5.69
N ALA M 136 -71.92 5.44 5.15
CA ALA M 136 -72.23 6.84 5.41
C ALA M 136 -72.82 7.05 6.80
N GLU M 137 -73.60 6.10 7.31
CA GLU M 137 -74.20 6.21 8.64
C GLU M 137 -73.66 5.15 9.61
N SER M 138 -72.45 4.65 9.39
CA SER M 138 -71.78 3.81 10.37
C SER M 138 -70.52 4.46 10.93
N GLU M 139 -69.66 4.99 10.07
CA GLU M 139 -68.43 5.63 10.53
C GLU M 139 -68.68 7.07 10.96
N TRP M 140 -69.15 7.90 10.04
CA TRP M 140 -69.44 9.30 10.33
C TRP M 140 -70.96 9.52 10.34
N ASN M 141 -71.35 10.78 10.50
CA ASN M 141 -72.76 11.14 10.68
C ASN M 141 -73.51 11.03 9.35
N GLY M 142 -74.84 11.03 9.44
CA GLY M 142 -75.70 11.07 8.26
C GLY M 142 -75.50 12.33 7.45
N VAL M 143 -74.84 12.21 6.31
CA VAL M 143 -74.28 13.34 5.60
C VAL M 143 -75.07 13.60 4.32
N ASN M 144 -75.16 14.87 3.95
CA ASN M 144 -75.71 15.29 2.67
C ASN M 144 -74.85 16.39 2.07
N VAL M 145 -73.73 16.73 2.72
CA VAL M 145 -72.87 17.82 2.30
C VAL M 145 -71.55 17.22 1.80
N GLN M 146 -70.93 17.89 0.83
CA GLN M 146 -69.62 17.50 0.30
C GLN M 146 -68.84 18.79 0.11
N THR M 147 -68.09 19.18 1.15
CA THR M 147 -67.44 20.48 1.21
C THR M 147 -66.17 20.48 0.37
N LEU M 148 -65.97 21.53 -0.42
CA LEU M 148 -64.74 21.74 -1.17
C LEU M 148 -63.95 22.87 -0.50
N LYS M 149 -62.79 23.18 -1.09
CA LYS M 149 -61.90 24.17 -0.51
C LYS M 149 -61.01 24.74 -1.60
N GLY M 150 -60.81 26.06 -1.56
CA GLY M 150 -59.96 26.72 -2.53
C GLY M 150 -59.36 27.98 -1.95
N VAL M 151 -58.13 28.28 -2.38
CA VAL M 151 -57.43 29.50 -2.00
C VAL M 151 -57.06 30.24 -3.28
N GLY M 152 -57.44 31.51 -3.34
CA GLY M 152 -57.16 32.32 -4.51
C GLY M 152 -55.83 33.05 -4.42
N VAL M 153 -55.29 33.39 -5.59
CA VAL M 153 -54.05 34.16 -5.69
C VAL M 153 -54.30 35.27 -6.71
N GLU M 154 -53.68 36.44 -6.49
CA GLU M 154 -53.88 37.57 -7.37
C GLU M 154 -53.13 37.37 -8.68
N ASN M 155 -53.68 37.92 -9.75
CA ASN M 155 -53.12 37.78 -11.09
C ASN M 155 -53.26 39.10 -11.83
N ASN M 156 -52.61 39.17 -12.98
CA ASN M 156 -52.65 40.38 -13.80
C ASN M 156 -52.81 39.98 -15.26
N GLY M 157 -53.46 40.86 -16.02
CA GLY M 157 -53.62 40.66 -17.44
C GLY M 157 -54.78 39.78 -17.85
N GLN M 158 -55.44 39.11 -16.91
CA GLN M 158 -56.60 38.28 -17.23
C GLN M 158 -57.86 39.15 -17.28
N TYR M 159 -58.75 38.81 -18.21
CA TYR M 159 -59.99 39.57 -18.40
C TYR M 159 -61.09 38.64 -18.89
N ALA M 160 -62.31 38.90 -18.44
CA ALA M 160 -63.49 38.18 -18.90
C ALA M 160 -64.24 39.01 -19.93
N ALA M 161 -64.91 38.33 -20.86
CA ALA M 161 -65.52 39.00 -21.99
C ALA M 161 -66.87 38.39 -22.34
N PHE M 162 -67.80 39.24 -22.78
CA PHE M 162 -69.07 38.80 -23.35
C PHE M 162 -69.37 39.63 -24.59
N VAL M 163 -70.13 39.04 -25.51
CA VAL M 163 -70.36 39.59 -26.84
C VAL M 163 -71.84 39.83 -27.03
N LYS M 164 -72.21 40.99 -27.59
CA LYS M 164 -73.60 41.25 -27.99
C LYS M 164 -73.62 41.90 -29.37
N ASP M 165 -73.85 41.07 -30.40
CA ASP M 165 -74.34 41.42 -31.73
C ASP M 165 -73.40 42.27 -32.60
N MET M 166 -72.46 43.00 -32.00
CA MET M 166 -71.42 43.67 -32.76
C MET M 166 -70.12 43.83 -31.96
N GLN M 167 -70.13 43.54 -30.66
CA GLN M 167 -69.25 44.23 -29.75
C GLN M 167 -68.89 43.34 -28.57
N VAL M 168 -67.64 43.42 -28.14
CA VAL M 168 -67.10 42.62 -27.05
C VAL M 168 -66.80 43.55 -25.88
N TYR M 169 -67.31 43.22 -24.70
CA TYR M 169 -67.09 44.01 -23.49
C TYR M 169 -66.15 43.26 -22.57
N LEU M 170 -64.98 43.83 -22.31
CA LEU M 170 -64.02 43.24 -21.38
C LEU M 170 -64.41 43.58 -19.96
N VAL M 171 -64.22 42.62 -19.05
CA VAL M 171 -64.48 42.83 -17.63
C VAL M 171 -63.24 42.40 -16.85
N PRO M 172 -62.70 43.24 -15.97
CA PRO M 172 -61.59 42.80 -15.11
C PRO M 172 -62.05 41.75 -14.12
N ILE M 173 -61.16 40.80 -13.86
CA ILE M 173 -61.55 39.56 -13.19
C ILE M 173 -60.90 39.45 -11.82
N GLU M 174 -59.68 40.00 -11.68
CA GLU M 174 -59.04 40.41 -10.44
C GLU M 174 -58.62 39.27 -9.50
N ARG M 175 -59.16 38.06 -9.67
CA ARG M 175 -58.84 36.89 -8.86
C ARG M 175 -59.14 35.65 -9.67
N VAL M 176 -58.31 34.61 -9.49
CA VAL M 176 -58.52 33.28 -10.06
C VAL M 176 -58.20 32.26 -8.98
N ALA M 177 -59.14 31.35 -8.70
CA ALA M 177 -58.95 30.30 -7.72
C ALA M 177 -59.33 28.95 -8.32
N GLN M 178 -59.06 27.89 -7.56
CA GLN M 178 -59.36 26.52 -7.99
C GLN M 178 -60.04 25.77 -6.85
N LEU M 179 -61.10 25.04 -7.17
CA LEU M 179 -61.81 24.22 -6.20
C LEU M 179 -61.18 22.83 -6.15
N LYS M 180 -60.79 22.40 -4.95
CA LYS M 180 -60.21 21.08 -4.73
C LYS M 180 -60.93 20.45 -3.54
N PRO M 181 -61.44 19.23 -3.68
CA PRO M 181 -62.31 18.67 -2.63
C PRO M 181 -61.58 18.24 -1.36
N PHE M 182 -61.30 19.19 -0.47
CA PHE M 182 -60.79 18.86 0.85
C PHE M 182 -61.93 18.31 1.70
N PHE M 183 -61.74 17.09 2.21
CA PHE M 183 -62.78 16.40 2.96
C PHE M 183 -62.91 16.99 4.35
N LYS M 184 -64.14 17.36 4.73
CA LYS M 184 -64.42 18.02 6.00
C LYS M 184 -64.91 17.05 7.07
N TYR M 185 -65.68 16.03 6.68
CA TYR M 185 -66.23 15.11 7.66
C TYR M 185 -65.18 14.19 8.27
N ILE M 186 -64.04 13.99 7.60
CA ILE M 186 -62.95 13.26 8.25
C ILE M 186 -62.34 14.10 9.37
N ASP M 187 -62.31 15.43 9.21
CA ASP M 187 -61.90 16.31 10.29
C ASP M 187 -62.93 16.31 11.41
N ASP M 188 -64.22 16.32 11.04
CA ASP M 188 -65.28 16.31 12.06
C ASP M 188 -65.31 14.99 12.83
N ALA M 189 -64.95 13.89 12.19
CA ALA M 189 -64.89 12.59 12.85
C ALA M 189 -63.59 12.36 13.58
N ASN M 190 -62.50 13.04 13.20
CA ASN M 190 -61.27 12.91 13.95
C ASN M 190 -61.29 13.78 15.21
N VAL M 191 -61.88 14.97 15.12
CA VAL M 191 -61.91 15.87 16.28
C VAL M 191 -62.89 15.37 17.34
N THR M 192 -63.85 14.52 16.96
CA THR M 192 -64.75 13.92 17.93
C THR M 192 -64.12 12.69 18.58
N ARG M 193 -63.44 11.86 17.79
CA ARG M 193 -62.90 10.59 18.25
C ARG M 193 -61.48 10.72 18.82
N LYS M 194 -61.07 11.92 19.26
CA LYS M 194 -59.82 12.04 20.00
C LYS M 194 -59.97 11.45 21.40
N GLN M 195 -61.02 11.84 22.11
CA GLN M 195 -61.27 11.44 23.49
C GLN M 195 -62.69 10.93 23.65
N GLU M 196 -63.11 10.04 22.74
CA GLU M 196 -64.44 9.47 22.80
C GLU M 196 -64.57 8.47 23.94
N GLN M 224 -45.23 34.12 20.95
CA GLN M 224 -46.05 33.54 19.88
C GLN M 224 -46.69 34.64 19.04
N ASN M 225 -46.18 35.86 19.18
CA ASN M 225 -46.70 36.99 18.42
C ASN M 225 -46.21 37.00 16.98
N ARG M 226 -44.96 36.61 16.74
CA ARG M 226 -44.38 36.58 15.40
C ARG M 226 -44.29 35.13 14.93
N LEU M 227 -44.57 34.93 13.63
CA LEU M 227 -44.49 33.60 13.03
C LEU M 227 -43.68 33.67 11.75
N THR M 228 -43.60 34.86 11.16
CA THR M 228 -42.81 35.19 9.96
C THR M 228 -43.20 34.30 8.76
N GLY M 229 -44.46 34.40 8.36
CA GLY M 229 -44.91 33.77 7.14
C GLY M 229 -45.21 32.29 7.25
N SER M 230 -46.31 31.87 6.62
CA SER M 230 -46.79 30.50 6.42
C SER M 230 -47.20 29.77 7.69
N LEU M 231 -47.05 30.37 8.86
CA LEU M 231 -47.64 29.87 10.10
C LEU M 231 -48.72 30.79 10.63
N LEU M 232 -48.52 32.10 10.50
CA LEU M 232 -49.61 33.05 10.71
C LEU M 232 -50.67 32.93 9.63
N ALA M 233 -50.26 32.56 8.41
CA ALA M 233 -51.22 32.39 7.32
C ALA M 233 -52.03 31.11 7.48
N HIS M 234 -51.46 30.08 8.08
CA HIS M 234 -52.21 28.86 8.36
C HIS M 234 -52.94 28.90 9.70
N LYS M 235 -52.52 29.78 10.61
CA LYS M 235 -53.22 29.92 11.89
C LYS M 235 -54.49 30.74 11.75
N VAL M 236 -54.42 31.84 11.00
CA VAL M 236 -55.59 32.72 10.82
C VAL M 236 -56.33 32.17 9.60
N ALA M 237 -57.17 31.17 9.86
CA ALA M 237 -57.97 30.59 8.78
C ALA M 237 -59.40 30.25 9.16
N ASP M 238 -59.77 30.25 10.44
CA ASP M 238 -61.03 29.67 10.89
C ASP M 238 -61.72 30.56 11.93
N GLU M 239 -61.86 31.85 11.65
CA GLU M 239 -62.37 32.79 12.64
C GLU M 239 -63.77 33.30 12.33
N GLU M 240 -63.97 34.01 11.23
CA GLU M 240 -65.25 34.69 11.03
C GLU M 240 -66.32 33.79 10.41
N ALA M 241 -66.13 33.37 9.15
CA ALA M 241 -66.94 32.40 8.41
C ALA M 241 -68.44 32.69 8.32
N ASN M 242 -68.88 33.90 8.69
CA ASN M 242 -70.30 34.21 8.75
C ASN M 242 -70.83 34.83 7.46
N ILE M 243 -70.53 34.22 6.33
CA ILE M 243 -71.03 34.66 5.03
C ILE M 243 -71.76 33.47 4.41
N GLU M 244 -72.48 32.71 5.25
CA GLU M 244 -73.42 31.70 4.77
C GLU M 244 -74.41 32.35 3.80
N LEU M 245 -74.33 31.96 2.54
CA LEU M 245 -74.69 32.84 1.43
C LEU M 245 -75.88 32.30 0.65
N THR M 246 -76.68 33.23 0.13
CA THR M 246 -77.85 32.90 -0.69
C THR M 246 -77.44 32.89 -2.15
N TRP M 247 -77.46 31.70 -2.76
CA TRP M 247 -77.08 31.53 -4.16
C TRP M 247 -78.13 32.15 -5.06
N ALA M 248 -77.70 33.06 -5.95
CA ALA M 248 -78.60 33.82 -6.79
C ALA M 248 -78.13 33.77 -8.24
N GLU M 249 -78.89 34.45 -9.11
CA GLU M 249 -78.59 34.54 -10.54
C GLU M 249 -78.84 35.97 -10.99
N GLY M 250 -78.91 36.17 -12.30
CA GLY M 250 -79.28 37.46 -12.83
C GLY M 250 -78.47 37.92 -14.02
N THR M 251 -79.17 38.31 -15.10
CA THR M 251 -78.55 38.89 -16.27
C THR M 251 -78.91 40.38 -16.42
N PHE M 252 -79.40 41.00 -15.36
CA PHE M 252 -79.75 42.41 -15.37
C PHE M 252 -78.80 43.27 -14.55
N GLU M 253 -78.21 42.72 -13.49
CA GLU M 253 -77.30 43.50 -12.65
C GLU M 253 -75.89 43.58 -13.22
N GLN M 254 -75.58 42.83 -14.28
CA GLN M 254 -74.27 42.88 -14.91
C GLN M 254 -74.33 43.30 -16.36
N PHE M 255 -75.25 42.73 -17.15
CA PHE M 255 -75.35 43.07 -18.56
C PHE M 255 -75.92 44.47 -18.75
N LYS M 256 -76.91 44.85 -17.94
CA LYS M 256 -77.38 46.24 -17.90
C LYS M 256 -76.68 47.04 -16.80
N ASP M 257 -75.35 46.91 -16.73
CA ASP M 257 -74.55 47.73 -15.83
C ASP M 257 -73.29 48.29 -16.47
N THR M 258 -72.76 47.66 -17.51
CA THR M 258 -71.59 48.15 -18.22
C THR M 258 -71.90 48.58 -19.63
N ILE M 259 -73.19 48.67 -19.99
CA ILE M 259 -73.60 49.02 -21.34
C ILE M 259 -74.05 50.48 -21.43
N VAL M 260 -74.26 51.16 -20.31
CA VAL M 260 -74.74 52.55 -20.29
C VAL M 260 -73.53 53.40 -19.92
N LYS M 261 -72.33 52.90 -20.22
CA LYS M 261 -71.11 53.63 -19.88
C LYS M 261 -70.60 54.50 -21.02
N GLU M 262 -70.96 54.19 -22.26
CA GLU M 262 -70.52 54.98 -23.41
C GLU M 262 -71.55 56.04 -23.77
N LYS N 274 -38.17 21.97 -38.98
CA LYS N 274 -39.54 21.82 -39.45
C LYS N 274 -40.52 22.44 -38.47
N GLU N 275 -39.98 23.10 -37.44
CA GLU N 275 -40.81 23.70 -36.40
C GLU N 275 -41.53 24.96 -36.86
N ALA N 276 -41.14 25.54 -37.99
CA ALA N 276 -41.87 26.66 -38.56
C ALA N 276 -43.08 26.23 -39.37
N ALA N 277 -43.23 24.93 -39.64
CA ALA N 277 -44.42 24.43 -40.32
C ALA N 277 -45.63 24.46 -39.42
N ALA N 278 -45.45 24.11 -38.15
CA ALA N 278 -46.52 24.19 -37.16
C ALA N 278 -46.78 25.60 -36.67
N GLU N 279 -45.92 26.56 -37.05
CA GLU N 279 -46.17 27.97 -36.78
C GLU N 279 -47.07 28.62 -37.84
N LEU N 280 -47.50 27.86 -38.84
CA LEU N 280 -48.44 28.37 -39.83
C LEU N 280 -49.61 27.39 -39.99
N GLU N 281 -49.34 26.10 -39.77
CA GLU N 281 -50.38 25.09 -39.95
C GLU N 281 -51.37 25.12 -38.81
N LEU N 282 -50.89 25.22 -37.56
CA LEU N 282 -51.77 25.26 -36.41
C LEU N 282 -52.22 26.68 -36.09
N LEU N 283 -51.54 27.70 -36.63
CA LEU N 283 -52.04 29.08 -36.52
C LEU N 283 -53.25 29.33 -37.42
N ASN N 284 -53.47 28.52 -38.44
CA ASN N 284 -54.71 28.53 -39.21
C ASN N 284 -55.71 27.50 -38.69
N ALA N 285 -55.53 27.02 -37.46
CA ALA N 285 -56.48 26.14 -36.82
C ALA N 285 -57.15 26.77 -35.61
N ASP N 286 -56.54 27.76 -34.97
CA ASP N 286 -57.16 28.49 -33.88
C ASP N 286 -57.76 29.83 -34.32
N HIS N 287 -57.30 30.39 -35.44
CA HIS N 287 -57.96 31.56 -36.01
C HIS N 287 -59.32 31.18 -36.59
N GLN N 288 -59.45 29.95 -37.10
CA GLN N 288 -60.75 29.46 -37.52
C GLN N 288 -61.60 28.96 -36.34
N HIS N 289 -60.96 28.69 -35.20
CA HIS N 289 -61.70 28.21 -34.03
C HIS N 289 -62.36 29.36 -33.28
N ILE N 290 -61.67 30.49 -33.15
CA ILE N 290 -62.29 31.66 -32.53
C ILE N 290 -63.27 32.34 -33.47
N LEU N 291 -63.09 32.18 -34.79
CA LEU N 291 -64.05 32.72 -35.74
C LEU N 291 -65.34 31.92 -35.71
N ARG N 292 -65.26 30.63 -35.37
CA ARG N 292 -66.41 29.77 -35.13
C ARG N 292 -67.04 30.03 -33.75
N LYS N 293 -66.35 30.77 -32.89
CA LYS N 293 -66.86 31.11 -31.57
C LYS N 293 -67.37 32.55 -31.47
N LEU N 294 -66.78 33.46 -32.23
CA LEU N 294 -67.14 34.88 -32.11
C LEU N 294 -68.41 35.21 -32.88
N LYS N 295 -68.40 35.03 -34.21
CA LYS N 295 -69.50 35.52 -35.04
C LYS N 295 -70.57 34.47 -35.30
N LYS N 296 -70.29 33.19 -35.04
CA LYS N 296 -71.30 32.16 -35.25
C LYS N 296 -72.39 32.21 -34.18
N MET N 297 -72.05 32.68 -32.98
CA MET N 297 -72.96 32.66 -31.85
C MET N 297 -73.13 34.09 -31.33
N ASN N 298 -73.45 35.01 -32.23
CA ASN N 298 -73.35 36.43 -31.95
C ASN N 298 -74.60 36.98 -31.26
N ASN N 299 -75.75 36.29 -31.39
CA ASN N 299 -77.04 36.86 -31.06
C ASN N 299 -77.25 37.21 -29.58
N LYS N 300 -77.36 36.18 -28.71
CA LYS N 300 -77.51 36.40 -27.27
C LYS N 300 -77.17 35.21 -26.37
N PRO N 301 -75.92 34.73 -26.33
CA PRO N 301 -75.62 33.70 -25.32
C PRO N 301 -75.35 34.35 -23.97
N GLU N 302 -76.13 33.97 -22.97
CA GLU N 302 -75.83 34.32 -21.58
C GLU N 302 -74.67 33.43 -21.15
N ARG N 303 -73.46 33.87 -21.50
CA ARG N 303 -72.32 32.97 -21.59
C ARG N 303 -71.04 33.80 -21.68
N PHE N 304 -70.02 33.40 -20.92
CA PHE N 304 -68.79 34.15 -20.90
C PHE N 304 -67.61 33.45 -21.53
N MET N 305 -66.60 34.26 -21.80
CA MET N 305 -65.30 33.80 -22.31
C MET N 305 -64.20 34.36 -21.42
N VAL N 306 -62.94 34.14 -21.79
CA VAL N 306 -61.82 34.72 -21.05
C VAL N 306 -60.67 35.03 -22.01
N PHE N 307 -60.19 36.27 -21.95
CA PHE N 307 -59.10 36.76 -22.77
C PHE N 307 -57.90 37.03 -21.88
N GLN N 308 -56.70 36.89 -22.44
CA GLN N 308 -55.46 37.22 -21.74
C GLN N 308 -54.81 38.42 -22.43
N LEU N 309 -54.89 39.57 -21.80
CA LEU N 309 -54.26 40.78 -22.32
C LEU N 309 -52.88 40.96 -21.73
N PRO N 310 -51.90 41.45 -22.47
CA PRO N 310 -50.59 41.74 -21.89
C PRO N 310 -50.63 43.02 -21.06
N THR N 311 -49.74 43.07 -20.08
CA THR N 311 -49.64 44.23 -19.20
C THR N 311 -48.83 45.33 -19.88
N ARG N 312 -48.49 46.37 -19.11
CA ARG N 312 -47.96 47.68 -19.55
C ARG N 312 -48.68 48.19 -20.81
N LEU N 313 -50.01 48.22 -20.70
CA LEU N 313 -50.87 48.63 -21.80
C LEU N 313 -50.69 50.12 -22.09
N PRO N 314 -50.77 50.53 -23.37
CA PRO N 314 -50.48 51.93 -23.72
C PRO N 314 -51.51 52.92 -23.22
N ALA N 315 -51.10 53.79 -22.31
CA ALA N 315 -52.00 54.80 -21.75
C ALA N 315 -52.24 55.93 -22.73
N VAL N 360 -60.98 50.97 -27.74
CA VAL N 360 -59.73 50.68 -28.42
C VAL N 360 -59.97 49.70 -29.58
N GLY N 361 -58.92 49.45 -30.36
CA GLY N 361 -59.04 48.65 -31.55
C GLY N 361 -59.20 47.16 -31.26
N SER N 362 -59.34 46.39 -32.34
CA SER N 362 -59.82 45.02 -32.21
C SER N 362 -59.41 44.20 -33.43
N ILE N 363 -60.12 43.08 -33.65
CA ILE N 363 -59.61 41.89 -34.32
C ILE N 363 -59.18 42.17 -35.76
N ARG N 364 -60.08 42.76 -36.56
CA ARG N 364 -59.85 43.16 -37.95
C ARG N 364 -59.44 41.95 -38.81
N VAL N 365 -60.41 41.06 -39.03
CA VAL N 365 -60.20 39.83 -39.78
C VAL N 365 -59.73 40.15 -41.20
N HIS N 366 -58.57 39.62 -41.57
CA HIS N 366 -57.89 39.96 -42.81
C HIS N 366 -58.49 39.17 -43.98
N LYS N 367 -57.78 39.17 -45.12
CA LYS N 367 -58.27 38.60 -46.38
C LYS N 367 -58.29 37.06 -46.32
N SER N 368 -59.20 36.54 -45.48
CA SER N 368 -59.32 35.12 -45.14
C SER N 368 -57.99 34.55 -44.65
N GLY N 369 -57.25 35.35 -43.89
CA GLY N 369 -55.94 34.96 -43.41
C GLY N 369 -55.86 34.82 -41.91
N LYS N 370 -55.23 35.79 -41.25
CA LYS N 370 -55.00 35.78 -39.82
C LYS N 370 -55.91 36.79 -39.13
N LEU N 371 -55.86 36.76 -37.80
CA LEU N 371 -56.64 37.65 -36.94
C LEU N 371 -55.68 38.30 -35.97
N SER N 372 -55.65 39.64 -35.95
CA SER N 372 -54.59 40.35 -35.24
C SER N 372 -55.09 41.72 -34.80
N VAL N 373 -55.13 41.92 -33.48
CA VAL N 373 -55.67 43.16 -32.91
C VAL N 373 -54.71 44.32 -33.16
N LYS N 374 -55.24 45.43 -33.67
CA LYS N 374 -54.53 46.71 -33.68
C LYS N 374 -55.19 47.61 -32.64
N ILE N 375 -54.66 47.57 -31.42
CA ILE N 375 -55.24 48.33 -30.32
C ILE N 375 -54.99 49.82 -30.53
N GLY N 376 -55.79 50.65 -29.85
CA GLY N 376 -55.56 52.09 -29.81
C GLY N 376 -54.23 52.43 -29.17
N ASN N 377 -53.81 53.68 -29.38
CA ASN N 377 -52.40 54.10 -29.26
C ASN N 377 -51.61 53.20 -30.21
N VAL N 378 -51.68 53.53 -31.50
CA VAL N 378 -51.71 52.68 -32.69
C VAL N 378 -50.67 51.55 -32.74
N VAL N 379 -49.61 51.61 -31.91
CA VAL N 379 -48.65 50.52 -31.82
C VAL N 379 -49.37 49.23 -31.40
N MET N 380 -49.02 48.13 -32.06
CA MET N 380 -49.98 47.11 -32.45
C MET N 380 -49.68 45.78 -31.75
N ASP N 381 -50.73 44.99 -31.51
CA ASP N 381 -50.72 43.91 -30.53
C ASP N 381 -51.44 42.68 -31.09
N ILE N 382 -50.68 41.81 -31.76
CA ILE N 382 -51.22 40.59 -32.38
C ILE N 382 -51.64 39.56 -31.33
N GLY N 383 -52.26 38.48 -31.77
CA GLY N 383 -52.39 37.32 -30.92
C GLY N 383 -53.78 36.78 -30.73
N LYS N 384 -53.97 35.51 -31.11
CA LYS N 384 -55.20 34.76 -30.90
C LYS N 384 -54.85 33.37 -30.40
N GLY N 385 -55.88 32.62 -30.03
CA GLY N 385 -55.72 31.21 -29.72
C GLY N 385 -55.16 30.92 -28.34
N ALA N 386 -55.63 29.84 -27.74
CA ALA N 386 -55.06 29.36 -26.48
C ALA N 386 -55.19 27.85 -26.46
N GLU N 387 -55.01 27.27 -25.28
CA GLU N 387 -54.91 25.83 -25.11
C GLU N 387 -56.24 25.25 -24.62
N THR N 388 -56.35 23.93 -24.71
CA THR N 388 -57.53 23.24 -24.21
C THR N 388 -57.34 22.80 -22.76
N THR N 389 -56.97 23.75 -21.91
CA THR N 389 -56.90 23.49 -20.47
C THR N 389 -58.27 23.48 -19.82
N PHE N 390 -59.28 23.99 -20.50
CA PHE N 390 -60.63 24.07 -19.96
C PHE N 390 -61.47 22.86 -20.34
N LEU N 391 -60.88 21.67 -20.14
CA LEU N 391 -61.69 20.46 -20.10
C LEU N 391 -62.49 20.43 -18.80
N GLN N 392 -61.89 20.90 -17.72
CA GLN N 392 -62.56 21.07 -16.44
C GLN N 392 -63.58 22.20 -16.51
N ASP N 393 -64.50 22.19 -15.54
CA ASP N 393 -65.61 23.13 -15.53
C ASP N 393 -65.15 24.47 -14.93
N VAL N 394 -65.39 25.55 -15.68
CA VAL N 394 -64.99 26.90 -15.27
C VAL N 394 -66.20 27.82 -15.39
N ILE N 395 -66.63 28.40 -14.26
CA ILE N 395 -67.79 29.29 -14.21
C ILE N 395 -67.45 30.47 -13.30
N ALA N 396 -67.61 31.68 -13.83
CA ALA N 396 -67.34 32.90 -13.08
C ALA N 396 -68.51 33.26 -12.16
N LEU N 397 -68.29 34.26 -11.31
CA LEU N 397 -69.29 34.68 -10.34
C LEU N 397 -68.97 36.11 -9.89
N SER N 398 -70.01 36.84 -9.52
CA SER N 398 -69.89 38.22 -9.08
C SER N 398 -70.09 38.29 -7.57
N ILE N 399 -69.34 39.19 -6.92
CA ILE N 399 -69.34 39.31 -5.47
C ILE N 399 -69.60 40.76 -5.09
N ALA N 400 -70.29 40.95 -3.97
CA ALA N 400 -70.50 42.25 -3.35
C ALA N 400 -69.64 42.34 -2.09
N ASP N 401 -69.84 43.40 -1.31
CA ASP N 401 -69.01 43.68 -0.13
C ASP N 401 -69.37 42.74 1.03
N ASP N 402 -68.99 41.47 0.85
CA ASP N 402 -69.12 40.40 1.85
C ASP N 402 -70.55 40.18 2.32
N ALA N 403 -71.53 40.44 1.46
CA ALA N 403 -72.92 40.22 1.80
C ALA N 403 -73.66 39.34 0.80
N SER N 404 -73.40 39.52 -0.49
CA SER N 404 -74.07 38.74 -1.52
C SER N 404 -73.05 38.36 -2.59
N SER N 405 -73.07 37.10 -3.00
CA SER N 405 -72.16 36.63 -4.03
C SER N 405 -72.83 35.51 -4.80
N ALA N 406 -72.03 34.74 -5.54
CA ALA N 406 -72.43 33.55 -6.29
C ALA N 406 -73.48 33.83 -7.36
N GLU N 407 -73.52 35.06 -7.87
CA GLU N 407 -74.40 35.41 -8.99
C GLU N 407 -73.68 35.03 -10.28
N LEU N 408 -73.74 33.74 -10.59
CA LEU N 408 -72.94 33.23 -11.70
C LEU N 408 -73.59 33.56 -13.03
N LEU N 409 -72.74 33.60 -14.05
CA LEU N 409 -73.15 33.76 -15.44
C LEU N 409 -72.90 32.31 -15.75
N GLY N 410 -71.80 31.96 -16.41
CA GLY N 410 -71.54 30.53 -16.50
C GLY N 410 -71.44 29.91 -17.87
N ARG N 411 -70.22 29.87 -18.40
CA ARG N 411 -69.54 28.87 -19.24
C ARG N 411 -68.20 29.53 -19.59
N VAL N 412 -67.29 28.82 -20.25
CA VAL N 412 -65.98 29.43 -20.44
C VAL N 412 -65.60 29.54 -21.92
N ASP N 413 -66.11 28.61 -22.75
CA ASP N 413 -65.82 28.53 -24.21
C ASP N 413 -64.33 28.58 -24.53
N GLY N 414 -63.49 28.05 -23.66
CA GLY N 414 -62.06 28.18 -23.86
C GLY N 414 -61.49 29.51 -23.40
N LYS N 415 -60.53 30.04 -24.14
CA LYS N 415 -59.72 31.19 -23.76
C LYS N 415 -58.99 31.65 -25.02
N ILE N 416 -58.60 32.94 -25.06
CA ILE N 416 -57.59 33.36 -26.03
C ILE N 416 -56.49 34.12 -25.30
N VAL N 417 -55.33 34.21 -25.98
CA VAL N 417 -54.13 34.85 -25.45
C VAL N 417 -53.65 35.89 -26.46
N VAL N 418 -53.34 37.10 -25.99
CA VAL N 418 -52.87 38.20 -26.82
C VAL N 418 -51.41 38.47 -26.50
N THR N 419 -50.55 38.41 -27.52
CA THR N 419 -49.09 38.49 -27.36
C THR N 419 -48.55 39.63 -28.21
N PRO N 420 -47.83 40.62 -27.64
CA PRO N 420 -47.37 41.76 -28.45
C PRO N 420 -46.23 41.39 -29.39
N GLN N 421 -46.35 41.83 -30.64
CA GLN N 421 -45.31 41.61 -31.62
C GLN N 421 -44.18 42.63 -31.45
N ILE N 422 -42.99 42.23 -31.87
CA ILE N 422 -41.80 43.05 -31.69
C ILE N 422 -41.09 43.29 -33.02
N VAL O 31 6.35 -1.02 42.24
CA VAL O 31 7.57 -1.33 42.97
C VAL O 31 7.24 -1.57 44.44
N MET O 32 8.20 -2.18 45.15
CA MET O 32 8.11 -2.53 46.57
C MET O 32 6.88 -3.37 46.87
N THR O 33 6.78 -4.50 46.16
CA THR O 33 5.63 -5.39 46.31
C THR O 33 5.83 -6.20 47.59
N ILE O 34 5.29 -5.68 48.68
CA ILE O 34 5.33 -6.38 49.97
C ILE O 34 3.92 -6.71 50.47
N SER O 35 2.89 -6.10 49.90
CA SER O 35 1.50 -6.35 50.28
C SER O 35 0.89 -7.56 49.57
N SER O 36 1.73 -8.40 48.94
CA SER O 36 1.34 -9.65 48.30
C SER O 36 0.34 -9.42 47.16
N LEU O 37 0.79 -8.66 46.17
CA LEU O 37 0.01 -8.39 44.98
C LEU O 37 0.32 -9.35 43.84
N GLU O 38 1.44 -10.06 43.91
CA GLU O 38 1.87 -10.88 42.78
C GLU O 38 1.05 -12.16 42.61
N GLN O 39 0.25 -12.55 43.61
CA GLN O 39 -0.68 -13.67 43.44
C GLN O 39 -2.13 -13.21 43.35
N ARG O 40 -2.35 -12.01 42.83
CA ARG O 40 -3.71 -11.50 42.63
C ARG O 40 -4.38 -12.17 41.43
N THR O 41 -3.82 -11.98 40.23
CA THR O 41 -4.44 -12.41 38.99
C THR O 41 -3.58 -13.50 38.34
N LEU O 42 -3.15 -14.48 39.13
CA LEU O 42 -2.48 -15.64 38.59
C LEU O 42 -3.13 -16.95 39.02
N ASN O 43 -3.81 -17.00 40.17
CA ASN O 43 -4.19 -18.28 40.75
C ASN O 43 -5.36 -18.25 41.75
N PRO O 44 -6.61 -18.18 41.29
CA PRO O 44 -7.72 -18.58 42.16
C PRO O 44 -8.12 -20.03 41.90
N ASP O 45 -8.65 -20.71 42.93
CA ASP O 45 -9.35 -22.00 42.88
C ASP O 45 -8.41 -23.18 42.61
N LEU O 46 -7.13 -22.93 42.33
CA LEU O 46 -6.14 -23.98 42.28
C LEU O 46 -4.95 -23.72 43.17
N PHE O 47 -4.76 -22.47 43.62
CA PHE O 47 -3.67 -22.16 44.54
C PHE O 47 -3.94 -22.76 45.92
N LEU O 48 -5.20 -22.90 46.30
CA LEU O 48 -5.57 -23.63 47.51
C LEU O 48 -5.15 -25.09 47.41
N TYR O 49 -5.47 -25.73 46.28
CA TYR O 49 -5.13 -27.13 46.07
C TYR O 49 -3.63 -27.35 45.94
N LYS O 50 -2.89 -26.34 45.47
CA LYS O 50 -1.44 -26.46 45.40
C LYS O 50 -0.78 -26.21 46.75
N GLU O 51 -1.34 -25.33 47.58
CA GLU O 51 -0.74 -25.05 48.87
C GLU O 51 -1.10 -26.07 49.94
N LEU O 52 -2.22 -26.80 49.78
CA LEU O 52 -2.52 -27.85 50.75
C LEU O 52 -1.62 -29.06 50.58
N VAL O 53 -1.11 -29.29 49.38
CA VAL O 53 -0.30 -30.48 49.13
C VAL O 53 1.20 -30.15 49.19
N LYS O 54 1.58 -28.87 49.09
CA LYS O 54 2.99 -28.52 49.17
C LYS O 54 3.50 -28.61 50.60
N ALA O 55 2.64 -28.36 51.58
CA ALA O 55 3.00 -28.49 52.99
C ALA O 55 2.84 -29.91 53.50
N HIS O 56 2.36 -30.84 52.68
CA HIS O 56 2.12 -32.21 53.10
C HIS O 56 2.87 -33.23 52.25
N LEU O 57 2.91 -33.07 50.94
CA LEU O 57 3.50 -34.06 50.05
C LEU O 57 4.63 -33.46 49.22
N GLY O 58 5.49 -32.68 49.86
CA GLY O 58 6.72 -32.24 49.21
C GLY O 58 6.47 -31.17 48.18
N GLU O 59 7.11 -31.31 47.02
CA GLU O 59 7.01 -30.29 45.97
C GLU O 59 6.69 -30.96 44.64
N ARG O 60 7.03 -32.24 44.50
CA ARG O 60 6.78 -32.94 43.24
C ARG O 60 5.30 -33.25 43.06
N ALA O 61 4.56 -33.45 44.15
CA ALA O 61 3.13 -33.70 44.05
C ALA O 61 2.37 -32.42 43.73
N ALA O 62 2.89 -31.27 44.14
CA ALA O 62 2.29 -29.99 43.75
C ALA O 62 2.44 -29.74 42.26
N SER O 63 3.52 -30.26 41.66
CA SER O 63 3.75 -30.06 40.23
C SER O 63 2.76 -30.85 39.39
N VAL O 64 2.39 -32.06 39.82
CA VAL O 64 1.40 -32.81 39.06
C VAL O 64 -0.01 -32.40 39.42
N ILE O 65 -0.26 -31.93 40.64
CA ILE O 65 -1.62 -31.51 40.98
C ILE O 65 -1.90 -30.11 40.47
N GLY O 66 -0.87 -29.35 40.09
CA GLY O 66 -1.08 -28.12 39.37
C GLY O 66 -1.27 -28.27 37.90
N MET O 67 -1.10 -29.50 37.38
CA MET O 67 -1.38 -29.81 35.99
C MET O 67 -2.65 -30.65 35.82
N LEU O 68 -3.05 -31.41 36.84
CA LEU O 68 -4.33 -32.11 36.78
C LEU O 68 -5.49 -31.13 36.88
N VAL O 69 -5.35 -30.08 37.70
CA VAL O 69 -6.41 -29.11 37.83
C VAL O 69 -6.44 -28.17 36.64
N ALA O 70 -5.28 -27.73 36.17
CA ALA O 70 -5.21 -26.72 35.12
C ALA O 70 -5.51 -27.26 33.72
N LEU O 71 -5.50 -28.58 33.54
CA LEU O 71 -5.73 -29.14 32.21
C LEU O 71 -6.94 -30.05 32.13
N GLY O 72 -7.14 -30.93 33.11
CA GLY O 72 -8.25 -31.86 33.07
C GLY O 72 -7.81 -33.31 33.11
N ARG O 73 -8.21 -34.09 32.12
CA ARG O 73 -7.82 -35.50 32.03
C ARG O 73 -6.59 -35.62 31.13
N LEU O 74 -5.53 -36.21 31.67
CA LEU O 74 -4.33 -36.45 30.88
C LEU O 74 -3.59 -37.64 31.46
N SER O 75 -2.98 -38.43 30.59
CA SER O 75 -2.39 -39.71 30.96
C SER O 75 -1.00 -39.51 31.58
N VAL O 76 -0.25 -40.60 31.71
CA VAL O 76 1.07 -40.54 32.33
C VAL O 76 2.05 -39.79 31.44
N ARG O 77 2.12 -40.18 30.16
CA ARG O 77 3.06 -39.54 29.24
C ARG O 77 2.65 -38.11 28.91
N GLU O 78 1.35 -37.81 29.00
CA GLU O 78 0.89 -36.43 28.85
C GLU O 78 1.36 -35.56 30.01
N LEU O 79 1.53 -36.15 31.20
CA LEU O 79 2.15 -35.41 32.29
C LEU O 79 3.64 -35.23 32.06
N VAL O 80 4.30 -36.25 31.48
CA VAL O 80 5.74 -36.21 31.27
C VAL O 80 6.11 -35.15 30.24
N GLU O 81 5.34 -35.05 29.16
CA GLU O 81 5.61 -34.05 28.14
C GLU O 81 5.04 -32.67 28.47
N LYS O 82 4.52 -32.47 29.69
CA LYS O 82 4.00 -31.18 30.13
C LYS O 82 4.70 -30.62 31.37
N ILE O 83 5.27 -31.47 32.22
CA ILE O 83 5.97 -30.98 33.41
C ILE O 83 7.26 -30.26 33.02
N ASP O 84 8.04 -30.85 32.10
CA ASP O 84 9.38 -30.38 31.70
C ASP O 84 10.31 -30.29 32.91
N GLY O 85 10.67 -31.46 33.41
CA GLY O 85 11.44 -31.57 34.63
C GLY O 85 11.18 -32.82 35.45
N MET O 86 10.20 -33.62 35.05
CA MET O 86 10.03 -34.97 35.59
C MET O 86 9.88 -35.98 34.46
N ASP O 87 10.20 -37.22 34.77
CA ASP O 87 10.21 -38.33 33.81
C ASP O 87 9.19 -39.36 34.28
N VAL O 88 9.15 -40.50 33.59
CA VAL O 88 8.21 -41.57 33.92
C VAL O 88 8.57 -42.21 35.27
N ASP O 89 9.86 -42.23 35.61
CA ASP O 89 10.28 -42.72 36.92
C ASP O 89 9.84 -41.77 38.03
N SER O 90 9.66 -40.49 37.72
CA SER O 90 9.24 -39.49 38.70
C SER O 90 7.74 -39.27 38.76
N VAL O 91 7.04 -39.38 37.63
CA VAL O 91 5.59 -39.18 37.63
C VAL O 91 4.89 -40.37 38.27
N LYS O 92 5.29 -41.59 37.91
CA LYS O 92 4.64 -42.79 38.42
C LYS O 92 4.94 -43.02 39.90
N THR O 93 6.06 -42.49 40.41
CA THR O 93 6.34 -42.58 41.84
C THR O 93 5.37 -41.72 42.64
N THR O 94 5.06 -40.53 42.15
CA THR O 94 4.18 -39.61 42.87
C THR O 94 2.71 -39.98 42.78
N LEU O 95 2.30 -40.73 41.76
CA LEU O 95 0.89 -41.09 41.62
C LEU O 95 0.47 -42.14 42.66
N VAL O 96 1.42 -42.95 43.14
CA VAL O 96 1.11 -43.90 44.19
C VAL O 96 0.89 -43.17 45.52
N SER O 97 1.70 -42.15 45.78
CA SER O 97 1.55 -41.36 46.99
C SER O 97 0.28 -40.51 46.97
N LEU O 98 -0.22 -40.18 45.77
CA LEU O 98 -1.49 -39.48 45.68
C LEU O 98 -2.67 -40.45 45.68
N THR O 99 -2.45 -41.69 45.26
CA THR O 99 -3.52 -42.70 45.31
C THR O 99 -3.71 -43.19 46.73
N GLN O 100 -2.64 -43.22 47.52
CA GLN O 100 -2.72 -43.64 48.91
C GLN O 100 -3.58 -42.70 49.75
N LEU O 101 -3.53 -41.40 49.47
CA LEU O 101 -4.37 -40.42 50.13
C LEU O 101 -5.64 -40.11 49.34
N ARG O 102 -5.98 -40.97 48.37
CA ARG O 102 -7.08 -40.84 47.40
C ARG O 102 -7.21 -39.42 46.83
N CYS O 103 -6.07 -38.87 46.42
CA CYS O 103 -6.02 -37.54 45.81
C CYS O 103 -6.14 -37.58 44.30
N VAL O 104 -6.10 -38.77 43.68
CA VAL O 104 -6.20 -38.92 42.23
C VAL O 104 -7.21 -40.01 41.91
N LYS O 105 -8.21 -39.67 41.10
CA LYS O 105 -9.18 -40.66 40.62
C LYS O 105 -8.58 -41.46 39.47
N TYR O 106 -8.67 -42.79 39.58
CA TYR O 106 -8.40 -43.68 38.46
C TYR O 106 -9.57 -43.68 37.48
N LEU O 107 -9.24 -43.83 36.19
CA LEU O 107 -10.27 -44.12 35.18
C LEU O 107 -9.58 -44.78 34.00
N GLN O 108 -9.71 -46.10 33.90
CA GLN O 108 -9.17 -46.82 32.74
C GLN O 108 -10.26 -46.90 31.66
N GLU O 109 -9.87 -46.57 30.43
CA GLU O 109 -10.79 -46.56 29.30
C GLU O 109 -10.06 -47.10 28.07
N THR O 110 -10.78 -47.17 26.96
CA THR O 110 -10.23 -47.64 25.70
C THR O 110 -10.89 -46.89 24.56
N ALA O 111 -10.45 -47.19 23.34
CA ALA O 111 -10.99 -46.58 22.13
C ALA O 111 -11.83 -47.61 21.39
N ILE O 112 -12.35 -47.19 20.23
CA ILE O 112 -13.13 -48.12 19.41
C ILE O 112 -12.22 -49.09 18.67
N SER O 113 -10.94 -48.74 18.49
CA SER O 113 -9.97 -49.64 17.83
C SER O 113 -9.09 -50.38 18.82
N GLY O 114 -9.16 -50.06 20.12
CA GLY O 114 -8.38 -50.73 21.13
C GLY O 114 -7.45 -49.76 21.84
N LYS O 115 -6.27 -50.28 22.20
CA LYS O 115 -5.20 -49.55 22.90
C LYS O 115 -5.70 -48.97 24.23
N LYS O 116 -6.05 -49.88 25.12
CA LYS O 116 -6.53 -49.52 26.45
C LYS O 116 -5.41 -48.88 27.28
N THR O 117 -5.69 -47.71 27.84
CA THR O 117 -4.71 -46.97 28.63
C THR O 117 -5.39 -46.46 29.90
N THR O 118 -4.60 -45.78 30.75
CA THR O 118 -5.07 -45.32 32.05
C THR O 118 -5.21 -43.80 32.06
N TYR O 119 -6.21 -43.33 32.79
CA TYR O 119 -6.58 -41.93 32.87
C TYR O 119 -6.68 -41.51 34.33
N TYR O 120 -6.44 -40.22 34.58
CA TYR O 120 -6.38 -39.73 35.95
C TYR O 120 -7.13 -38.41 36.09
N TYR O 121 -8.00 -38.33 37.09
CA TYR O 121 -8.63 -37.08 37.49
C TYR O 121 -8.03 -36.59 38.81
N TYR O 122 -8.26 -35.32 39.10
CA TYR O 122 -7.96 -34.78 40.42
C TYR O 122 -9.15 -35.00 41.34
N ASN O 123 -8.86 -35.41 42.58
CA ASN O 123 -9.89 -35.75 43.55
C ASN O 123 -9.94 -34.65 44.61
N GLU O 124 -11.09 -34.01 44.75
CA GLU O 124 -11.23 -32.94 45.72
C GLU O 124 -11.58 -33.43 47.12
N GLU O 125 -12.13 -34.65 47.24
CA GLU O 125 -12.43 -35.19 48.57
C GLU O 125 -11.17 -35.52 49.34
N GLY O 126 -10.15 -36.07 48.67
CA GLY O 126 -8.89 -36.31 49.35
C GLY O 126 -8.17 -35.03 49.73
N ILE O 127 -8.28 -34.01 48.89
CA ILE O 127 -7.71 -32.71 49.23
C ILE O 127 -8.46 -32.07 50.39
N HIS O 128 -9.77 -32.32 50.51
CA HIS O 128 -10.50 -31.85 51.69
C HIS O 128 -10.13 -32.62 52.94
N ILE O 129 -9.82 -33.92 52.81
CA ILE O 129 -9.29 -34.71 53.92
C ILE O 129 -7.97 -34.13 54.40
N LEU O 130 -7.09 -33.77 53.45
CA LEU O 130 -5.88 -33.05 53.81
C LEU O 130 -6.17 -31.63 54.34
N LEU O 131 -7.31 -31.05 53.99
CA LEU O 131 -7.62 -29.69 54.41
C LEU O 131 -8.04 -29.64 55.88
N TYR O 132 -8.94 -30.51 56.31
CA TYR O 132 -9.40 -30.42 57.70
C TYR O 132 -8.39 -31.06 58.65
N SER O 133 -8.30 -32.39 58.62
CA SER O 133 -7.22 -33.21 59.16
C SER O 133 -6.97 -33.16 60.67
N GLY O 134 -7.56 -32.19 61.38
CA GLY O 134 -7.52 -32.16 62.83
C GLY O 134 -8.90 -31.86 63.36
N LEU O 135 -9.74 -31.30 62.49
CA LEU O 135 -11.15 -31.13 62.78
C LEU O 135 -11.89 -32.45 62.67
N ILE O 136 -11.33 -33.40 61.91
CA ILE O 136 -11.83 -34.77 61.93
C ILE O 136 -11.58 -35.41 63.29
N ILE O 137 -10.41 -35.16 63.89
CA ILE O 137 -10.10 -35.72 65.19
C ILE O 137 -10.48 -34.74 66.30
N ASP O 138 -11.28 -33.73 65.95
CA ASP O 138 -11.95 -32.91 66.94
C ASP O 138 -13.35 -33.44 67.24
N GLU O 139 -14.07 -33.87 66.21
CA GLU O 139 -15.43 -34.37 66.40
C GLU O 139 -15.45 -35.83 66.83
N ILE O 140 -14.47 -36.62 66.39
CA ILE O 140 -14.47 -38.05 66.68
C ILE O 140 -14.08 -38.32 68.13
N ILE O 141 -13.42 -37.37 68.80
CA ILE O 141 -13.10 -37.52 70.21
C ILE O 141 -14.32 -37.18 71.06
N THR O 142 -14.98 -36.07 70.74
CA THR O 142 -16.18 -35.65 71.47
C THR O 142 -17.42 -36.21 70.76
N GLN O 143 -17.46 -37.54 70.71
CA GLN O 143 -18.60 -38.27 70.16
C GLN O 143 -19.00 -39.48 71.01
N MET O 144 -18.13 -39.97 71.90
CA MET O 144 -18.41 -41.15 72.69
C MET O 144 -19.03 -40.78 74.04
N ARG O 145 -19.49 -41.81 74.74
CA ARG O 145 -20.26 -41.69 75.97
C ARG O 145 -19.32 -41.75 77.18
N VAL O 146 -19.89 -42.07 78.35
CA VAL O 146 -19.41 -41.82 79.73
C VAL O 146 -17.92 -42.11 79.95
N ASN O 147 -17.36 -43.07 79.20
CA ASN O 147 -15.94 -43.37 79.31
C ASN O 147 -15.11 -42.22 78.72
N ASP O 148 -14.84 -41.22 79.55
CA ASP O 148 -14.28 -39.95 79.11
C ASP O 148 -12.96 -39.68 79.83
N GLU O 149 -11.94 -39.29 79.06
CA GLU O 149 -10.59 -38.97 79.54
C GLU O 149 -9.93 -40.14 80.26
N GLU O 150 -10.15 -41.35 79.76
CA GLU O 150 -9.23 -42.46 80.05
C GLU O 150 -8.90 -43.27 78.81
N GLU O 151 -9.56 -43.04 77.67
CA GLU O 151 -9.33 -43.79 76.46
C GLU O 151 -9.10 -42.92 75.23
N HIS O 152 -9.53 -41.67 75.23
CA HIS O 152 -9.42 -40.79 74.07
C HIS O 152 -8.13 -39.96 74.10
N LYS O 153 -7.00 -40.63 74.33
CA LYS O 153 -5.71 -39.95 74.27
C LYS O 153 -4.72 -40.76 73.46
N GLN O 154 -4.82 -42.09 73.51
CA GLN O 154 -3.90 -42.94 72.78
C GLN O 154 -4.56 -44.13 72.10
N LEU O 155 -5.80 -44.48 72.42
CA LEU O 155 -6.47 -45.62 71.81
C LEU O 155 -7.07 -45.24 70.45
N VAL O 156 -7.93 -44.23 70.45
CA VAL O 156 -8.61 -43.81 69.22
C VAL O 156 -7.86 -42.68 68.52
N ALA O 157 -7.23 -41.77 69.28
CA ALA O 157 -6.56 -40.62 68.69
C ALA O 157 -5.26 -40.97 68.00
N GLU O 158 -4.74 -42.18 68.21
CA GLU O 158 -3.55 -42.62 67.51
C GLU O 158 -3.86 -43.52 66.32
N ILE O 159 -5.07 -44.09 66.25
CA ILE O 159 -5.43 -44.89 65.08
C ILE O 159 -6.18 -44.07 64.05
N VAL O 160 -6.96 -43.07 64.46
CA VAL O 160 -7.71 -42.28 63.49
C VAL O 160 -6.78 -41.36 62.69
N GLN O 161 -5.79 -40.76 63.35
CA GLN O 161 -4.81 -39.97 62.62
C GLN O 161 -3.88 -40.83 61.78
N ASN O 162 -3.72 -42.12 62.12
CA ASN O 162 -2.96 -43.03 61.27
C ASN O 162 -3.76 -43.41 60.03
N VAL O 163 -5.08 -43.54 60.17
CA VAL O 163 -5.95 -43.76 59.02
C VAL O 163 -5.95 -42.55 58.10
N ILE O 164 -6.02 -41.34 58.67
CA ILE O 164 -6.02 -40.13 57.86
C ILE O 164 -4.65 -39.91 57.21
N SER O 165 -3.57 -40.24 57.91
CA SER O 165 -2.23 -39.99 57.38
C SER O 165 -1.82 -41.06 56.38
N LEU O 166 -1.92 -42.33 56.73
CA LEU O 166 -1.43 -43.40 55.87
C LEU O 166 -2.49 -43.95 54.92
N GLY O 167 -3.72 -43.46 54.96
CA GLY O 167 -4.72 -43.86 53.99
C GLY O 167 -5.49 -45.12 54.36
N SER O 168 -5.35 -46.17 53.55
CA SER O 168 -6.09 -47.41 53.74
C SER O 168 -5.30 -48.33 54.67
N LEU O 169 -5.88 -48.65 55.82
CA LEU O 169 -5.25 -49.46 56.83
C LEU O 169 -6.10 -50.68 57.15
N THR O 170 -5.44 -51.80 57.41
CA THR O 170 -6.07 -53.00 57.93
C THR O 170 -5.68 -53.17 59.40
N VAL O 171 -6.21 -54.22 60.02
CA VAL O 171 -6.01 -54.43 61.44
C VAL O 171 -4.73 -55.20 61.73
N GLU O 172 -4.41 -56.20 60.90
CA GLU O 172 -3.27 -57.08 61.18
C GLU O 172 -1.93 -56.38 60.93
N ASP O 173 -1.89 -55.42 60.00
CA ASP O 173 -0.67 -54.67 59.78
C ASP O 173 -0.45 -53.59 60.81
N TYR O 174 -1.49 -53.16 61.53
CA TYR O 174 -1.33 -52.17 62.57
C TYR O 174 -0.94 -52.79 63.91
N LEU O 175 -1.48 -53.96 64.23
CA LEU O 175 -1.21 -54.61 65.52
C LEU O 175 0.17 -55.26 65.57
N SER O 176 0.89 -55.34 64.47
CA SER O 176 2.26 -55.81 64.48
C SER O 176 3.24 -54.75 64.99
N SER O 177 2.80 -53.49 65.12
CA SER O 177 3.67 -52.43 65.61
C SER O 177 3.85 -52.48 67.12
N VAL O 178 2.89 -53.04 67.84
CA VAL O 178 2.98 -53.18 69.29
C VAL O 178 3.59 -54.54 69.61
N THR O 179 4.38 -54.60 70.67
CA THR O 179 5.03 -55.83 71.12
C THR O 179 4.45 -56.25 72.47
N SER O 180 4.25 -57.57 72.62
CA SER O 180 3.66 -58.20 73.80
C SER O 180 2.28 -57.62 74.10
N ASP O 181 1.35 -57.88 73.19
CA ASP O 181 0.02 -57.28 73.23
C ASP O 181 -0.87 -57.89 74.31
N SER O 182 -0.73 -57.39 75.54
CA SER O 182 -1.60 -57.82 76.64
C SER O 182 -2.98 -57.20 76.50
N MET O 183 -3.05 -55.88 76.39
CA MET O 183 -4.31 -55.16 76.17
C MET O 183 -4.55 -55.02 74.67
N LYS O 184 -4.80 -56.16 74.04
CA LYS O 184 -5.00 -56.24 72.61
C LYS O 184 -6.47 -56.17 72.20
N TYR O 185 -7.39 -56.40 73.12
CA TYR O 185 -8.82 -56.29 72.83
C TYR O 185 -9.38 -54.93 73.23
N THR O 186 -8.55 -54.05 73.79
CA THR O 186 -9.01 -52.71 74.11
C THR O 186 -9.21 -51.86 72.86
N ILE O 187 -8.42 -52.11 71.81
CA ILE O 187 -8.62 -51.40 70.56
C ILE O 187 -9.86 -51.91 69.84
N SER O 188 -10.22 -53.18 70.05
CA SER O 188 -11.35 -53.78 69.33
C SER O 188 -12.69 -53.23 69.80
N SER O 189 -12.81 -52.87 71.09
CA SER O 189 -14.07 -52.34 71.60
C SER O 189 -14.32 -50.93 71.09
N LEU O 190 -13.26 -50.12 70.99
CA LEU O 190 -13.37 -48.79 70.40
C LEU O 190 -13.36 -48.84 68.88
N PHE O 191 -13.00 -49.98 68.29
CA PHE O 191 -12.98 -50.16 66.86
C PHE O 191 -14.31 -50.66 66.30
N VAL O 192 -15.04 -51.49 67.05
CA VAL O 192 -16.38 -51.88 66.63
C VAL O 192 -17.37 -50.75 66.93
N GLN O 193 -17.07 -49.90 67.90
CA GLN O 193 -17.98 -48.80 68.25
C GLN O 193 -17.91 -47.67 67.23
N LEU O 194 -16.74 -47.44 66.64
CA LEU O 194 -16.55 -46.31 65.76
C LEU O 194 -17.22 -46.55 64.41
N CYS O 195 -17.10 -47.75 63.87
CA CYS O 195 -17.72 -48.12 62.60
C CYS O 195 -19.19 -48.49 62.75
N GLU O 196 -19.70 -48.53 63.99
CA GLU O 196 -21.11 -48.84 64.21
C GLU O 196 -22.00 -47.68 63.77
N MET O 197 -21.53 -46.44 63.91
CA MET O 197 -22.36 -45.26 63.71
C MET O 197 -21.83 -44.34 62.62
N GLY O 198 -21.02 -44.83 61.69
CA GLY O 198 -20.44 -43.91 60.74
C GLY O 198 -19.05 -44.18 60.21
N TYR O 199 -18.14 -43.24 60.53
CA TYR O 199 -16.90 -42.86 59.87
C TYR O 199 -16.09 -43.97 59.17
N LEU O 200 -15.78 -45.04 59.88
CA LEU O 200 -15.00 -46.12 59.28
C LEU O 200 -15.84 -46.90 58.28
N ILE O 201 -15.22 -47.23 57.13
CA ILE O 201 -15.94 -47.73 55.97
C ILE O 201 -14.99 -48.64 55.19
N GLN O 202 -15.59 -49.54 54.40
CA GLN O 202 -14.83 -50.38 53.48
C GLN O 202 -14.11 -49.50 52.45
N ILE O 203 -12.94 -49.97 52.00
CA ILE O 203 -12.03 -49.14 51.21
C ILE O 203 -12.57 -48.81 49.83
N SER O 204 -11.90 -47.89 49.16
CA SER O 204 -12.35 -47.31 47.90
C SER O 204 -12.15 -48.32 46.77
N LYS O 205 -13.12 -49.21 46.62
CA LYS O 205 -13.27 -49.95 45.38
C LYS O 205 -14.21 -49.23 44.42
N LEU O 206 -14.80 -48.12 44.85
CA LEU O 206 -15.80 -47.40 44.09
C LEU O 206 -15.44 -45.92 44.05
N HIS O 207 -14.76 -45.45 45.09
CA HIS O 207 -14.47 -44.03 45.22
C HIS O 207 -13.29 -43.56 44.39
N TYR O 208 -12.51 -44.48 43.79
CA TYR O 208 -11.54 -44.04 42.80
C TYR O 208 -12.18 -43.87 41.42
N THR O 209 -13.27 -44.55 41.16
CA THR O 209 -14.00 -44.33 39.92
C THR O 209 -14.72 -42.99 39.98
N PRO O 210 -14.68 -42.21 38.90
CA PRO O 210 -15.25 -40.86 38.94
C PRO O 210 -16.77 -40.87 38.97
N ILE O 211 -17.33 -39.67 39.10
CA ILE O 211 -18.78 -39.53 39.19
C ILE O 211 -19.41 -39.66 37.81
N GLU O 212 -18.81 -39.05 36.79
CA GLU O 212 -19.45 -38.97 35.48
C GLU O 212 -19.35 -40.29 34.72
N ASP O 213 -18.22 -40.98 34.79
CA ASP O 213 -18.08 -42.24 34.09
C ASP O 213 -18.84 -43.37 34.77
N LEU O 214 -19.10 -43.25 36.07
CA LEU O 214 -19.99 -44.19 36.74
C LEU O 214 -21.41 -44.07 36.21
N TRP O 215 -21.81 -42.87 35.80
CA TRP O 215 -23.12 -42.69 35.19
C TRP O 215 -23.10 -42.98 33.70
N GLN O 216 -22.01 -42.63 33.01
CA GLN O 216 -21.96 -42.75 31.56
C GLN O 216 -21.83 -44.20 31.13
N PHE O 217 -21.08 -45.00 31.89
CA PHE O 217 -21.00 -46.43 31.61
C PHE O 217 -22.30 -47.13 31.94
N LEU O 218 -23.06 -46.61 32.91
CA LEU O 218 -24.35 -47.18 33.26
C LEU O 218 -25.45 -46.70 32.31
N TYR O 219 -25.27 -45.52 31.72
CA TYR O 219 -26.21 -44.98 30.74
C TYR O 219 -26.17 -45.76 29.43
N GLU O 220 -25.07 -46.46 29.15
CA GLU O 220 -24.88 -47.17 27.89
C GLU O 220 -25.09 -48.67 28.02
N LYS O 221 -24.70 -49.28 29.14
CA LYS O 221 -24.80 -50.73 29.27
C LYS O 221 -26.23 -51.21 29.53
N HIS O 222 -27.16 -50.31 29.80
CA HIS O 222 -28.58 -50.64 29.84
C HIS O 222 -29.34 -49.97 28.69
N TYR O 223 -28.62 -49.50 27.68
CA TYR O 223 -29.18 -48.97 26.46
C TYR O 223 -28.89 -49.83 25.23
N LYS O 224 -27.78 -50.56 25.24
CA LYS O 224 -27.35 -51.37 24.10
C LYS O 224 -27.89 -52.79 24.13
N ASN O 225 -28.50 -53.22 25.24
CA ASN O 225 -29.08 -54.55 25.32
C ASN O 225 -30.54 -54.60 24.90
N ILE O 226 -31.22 -53.45 24.81
CA ILE O 226 -32.60 -53.41 24.36
C ILE O 226 -32.62 -53.63 22.86
N PRO O 227 -33.36 -54.64 22.36
CA PRO O 227 -33.37 -54.90 20.91
C PRO O 227 -34.15 -53.88 20.10
N ARG O 228 -34.23 -54.10 18.79
CA ARG O 228 -34.99 -53.21 17.92
C ARG O 228 -36.48 -53.40 18.15
N ASN O 229 -37.18 -52.28 18.34
CA ASN O 229 -38.61 -52.31 18.65
C ASN O 229 -39.27 -51.09 18.04
N SER O 230 -40.48 -50.78 18.50
CA SER O 230 -41.22 -49.65 17.96
C SER O 230 -40.62 -48.34 18.47
N PRO O 231 -40.61 -47.28 17.64
CA PRO O 231 -40.06 -45.98 18.08
C PRO O 231 -40.84 -45.32 19.21
N LEU O 232 -42.14 -45.08 18.99
CA LEU O 232 -43.05 -44.45 19.96
C LEU O 232 -42.53 -43.08 20.41
N SER O 233 -42.61 -42.14 19.45
CA SER O 233 -42.02 -40.79 19.47
C SER O 233 -40.50 -40.84 19.43
N ASP O 234 -39.99 -41.89 18.77
CA ASP O 234 -38.65 -42.02 18.20
C ASP O 234 -37.52 -42.24 19.20
N LEU O 235 -37.77 -42.04 20.50
CA LEU O 235 -36.77 -42.43 21.49
C LEU O 235 -37.31 -43.39 22.54
N LYS O 236 -38.24 -42.97 23.41
CA LYS O 236 -38.95 -43.69 24.48
C LYS O 236 -38.06 -44.29 25.57
N LYS O 237 -36.80 -44.60 25.25
CA LYS O 237 -35.91 -45.25 26.19
C LYS O 237 -35.26 -44.24 27.11
N ARG O 238 -35.29 -42.97 26.70
CA ARG O 238 -34.96 -41.84 27.57
C ARG O 238 -35.98 -41.66 28.69
N SER O 239 -37.10 -42.39 28.69
CA SER O 239 -37.68 -42.72 29.99
C SER O 239 -37.00 -43.98 30.53
N GLN O 240 -37.25 -45.10 29.86
CA GLN O 240 -37.21 -46.43 30.48
C GLN O 240 -35.83 -46.76 31.02
N ALA O 241 -34.84 -46.80 30.11
CA ALA O 241 -33.47 -47.15 30.45
C ALA O 241 -32.89 -46.22 31.51
N LYS O 242 -33.20 -44.92 31.44
CA LYS O 242 -32.53 -44.07 32.42
C LYS O 242 -33.20 -44.18 33.78
N MET O 243 -34.50 -44.49 33.81
CA MET O 243 -35.10 -44.88 35.08
C MET O 243 -34.46 -46.14 35.61
N ASN O 244 -34.16 -47.10 34.71
CA ASN O 244 -33.41 -48.28 35.09
C ASN O 244 -32.05 -47.90 35.63
N ALA O 245 -31.41 -46.89 35.01
CA ALA O 245 -30.13 -46.37 35.49
C ALA O 245 -30.27 -45.84 36.90
N LYS O 246 -31.36 -45.08 37.16
CA LYS O 246 -31.61 -44.53 38.48
C LYS O 246 -31.77 -45.64 39.50
N THR O 247 -32.40 -46.76 39.09
CA THR O 247 -32.57 -47.91 39.97
C THR O 247 -31.22 -48.48 40.38
N ASP O 248 -30.34 -48.74 39.41
CA ASP O 248 -29.03 -49.21 39.81
C ASP O 248 -28.03 -48.08 39.89
N PHE O 249 -28.50 -46.88 40.23
CA PHE O 249 -27.65 -45.95 40.96
C PHE O 249 -27.79 -46.18 42.45
N ALA O 250 -28.98 -46.65 42.88
CA ALA O 250 -29.37 -46.58 44.28
C ALA O 250 -28.55 -47.52 45.16
N LYS O 251 -28.23 -48.71 44.65
CA LYS O 251 -27.38 -49.63 45.40
C LYS O 251 -25.90 -49.47 45.08
N ILE O 252 -25.52 -48.49 44.26
CA ILE O 252 -24.09 -48.23 44.10
C ILE O 252 -23.58 -47.35 45.23
N ILE O 253 -24.34 -46.31 45.59
CA ILE O 253 -23.94 -45.44 46.69
C ILE O 253 -24.22 -46.12 48.04
N ASN O 254 -25.24 -46.98 48.09
CA ASN O 254 -25.67 -47.55 49.36
C ASN O 254 -24.72 -48.62 49.88
N LYS O 255 -23.84 -49.16 49.05
CA LYS O 255 -22.91 -50.18 49.52
C LYS O 255 -21.77 -49.55 50.33
N PRO O 256 -21.21 -48.36 49.95
CA PRO O 256 -20.40 -47.70 51.00
C PRO O 256 -21.23 -46.92 52.00
N ASN O 257 -21.93 -47.66 52.86
CA ASN O 257 -22.69 -47.13 53.98
C ASN O 257 -22.65 -48.18 55.10
N GLU O 258 -23.59 -48.09 56.03
CA GLU O 258 -23.79 -49.13 57.04
C GLU O 258 -24.12 -50.45 56.33
N LEU O 259 -23.19 -51.39 56.41
CA LEU O 259 -23.27 -52.64 55.67
C LEU O 259 -23.08 -53.80 56.62
N SER O 260 -23.86 -54.86 56.40
CA SER O 260 -23.82 -56.04 57.25
C SER O 260 -22.76 -57.05 56.82
N GLN O 261 -21.94 -56.70 55.82
CA GLN O 261 -20.85 -57.59 55.43
C GLN O 261 -19.65 -57.46 56.36
N ILE O 262 -19.36 -56.24 56.82
CA ILE O 262 -18.28 -56.02 57.77
C ILE O 262 -18.80 -55.97 59.22
N LEU O 263 -20.09 -55.78 59.41
CA LEU O 263 -20.67 -55.56 60.74
C LEU O 263 -21.62 -56.70 61.08
N THR O 264 -21.83 -56.91 62.38
CA THR O 264 -22.56 -58.03 62.97
C THR O 264 -21.97 -59.37 62.52
N VAL O 265 -20.75 -59.59 63.00
CA VAL O 265 -20.06 -60.88 62.87
C VAL O 265 -19.98 -61.50 64.25
N ASP O 266 -20.60 -62.66 64.43
CA ASP O 266 -20.70 -63.29 65.74
C ASP O 266 -19.97 -64.64 65.71
N PRO O 267 -18.78 -64.73 66.29
CA PRO O 267 -18.10 -66.02 66.38
C PRO O 267 -18.70 -66.88 67.49
N LYS O 268 -18.24 -68.13 67.54
CA LYS O 268 -18.74 -69.09 68.50
C LYS O 268 -17.93 -69.05 69.79
N THR O 269 -18.65 -68.90 70.92
CA THR O 269 -18.09 -68.83 72.28
C THR O 269 -17.02 -67.75 72.41
N SER O 270 -17.28 -66.59 71.80
CA SER O 270 -16.34 -65.49 71.83
C SER O 270 -17.10 -64.18 71.83
N LEU O 271 -16.36 -63.08 71.93
CA LEU O 271 -16.92 -61.74 71.95
C LEU O 271 -17.24 -61.28 70.53
N ARG O 272 -18.22 -60.37 70.43
CA ARG O 272 -18.59 -59.80 69.14
C ARG O 272 -17.43 -58.97 68.58
N ILE O 273 -17.17 -59.15 67.28
CA ILE O 273 -16.06 -58.47 66.61
C ILE O 273 -16.47 -58.24 65.16
N VAL O 274 -15.78 -57.32 64.50
CA VAL O 274 -15.90 -57.12 63.08
C VAL O 274 -14.76 -57.85 62.40
N LYS O 275 -14.86 -58.02 61.08
CA LYS O 275 -13.87 -58.76 60.33
C LYS O 275 -12.59 -57.95 60.18
N PRO O 276 -11.46 -58.41 60.70
CA PRO O 276 -10.23 -57.60 60.67
C PRO O 276 -9.38 -57.77 59.43
N THR O 277 -9.77 -58.66 58.51
CA THR O 277 -8.89 -59.04 57.41
C THR O 277 -8.78 -57.93 56.36
N VAL O 278 -9.92 -57.48 55.84
CA VAL O 278 -9.91 -56.45 54.82
C VAL O 278 -9.56 -55.10 55.43
N SER O 279 -8.97 -54.22 54.62
CA SER O 279 -8.58 -52.91 55.09
C SER O 279 -9.77 -51.96 55.03
N LEU O 280 -9.65 -50.85 55.76
CA LEU O 280 -10.76 -49.92 55.91
C LEU O 280 -10.24 -48.50 55.98
N THR O 281 -11.07 -47.56 55.50
CA THR O 281 -10.71 -46.14 55.48
C THR O 281 -11.81 -45.31 56.14
N ILE O 282 -11.75 -43.99 56.01
CA ILE O 282 -12.74 -43.12 56.60
C ILE O 282 -13.69 -42.65 55.49
N ASN O 283 -14.87 -42.17 55.89
CA ASN O 283 -15.92 -41.73 54.97
C ASN O 283 -16.11 -40.23 55.15
N LEU O 284 -15.93 -39.48 54.07
CA LEU O 284 -16.27 -38.05 54.06
C LEU O 284 -17.68 -37.85 53.48
N ASP O 285 -18.63 -38.59 54.01
CA ASP O 285 -20.04 -38.41 53.71
C ASP O 285 -20.90 -38.32 54.96
N ARG O 286 -20.56 -39.08 56.00
CA ARG O 286 -21.18 -38.94 57.31
C ARG O 286 -20.50 -37.85 58.14
N PHE O 287 -19.26 -37.51 57.81
CA PHE O 287 -18.58 -36.43 58.52
C PHE O 287 -19.16 -35.07 58.17
N MET O 288 -19.59 -34.88 56.92
CA MET O 288 -20.11 -33.57 56.51
C MET O 288 -21.50 -33.33 57.08
N LYS O 289 -22.35 -34.36 57.11
CA LYS O 289 -23.66 -34.21 57.73
C LYS O 289 -23.57 -34.12 59.24
N GLY O 290 -22.49 -34.65 59.84
CA GLY O 290 -22.22 -34.39 61.24
C GLY O 290 -21.61 -33.03 61.49
N ARG O 291 -21.07 -32.40 60.45
CA ARG O 291 -20.51 -31.05 60.54
C ARG O 291 -21.57 -29.99 60.33
N ARG O 292 -22.61 -30.29 59.55
CA ARG O 292 -23.76 -29.41 59.36
C ARG O 292 -24.53 -29.16 60.65
N SER O 293 -24.45 -30.10 61.61
CA SER O 293 -25.14 -29.96 62.87
C SER O 293 -24.62 -28.78 63.69
N LYS O 294 -23.35 -28.40 63.51
CA LYS O 294 -22.84 -27.22 64.21
C LYS O 294 -23.48 -25.93 63.71
N GLN O 295 -23.68 -25.82 62.39
CA GLN O 295 -24.42 -24.67 61.87
C GLN O 295 -25.89 -24.72 62.25
N LEU O 296 -26.45 -25.93 62.39
CA LEU O 296 -27.82 -26.03 62.88
C LEU O 296 -27.95 -25.57 64.33
N ILE O 297 -26.95 -25.88 65.16
CA ILE O 297 -26.94 -25.41 66.54
C ILE O 297 -26.72 -23.89 66.58
N ASN O 298 -25.89 -23.38 65.67
CA ASN O 298 -25.67 -21.93 65.59
C ASN O 298 -26.93 -21.19 65.15
N LEU O 299 -27.77 -21.82 64.33
CA LEU O 299 -29.10 -21.25 64.11
C LEU O 299 -30.01 -21.45 65.33
N ALA O 300 -29.81 -22.54 66.07
CA ALA O 300 -30.63 -22.79 67.25
C ALA O 300 -30.34 -21.84 68.39
N LYS O 301 -29.17 -21.18 68.39
CA LYS O 301 -28.93 -20.11 69.36
C LYS O 301 -29.86 -18.93 69.13
N THR O 302 -30.27 -18.71 67.89
CA THR O 302 -31.32 -17.74 67.57
C THR O 302 -32.68 -18.39 67.81
N ARG O 303 -33.65 -17.56 68.24
CA ARG O 303 -35.08 -17.79 68.39
C ARG O 303 -35.42 -18.65 69.63
N VAL O 304 -34.43 -19.24 70.31
CA VAL O 304 -34.71 -20.00 71.53
C VAL O 304 -33.48 -19.92 72.42
N GLY O 305 -33.62 -20.34 73.68
CA GLY O 305 -32.57 -20.21 74.67
C GLY O 305 -31.48 -21.25 74.60
N SER O 306 -31.14 -21.86 75.74
CA SER O 306 -30.02 -22.78 75.81
C SER O 306 -30.42 -24.22 76.14
N VAL O 307 -31.34 -24.42 77.08
CA VAL O 307 -31.77 -25.76 77.45
C VAL O 307 -32.61 -26.38 76.34
N THR O 308 -33.48 -25.58 75.73
CA THR O 308 -34.26 -26.03 74.59
C THR O 308 -33.38 -26.26 73.37
N ALA O 309 -32.35 -25.41 73.21
CA ALA O 309 -31.32 -25.67 72.21
C ALA O 309 -30.56 -26.95 72.51
N GLN O 310 -30.40 -27.30 73.80
CA GLN O 310 -29.70 -28.53 74.16
C GLN O 310 -30.54 -29.76 73.84
N VAL O 311 -31.86 -29.70 74.06
CA VAL O 311 -32.67 -30.86 73.71
C VAL O 311 -32.86 -30.97 72.20
N TYR O 312 -32.89 -29.85 71.47
CA TYR O 312 -32.81 -29.94 70.01
C TYR O 312 -31.46 -30.45 69.54
N LYS O 313 -30.40 -30.14 70.28
CA LYS O 313 -29.07 -30.67 69.96
C LYS O 313 -29.02 -32.19 70.09
N ILE O 314 -29.56 -32.73 71.18
CA ILE O 314 -29.51 -34.18 71.34
C ILE O 314 -30.49 -34.88 70.38
N ALA O 315 -31.61 -34.24 70.06
CA ALA O 315 -32.53 -34.80 69.08
C ALA O 315 -31.94 -34.75 67.67
N LEU O 316 -31.04 -33.81 67.42
CA LEU O 316 -30.34 -33.75 66.15
C LEU O 316 -29.19 -34.74 66.09
N ARG O 317 -28.49 -34.94 67.21
CA ARG O 317 -27.38 -35.90 67.23
C ARG O 317 -27.89 -37.34 67.16
N LEU O 318 -29.12 -37.60 67.59
CA LEU O 318 -29.64 -38.97 67.46
C LEU O 318 -30.02 -39.31 66.03
N THR O 319 -30.16 -38.33 65.14
CA THR O 319 -30.58 -38.57 63.76
C THR O 319 -29.48 -38.18 62.78
N GLU O 320 -28.23 -38.50 63.10
CA GLU O 320 -27.11 -38.09 62.24
C GLU O 320 -26.87 -39.05 61.09
N GLN O 321 -26.53 -40.31 61.40
CA GLN O 321 -25.94 -41.21 60.40
C GLN O 321 -26.93 -41.78 59.41
N LYS O 322 -28.21 -41.41 59.47
CA LYS O 322 -29.20 -41.88 58.53
C LYS O 322 -29.75 -40.76 57.65
N SER O 323 -29.20 -39.55 57.79
CA SER O 323 -29.70 -38.33 57.17
C SER O 323 -29.45 -38.34 55.66
N PRO O 324 -30.30 -37.65 54.89
CA PRO O 324 -29.97 -37.40 53.48
C PRO O 324 -28.76 -36.48 53.36
N LYS O 325 -27.74 -36.93 52.65
CA LYS O 325 -26.46 -36.28 52.65
C LYS O 325 -26.43 -35.07 51.71
N ILE O 326 -25.33 -34.31 51.81
CA ILE O 326 -25.04 -33.22 50.88
C ILE O 326 -24.86 -33.82 49.50
N ARG O 327 -25.30 -33.08 48.46
CA ARG O 327 -25.86 -33.54 47.18
C ARG O 327 -25.31 -34.84 46.61
N ASP O 328 -26.23 -35.75 46.26
CA ASP O 328 -25.86 -37.06 45.75
C ASP O 328 -25.22 -36.96 44.37
N PRO O 329 -24.43 -37.98 43.97
CA PRO O 329 -23.85 -37.96 42.61
C PRO O 329 -24.83 -38.26 41.49
N LEU O 330 -26.13 -38.41 41.81
CA LEU O 330 -27.13 -38.64 40.79
C LEU O 330 -27.35 -37.38 39.93
N THR O 331 -27.44 -36.23 40.58
CA THR O 331 -27.62 -34.96 39.88
C THR O 331 -26.39 -34.07 39.98
N GLN O 332 -25.24 -34.63 40.37
CA GLN O 332 -24.01 -33.84 40.38
C GLN O 332 -23.52 -33.57 38.97
N THR O 333 -23.61 -34.56 38.10
CA THR O 333 -23.25 -34.39 36.70
C THR O 333 -24.07 -35.38 35.86
N GLY O 334 -24.08 -35.14 34.55
CA GLY O 334 -24.88 -35.91 33.63
C GLY O 334 -26.28 -35.38 33.43
N LEU O 335 -26.80 -34.61 34.38
CA LEU O 335 -28.09 -33.94 34.24
C LEU O 335 -27.97 -32.87 33.16
N LEU O 336 -28.69 -33.06 32.04
CA LEU O 336 -28.71 -32.12 30.94
C LEU O 336 -29.83 -31.08 31.08
N GLN O 337 -30.30 -30.85 32.31
CA GLN O 337 -31.44 -29.98 32.66
C GLN O 337 -32.69 -30.40 31.89
N ASP O 338 -33.16 -31.59 32.24
CA ASP O 338 -34.52 -32.01 31.90
C ASP O 338 -35.45 -31.46 32.97
N LEU O 339 -36.34 -30.54 32.58
CA LEU O 339 -37.12 -29.77 33.55
C LEU O 339 -38.11 -30.63 34.30
N GLU O 340 -38.64 -31.69 33.68
CA GLU O 340 -39.49 -32.63 34.40
C GLU O 340 -38.67 -33.42 35.42
N GLU O 341 -37.48 -33.88 35.02
CA GLU O 341 -36.63 -34.64 35.94
C GLU O 341 -36.05 -33.74 37.02
N ALA O 342 -35.66 -32.51 36.67
CA ALA O 342 -35.15 -31.58 37.67
C ALA O 342 -36.24 -31.08 38.60
N LYS O 343 -37.50 -31.08 38.14
CA LYS O 343 -38.60 -30.73 39.04
C LYS O 343 -38.94 -31.90 39.95
N SER O 344 -38.91 -33.13 39.43
CA SER O 344 -39.30 -34.30 40.19
C SER O 344 -38.19 -34.82 41.10
N PHE O 345 -36.95 -34.38 40.91
CA PHE O 345 -35.87 -34.82 41.80
C PHE O 345 -35.99 -34.18 43.19
N GLN O 346 -36.35 -32.91 43.25
CA GLN O 346 -36.56 -32.26 44.54
C GLN O 346 -37.89 -32.64 45.16
N ASP O 347 -38.80 -33.25 44.40
CA ASP O 347 -40.03 -33.77 44.97
C ASP O 347 -39.86 -35.18 45.54
N GLU O 348 -39.03 -36.00 44.89
CA GLU O 348 -38.79 -37.35 45.42
C GLU O 348 -37.83 -37.33 46.60
N ALA O 349 -37.02 -36.28 46.74
CA ALA O 349 -36.21 -36.13 47.95
C ALA O 349 -37.10 -35.85 49.16
N GLU O 350 -38.24 -35.17 48.95
CA GLU O 350 -39.22 -35.02 50.01
C GLU O 350 -39.82 -36.36 50.40
N LEU O 351 -39.99 -37.26 49.43
CA LEU O 351 -40.50 -38.59 49.73
C LEU O 351 -39.45 -39.46 50.42
N VAL O 352 -38.16 -39.22 50.14
CA VAL O 352 -37.10 -39.86 50.91
C VAL O 352 -37.09 -39.34 52.34
N GLU O 353 -37.32 -38.03 52.51
CA GLU O 353 -37.35 -37.42 53.83
C GLU O 353 -38.55 -37.90 54.64
N GLU O 354 -39.70 -38.09 54.01
CA GLU O 354 -40.88 -38.52 54.75
C GLU O 354 -40.88 -40.02 55.03
N LYS O 355 -40.33 -40.81 54.12
CA LYS O 355 -40.33 -42.28 54.27
C LYS O 355 -38.90 -42.72 54.62
N THR O 356 -38.63 -42.80 55.91
CA THR O 356 -37.35 -43.23 56.44
C THR O 356 -37.52 -44.53 57.20
N PRO O 357 -36.44 -45.29 57.43
CA PRO O 357 -36.56 -46.47 58.30
C PRO O 357 -36.52 -46.18 59.79
N GLY O 358 -36.78 -44.94 60.20
CA GLY O 358 -36.79 -44.62 61.62
C GLY O 358 -36.34 -43.22 61.99
N LEU O 359 -35.89 -42.43 61.02
CA LEU O 359 -35.43 -41.08 61.33
C LEU O 359 -36.61 -40.15 61.61
N THR O 360 -37.77 -40.40 60.98
CA THR O 360 -38.95 -39.59 61.22
C THR O 360 -39.52 -39.80 62.62
N PHE O 361 -39.20 -40.94 63.25
CA PHE O 361 -39.73 -41.29 64.56
C PHE O 361 -38.98 -40.52 65.65
N ASN O 362 -39.24 -39.21 65.71
CA ASN O 362 -38.68 -38.35 66.75
C ASN O 362 -39.70 -38.17 67.88
N ALA O 363 -40.09 -39.30 68.47
CA ALA O 363 -41.14 -39.30 69.46
C ALA O 363 -40.56 -38.98 70.84
N ILE O 364 -41.39 -39.14 71.89
CA ILE O 364 -40.98 -38.82 73.25
C ILE O 364 -40.02 -39.85 73.82
N ASP O 365 -40.22 -41.14 73.53
CA ASP O 365 -39.38 -42.21 74.04
C ASP O 365 -38.04 -42.33 73.33
N LEU O 366 -37.78 -41.52 72.32
CA LEU O 366 -36.53 -41.57 71.57
C LEU O 366 -35.66 -40.34 71.72
N ALA O 367 -36.19 -39.24 72.26
CA ALA O 367 -35.44 -38.00 72.38
C ALA O 367 -35.35 -37.51 73.82
N ARG O 368 -35.44 -38.42 74.78
CA ARG O 368 -35.35 -38.04 76.20
C ARG O 368 -34.42 -38.99 76.93
N HIS O 369 -34.09 -40.11 76.30
CA HIS O 369 -33.22 -41.09 76.95
C HIS O 369 -31.80 -41.02 76.41
N LEU O 370 -31.66 -41.05 75.09
CA LEU O 370 -30.34 -41.03 74.47
C LEU O 370 -29.84 -39.59 74.33
N ALA O 450 -41.02 -35.23 80.03
CA ALA O 450 -42.22 -35.87 79.51
C ALA O 450 -43.02 -34.88 78.66
N SER O 451 -43.89 -34.11 79.31
CA SER O 451 -44.69 -33.11 78.63
C SER O 451 -43.99 -31.77 78.49
N LEU O 452 -43.00 -31.49 79.34
CA LEU O 452 -42.25 -30.24 79.23
C LEU O 452 -41.38 -30.22 77.98
N ILE O 453 -40.70 -31.34 77.71
CA ILE O 453 -39.91 -31.44 76.49
C ILE O 453 -40.81 -31.50 75.26
N ASN O 454 -42.05 -32.00 75.42
CA ASN O 454 -43.01 -31.95 74.33
C ASN O 454 -43.44 -30.51 74.06
N SER O 455 -43.57 -29.69 75.11
CA SER O 455 -43.90 -28.28 74.90
C SER O 455 -42.74 -27.53 74.25
N HIS O 456 -41.50 -27.84 74.67
CA HIS O 456 -40.33 -27.27 74.00
C HIS O 456 -40.25 -27.72 72.54
N LEU O 457 -40.69 -28.94 72.25
CA LEU O 457 -40.66 -29.44 70.88
C LEU O 457 -41.77 -28.78 70.05
N LYS O 458 -42.88 -28.42 70.69
CA LYS O 458 -43.91 -27.61 70.02
C LYS O 458 -43.41 -26.20 69.73
N ILE O 459 -42.60 -25.64 70.63
CA ILE O 459 -41.98 -24.33 70.39
C ILE O 459 -41.00 -24.42 69.23
N LEU O 460 -40.28 -25.55 69.12
CA LEU O 460 -39.46 -25.82 67.95
C LEU O 460 -40.31 -25.94 66.68
N ALA O 461 -41.50 -26.51 66.77
CA ALA O 461 -42.39 -26.59 65.62
C ALA O 461 -42.91 -25.21 65.21
N SER O 462 -43.11 -24.31 66.18
CA SER O 462 -43.66 -22.98 65.92
C SER O 462 -42.59 -21.89 65.94
N SER O 463 -41.32 -22.23 65.87
CA SER O 463 -40.24 -21.25 65.90
C SER O 463 -40.10 -20.48 64.61
N ASN O 464 -40.68 -20.97 63.52
CA ASN O 464 -40.87 -20.36 62.20
C ASN O 464 -39.60 -20.27 61.37
N PHE O 465 -38.44 -20.62 61.93
CA PHE O 465 -37.41 -21.02 60.98
C PHE O 465 -37.71 -22.43 60.50
N PRO O 466 -37.43 -22.77 59.24
CA PRO O 466 -37.91 -24.07 58.69
C PRO O 466 -37.12 -25.27 59.20
N PHE O 467 -37.27 -25.55 60.50
CA PHE O 467 -36.80 -26.80 61.08
C PHE O 467 -37.86 -27.33 62.03
N LEU O 468 -37.92 -28.66 62.15
CA LEU O 468 -38.82 -29.40 63.05
C LEU O 468 -40.29 -29.08 62.73
N ASN O 469 -40.56 -28.86 61.44
CA ASN O 469 -41.89 -28.59 60.92
C ASN O 469 -42.53 -29.89 60.41
N GLU O 470 -43.60 -29.75 59.61
CA GLU O 470 -44.29 -30.78 58.83
C GLU O 470 -44.68 -32.01 59.67
N THR O 471 -45.56 -31.75 60.64
CA THR O 471 -45.97 -32.76 61.62
C THR O 471 -47.49 -32.80 61.69
N LYS O 472 -48.08 -33.76 60.99
CA LYS O 472 -49.51 -34.03 61.15
C LYS O 472 -49.86 -34.91 62.37
N PRO O 473 -49.30 -36.12 62.57
CA PRO O 473 -49.83 -36.95 63.66
C PRO O 473 -49.32 -36.58 65.04
N GLY O 474 -48.19 -35.89 65.15
CA GLY O 474 -47.63 -35.57 66.45
C GLY O 474 -46.21 -36.04 66.62
N VAL O 475 -45.66 -36.68 65.59
CA VAL O 475 -44.25 -37.11 65.58
C VAL O 475 -43.51 -36.29 64.54
N TYR O 476 -42.38 -35.73 64.94
CA TYR O 476 -41.80 -34.57 64.30
C TYR O 476 -40.64 -34.96 63.37
N TYR O 477 -40.36 -34.09 62.41
CA TYR O 477 -39.30 -34.32 61.43
C TYR O 477 -38.66 -33.00 61.05
N VAL O 478 -37.36 -33.05 60.77
CA VAL O 478 -36.56 -31.86 60.47
C VAL O 478 -36.46 -31.71 58.95
N PRO O 479 -37.04 -30.67 58.35
CA PRO O 479 -36.96 -30.50 56.89
C PRO O 479 -35.61 -29.99 56.42
N TYR O 480 -34.69 -30.91 56.14
CA TYR O 480 -33.36 -30.57 55.65
C TYR O 480 -33.40 -29.81 54.33
N SER O 481 -34.34 -30.18 53.44
CA SER O 481 -34.35 -29.61 52.09
C SER O 481 -34.89 -28.18 52.07
N LYS O 482 -35.87 -27.87 52.90
CA LYS O 482 -36.48 -26.55 52.92
C LYS O 482 -35.76 -25.59 53.86
N LEU O 483 -34.63 -26.00 54.41
CA LEU O 483 -33.85 -25.19 55.34
C LEU O 483 -32.63 -24.55 54.71
N MET O 484 -32.13 -25.13 53.61
CA MET O 484 -30.83 -24.74 53.08
C MET O 484 -30.73 -23.32 52.52
N PRO O 485 -31.74 -22.74 51.84
CA PRO O 485 -31.64 -21.30 51.55
C PRO O 485 -31.66 -20.43 52.79
N VAL O 486 -32.40 -20.83 53.83
CA VAL O 486 -32.44 -20.04 55.05
C VAL O 486 -31.13 -20.18 55.81
N LEU O 487 -30.51 -21.35 55.76
CA LEU O 487 -29.18 -21.54 56.36
C LEU O 487 -28.12 -20.76 55.60
N LYS O 488 -28.16 -20.76 54.27
CA LYS O 488 -27.16 -20.04 53.51
C LYS O 488 -27.40 -18.53 53.48
N SER O 489 -28.60 -18.08 53.83
CA SER O 489 -28.89 -16.65 53.84
C SER O 489 -28.78 -16.03 55.21
N SER O 490 -29.03 -16.80 56.27
CA SER O 490 -28.94 -16.25 57.63
C SER O 490 -27.49 -15.99 58.03
N VAL O 491 -26.55 -16.74 57.45
CA VAL O 491 -25.15 -16.52 57.73
C VAL O 491 -24.51 -15.57 56.70
N TYR O 492 -25.14 -15.40 55.53
CA TYR O 492 -24.61 -14.46 54.55
C TYR O 492 -24.85 -13.03 54.99
N GLU O 493 -25.99 -12.76 55.65
CA GLU O 493 -26.29 -11.41 56.10
C GLU O 493 -25.40 -10.99 57.27
N TYR O 494 -24.97 -11.94 58.09
CA TYR O 494 -24.19 -11.62 59.28
C TYR O 494 -22.70 -11.45 58.99
N VAL O 495 -22.28 -11.49 57.73
CA VAL O 495 -20.90 -11.24 57.35
C VAL O 495 -20.73 -9.82 56.80
N ILE O 496 -21.69 -9.35 56.00
CA ILE O 496 -21.74 -7.94 55.62
C ILE O 496 -21.98 -7.08 56.87
N ALA O 497 -22.78 -7.57 57.81
CA ALA O 497 -23.01 -6.86 59.06
C ALA O 497 -21.77 -6.83 59.92
N SER O 498 -21.02 -7.94 59.97
CA SER O 498 -19.84 -7.99 60.83
C SER O 498 -18.67 -7.23 60.23
N THR O 499 -18.51 -7.28 58.91
CA THR O 499 -17.33 -6.69 58.27
C THR O 499 -17.63 -5.31 57.69
N LEU O 500 -18.64 -5.21 56.84
CA LEU O 500 -18.87 -3.96 56.13
C LEU O 500 -19.69 -2.97 56.95
N GLY O 501 -20.79 -3.41 57.55
CA GLY O 501 -21.61 -2.54 58.37
C GLY O 501 -23.03 -3.02 58.51
N PRO O 502 -23.70 -2.62 59.61
CA PRO O 502 -25.09 -3.04 59.82
C PRO O 502 -26.07 -2.29 58.94
N SER O 503 -25.70 -1.06 58.53
CA SER O 503 -26.53 -0.32 57.59
C SER O 503 -26.53 -0.97 56.22
N ALA O 504 -25.37 -1.47 55.79
CA ALA O 504 -25.29 -2.24 54.56
C ALA O 504 -26.06 -3.55 54.67
N MET O 505 -26.15 -4.12 55.86
CA MET O 505 -26.94 -5.34 56.06
C MET O 505 -28.43 -5.04 55.98
N ARG O 506 -28.88 -3.92 56.58
CA ARG O 506 -30.27 -3.51 56.46
C ARG O 506 -30.63 -3.20 55.01
N LEU O 507 -29.69 -2.61 54.27
CA LEU O 507 -29.94 -2.32 52.86
C LEU O 507 -30.02 -3.61 52.05
N SER O 508 -29.02 -4.50 52.18
CA SER O 508 -29.00 -5.75 51.43
C SER O 508 -30.12 -6.69 51.84
N ARG O 509 -30.71 -6.50 53.01
CA ARG O 509 -31.93 -7.23 53.35
C ARG O 509 -33.17 -6.56 52.74
N CYS O 510 -33.19 -5.22 52.63
CA CYS O 510 -34.36 -4.61 52.01
C CYS O 510 -34.29 -4.61 50.49
N ILE O 511 -33.17 -5.02 49.88
CA ILE O 511 -33.19 -5.35 48.46
C ILE O 511 -34.02 -6.62 48.24
N ARG O 512 -33.91 -7.56 49.17
CA ARG O 512 -34.58 -8.86 49.09
C ARG O 512 -35.95 -8.85 49.79
N ASP O 513 -36.24 -7.82 50.59
CA ASP O 513 -37.54 -7.70 51.24
C ASP O 513 -38.67 -7.55 50.21
N ASN O 514 -38.38 -6.89 49.11
CA ASN O 514 -39.19 -6.94 47.90
C ASN O 514 -38.36 -7.57 46.80
N LYS O 515 -38.87 -7.53 45.57
CA LYS O 515 -38.11 -7.99 44.40
C LYS O 515 -37.96 -6.82 43.45
N LEU O 516 -36.70 -6.47 43.16
CA LEU O 516 -36.32 -5.34 42.29
C LEU O 516 -36.89 -4.02 42.82
N VAL O 517 -36.29 -3.60 43.93
CA VAL O 517 -36.57 -2.28 44.48
C VAL O 517 -36.12 -1.20 43.51
N SER O 518 -36.82 -0.07 43.53
CA SER O 518 -36.56 1.04 42.62
C SER O 518 -35.56 2.01 43.25
N GLU O 519 -35.44 3.20 42.65
CA GLU O 519 -34.53 4.21 43.18
C GLU O 519 -35.07 4.83 44.47
N LYS O 520 -36.26 5.43 44.40
CA LYS O 520 -36.81 6.24 45.47
C LYS O 520 -37.59 5.45 46.51
N ILE O 521 -37.34 4.14 46.62
CA ILE O 521 -38.02 3.32 47.59
C ILE O 521 -37.17 3.02 48.82
N ILE O 522 -35.83 2.94 48.67
CA ILE O 522 -34.97 2.70 49.82
C ILE O 522 -34.94 3.93 50.74
N ASN O 523 -34.80 5.12 50.15
CA ASN O 523 -34.75 6.34 50.95
C ASN O 523 -36.08 6.70 51.60
N SER O 524 -37.18 6.07 51.18
CA SER O 524 -38.44 6.13 51.91
C SER O 524 -38.39 5.31 53.20
N THR O 525 -37.45 4.38 53.33
CA THR O 525 -37.41 3.45 54.45
C THR O 525 -36.16 3.69 55.29
N ALA O 526 -36.37 4.02 56.57
CA ALA O 526 -35.41 3.90 57.66
C ALA O 526 -34.24 4.89 57.65
N LEU O 527 -34.08 5.66 56.57
CA LEU O 527 -32.92 6.53 56.44
C LEU O 527 -33.23 7.53 55.33
N MET O 528 -32.58 8.69 55.42
CA MET O 528 -32.77 9.76 54.46
C MET O 528 -32.08 9.43 53.12
N LYS O 529 -32.09 10.39 52.22
CA LYS O 529 -31.61 10.17 50.85
C LYS O 529 -30.19 10.69 50.65
N GLU O 530 -29.44 9.94 49.84
CA GLU O 530 -28.23 10.38 49.16
C GLU O 530 -27.08 10.75 50.09
N LYS O 531 -27.02 10.15 51.29
CA LYS O 531 -25.91 10.38 52.21
C LYS O 531 -25.02 9.16 52.33
N ASP O 532 -25.58 8.00 52.70
CA ASP O 532 -24.88 6.74 52.60
C ASP O 532 -25.74 5.62 52.03
N ILE O 533 -26.92 5.95 51.50
CA ILE O 533 -27.70 4.95 50.77
C ILE O 533 -27.02 4.63 49.44
N ARG O 534 -26.73 5.65 48.64
CA ARG O 534 -26.05 5.47 47.37
C ARG O 534 -24.55 5.30 47.53
N SER O 535 -24.02 5.44 48.74
CA SER O 535 -22.60 5.24 48.99
C SER O 535 -22.25 3.78 49.26
N THR O 536 -23.10 3.07 50.00
CA THR O 536 -22.84 1.66 50.27
C THR O 536 -23.37 0.75 49.17
N LEU O 537 -24.13 1.29 48.21
CA LEU O 537 -24.46 0.52 47.00
C LEU O 537 -23.23 0.27 46.16
N ALA O 538 -22.37 1.29 46.02
CA ALA O 538 -21.11 1.13 45.31
C ALA O 538 -20.13 0.24 46.07
N SER O 539 -20.30 0.10 47.39
CA SER O 539 -19.53 -0.84 48.18
C SER O 539 -20.14 -2.24 48.18
N LEU O 540 -21.24 -2.46 47.46
CA LEU O 540 -21.84 -3.77 47.35
C LEU O 540 -22.01 -4.27 45.92
N ILE O 541 -21.85 -3.39 44.91
CA ILE O 541 -21.79 -3.86 43.53
C ILE O 541 -20.52 -4.68 43.31
N ARG O 542 -19.43 -4.32 44.00
CA ARG O 542 -18.14 -5.00 43.86
C ARG O 542 -18.11 -6.39 44.50
N TYR O 543 -19.20 -6.84 45.13
CA TYR O 543 -19.23 -8.15 45.77
C TYR O 543 -20.35 -9.03 45.24
N ASN O 544 -20.89 -8.69 44.05
CA ASN O 544 -21.98 -9.41 43.39
C ASN O 544 -23.22 -9.52 44.27
N SER O 545 -23.58 -8.42 44.93
CA SER O 545 -24.73 -8.43 45.83
C SER O 545 -25.76 -7.35 45.51
N VAL O 546 -25.61 -6.61 44.42
CA VAL O 546 -26.59 -5.63 43.98
C VAL O 546 -27.17 -5.98 42.62
N GLU O 547 -26.29 -6.19 41.62
CA GLU O 547 -26.64 -6.58 40.25
C GLU O 547 -27.59 -5.56 39.60
N ILE O 548 -27.01 -4.38 39.35
CA ILE O 548 -27.76 -3.29 38.73
C ILE O 548 -28.25 -3.70 37.34
N GLN O 549 -29.41 -3.18 36.95
CA GLN O 549 -29.95 -3.46 35.63
C GLN O 549 -30.71 -2.23 35.18
N GLU O 550 -30.23 -1.59 34.12
CA GLU O 550 -30.81 -0.35 33.63
C GLU O 550 -31.70 -0.60 32.44
N VAL O 551 -32.78 0.17 32.33
CA VAL O 551 -33.59 0.23 31.12
C VAL O 551 -33.69 1.67 30.66
N PRO O 552 -33.38 1.96 29.41
CA PRO O 552 -33.54 3.32 28.89
C PRO O 552 -34.85 3.51 28.14
N ARG O 553 -35.11 4.74 27.71
CA ARG O 553 -36.14 5.02 26.72
C ARG O 553 -35.56 5.44 25.38
N THR O 554 -34.23 5.41 25.25
CA THR O 554 -33.56 5.79 24.01
C THR O 554 -33.37 4.57 23.11
N ALA O 555 -32.71 4.76 21.98
CA ALA O 555 -32.55 3.72 20.97
C ALA O 555 -31.14 3.18 20.88
N ASP O 556 -30.23 3.62 21.75
CA ASP O 556 -28.86 3.12 21.74
C ASP O 556 -28.40 2.64 23.12
N ARG O 557 -29.32 2.54 24.08
CA ARG O 557 -29.09 2.06 25.44
C ARG O 557 -28.02 2.89 26.16
N SER O 558 -28.33 4.17 26.34
CA SER O 558 -27.44 5.09 27.03
C SER O 558 -27.67 5.02 28.53
N ALA O 559 -26.96 5.86 29.28
CA ALA O 559 -27.07 5.88 30.73
C ALA O 559 -27.69 7.15 31.27
N SER O 560 -27.75 8.22 30.49
CA SER O 560 -28.36 9.46 30.96
C SER O 560 -29.88 9.35 30.96
N ARG O 561 -30.45 8.91 29.85
CA ARG O 561 -31.90 8.73 29.72
C ARG O 561 -32.29 7.29 30.05
N ALA O 562 -31.99 6.88 31.29
CA ALA O 562 -32.23 5.51 31.70
C ALA O 562 -32.51 5.48 33.19
N VAL O 563 -33.15 4.39 33.64
CA VAL O 563 -33.45 4.19 35.05
C VAL O 563 -32.86 2.87 35.51
N PHE O 564 -32.52 2.83 36.81
CA PHE O 564 -31.80 1.72 37.42
C PHE O 564 -32.76 0.82 38.20
N LEU O 565 -32.47 -0.48 38.19
CA LEU O 565 -33.34 -1.50 38.75
C LEU O 565 -32.45 -2.43 39.56
N PHE O 566 -32.75 -2.57 40.85
CA PHE O 566 -31.85 -3.20 41.82
C PHE O 566 -32.47 -4.52 42.30
N ARG O 567 -32.12 -5.64 41.67
CA ARG O 567 -32.62 -6.94 42.07
C ARG O 567 -31.47 -7.81 42.57
N CYS O 568 -31.63 -8.39 43.76
CA CYS O 568 -30.59 -9.21 44.35
C CYS O 568 -30.63 -10.60 43.72
N LYS O 569 -29.79 -10.81 42.71
CA LYS O 569 -29.76 -12.08 42.01
C LYS O 569 -28.96 -13.09 42.82
N GLU O 570 -29.60 -14.19 43.18
CA GLU O 570 -28.94 -15.22 43.98
C GLU O 570 -28.01 -16.06 43.10
N THR O 571 -27.27 -16.96 43.76
CA THR O 571 -26.23 -17.82 43.18
C THR O 571 -25.13 -17.04 42.46
N HIS O 572 -24.94 -15.77 42.81
CA HIS O 572 -23.81 -14.97 42.37
C HIS O 572 -23.17 -14.37 43.60
N SER O 573 -23.99 -14.11 44.62
CA SER O 573 -23.49 -13.67 45.91
C SER O 573 -22.96 -14.84 46.73
N TYR O 574 -23.49 -16.04 46.50
CA TYR O 574 -23.04 -17.20 47.25
C TYR O 574 -21.75 -17.78 46.69
N ASN O 575 -21.49 -17.60 45.40
CA ASN O 575 -20.31 -18.15 44.76
C ASN O 575 -19.10 -17.23 44.89
N PHE O 576 -19.32 -15.91 44.81
CA PHE O 576 -18.23 -14.97 44.95
C PHE O 576 -17.66 -14.97 46.35
N MET O 577 -18.52 -15.06 47.36
CA MET O 577 -18.05 -15.20 48.72
C MET O 577 -17.37 -16.55 48.96
N ARG O 578 -17.83 -17.59 48.27
CA ARG O 578 -17.18 -18.90 48.39
C ARG O 578 -15.76 -18.88 47.82
N GLN O 579 -15.60 -18.27 46.64
CA GLN O 579 -14.27 -18.12 46.06
C GLN O 579 -13.40 -17.17 46.89
N ASN O 580 -14.01 -16.17 47.53
CA ASN O 580 -13.29 -15.28 48.42
C ASN O 580 -12.75 -16.03 49.64
N LEU O 581 -13.58 -16.88 50.24
CA LEU O 581 -13.18 -17.67 51.40
C LEU O 581 -12.11 -18.69 51.03
N GLU O 582 -12.25 -19.33 49.87
CA GLU O 582 -11.22 -20.25 49.37
C GLU O 582 -9.90 -19.53 49.15
N TRP O 583 -9.94 -18.32 48.61
CA TRP O 583 -8.69 -17.63 48.35
C TRP O 583 -8.10 -16.99 49.61
N ASN O 584 -8.92 -16.71 50.62
CA ASN O 584 -8.37 -16.35 51.93
C ASN O 584 -7.67 -17.54 52.57
N MET O 585 -8.24 -18.74 52.44
CA MET O 585 -7.58 -19.94 52.93
C MET O 585 -6.27 -20.20 52.20
N ALA O 586 -6.26 -19.96 50.89
CA ALA O 586 -5.03 -20.10 50.11
C ALA O 586 -4.01 -19.06 50.48
N ASN O 587 -4.45 -17.86 50.87
CA ASN O 587 -3.54 -16.83 51.39
C ASN O 587 -2.92 -17.26 52.71
N LEU O 588 -3.72 -17.88 53.58
CA LEU O 588 -3.29 -18.10 54.95
C LEU O 588 -2.24 -19.20 55.05
N LEU O 589 -2.32 -20.22 54.20
CA LEU O 589 -1.31 -21.27 54.23
C LEU O 589 -0.06 -20.90 53.44
N PHE O 590 -0.15 -19.94 52.53
CA PHE O 590 1.04 -19.53 51.78
C PHE O 590 1.99 -18.70 52.64
N LYS O 591 1.44 -17.82 53.47
CA LYS O 591 2.29 -17.03 54.37
C LYS O 591 2.87 -17.88 55.49
N LYS O 592 2.19 -18.98 55.84
CA LYS O 592 2.70 -19.86 56.90
C LYS O 592 3.93 -20.62 56.44
N GLU O 593 3.94 -21.08 55.19
CA GLU O 593 5.10 -21.78 54.66
C GLU O 593 6.20 -20.84 54.18
N LYS O 594 5.97 -19.53 54.22
CA LYS O 594 7.00 -18.55 53.92
C LYS O 594 7.81 -18.22 55.18
N LEU O 595 7.16 -18.15 56.34
CA LEU O 595 7.87 -17.93 57.60
C LEU O 595 8.57 -19.19 58.10
N LYS O 596 8.29 -20.35 57.50
CA LYS O 596 9.04 -21.56 57.81
C LYS O 596 10.46 -21.50 57.25
N GLN O 597 10.69 -20.67 56.22
CA GLN O 597 12.02 -20.55 55.63
C GLN O 597 13.02 -19.87 56.55
N GLU O 598 12.55 -19.16 57.58
CA GLU O 598 13.42 -18.63 58.62
C GLU O 598 13.57 -19.60 59.79
N ASN O 599 13.15 -20.86 59.62
CA ASN O 599 13.29 -21.87 60.65
C ASN O 599 13.85 -23.18 60.10
N SER O 600 14.41 -23.18 58.88
CA SER O 600 15.07 -24.37 58.38
C SER O 600 16.38 -24.63 59.10
N THR O 601 17.00 -23.58 59.63
CA THR O 601 18.21 -23.70 60.43
C THR O 601 17.93 -23.67 61.92
N LEU O 602 16.66 -23.74 62.32
CA LEU O 602 16.27 -23.73 63.73
C LEU O 602 15.46 -24.95 64.13
N LEU O 603 14.52 -25.38 63.30
CA LEU O 603 13.68 -26.52 63.64
C LEU O 603 14.30 -27.85 63.23
N LYS O 604 15.04 -27.88 62.12
CA LYS O 604 15.80 -29.08 61.77
C LYS O 604 16.95 -29.31 62.75
N LYS O 605 17.56 -28.24 63.23
CA LYS O 605 18.63 -28.34 64.22
C LYS O 605 18.11 -28.61 65.62
N ALA O 606 16.80 -28.56 65.83
CA ALA O 606 16.20 -28.91 67.11
C ALA O 606 15.78 -30.38 67.15
N ASN O 607 16.74 -31.27 66.82
CA ASN O 607 16.52 -32.70 66.87
C ASN O 607 17.64 -33.47 67.54
N ARG O 608 18.81 -32.84 67.75
CA ARG O 608 19.91 -33.52 68.43
C ARG O 608 19.76 -33.51 69.94
N ASP O 609 18.86 -32.70 70.48
CA ASP O 609 18.64 -32.60 71.92
C ASP O 609 17.23 -33.03 72.32
N ASP O 610 16.54 -33.76 71.46
CA ASP O 610 15.20 -34.25 71.76
C ASP O 610 14.96 -35.62 71.14
N LEU O 619 22.01 -20.43 76.63
CA LEU O 619 20.67 -20.67 76.11
C LEU O 619 20.31 -19.66 75.03
N LEU O 620 21.14 -18.60 74.93
CA LEU O 620 21.09 -17.51 73.95
C LEU O 620 19.70 -16.86 73.95
N PRO O 621 19.40 -15.99 74.94
CA PRO O 621 18.03 -15.48 75.13
C PRO O 621 17.42 -14.67 73.98
N SER O 622 18.19 -14.37 72.94
CA SER O 622 17.59 -13.82 71.72
C SER O 622 16.77 -14.87 70.99
N GLU O 623 17.09 -16.16 71.19
CA GLU O 623 16.27 -17.23 70.62
C GLU O 623 14.96 -17.43 71.36
N LEU O 624 14.85 -16.90 72.59
CA LEU O 624 13.56 -16.85 73.27
C LEU O 624 12.59 -15.91 72.55
N ASN O 625 13.12 -14.86 71.93
CA ASN O 625 12.33 -13.96 71.11
C ASN O 625 12.37 -14.37 69.64
N GLN O 626 12.98 -15.51 69.33
CA GLN O 626 13.00 -16.04 67.98
C GLN O 626 12.29 -17.38 67.85
N LEU O 627 12.63 -18.35 68.69
CA LEU O 627 12.02 -19.68 68.57
C LEU O 627 10.66 -19.71 69.26
N LYS O 628 10.60 -19.29 70.52
CA LYS O 628 9.33 -19.29 71.27
C LYS O 628 8.49 -18.05 71.01
N MET O 629 8.85 -17.24 70.02
CA MET O 629 8.00 -16.15 69.54
C MET O 629 7.30 -16.49 68.24
N VAL O 630 7.96 -17.24 67.36
CA VAL O 630 7.35 -17.67 66.10
C VAL O 630 6.41 -18.83 66.29
N ASN O 631 6.41 -19.48 67.47
CA ASN O 631 5.56 -20.63 67.69
C ASN O 631 4.09 -20.24 67.80
N GLU O 632 3.77 -19.23 68.63
CA GLU O 632 2.38 -18.77 68.69
C GLU O 632 1.98 -18.02 67.43
N ARG O 633 2.96 -17.45 66.72
CA ARG O 633 2.73 -16.91 65.39
C ARG O 633 2.43 -18.02 64.38
N GLU O 634 2.87 -19.24 64.64
CA GLU O 634 2.53 -20.40 63.84
C GLU O 634 1.25 -21.08 64.32
N LEU O 635 0.81 -20.80 65.55
CA LEU O 635 -0.42 -21.36 66.08
C LEU O 635 -1.65 -20.52 65.75
N ASN O 636 -1.53 -19.18 65.79
CA ASN O 636 -2.71 -18.34 65.60
C ASN O 636 -3.14 -18.23 64.15
N VAL O 637 -2.40 -18.80 63.20
CA VAL O 637 -2.91 -18.94 61.85
C VAL O 637 -3.80 -20.17 61.71
N PHE O 638 -3.47 -21.27 62.39
CA PHE O 638 -4.37 -22.42 62.41
C PHE O 638 -5.60 -22.13 63.26
N ALA O 639 -5.43 -21.33 64.33
CA ALA O 639 -6.53 -20.97 65.21
C ALA O 639 -7.63 -20.20 64.48
N ARG O 640 -7.27 -19.44 63.45
CA ARG O 640 -8.24 -18.76 62.62
C ARG O 640 -8.53 -19.51 61.33
N LEU O 641 -7.67 -20.44 60.92
CA LEU O 641 -7.99 -21.31 59.79
C LEU O 641 -9.15 -22.23 60.13
N SER O 642 -9.23 -22.65 61.39
CA SER O 642 -10.39 -23.43 61.84
C SER O 642 -11.68 -22.63 61.72
N ARG O 643 -11.64 -21.32 62.01
CA ARG O 643 -12.82 -20.49 61.88
C ARG O 643 -13.14 -20.17 60.43
N LEU O 644 -12.12 -20.04 59.59
CA LEU O 644 -12.31 -19.96 58.14
C LEU O 644 -13.01 -21.19 57.61
N LEU O 645 -12.62 -22.37 58.11
CA LEU O 645 -13.29 -23.62 57.74
C LEU O 645 -14.74 -23.64 58.20
N SER O 646 -14.98 -23.24 59.46
CA SER O 646 -16.34 -23.23 59.98
C SER O 646 -17.23 -22.20 59.31
N LEU O 647 -16.66 -21.16 58.72
CA LEU O 647 -17.46 -20.16 58.01
C LEU O 647 -17.63 -20.47 56.53
N TRP O 648 -16.75 -21.29 55.95
CA TRP O 648 -16.79 -21.59 54.52
C TRP O 648 -17.72 -22.76 54.16
N GLU O 649 -17.98 -23.66 55.11
CA GLU O 649 -18.67 -24.92 54.82
C GLU O 649 -20.10 -24.73 54.37
N VAL O 650 -20.74 -23.62 54.78
CA VAL O 650 -22.18 -23.44 54.57
C VAL O 650 -22.52 -23.24 53.09
N PHE O 651 -21.57 -22.77 52.28
CA PHE O 651 -21.83 -22.54 50.87
C PHE O 651 -21.60 -23.76 50.01
N GLN O 652 -21.24 -24.90 50.61
CA GLN O 652 -21.09 -26.15 49.88
C GLN O 652 -21.90 -27.28 50.54
N MET O 653 -22.99 -26.93 51.22
CA MET O 653 -23.92 -27.91 51.76
C MET O 653 -25.34 -27.68 51.23
N ALA O 654 -25.44 -27.29 49.97
CA ALA O 654 -26.69 -27.00 49.24
C ALA O 654 -27.56 -25.95 49.94
N ASP P 171 -35.68 12.31 60.38
CA ASP P 171 -34.26 12.63 60.31
C ASP P 171 -33.85 13.55 61.47
N ILE P 172 -32.92 13.11 62.32
CA ILE P 172 -32.26 11.81 62.22
C ILE P 172 -32.32 11.10 63.59
N GLU P 173 -32.56 11.87 64.65
CA GLU P 173 -32.50 11.30 66.00
C GLU P 173 -33.84 10.76 66.48
N PHE P 174 -34.95 11.32 66.03
CA PHE P 174 -36.24 10.84 66.52
C PHE P 174 -36.65 9.52 65.87
N ILE P 175 -36.10 9.19 64.69
CA ILE P 175 -36.28 7.86 64.13
C ILE P 175 -35.65 6.81 65.03
N ASN P 176 -34.43 7.09 65.51
CA ASN P 176 -33.76 6.19 66.44
C ASN P 176 -34.47 6.15 67.79
N SER P 177 -35.05 7.28 68.23
CA SER P 177 -35.78 7.30 69.49
C SER P 177 -37.05 6.46 69.42
N LEU P 178 -37.83 6.62 68.34
CA LEU P 178 -39.03 5.82 68.15
C LEU P 178 -38.69 4.34 67.99
N LEU P 179 -37.61 4.01 67.27
CA LEU P 179 -37.19 2.62 67.12
C LEU P 179 -36.76 2.02 68.46
N THR P 180 -36.06 2.81 69.29
CA THR P 180 -35.66 2.35 70.62
C THR P 180 -36.86 2.06 71.50
N ILE P 181 -37.85 2.95 71.49
CA ILE P 181 -38.98 2.73 72.40
C ILE P 181 -39.91 1.63 71.88
N VAL P 182 -40.07 1.46 70.55
CA VAL P 182 -40.92 0.37 70.10
C VAL P 182 -40.21 -0.97 70.25
N TRP P 183 -38.87 -1.01 70.14
CA TRP P 183 -38.16 -2.26 70.39
C TRP P 183 -38.19 -2.61 71.87
N ARG P 184 -38.11 -1.60 72.74
CA ARG P 184 -38.24 -1.83 74.18
C ARG P 184 -39.64 -2.33 74.53
N PHE P 185 -40.67 -1.81 73.86
CA PHE P 185 -42.03 -2.25 74.17
C PHE P 185 -42.29 -3.66 73.65
N ILE P 186 -41.74 -4.01 72.48
CA ILE P 186 -41.86 -5.38 71.99
C ILE P 186 -41.11 -6.35 72.91
N SER P 187 -39.91 -5.97 73.35
CA SER P 187 -39.11 -6.83 74.20
C SER P 187 -39.71 -6.99 75.59
N GLU P 188 -40.44 -5.99 76.08
CA GLU P 188 -41.12 -6.14 77.36
C GLU P 188 -42.52 -6.72 77.23
N ASN P 189 -43.07 -6.77 76.02
CA ASN P 189 -44.40 -7.33 75.80
C ASN P 189 -44.34 -8.83 75.54
N THR P 190 -43.43 -9.28 74.70
CA THR P 190 -43.35 -10.69 74.35
C THR P 190 -42.37 -11.48 75.20
N PHE P 191 -41.71 -10.82 76.17
CA PHE P 191 -40.73 -11.46 77.04
C PHE P 191 -40.77 -10.77 78.40
N PRO P 192 -40.49 -11.49 79.49
CA PRO P 192 -40.49 -10.85 80.81
C PRO P 192 -39.30 -9.93 80.99
N ASN P 193 -39.37 -9.11 82.04
CA ASN P 193 -38.46 -7.98 82.22
C ASN P 193 -37.17 -8.37 82.94
N GLY P 194 -37.29 -8.86 84.17
CA GLY P 194 -36.15 -9.05 85.06
C GLY P 194 -35.32 -10.29 84.84
N PHE P 195 -35.43 -10.94 83.68
CA PHE P 195 -34.66 -12.15 83.39
C PHE P 195 -33.89 -12.03 82.09
N LYS P 196 -33.56 -10.81 81.67
CA LYS P 196 -32.77 -10.56 80.47
C LYS P 196 -31.30 -10.29 80.77
N ASN P 197 -31.02 -9.57 81.86
CA ASN P 197 -29.66 -9.17 82.19
C ASN P 197 -28.89 -10.25 82.94
N PHE P 198 -29.52 -11.35 83.31
CA PHE P 198 -28.86 -12.46 83.99
C PHE P 198 -29.39 -13.78 83.42
N GLU P 199 -28.74 -14.88 83.80
CA GLU P 199 -29.08 -16.19 83.26
C GLU P 199 -29.45 -17.17 84.35
N ASN P 200 -30.28 -16.75 85.31
CA ASN P 200 -30.69 -17.59 86.43
C ASN P 200 -32.03 -18.24 86.07
N GLY P 201 -31.95 -19.36 85.33
CA GLY P 201 -33.12 -20.06 84.87
C GLY P 201 -33.90 -19.27 83.85
N PRO P 202 -33.28 -19.05 82.66
CA PRO P 202 -33.61 -17.88 81.81
C PRO P 202 -35.06 -17.73 81.37
N LYS P 203 -35.57 -16.51 81.58
CA LYS P 203 -36.92 -16.07 81.20
C LYS P 203 -37.99 -16.92 81.88
N LYS P 204 -37.73 -17.26 83.15
CA LYS P 204 -38.53 -18.21 83.94
C LYS P 204 -38.65 -19.55 83.22
N ASN P 205 -37.50 -20.09 82.82
CA ASN P 205 -37.36 -21.36 82.10
C ASN P 205 -38.22 -21.34 80.82
N VAL P 206 -37.77 -20.52 79.86
CA VAL P 206 -38.56 -19.48 79.19
C VAL P 206 -40.06 -19.77 79.13
N PHE P 207 -40.81 -18.86 79.75
CA PHE P 207 -42.28 -18.92 79.93
C PHE P 207 -42.80 -20.24 80.52
N TYR P 208 -41.95 -20.96 81.27
CA TYR P 208 -42.24 -22.26 81.88
C TYR P 208 -42.81 -23.26 80.86
N ALA P 209 -41.96 -23.60 79.86
CA ALA P 209 -42.31 -24.41 78.69
C ALA P 209 -43.51 -23.80 77.98
N PRO P 210 -43.30 -22.72 77.17
CA PRO P 210 -44.29 -21.66 76.95
C PRO P 210 -45.74 -22.01 76.67
N ASN P 211 -46.63 -21.14 77.16
CA ASN P 211 -48.07 -21.34 77.07
C ASN P 211 -48.57 -20.88 75.70
N VAL P 212 -49.90 -20.73 75.59
CA VAL P 212 -50.57 -20.47 74.32
C VAL P 212 -50.71 -18.95 74.12
N LYS P 213 -50.02 -18.17 74.96
CA LYS P 213 -50.09 -16.72 74.92
C LYS P 213 -49.60 -16.13 73.59
N ASN P 214 -48.28 -16.26 73.35
CA ASN P 214 -47.53 -16.08 72.10
C ASN P 214 -48.05 -15.02 71.13
N TYR P 215 -48.34 -13.83 71.64
CA TYR P 215 -49.03 -12.78 70.90
C TYR P 215 -48.13 -11.57 70.74
N SER P 216 -48.70 -10.50 70.22
CA SER P 216 -48.01 -9.22 70.04
C SER P 216 -49.02 -8.10 70.21
N THR P 217 -48.66 -6.90 69.74
CA THR P 217 -49.36 -5.68 70.13
C THR P 217 -50.75 -5.55 69.52
N THR P 218 -50.82 -5.38 68.18
CA THR P 218 -52.07 -5.27 67.40
C THR P 218 -52.94 -4.13 67.95
N GLN P 219 -52.46 -2.90 67.68
CA GLN P 219 -52.93 -1.56 68.07
C GLN P 219 -52.45 -1.21 69.49
N GLU P 220 -51.81 -2.13 70.21
CA GLU P 220 -51.23 -1.79 71.51
C GLU P 220 -49.95 -0.97 71.36
N ILE P 221 -49.23 -1.17 70.26
CA ILE P 221 -48.00 -0.40 70.03
C ILE P 221 -48.32 1.06 69.76
N LEU P 222 -49.45 1.36 69.12
CA LEU P 222 -49.85 2.75 68.95
C LEU P 222 -50.36 3.33 70.27
N GLU P 223 -50.85 2.49 71.17
CA GLU P 223 -51.21 2.98 72.49
C GLU P 223 -49.96 3.34 73.30
N PHE P 224 -48.89 2.55 73.17
CA PHE P 224 -47.63 2.91 73.81
C PHE P 224 -46.99 4.11 73.14
N ILE P 225 -47.25 4.32 71.84
CA ILE P 225 -46.91 5.58 71.19
C ILE P 225 -47.67 6.74 71.82
N THR P 226 -48.98 6.56 72.01
CA THR P 226 -49.85 7.63 72.50
C THR P 226 -49.56 7.97 73.95
N ALA P 227 -49.01 7.02 74.72
CA ALA P 227 -48.68 7.25 76.12
C ALA P 227 -47.56 8.27 76.32
N ALA P 228 -46.71 8.49 75.31
CA ALA P 228 -45.64 9.47 75.41
C ALA P 228 -45.24 9.92 74.02
N GLN P 229 -45.46 11.19 73.70
CA GLN P 229 -45.10 11.75 72.40
C GLN P 229 -44.36 13.06 72.57
N VAL P 230 -43.75 13.49 71.45
CA VAL P 230 -43.27 14.85 71.31
C VAL P 230 -44.47 15.76 71.06
N ALA P 231 -44.31 17.06 71.35
CA ALA P 231 -45.40 18.04 71.39
C ALA P 231 -45.77 18.60 70.02
N ASN P 232 -45.55 17.86 68.95
CA ASN P 232 -45.70 18.36 67.58
C ASN P 232 -46.51 17.36 66.77
N VAL P 233 -46.43 17.49 65.44
CA VAL P 233 -47.36 16.89 64.48
C VAL P 233 -47.17 15.39 64.27
N GLU P 234 -46.36 14.75 65.12
CA GLU P 234 -45.95 13.36 64.96
C GLU P 234 -47.04 12.29 65.16
N LEU P 235 -48.31 12.69 65.22
CA LEU P 235 -49.42 11.73 65.25
C LEU P 235 -49.56 11.13 63.85
N THR P 236 -48.81 10.04 63.62
CA THR P 236 -48.61 9.39 62.33
C THR P 236 -49.69 8.47 61.75
N PRO P 237 -50.51 7.71 62.57
CA PRO P 237 -50.76 6.27 62.26
C PRO P 237 -51.25 5.84 60.87
N SER P 238 -51.02 4.54 60.62
CA SER P 238 -51.40 3.67 59.50
C SER P 238 -50.52 3.82 58.25
N ASN P 239 -49.58 4.75 58.21
CA ASN P 239 -48.57 4.75 57.16
C ASN P 239 -47.15 4.65 57.71
N ILE P 240 -46.80 5.46 58.71
CA ILE P 240 -45.50 5.33 59.37
C ILE P 240 -45.51 4.12 60.31
N ARG P 241 -46.70 3.65 60.71
CA ARG P 241 -46.83 2.35 61.37
C ARG P 241 -46.29 1.23 60.50
N SER P 242 -46.77 1.14 59.26
CA SER P 242 -46.29 0.11 58.34
C SER P 242 -44.85 0.38 57.91
N LEU P 243 -44.44 1.65 57.88
CA LEU P 243 -43.06 1.98 57.54
C LEU P 243 -42.09 1.48 58.61
N CYS P 244 -42.42 1.71 59.89
CA CYS P 244 -41.60 1.18 60.96
C CYS P 244 -41.74 -0.34 61.09
N GLU P 245 -42.86 -0.89 60.62
CA GLU P 245 -43.01 -2.34 60.57
C GLU P 245 -42.03 -2.96 59.59
N VAL P 246 -41.96 -2.40 58.37
CA VAL P 246 -40.97 -2.82 57.37
C VAL P 246 -39.56 -2.55 57.88
N LEU P 247 -39.39 -1.48 58.66
CA LEU P 247 -38.10 -1.21 59.31
C LEU P 247 -37.74 -2.28 60.33
N VAL P 248 -38.74 -2.94 60.93
CA VAL P 248 -38.45 -3.97 61.92
C VAL P 248 -38.68 -5.39 61.38
N TYR P 249 -38.87 -5.57 60.07
CA TYR P 249 -38.63 -6.91 59.52
C TYR P 249 -37.57 -6.92 58.42
N ASP P 250 -36.59 -6.02 58.48
CA ASP P 250 -35.39 -6.16 57.68
C ASP P 250 -34.09 -6.01 58.47
N ASP P 251 -34.17 -5.87 59.78
CA ASP P 251 -33.02 -5.93 60.68
C ASP P 251 -33.29 -6.79 61.91
N LYS P 252 -34.56 -7.03 62.23
CA LYS P 252 -35.07 -7.67 63.43
C LYS P 252 -36.36 -8.37 63.04
N LEU P 253 -37.33 -8.45 63.98
CA LEU P 253 -38.49 -9.35 64.11
C LEU P 253 -39.05 -9.93 62.81
N GLU P 254 -39.26 -11.25 62.78
CA GLU P 254 -39.46 -11.98 61.52
C GLU P 254 -40.79 -11.67 60.85
N LYS P 255 -41.82 -11.30 61.63
CA LYS P 255 -43.20 -11.04 61.16
C LYS P 255 -43.78 -12.28 60.48
N VAL P 256 -44.01 -13.30 61.31
CA VAL P 256 -44.97 -14.34 60.95
C VAL P 256 -46.39 -13.80 61.19
N THR P 257 -47.39 -14.54 60.74
CA THR P 257 -48.79 -14.17 60.92
C THR P 257 -49.15 -14.12 62.41
N HIS P 258 -50.23 -13.36 62.69
CA HIS P 258 -50.60 -12.79 64.01
C HIS P 258 -49.56 -11.77 64.49
N ASP P 259 -48.69 -11.32 63.56
CA ASP P 259 -47.67 -10.30 63.77
C ASP P 259 -46.72 -10.63 64.93
N CYS P 260 -46.41 -11.92 65.11
CA CYS P 260 -45.65 -12.36 66.29
C CYS P 260 -44.19 -11.95 66.19
N TYR P 261 -43.70 -11.34 67.27
CA TYR P 261 -42.43 -10.63 67.28
C TYR P 261 -41.54 -11.16 68.41
N ARG P 262 -40.33 -11.59 68.07
CA ARG P 262 -39.39 -12.16 69.04
C ARG P 262 -38.02 -11.50 68.89
N VAL P 263 -37.47 -11.01 70.00
CA VAL P 263 -36.30 -10.14 70.00
C VAL P 263 -35.01 -10.89 70.35
N THR P 264 -34.95 -12.20 70.06
CA THR P 264 -34.02 -13.11 70.72
C THR P 264 -32.56 -12.83 70.38
N LEU P 265 -32.28 -12.26 69.21
CA LEU P 265 -30.90 -11.99 68.85
C LEU P 265 -30.51 -10.54 69.11
N GLU P 266 -31.46 -9.62 68.91
CA GLU P 266 -31.18 -8.21 69.17
C GLU P 266 -31.06 -7.94 70.66
N SER P 267 -31.73 -8.75 71.49
CA SER P 267 -31.56 -8.62 72.95
C SER P 267 -30.16 -9.06 73.39
N ILE P 268 -29.54 -9.98 72.66
CA ILE P 268 -28.17 -10.38 72.97
C ILE P 268 -27.19 -9.36 72.40
N LEU P 269 -27.48 -8.82 71.22
CA LEU P 269 -26.61 -7.81 70.61
C LEU P 269 -26.66 -6.48 71.38
N GLN P 270 -27.75 -6.21 72.09
CA GLN P 270 -27.87 -4.98 72.85
C GLN P 270 -26.94 -4.99 74.07
N MET P 271 -26.80 -6.15 74.72
CA MET P 271 -25.94 -6.26 75.89
C MET P 271 -24.47 -6.27 75.49
N PHE P 294 -23.56 -15.67 66.84
CA PHE P 294 -22.45 -14.72 66.88
C PHE P 294 -22.19 -14.21 68.28
N ASN P 295 -21.16 -14.74 68.93
CA ASN P 295 -20.80 -14.32 70.28
C ASN P 295 -19.32 -14.59 70.53
N TYR P 296 -18.82 -14.00 71.61
CA TYR P 296 -17.45 -14.17 72.12
C TYR P 296 -16.42 -13.74 71.07
N PHE P 297 -16.46 -12.44 70.76
CA PHE P 297 -15.58 -11.83 69.76
C PHE P 297 -14.68 -10.76 70.37
N LYS P 298 -14.43 -10.85 71.68
CA LYS P 298 -13.74 -9.81 72.45
C LYS P 298 -12.23 -9.85 72.12
N MET P 299 -11.51 -8.82 72.59
CA MET P 299 -10.06 -8.66 72.46
C MET P 299 -9.63 -8.60 70.98
N PHE P 300 -10.08 -7.54 70.33
CA PHE P 300 -9.76 -7.23 68.95
C PHE P 300 -9.44 -5.75 68.84
N PRO P 301 -8.61 -5.35 67.87
CA PRO P 301 -7.68 -6.11 67.02
C PRO P 301 -6.24 -5.95 67.49
N ALA P 302 -5.29 -6.41 66.68
CA ALA P 302 -3.87 -6.24 66.96
C ALA P 302 -3.24 -5.23 66.00
N SER P 303 -2.04 -4.78 66.36
CA SER P 303 -1.27 -3.79 65.61
C SER P 303 -0.11 -4.44 64.87
N LYS P 304 -0.35 -5.59 64.24
CA LYS P 304 0.70 -6.54 63.87
C LYS P 304 0.50 -7.04 62.44
N HIS P 305 1.08 -8.22 62.16
CA HIS P 305 1.18 -8.84 60.84
C HIS P 305 -0.15 -9.38 60.33
N ASP P 306 -0.10 -10.37 59.43
CA ASP P 306 -1.23 -10.87 58.63
C ASP P 306 -2.41 -11.41 59.46
N LYS P 307 -3.47 -11.89 58.78
CA LYS P 307 -4.90 -11.66 59.04
C LYS P 307 -5.21 -11.29 60.49
N GLU P 308 -5.97 -10.20 60.72
CA GLU P 308 -5.33 -8.94 61.12
C GLU P 308 -4.87 -8.27 59.83
N VAL P 309 -5.68 -7.33 59.32
CA VAL P 309 -6.52 -7.29 58.11
C VAL P 309 -6.19 -8.22 56.94
N VAL P 310 -7.24 -8.91 56.46
CA VAL P 310 -7.24 -9.74 55.27
C VAL P 310 -8.25 -9.24 54.21
N TYR P 311 -8.79 -8.03 54.38
CA TYR P 311 -9.86 -7.43 53.58
C TYR P 311 -9.28 -6.87 52.28
N PHE P 312 -9.94 -5.89 51.64
CA PHE P 312 -9.60 -5.22 50.38
C PHE P 312 -8.13 -4.80 50.34
N ASP P 313 -7.58 -4.59 49.13
CA ASP P 313 -6.39 -5.30 48.62
C ASP P 313 -6.75 -6.79 48.52
N GLU P 314 -7.63 -7.04 47.55
CA GLU P 314 -8.88 -7.81 47.66
C GLU P 314 -8.88 -8.94 48.67
N TRP P 315 -7.98 -9.90 48.46
CA TRP P 315 -8.07 -11.25 49.02
C TRP P 315 -9.48 -11.82 49.04
N GLU Q 35 -0.01 0.03 55.04
CA GLU Q 35 -0.21 -0.18 53.61
C GLU Q 35 -1.31 0.69 53.05
N PHE Q 36 -1.70 0.41 51.80
CA PHE Q 36 -2.82 1.11 51.19
C PHE Q 36 -4.18 0.83 51.85
N PRO Q 37 -4.54 -0.39 52.27
CA PRO Q 37 -5.81 -0.50 53.01
C PRO Q 37 -5.65 -0.26 54.51
N SER Q 38 -6.54 0.58 55.06
CA SER Q 38 -6.82 0.64 56.49
C SER Q 38 -8.28 1.06 56.61
N ILE Q 39 -9.17 0.06 56.70
CA ILE Q 39 -10.57 0.21 56.34
C ILE Q 39 -11.42 -0.63 57.32
N PRO Q 40 -12.77 -0.39 57.48
CA PRO Q 40 -13.43 -0.71 58.76
C PRO Q 40 -13.62 -2.18 59.15
N LEU Q 41 -12.66 -2.70 59.93
CA LEU Q 41 -12.86 -3.86 60.82
C LEU Q 41 -13.18 -5.19 60.14
N PRO Q 42 -12.17 -5.91 59.62
CA PRO Q 42 -12.38 -7.23 58.99
C PRO Q 42 -12.62 -8.38 59.97
N ILE Q 43 -13.07 -8.08 61.18
CA ILE Q 43 -13.06 -8.93 62.36
C ILE Q 43 -13.86 -10.22 62.19
N ASN Q 44 -13.76 -11.11 63.20
CA ASN Q 44 -13.59 -12.56 63.26
C ASN Q 44 -12.12 -12.93 63.21
N GLY Q 45 -11.25 -11.95 63.50
CA GLY Q 45 -9.85 -12.22 63.76
C GLY Q 45 -9.26 -11.85 65.13
N PRO Q 46 -9.93 -12.15 66.30
CA PRO Q 46 -9.30 -11.78 67.58
C PRO Q 46 -8.12 -12.68 67.96
N ILE Q 47 -7.60 -12.48 69.17
CA ILE Q 47 -6.37 -13.14 69.61
C ILE Q 47 -6.62 -14.30 70.57
N THR Q 48 -7.73 -14.32 71.30
CA THR Q 48 -7.97 -15.32 72.33
C THR Q 48 -8.33 -16.65 71.66
N ASN Q 49 -7.34 -17.56 71.66
CA ASN Q 49 -7.47 -18.87 71.04
C ASN Q 49 -8.51 -19.75 71.73
N LYS Q 50 -8.20 -20.16 72.97
CA LYS Q 50 -8.90 -21.14 73.83
C LYS Q 50 -8.83 -22.57 73.27
N GLU Q 51 -8.29 -22.75 72.07
CA GLU Q 51 -8.21 -24.06 71.42
C GLU Q 51 -6.80 -24.30 70.91
N ARG Q 52 -5.80 -24.12 71.79
CA ARG Q 52 -4.41 -24.25 71.37
C ARG Q 52 -4.05 -25.70 71.04
N SER Q 53 -4.68 -26.68 71.71
CA SER Q 53 -4.37 -28.08 71.45
C SER Q 53 -4.89 -28.54 70.09
N LEU Q 54 -5.87 -27.83 69.53
CA LEU Q 54 -6.37 -28.16 68.19
C LEU Q 54 -5.32 -27.86 67.13
N ALA Q 55 -4.63 -26.73 67.25
CA ALA Q 55 -3.52 -26.44 66.36
C ALA Q 55 -2.32 -27.35 66.63
N VAL Q 56 -2.20 -27.86 67.86
CA VAL Q 56 -1.19 -28.87 68.15
C VAL Q 56 -1.49 -30.17 67.42
N LYS Q 57 -2.78 -30.55 67.34
CA LYS Q 57 -3.16 -31.72 66.55
C LYS Q 57 -2.93 -31.49 65.06
N TYR Q 58 -3.18 -30.25 64.59
CA TYR Q 58 -2.86 -29.85 63.22
C TYR Q 58 -1.38 -30.03 62.91
N ILE Q 59 -0.50 -29.47 63.74
CA ILE Q 59 0.93 -29.53 63.44
C ILE Q 59 1.48 -30.94 63.69
N ASN Q 60 0.83 -31.71 64.55
CA ASN Q 60 1.25 -33.10 64.76
C ASN Q 60 0.92 -33.95 63.53
N PHE Q 61 -0.28 -33.74 62.95
CA PHE Q 61 -0.60 -34.40 61.69
C PHE Q 61 0.33 -33.96 60.57
N GLY Q 62 0.69 -32.66 60.55
CA GLY Q 62 1.63 -32.17 59.55
C GLY Q 62 3.00 -32.80 59.67
N LYS Q 63 3.49 -32.98 60.91
CA LYS Q 63 4.79 -33.61 61.09
C LYS Q 63 4.75 -35.11 60.80
N THR Q 64 3.62 -35.78 61.08
CA THR Q 64 3.54 -37.20 60.76
C THR Q 64 3.41 -37.45 59.26
N VAL Q 65 2.79 -36.53 58.52
CA VAL Q 65 2.79 -36.67 57.07
C VAL Q 65 4.15 -36.25 56.51
N LYS Q 66 4.83 -35.32 57.19
CA LYS Q 66 6.20 -34.92 56.83
C LYS Q 66 7.19 -36.08 56.96
N ASP Q 67 7.08 -36.87 58.02
CA ASP Q 67 7.97 -38.00 58.25
C ASP Q 67 7.38 -39.33 57.77
N GLY Q 68 6.56 -39.32 56.74
CA GLY Q 68 5.98 -40.54 56.23
C GLY Q 68 6.97 -41.32 55.39
N PRO Q 69 6.54 -42.52 54.97
CA PRO Q 69 7.38 -43.30 54.05
C PRO Q 69 7.49 -42.66 52.68
N PHE Q 70 6.38 -42.15 52.17
CA PHE Q 70 6.35 -41.41 50.91
C PHE Q 70 6.30 -39.92 51.24
N TYR Q 71 7.18 -39.15 50.61
CA TYR Q 71 7.15 -37.69 50.75
C TYR Q 71 7.18 -36.96 49.43
N THR Q 72 7.94 -37.46 48.45
CA THR Q 72 8.11 -36.90 47.10
C THR Q 72 8.52 -35.43 47.14
N GLY Q 73 9.67 -35.19 47.78
CA GLY Q 73 10.17 -33.84 47.97
C GLY Q 73 10.98 -33.36 46.78
N SER Q 74 11.45 -32.12 46.89
CA SER Q 74 12.28 -31.41 45.91
C SER Q 74 11.67 -31.36 44.51
ZN ZN R . 15.87 6.45 31.21
ZN ZN S . -24.46 -23.30 34.78
MG MG T . 11.55 9.92 -18.00
ZN ZN U . 12.76 -11.59 33.04
ZN ZN V . -66.18 9.42 -6.74
ZN ZN W . 27.92 32.52 -37.31
ZN ZN X . 14.58 59.37 1.87
#